data_2EBA
#
_entry.id   2EBA
#
_cell.length_a   75.239
_cell.length_b   86.239
_cell.length_c   157.418
_cell.angle_alpha   75.92
_cell.angle_beta   81.25
_cell.angle_gamma   64.24
#
_symmetry.space_group_name_H-M   'P 1'
#
loop_
_entity.id
_entity.type
_entity.pdbx_description
1 polymer 'Putative glutaryl-CoA dehydrogenase'
2 non-polymer 'FLAVIN-ADENINE DINUCLEOTIDE'
3 water water
#
_entity_poly.entity_id   1
_entity_poly.type   'polypeptide(L)'
_entity_poly.pdbx_seq_one_letter_code
;MLDFYALEDLLTPEEKEVQKAARRFLEKEALPHIRDWWEEGVFPTHLIPRFAELGFLGPTLPPEYGGAGVSSAAYGLICY
ELERVDSGLRSFVSVQSSLVMYPIYAYGSEEQKREFLPKLARGEMVGCFGLTEPDGGSDPYGNMKTRARREGDTWVLNGT
KMWITNGNLAHLAVIWAKDEGGEVLGFLVPTDTPGFQAREVKRKMSLRASVTSELVLEEVRVPESLRLPKALGLKAPLSC
LTQARFGIAWGAMGALEAVYEEAVAFAKSRSTFGEPLAKKQLVQAKLAEMLAWHTEGLLLAWRLARLKDEGKLTPAQVSL
AKRQNVWKALQAARMARDILGGSGITLEYHAIRHMLNLETVYTYEGTHDVHTLVLGREITGLNAF
;
_entity_poly.pdbx_strand_id   A,C,D,E,F,G,H,I
#
loop_
_chem_comp.id
_chem_comp.type
_chem_comp.name
_chem_comp.formula
FAD non-polymer 'FLAVIN-ADENINE DINUCLEOTIDE' 'C27 H33 N9 O15 P2'
#
# COMPACT_ATOMS: atom_id res chain seq x y z
N MET A 1 4.61 -47.91 -8.06
CA MET A 1 5.75 -47.19 -7.40
C MET A 1 5.72 -47.41 -5.89
N LEU A 2 6.85 -47.18 -5.23
CA LEU A 2 6.95 -47.32 -3.79
C LEU A 2 6.03 -46.23 -3.20
N ASP A 3 5.10 -46.63 -2.34
CA ASP A 3 4.17 -45.66 -1.77
C ASP A 3 3.66 -46.15 -0.42
N PHE A 4 4.44 -45.89 0.62
CA PHE A 4 4.07 -46.33 1.97
C PHE A 4 2.86 -45.62 2.55
N TYR A 5 2.64 -44.36 2.18
CA TYR A 5 1.50 -43.60 2.69
C TYR A 5 0.37 -43.45 1.69
N ALA A 6 0.35 -44.34 0.70
CA ALA A 6 -0.67 -44.39 -0.35
C ALA A 6 -1.04 -43.03 -0.94
N LEU A 7 -0.02 -42.28 -1.33
CA LEU A 7 -0.24 -40.97 -1.93
C LEU A 7 -0.83 -41.14 -3.32
N GLU A 8 -0.80 -42.35 -3.89
CA GLU A 8 -1.37 -42.50 -5.20
C GLU A 8 -2.85 -42.25 -5.14
N ASP A 9 -3.42 -42.40 -3.95
CA ASP A 9 -4.85 -42.15 -3.78
C ASP A 9 -5.11 -40.71 -4.04
N LEU A 10 -4.06 -39.91 -3.91
CA LEU A 10 -4.19 -38.50 -4.11
C LEU A 10 -3.88 -38.05 -5.54
N LEU A 11 -3.71 -39.01 -6.46
CA LEU A 11 -3.41 -38.63 -7.85
C LEU A 11 -4.63 -38.83 -8.75
N THR A 12 -4.70 -38.03 -9.81
CA THR A 12 -5.82 -38.16 -10.74
C THR A 12 -5.52 -39.41 -11.57
N PRO A 13 -6.50 -39.89 -12.31
CA PRO A 13 -6.31 -41.06 -13.15
C PRO A 13 -5.28 -40.78 -14.25
N GLU A 14 -5.30 -39.55 -14.78
CA GLU A 14 -4.37 -39.14 -15.84
C GLU A 14 -2.94 -39.17 -15.33
N GLU A 15 -2.72 -38.60 -14.15
CA GLU A 15 -1.40 -38.57 -13.54
C GLU A 15 -0.92 -39.99 -13.28
N LYS A 16 -1.81 -40.86 -12.82
CA LYS A 16 -1.42 -42.22 -12.52
C LYS A 16 -1.05 -42.99 -13.77
N GLU A 17 -1.63 -42.66 -14.91
CA GLU A 17 -1.21 -43.43 -16.07
C GLU A 17 0.04 -42.82 -16.71
N VAL A 18 0.41 -41.55 -16.44
CA VAL A 18 1.64 -41.09 -17.06
C VAL A 18 2.75 -41.84 -16.28
N GLN A 19 2.47 -42.20 -15.03
CA GLN A 19 3.45 -42.92 -14.22
C GLN A 19 3.60 -44.35 -14.72
N LYS A 20 2.50 -45.05 -14.94
CA LYS A 20 2.60 -46.43 -15.38
C LYS A 20 3.28 -46.56 -16.74
N ALA A 21 2.93 -45.69 -17.67
CA ALA A 21 3.48 -45.77 -19.02
C ALA A 21 4.96 -45.41 -19.04
N ALA A 22 5.34 -44.38 -18.27
CA ALA A 22 6.70 -43.92 -18.24
C ALA A 22 7.58 -45.10 -17.80
N ARG A 23 7.20 -45.83 -16.74
CA ARG A 23 7.97 -46.97 -16.24
C ARG A 23 7.96 -48.08 -17.32
N ARG A 24 6.85 -48.33 -18.04
CA ARG A 24 6.89 -49.38 -19.06
C ARG A 24 7.90 -49.02 -20.15
N PHE A 25 7.83 -47.78 -20.66
CA PHE A 25 8.76 -47.37 -21.69
C PHE A 25 10.22 -47.49 -21.24
N LEU A 26 10.54 -46.84 -20.13
CA LEU A 26 11.92 -46.85 -19.63
C LEU A 26 12.50 -48.19 -19.25
N GLU A 27 11.60 -49.06 -18.84
CA GLU A 27 11.98 -50.37 -18.37
C GLU A 27 12.30 -51.32 -19.48
N LYS A 28 11.70 -51.12 -20.64
CA LYS A 28 12.03 -52.04 -21.69
C LYS A 28 13.05 -51.39 -22.61
N GLU A 29 13.06 -50.06 -22.67
CA GLU A 29 13.96 -49.37 -23.59
C GLU A 29 15.20 -48.72 -23.01
N ALA A 30 15.25 -48.45 -21.71
CA ALA A 30 16.42 -47.77 -21.17
C ALA A 30 17.14 -48.51 -20.03
N LEU A 31 16.41 -49.05 -19.06
CA LEU A 31 17.10 -49.71 -17.96
C LEU A 31 17.99 -50.86 -18.42
N PRO A 32 17.55 -51.63 -19.45
CA PRO A 32 18.39 -52.73 -19.90
C PRO A 32 19.78 -52.28 -20.37
N HIS A 33 19.95 -50.99 -20.64
CA HIS A 33 21.23 -50.50 -21.15
C HIS A 33 21.94 -49.46 -20.30
N ILE A 34 21.22 -48.82 -19.38
CA ILE A 34 21.82 -47.78 -18.56
C ILE A 34 23.21 -48.09 -18.05
N ARG A 35 23.46 -49.33 -17.65
CA ARG A 35 24.80 -49.71 -17.17
C ARG A 35 25.80 -49.30 -18.23
N ASP A 36 25.82 -50.04 -19.33
CA ASP A 36 26.72 -49.77 -20.42
C ASP A 36 26.82 -48.30 -20.79
N TRP A 37 25.71 -47.61 -20.96
CA TRP A 37 25.81 -46.21 -21.32
C TRP A 37 26.53 -45.36 -20.24
N TRP A 38 26.22 -45.57 -18.97
CA TRP A 38 26.84 -44.83 -17.87
C TRP A 38 28.34 -45.16 -17.94
N GLU A 39 28.62 -46.46 -18.05
CA GLU A 39 29.97 -47.00 -18.13
C GLU A 39 30.78 -46.36 -19.26
N GLU A 40 30.28 -46.37 -20.49
CA GLU A 40 31.04 -45.77 -21.59
C GLU A 40 30.84 -44.25 -21.62
N GLY A 41 30.12 -43.75 -20.63
CA GLY A 41 29.90 -42.32 -20.56
C GLY A 41 29.21 -41.69 -21.74
N VAL A 42 28.12 -42.29 -22.20
CA VAL A 42 27.39 -41.72 -23.30
C VAL A 42 25.92 -41.50 -22.99
N PHE A 43 25.34 -40.46 -23.59
CA PHE A 43 23.92 -40.16 -23.43
C PHE A 43 23.24 -40.73 -24.65
N PRO A 44 22.16 -41.49 -24.45
CA PRO A 44 21.40 -42.12 -25.53
C PRO A 44 20.51 -41.15 -26.29
N THR A 45 21.06 -40.46 -27.28
CA THR A 45 20.30 -39.50 -28.06
C THR A 45 19.06 -40.08 -28.71
N HIS A 46 19.12 -41.34 -29.14
CA HIS A 46 17.98 -42.00 -29.79
C HIS A 46 16.78 -42.10 -28.84
N LEU A 47 16.94 -41.70 -27.59
CA LEU A 47 15.82 -41.81 -26.70
C LEU A 47 15.09 -40.48 -26.62
N ILE A 48 15.72 -39.42 -27.11
CA ILE A 48 15.11 -38.11 -27.11
C ILE A 48 13.81 -38.15 -27.95
N PRO A 49 13.86 -38.75 -29.14
CA PRO A 49 12.60 -38.78 -29.88
C PRO A 49 11.56 -39.62 -29.13
N ARG A 50 11.98 -40.63 -28.39
CA ARG A 50 11.04 -41.46 -27.63
C ARG A 50 10.40 -40.60 -26.52
N PHE A 51 11.21 -39.78 -25.82
CA PHE A 51 10.66 -38.93 -24.74
C PHE A 51 9.67 -37.96 -25.34
N ALA A 52 10.01 -37.43 -26.53
CA ALA A 52 9.14 -36.47 -27.21
C ALA A 52 7.80 -37.14 -27.47
N GLU A 53 7.86 -38.35 -28.02
CA GLU A 53 6.67 -39.13 -28.31
C GLU A 53 5.81 -39.44 -27.08
N LEU A 54 6.44 -39.55 -25.93
CA LEU A 54 5.70 -39.84 -24.70
C LEU A 54 5.23 -38.58 -24.02
N GLY A 55 5.65 -37.43 -24.57
CA GLY A 55 5.25 -36.15 -24.00
C GLY A 55 6.04 -35.74 -22.79
N PHE A 56 7.24 -36.29 -22.65
CA PHE A 56 8.14 -35.99 -21.55
C PHE A 56 8.74 -34.63 -21.69
N LEU A 57 8.65 -34.05 -22.87
CA LEU A 57 9.28 -32.78 -23.05
C LEU A 57 8.37 -31.60 -22.86
N GLY A 58 8.59 -30.92 -21.73
CA GLY A 58 7.78 -29.77 -21.38
C GLY A 58 6.36 -30.26 -21.20
N PRO A 59 6.15 -31.29 -20.34
CA PRO A 59 4.81 -31.82 -20.13
C PRO A 59 3.69 -30.87 -19.75
N THR A 60 4.01 -29.84 -18.98
CA THR A 60 2.97 -28.92 -18.54
C THR A 60 2.61 -27.81 -19.53
N LEU A 61 3.45 -27.59 -20.54
CA LEU A 61 3.16 -26.53 -21.49
C LEU A 61 1.91 -26.80 -22.34
N PRO A 62 1.23 -25.72 -22.77
CA PRO A 62 0.01 -25.73 -23.58
C PRO A 62 0.16 -26.45 -24.91
N PRO A 63 -0.82 -27.31 -25.24
CA PRO A 63 -0.80 -28.07 -26.50
C PRO A 63 -0.61 -27.14 -27.69
N GLU A 64 -0.98 -25.87 -27.52
CA GLU A 64 -0.86 -24.88 -28.59
C GLU A 64 0.57 -24.81 -29.10
N TYR A 65 1.50 -24.89 -28.15
CA TYR A 65 2.91 -24.81 -28.46
C TYR A 65 3.56 -26.18 -28.58
N GLY A 66 2.71 -27.21 -28.64
CA GLY A 66 3.20 -28.55 -28.78
C GLY A 66 3.40 -29.27 -27.46
N GLY A 67 2.87 -28.68 -26.40
CA GLY A 67 3.01 -29.26 -25.07
C GLY A 67 1.89 -30.23 -24.73
N ALA A 68 2.16 -31.11 -23.77
CA ALA A 68 1.19 -32.12 -23.37
C ALA A 68 0.10 -31.54 -22.48
N GLY A 69 0.35 -30.36 -21.95
CA GLY A 69 -0.62 -29.71 -21.09
C GLY A 69 -1.09 -30.51 -19.89
N VAL A 70 -0.24 -31.37 -19.33
CA VAL A 70 -0.65 -32.15 -18.17
C VAL A 70 -0.23 -31.40 -16.92
N SER A 71 -0.55 -31.96 -15.76
CA SER A 71 -0.26 -31.32 -14.48
C SER A 71 1.19 -31.33 -14.05
N SER A 72 1.47 -30.56 -13.01
CA SER A 72 2.81 -30.47 -12.47
C SER A 72 3.11 -31.81 -11.81
N ALA A 73 2.10 -32.39 -11.16
CA ALA A 73 2.28 -33.68 -10.52
C ALA A 73 2.76 -34.68 -11.59
N ALA A 74 2.13 -34.63 -12.76
CA ALA A 74 2.49 -35.52 -13.87
C ALA A 74 3.93 -35.29 -14.30
N TYR A 75 4.37 -34.04 -14.33
CA TYR A 75 5.74 -33.73 -14.71
C TYR A 75 6.63 -34.33 -13.63
N GLY A 76 6.27 -34.09 -12.37
CA GLY A 76 7.03 -34.63 -11.26
C GLY A 76 7.11 -36.12 -11.38
N LEU A 77 6.00 -36.75 -11.74
CA LEU A 77 5.93 -38.20 -11.90
C LEU A 77 6.79 -38.75 -13.03
N ILE A 78 6.98 -38.00 -14.11
CA ILE A 78 7.82 -38.54 -15.17
C ILE A 78 9.27 -38.40 -14.72
N CYS A 79 9.56 -37.33 -14.00
CA CYS A 79 10.91 -37.11 -13.51
C CYS A 79 11.28 -38.24 -12.57
N TYR A 80 10.31 -38.62 -11.75
CA TYR A 80 10.43 -39.70 -10.78
C TYR A 80 10.91 -40.98 -11.47
N GLU A 81 10.14 -41.40 -12.46
CA GLU A 81 10.44 -42.59 -13.23
C GLU A 81 11.76 -42.48 -14.01
N LEU A 82 12.04 -41.29 -14.55
CA LEU A 82 13.27 -41.07 -15.29
C LEU A 82 14.48 -41.29 -14.37
N GLU A 83 14.51 -40.56 -13.25
CA GLU A 83 15.61 -40.62 -12.28
C GLU A 83 15.78 -42.00 -11.69
N ARG A 84 14.66 -42.70 -11.51
CA ARG A 84 14.69 -44.04 -10.95
C ARG A 84 15.58 -44.94 -11.84
N VAL A 85 15.68 -44.57 -13.11
CA VAL A 85 16.52 -45.35 -14.00
C VAL A 85 17.93 -44.74 -13.87
N ASP A 86 18.04 -43.45 -14.18
CA ASP A 86 19.30 -42.73 -14.09
C ASP A 86 19.07 -41.21 -14.10
N SER A 87 19.78 -40.50 -13.22
CA SER A 87 19.66 -39.04 -13.12
C SER A 87 20.01 -38.32 -14.43
N GLY A 88 20.85 -38.94 -15.25
CA GLY A 88 21.21 -38.32 -16.50
C GLY A 88 20.03 -38.23 -17.46
N LEU A 89 19.19 -39.25 -17.42
CA LEU A 89 18.03 -39.27 -18.29
C LEU A 89 17.06 -38.20 -17.83
N ARG A 90 16.95 -38.01 -16.52
CA ARG A 90 16.04 -37.02 -15.95
C ARG A 90 16.56 -35.61 -16.22
N SER A 91 17.89 -35.47 -16.18
CA SER A 91 18.55 -34.20 -16.42
C SER A 91 18.21 -33.64 -17.79
N PHE A 92 18.25 -34.49 -18.81
CA PHE A 92 17.93 -34.04 -20.14
C PHE A 92 16.53 -33.43 -20.16
N VAL A 93 15.55 -34.15 -19.60
CA VAL A 93 14.18 -33.64 -19.58
C VAL A 93 14.03 -32.37 -18.75
N SER A 94 14.79 -32.26 -17.66
CA SER A 94 14.72 -31.06 -16.82
C SER A 94 15.21 -29.84 -17.58
N VAL A 95 16.34 -30.00 -18.26
CA VAL A 95 16.95 -28.93 -19.04
C VAL A 95 16.00 -28.49 -20.16
N GLN A 96 15.59 -29.44 -20.98
CA GLN A 96 14.69 -29.20 -22.11
C GLN A 96 13.37 -28.58 -21.69
N SER A 97 12.82 -29.10 -20.61
CA SER A 97 11.55 -28.63 -20.11
C SER A 97 11.62 -27.36 -19.28
N SER A 98 12.38 -27.37 -18.19
CA SER A 98 12.39 -26.20 -17.28
C SER A 98 13.47 -25.16 -17.47
N LEU A 99 14.55 -25.50 -18.18
CA LEU A 99 15.66 -24.57 -18.36
C LEU A 99 15.68 -24.05 -19.78
N VAL A 100 14.83 -24.63 -20.62
CA VAL A 100 14.78 -24.22 -22.02
C VAL A 100 13.35 -23.93 -22.49
N MET A 101 12.48 -24.93 -22.48
CA MET A 101 11.09 -24.77 -22.88
C MET A 101 10.39 -23.73 -22.01
N TYR A 102 10.71 -23.74 -20.72
CA TYR A 102 10.13 -22.77 -19.80
C TYR A 102 10.55 -21.31 -19.97
N PRO A 103 11.83 -21.05 -20.14
CA PRO A 103 12.30 -19.67 -20.39
C PRO A 103 11.64 -19.04 -21.62
N ILE A 104 11.52 -19.82 -22.69
CA ILE A 104 11.05 -19.35 -23.98
C ILE A 104 9.58 -18.99 -23.77
N TYR A 105 8.85 -19.85 -23.05
CA TYR A 105 7.44 -19.65 -22.80
C TYR A 105 7.12 -18.50 -21.85
N ALA A 106 7.90 -18.31 -20.79
CA ALA A 106 7.57 -17.23 -19.86
C ALA A 106 8.19 -15.90 -20.30
N TYR A 107 9.32 -15.93 -20.99
CA TYR A 107 9.93 -14.66 -21.36
C TYR A 107 10.15 -14.41 -22.84
N GLY A 108 9.79 -15.36 -23.69
CA GLY A 108 10.02 -15.16 -25.11
C GLY A 108 8.95 -14.35 -25.81
N SER A 109 9.27 -13.94 -27.03
CA SER A 109 8.36 -13.18 -27.87
C SER A 109 7.41 -14.22 -28.46
N GLU A 110 6.30 -13.78 -29.03
CA GLU A 110 5.36 -14.71 -29.62
C GLU A 110 6.05 -15.45 -30.78
N GLU A 111 7.00 -14.76 -31.40
CA GLU A 111 7.76 -15.30 -32.52
C GLU A 111 8.68 -16.41 -32.05
N GLN A 112 9.37 -16.17 -30.94
CA GLN A 112 10.29 -17.15 -30.38
C GLN A 112 9.51 -18.36 -29.89
N LYS A 113 8.31 -18.13 -29.36
CA LYS A 113 7.50 -19.22 -28.86
C LYS A 113 6.98 -20.12 -29.96
N ARG A 114 6.43 -19.54 -31.02
CA ARG A 114 5.91 -20.32 -32.14
C ARG A 114 7.05 -21.01 -32.91
N GLU A 115 8.19 -20.34 -32.94
CA GLU A 115 9.35 -20.83 -33.65
C GLU A 115 10.10 -22.00 -32.99
N PHE A 116 10.30 -21.91 -31.68
CA PHE A 116 11.05 -22.95 -30.99
C PHE A 116 10.30 -24.01 -30.21
N LEU A 117 9.36 -23.59 -29.39
CA LEU A 117 8.61 -24.52 -28.54
C LEU A 117 8.13 -25.83 -29.17
N PRO A 118 7.56 -25.78 -30.39
CA PRO A 118 7.09 -27.03 -31.00
C PRO A 118 8.22 -27.98 -31.40
N LYS A 119 9.33 -27.42 -31.85
CA LYS A 119 10.47 -28.23 -32.26
C LYS A 119 11.13 -28.86 -31.03
N LEU A 120 11.15 -28.09 -29.95
CA LEU A 120 11.73 -28.54 -28.68
C LEU A 120 10.84 -29.61 -28.07
N ALA A 121 9.54 -29.37 -28.11
CA ALA A 121 8.55 -30.30 -27.58
C ALA A 121 8.61 -31.65 -28.30
N ARG A 122 8.95 -31.63 -29.59
CA ARG A 122 9.03 -32.84 -30.39
C ARG A 122 10.46 -33.39 -30.43
N GLY A 123 11.31 -32.91 -29.53
CA GLY A 123 12.68 -33.40 -29.48
C GLY A 123 13.35 -33.32 -30.83
N GLU A 124 12.95 -32.32 -31.60
CA GLU A 124 13.48 -32.09 -32.94
C GLU A 124 14.65 -31.10 -32.89
N MET A 125 14.71 -30.32 -31.81
CA MET A 125 15.80 -29.39 -31.60
C MET A 125 16.12 -29.25 -30.11
N VAL A 126 17.31 -29.70 -29.72
CA VAL A 126 17.71 -29.73 -28.33
C VAL A 126 18.39 -28.44 -27.82
N GLY A 127 18.06 -28.06 -26.59
CA GLY A 127 18.63 -26.87 -26.02
C GLY A 127 19.43 -27.07 -24.74
N CYS A 128 20.06 -26.00 -24.28
CA CYS A 128 20.85 -26.05 -23.05
C CYS A 128 20.66 -24.71 -22.33
N PHE A 129 21.09 -24.66 -21.09
CA PHE A 129 20.92 -23.48 -20.26
C PHE A 129 22.28 -23.09 -19.74
N GLY A 130 22.76 -21.93 -20.18
CA GLY A 130 24.06 -21.46 -19.75
C GLY A 130 24.03 -20.36 -18.71
N LEU A 131 24.12 -20.73 -17.44
CA LEU A 131 24.13 -19.76 -16.36
C LEU A 131 25.45 -19.77 -15.59
N THR A 132 25.85 -20.95 -15.10
CA THR A 132 27.08 -21.14 -14.34
C THR A 132 28.36 -20.78 -15.09
N GLU A 133 29.27 -20.11 -14.39
CA GLU A 133 30.55 -19.75 -14.97
C GLU A 133 31.68 -20.27 -14.09
N PRO A 134 32.90 -20.29 -14.62
CA PRO A 134 34.10 -20.77 -13.93
C PRO A 134 34.39 -20.24 -12.51
N ASP A 135 33.93 -19.05 -12.16
CA ASP A 135 34.23 -18.54 -10.82
C ASP A 135 33.33 -18.98 -9.67
N GLY A 136 32.23 -19.66 -9.97
CA GLY A 136 31.33 -20.11 -8.92
C GLY A 136 29.85 -19.96 -9.24
N GLY A 137 29.18 -21.09 -9.44
CA GLY A 137 27.77 -21.06 -9.77
C GLY A 137 26.84 -20.74 -8.61
N SER A 138 27.38 -20.70 -7.38
CA SER A 138 26.55 -20.39 -6.22
C SER A 138 26.23 -18.90 -6.13
N ASP A 139 27.03 -18.09 -6.81
CA ASP A 139 26.78 -16.66 -6.88
C ASP A 139 26.52 -16.46 -8.36
N PRO A 140 25.30 -16.74 -8.82
CA PRO A 140 25.22 -16.52 -10.28
C PRO A 140 25.14 -15.10 -10.81
N TYR A 141 24.89 -14.11 -9.97
CA TYR A 141 24.86 -12.73 -10.48
C TYR A 141 26.30 -12.20 -10.35
N GLY A 142 26.90 -12.50 -9.21
CA GLY A 142 28.26 -12.06 -8.93
C GLY A 142 29.38 -12.59 -9.80
N ASN A 143 29.28 -13.83 -10.25
CA ASN A 143 30.33 -14.38 -11.09
C ASN A 143 29.97 -14.43 -12.55
N MET A 144 28.87 -13.79 -12.92
CA MET A 144 28.43 -13.75 -14.31
C MET A 144 29.26 -12.72 -15.06
N LYS A 145 30.38 -13.12 -15.67
CA LYS A 145 31.16 -12.14 -16.39
C LYS A 145 30.95 -12.18 -17.88
N THR A 146 29.95 -12.92 -18.33
CA THR A 146 29.67 -12.96 -19.75
C THR A 146 29.00 -11.63 -20.06
N ARG A 147 29.53 -10.88 -21.03
CA ARG A 147 28.95 -9.60 -21.37
C ARG A 147 28.17 -9.59 -22.65
N ALA A 148 27.28 -8.60 -22.73
CA ALA A 148 26.43 -8.40 -23.89
C ALA A 148 26.35 -6.90 -24.16
N ARG A 149 26.79 -6.49 -25.35
CA ARG A 149 26.77 -5.08 -25.71
C ARG A 149 25.99 -4.88 -26.98
N ARG A 150 25.04 -3.95 -26.94
CA ARG A 150 24.19 -3.67 -28.09
C ARG A 150 24.82 -2.67 -29.03
N ASP A 153 21.13 -2.94 -33.25
CA ASP A 153 20.04 -3.91 -33.20
C ASP A 153 20.50 -5.35 -33.11
N THR A 154 21.77 -5.53 -32.82
CA THR A 154 22.30 -6.87 -32.65
C THR A 154 23.17 -6.76 -31.41
N TRP A 155 23.35 -7.88 -30.71
CA TRP A 155 24.17 -7.90 -29.50
C TRP A 155 25.40 -8.76 -29.71
N VAL A 156 26.53 -8.35 -29.12
CA VAL A 156 27.76 -9.13 -29.22
C VAL A 156 28.03 -9.67 -27.82
N LEU A 157 28.08 -10.99 -27.71
CA LEU A 157 28.30 -11.65 -26.44
C LEU A 157 29.70 -12.22 -26.30
N ASN A 158 30.27 -12.06 -25.11
CA ASN A 158 31.61 -12.56 -24.79
C ASN A 158 31.60 -13.10 -23.36
N GLY A 159 31.99 -14.36 -23.21
CA GLY A 159 32.04 -14.96 -21.89
C GLY A 159 32.22 -16.45 -21.96
N THR A 160 32.19 -17.09 -20.80
CA THR A 160 32.35 -18.54 -20.75
C THR A 160 31.35 -19.16 -19.76
N LYS A 161 30.90 -20.37 -20.06
CA LYS A 161 29.98 -21.08 -19.20
C LYS A 161 30.58 -22.46 -18.92
N MET A 162 30.48 -22.90 -17.67
CA MET A 162 31.05 -24.19 -17.29
C MET A 162 29.97 -25.15 -16.82
N TRP A 163 30.20 -26.43 -17.10
CA TRP A 163 29.29 -27.49 -16.70
C TRP A 163 27.89 -27.33 -17.30
N ILE A 164 27.77 -27.07 -18.60
CA ILE A 164 26.44 -26.90 -19.17
C ILE A 164 25.93 -28.18 -19.79
N THR A 165 24.81 -28.68 -19.25
CA THR A 165 24.19 -29.91 -19.73
C THR A 165 23.69 -29.69 -21.15
N ASN A 166 23.81 -30.74 -21.97
CA ASN A 166 23.40 -30.68 -23.37
C ASN A 166 24.24 -29.69 -24.17
N GLY A 167 25.37 -29.27 -23.59
CA GLY A 167 26.25 -28.33 -24.25
C GLY A 167 26.59 -28.68 -25.68
N ASN A 168 26.92 -29.94 -25.95
CA ASN A 168 27.27 -30.40 -27.30
C ASN A 168 26.12 -31.01 -28.12
N LEU A 169 24.92 -31.06 -27.56
CA LEU A 169 23.78 -31.63 -28.27
C LEU A 169 22.88 -30.49 -28.76
N ALA A 170 22.95 -29.37 -28.06
CA ALA A 170 22.11 -28.21 -28.33
C ALA A 170 22.32 -27.42 -29.60
N HIS A 171 21.21 -26.97 -30.18
CA HIS A 171 21.24 -26.13 -31.37
C HIS A 171 20.97 -24.73 -30.83
N LEU A 172 20.24 -24.69 -29.72
CA LEU A 172 19.90 -23.41 -29.08
C LEU A 172 20.46 -23.39 -27.66
N ALA A 173 21.09 -22.28 -27.30
CA ALA A 173 21.69 -22.13 -25.98
C ALA A 173 21.18 -20.87 -25.28
N VAL A 174 20.46 -21.06 -24.18
CA VAL A 174 19.91 -19.95 -23.42
C VAL A 174 21.05 -19.40 -22.62
N ILE A 175 21.63 -18.31 -23.10
CA ILE A 175 22.76 -17.73 -22.41
C ILE A 175 22.38 -16.51 -21.61
N TRP A 176 22.89 -16.43 -20.40
CA TRP A 176 22.64 -15.30 -19.52
C TRP A 176 23.92 -14.49 -19.38
N ALA A 177 23.84 -13.21 -19.72
CA ALA A 177 24.98 -12.31 -19.63
C ALA A 177 24.52 -11.00 -19.06
N LYS A 178 25.46 -10.08 -18.86
CA LYS A 178 25.13 -8.76 -18.35
C LYS A 178 25.55 -7.69 -19.37
N ASP A 179 25.02 -6.48 -19.21
CA ASP A 179 25.31 -5.36 -20.09
C ASP A 179 25.96 -4.23 -19.28
N GLU A 183 23.14 -5.65 -15.40
CA GLU A 183 21.75 -6.04 -15.66
C GLU A 183 21.70 -7.37 -16.40
N VAL A 184 20.97 -8.32 -15.84
CA VAL A 184 20.88 -9.63 -16.45
C VAL A 184 19.83 -9.74 -17.57
N LEU A 185 20.29 -10.25 -18.71
CA LEU A 185 19.47 -10.46 -19.89
C LEU A 185 19.61 -11.91 -20.35
N GLY A 186 18.66 -12.36 -21.16
CA GLY A 186 18.72 -13.72 -21.66
C GLY A 186 18.60 -13.84 -23.17
N PHE A 187 19.54 -14.54 -23.79
CA PHE A 187 19.54 -14.70 -25.23
C PHE A 187 19.35 -16.14 -25.70
N LEU A 188 18.67 -16.30 -26.82
CA LEU A 188 18.46 -17.61 -27.45
C LEU A 188 19.54 -17.60 -28.53
N VAL A 189 20.70 -18.14 -28.18
CA VAL A 189 21.88 -18.20 -29.04
C VAL A 189 22.03 -19.49 -29.82
N PRO A 190 21.92 -19.43 -31.15
CA PRO A 190 22.08 -20.65 -31.94
C PRO A 190 23.51 -21.12 -31.69
N THR A 191 23.74 -22.43 -31.65
CA THR A 191 25.08 -22.89 -31.35
C THR A 191 26.02 -22.89 -32.54
N ASP A 192 25.51 -22.60 -33.73
CA ASP A 192 26.38 -22.59 -34.90
C ASP A 192 26.78 -21.19 -35.32
N THR A 193 26.25 -20.17 -34.65
CA THR A 193 26.62 -18.80 -34.99
C THR A 193 28.11 -18.67 -34.71
N PRO A 194 28.86 -18.12 -35.65
CA PRO A 194 30.30 -17.97 -35.43
C PRO A 194 30.72 -17.36 -34.09
N GLY A 195 31.83 -17.86 -33.56
CA GLY A 195 32.35 -17.35 -32.30
C GLY A 195 31.88 -18.15 -31.10
N PHE A 196 31.00 -19.11 -31.34
CA PHE A 196 30.44 -19.95 -30.28
C PHE A 196 31.03 -21.35 -30.30
N GLN A 197 31.73 -21.73 -29.23
CA GLN A 197 32.33 -23.05 -29.16
C GLN A 197 31.85 -23.82 -27.94
N ALA A 198 31.58 -25.11 -28.14
CA ALA A 198 31.12 -25.98 -27.07
C ALA A 198 32.05 -27.18 -26.99
N ARG A 199 32.72 -27.34 -25.86
CA ARG A 199 33.63 -28.46 -25.68
C ARG A 199 33.17 -29.29 -24.51
N GLU A 200 33.12 -30.60 -24.73
CA GLU A 200 32.68 -31.51 -23.68
C GLU A 200 33.68 -31.67 -22.57
N VAL A 201 33.15 -31.95 -21.37
CA VAL A 201 33.93 -32.15 -20.17
C VAL A 201 34.25 -33.65 -20.08
N LYS A 202 35.52 -33.96 -19.86
CA LYS A 202 35.95 -35.35 -19.76
C LYS A 202 36.37 -35.71 -18.33
N ARG A 203 36.56 -37.00 -18.10
CA ARG A 203 36.97 -37.51 -16.79
C ARG A 203 35.87 -37.36 -15.73
N LYS A 204 34.62 -37.55 -16.16
CA LYS A 204 33.46 -37.42 -15.27
C LYS A 204 33.21 -38.73 -14.55
N MET A 205 33.15 -38.67 -13.23
CA MET A 205 32.87 -39.85 -12.42
C MET A 205 31.41 -39.84 -11.95
N SER A 206 30.68 -38.83 -12.41
CA SER A 206 29.30 -38.64 -12.00
C SER A 206 28.48 -38.15 -13.18
N LEU A 207 27.23 -38.55 -13.25
CA LEU A 207 26.34 -38.16 -14.33
C LEU A 207 26.99 -38.44 -15.69
N ARG A 208 27.52 -39.65 -15.84
CA ARG A 208 28.19 -40.04 -17.07
C ARG A 208 27.27 -40.28 -18.26
N ALA A 209 26.01 -40.61 -17.99
CA ALA A 209 25.01 -40.82 -19.04
C ALA A 209 24.37 -39.45 -19.27
N SER A 210 25.16 -38.52 -19.78
CA SER A 210 24.72 -37.15 -20.03
C SER A 210 25.88 -36.37 -20.60
N VAL A 211 25.59 -35.37 -21.42
CA VAL A 211 26.68 -34.57 -21.97
C VAL A 211 26.79 -33.24 -21.23
N THR A 212 28.02 -32.95 -20.79
CA THR A 212 28.33 -31.73 -20.04
C THR A 212 29.41 -31.03 -20.83
N SER A 213 29.22 -29.75 -21.09
CA SER A 213 30.18 -29.02 -21.89
C SER A 213 30.61 -27.71 -21.27
N GLU A 214 31.58 -27.09 -21.93
CA GLU A 214 32.07 -25.79 -21.54
C GLU A 214 31.71 -24.92 -22.74
N LEU A 215 31.03 -23.81 -22.51
CA LEU A 215 30.65 -22.94 -23.63
C LEU A 215 31.58 -21.75 -23.64
N VAL A 216 32.09 -21.44 -24.82
CA VAL A 216 32.97 -20.30 -24.98
C VAL A 216 32.34 -19.44 -26.06
N LEU A 217 31.98 -18.22 -25.69
CA LEU A 217 31.40 -17.26 -26.61
C LEU A 217 32.44 -16.18 -26.87
N GLU A 218 32.91 -16.13 -28.11
CA GLU A 218 33.91 -15.16 -28.52
C GLU A 218 33.29 -14.24 -29.58
N GLU A 219 32.95 -13.02 -29.17
CA GLU A 219 32.36 -12.03 -30.08
C GLU A 219 31.17 -12.62 -30.84
N VAL A 220 30.30 -13.31 -30.13
CA VAL A 220 29.13 -13.95 -30.75
C VAL A 220 28.02 -12.94 -31.01
N ARG A 221 27.59 -12.80 -32.26
CA ARG A 221 26.54 -11.83 -32.51
C ARG A 221 25.17 -12.49 -32.49
N VAL A 222 24.24 -11.77 -31.86
CA VAL A 222 22.89 -12.25 -31.74
C VAL A 222 21.92 -11.10 -31.94
N PRO A 223 20.96 -11.28 -32.86
CA PRO A 223 19.97 -10.23 -33.13
C PRO A 223 19.11 -9.94 -31.89
N GLU A 224 18.48 -8.78 -31.85
CA GLU A 224 17.61 -8.41 -30.74
C GLU A 224 16.37 -9.30 -30.78
N SER A 225 16.06 -9.83 -31.97
CA SER A 225 14.90 -10.69 -32.17
C SER A 225 15.15 -12.05 -31.49
N LEU A 226 16.38 -12.26 -31.03
CA LEU A 226 16.75 -13.51 -30.37
C LEU A 226 17.04 -13.32 -28.87
N ARG A 227 16.75 -12.12 -28.37
CA ARG A 227 16.92 -11.86 -26.95
C ARG A 227 15.53 -12.03 -26.32
N LEU A 228 15.47 -12.68 -25.17
CA LEU A 228 14.20 -12.88 -24.49
C LEU A 228 13.68 -11.53 -23.98
N PRO A 229 12.60 -11.00 -24.62
CA PRO A 229 11.99 -9.72 -24.25
C PRO A 229 11.67 -9.52 -22.78
N LYS A 230 10.86 -10.39 -22.21
CA LYS A 230 10.49 -10.29 -20.81
C LYS A 230 11.58 -10.71 -19.83
N ALA A 231 12.64 -11.35 -20.31
CA ALA A 231 13.72 -11.80 -19.43
C ALA A 231 14.53 -10.62 -18.86
N LEU A 232 14.21 -10.23 -17.63
CA LEU A 232 14.89 -9.10 -17.00
C LEU A 232 15.34 -9.40 -15.58
N GLY A 233 16.64 -9.35 -15.32
CA GLY A 233 17.15 -9.60 -13.97
C GLY A 233 17.47 -11.04 -13.60
N LEU A 234 18.15 -11.20 -12.46
CA LEU A 234 18.54 -12.51 -11.94
C LEU A 234 17.30 -13.37 -11.76
N LYS A 235 16.18 -12.71 -11.48
CA LYS A 235 14.92 -13.40 -11.28
C LYS A 235 14.49 -14.27 -12.47
N ALA A 236 14.87 -13.89 -13.68
CA ALA A 236 14.48 -14.69 -14.84
C ALA A 236 15.14 -16.08 -14.80
N PRO A 237 16.50 -16.13 -14.76
CA PRO A 237 17.14 -17.45 -14.72
C PRO A 237 16.79 -18.25 -13.47
N LEU A 238 16.56 -17.53 -12.38
CA LEU A 238 16.22 -18.18 -11.12
C LEU A 238 14.88 -18.86 -11.21
N SER A 239 13.92 -18.23 -11.86
CA SER A 239 12.60 -18.83 -11.99
C SER A 239 12.72 -20.16 -12.73
N CYS A 240 13.71 -20.23 -13.61
CA CYS A 240 13.97 -21.42 -14.40
C CYS A 240 14.50 -22.48 -13.49
N LEU A 241 15.40 -22.10 -12.59
CA LEU A 241 15.92 -23.08 -11.66
C LEU A 241 14.80 -23.59 -10.76
N THR A 242 13.93 -22.69 -10.27
CA THR A 242 12.82 -23.10 -9.41
C THR A 242 12.00 -24.16 -10.09
N GLN A 243 11.71 -23.99 -11.40
CA GLN A 243 10.95 -24.95 -12.18
C GLN A 243 11.71 -26.28 -12.19
N ALA A 244 13.00 -26.19 -12.56
CA ALA A 244 13.85 -27.36 -12.64
C ALA A 244 13.97 -28.05 -11.28
N ARG A 245 14.15 -27.26 -10.22
CA ARG A 245 14.27 -27.85 -8.90
C ARG A 245 13.04 -28.65 -8.52
N PHE A 246 11.88 -28.23 -9.02
CA PHE A 246 10.62 -28.93 -8.72
C PHE A 246 10.64 -30.38 -9.20
N GLY A 247 11.01 -30.59 -10.46
CA GLY A 247 11.06 -31.93 -10.99
C GLY A 247 12.13 -32.75 -10.32
N ILE A 248 13.22 -32.11 -9.92
CA ILE A 248 14.31 -32.80 -9.27
C ILE A 248 13.88 -33.32 -7.90
N ALA A 249 13.06 -32.56 -7.19
CA ALA A 249 12.60 -33.01 -5.88
C ALA A 249 11.83 -34.31 -6.07
N TRP A 250 11.21 -34.44 -7.24
CA TRP A 250 10.46 -35.63 -7.55
C TRP A 250 11.38 -36.76 -7.96
N GLY A 251 12.22 -36.53 -8.95
CA GLY A 251 13.14 -37.56 -9.42
C GLY A 251 13.99 -38.16 -8.30
N ALA A 252 14.41 -37.33 -7.36
CA ALA A 252 15.23 -37.77 -6.23
C ALA A 252 14.57 -38.94 -5.52
N MET A 253 13.25 -38.86 -5.41
CA MET A 253 12.47 -39.90 -4.74
C MET A 253 12.45 -41.19 -5.57
N GLY A 254 12.62 -41.05 -6.88
CA GLY A 254 12.63 -42.21 -7.75
C GLY A 254 13.93 -43.00 -7.65
N ALA A 255 15.06 -42.30 -7.59
CA ALA A 255 16.36 -42.95 -7.46
C ALA A 255 16.42 -43.59 -6.07
N LEU A 256 15.66 -43.03 -5.13
CA LEU A 256 15.63 -43.54 -3.77
C LEU A 256 14.88 -44.87 -3.78
N GLU A 257 13.79 -44.95 -4.53
CA GLU A 257 13.05 -46.21 -4.62
C GLU A 257 13.97 -47.27 -5.27
N ALA A 258 14.76 -46.85 -6.25
CA ALA A 258 15.65 -47.77 -6.94
C ALA A 258 16.69 -48.40 -6.00
N VAL A 259 17.40 -47.59 -5.23
CA VAL A 259 18.43 -48.13 -4.33
C VAL A 259 17.83 -48.85 -3.14
N TYR A 260 16.67 -48.39 -2.69
CA TYR A 260 16.00 -49.00 -1.55
C TYR A 260 15.53 -50.40 -1.94
N GLU A 261 14.81 -50.46 -3.05
CA GLU A 261 14.27 -51.71 -3.54
C GLU A 261 15.35 -52.77 -3.70
N GLU A 262 16.48 -52.37 -4.25
CA GLU A 262 17.59 -53.26 -4.48
C GLU A 262 18.25 -53.69 -3.18
N ALA A 263 18.28 -52.78 -2.21
CA ALA A 263 18.88 -53.06 -0.91
C ALA A 263 18.10 -54.10 -0.09
N VAL A 264 16.77 -53.99 -0.05
CA VAL A 264 16.02 -54.97 0.73
C VAL A 264 16.10 -56.33 0.06
N ALA A 265 16.07 -56.35 -1.27
CA ALA A 265 16.15 -57.59 -2.02
C ALA A 265 17.47 -58.27 -1.71
N PHE A 266 18.54 -57.49 -1.75
CA PHE A 266 19.85 -58.01 -1.44
C PHE A 266 19.88 -58.49 0.01
N ALA A 267 19.36 -57.67 0.92
CA ALA A 267 19.33 -57.99 2.36
C ALA A 267 18.58 -59.27 2.67
N LYS A 268 17.48 -59.50 1.95
CA LYS A 268 16.67 -60.68 2.12
C LYS A 268 17.32 -61.94 1.56
N SER A 269 18.10 -61.80 0.49
CA SER A 269 18.73 -62.97 -0.12
C SER A 269 20.10 -63.36 0.42
N ARG A 270 20.71 -62.50 1.23
CA ARG A 270 22.03 -62.83 1.76
C ARG A 270 21.94 -63.14 3.26
N SER A 271 22.85 -63.97 3.74
CA SER A 271 22.82 -64.44 5.12
C SER A 271 24.22 -64.57 5.80
N THR A 272 24.27 -64.42 7.15
CA THR A 272 25.52 -64.54 7.94
C THR A 272 25.27 -64.68 9.46
N PHE A 273 25.85 -65.70 10.06
CA PHE A 273 25.61 -66.04 11.48
C PHE A 273 24.23 -66.46 11.65
N GLY A 274 23.94 -67.11 10.54
CA GLY A 274 22.64 -67.70 10.27
C GLY A 274 21.31 -67.18 10.19
N GLU A 275 21.15 -65.94 9.85
CA GLU A 275 19.80 -65.44 9.67
C GLU A 275 20.04 -64.57 8.48
N PRO A 276 18.98 -64.07 7.84
CA PRO A 276 19.22 -63.22 6.67
C PRO A 276 19.77 -61.87 7.07
N LEU A 277 20.43 -61.22 6.12
CA LEU A 277 20.97 -59.91 6.34
C LEU A 277 19.79 -59.02 6.71
N ALA A 278 18.62 -59.33 6.13
CA ALA A 278 17.43 -58.51 6.38
C ALA A 278 16.88 -58.61 7.81
N LYS A 279 17.37 -59.58 8.59
CA LYS A 279 16.91 -59.76 9.95
C LYS A 279 17.80 -59.09 10.98
N LYS A 280 18.90 -58.50 10.57
CA LYS A 280 19.79 -57.84 11.50
C LYS A 280 19.27 -56.45 11.85
N GLN A 281 19.33 -56.08 13.12
CA GLN A 281 18.85 -54.78 13.61
C GLN A 281 19.57 -53.63 12.93
N LEU A 282 20.86 -53.78 12.70
CA LEU A 282 21.57 -52.67 12.09
C LEU A 282 21.23 -52.50 10.59
N VAL A 283 20.86 -53.56 9.83
CA VAL A 283 20.49 -53.25 8.43
C VAL A 283 18.99 -52.93 8.45
N GLN A 284 18.19 -53.52 9.33
CA GLN A 284 16.80 -53.10 9.26
C GLN A 284 16.72 -51.58 9.56
N ALA A 285 17.58 -51.04 10.43
CA ALA A 285 17.49 -49.59 10.74
C ALA A 285 17.73 -48.75 9.50
N LYS A 286 18.63 -49.20 8.63
CA LYS A 286 18.98 -48.48 7.40
C LYS A 286 17.84 -48.50 6.41
N LEU A 287 17.23 -49.67 6.22
CA LEU A 287 16.12 -49.80 5.31
C LEU A 287 14.97 -48.93 5.86
N ALA A 288 14.78 -48.93 7.19
CA ALA A 288 13.70 -48.15 7.83
C ALA A 288 13.87 -46.65 7.59
N GLU A 289 15.12 -46.20 7.62
CA GLU A 289 15.44 -44.79 7.39
C GLU A 289 15.11 -44.48 5.93
N MET A 290 15.53 -45.37 5.04
CA MET A 290 15.28 -45.21 3.62
C MET A 290 13.80 -45.05 3.33
N LEU A 291 12.97 -45.89 3.97
CA LEU A 291 11.54 -45.83 3.75
C LEU A 291 10.95 -44.54 4.32
N ALA A 292 11.41 -44.15 5.51
CA ALA A 292 10.90 -42.93 6.14
C ALA A 292 11.19 -41.74 5.25
N TRP A 293 12.42 -41.63 4.78
CA TRP A 293 12.79 -40.50 3.93
C TRP A 293 11.96 -40.45 2.65
N HIS A 294 11.77 -41.60 2.04
CA HIS A 294 11.00 -41.67 0.81
C HIS A 294 9.57 -41.18 1.00
N THR A 295 8.95 -41.57 2.11
CA THR A 295 7.59 -41.17 2.41
C THR A 295 7.52 -39.66 2.62
N GLU A 296 8.50 -39.12 3.35
CA GLU A 296 8.58 -37.69 3.62
C GLU A 296 8.77 -36.94 2.31
N GLY A 297 9.64 -37.48 1.47
CA GLY A 297 9.91 -36.83 0.19
C GLY A 297 8.73 -36.77 -0.75
N LEU A 298 8.00 -37.87 -0.89
CA LEU A 298 6.83 -37.86 -1.77
C LEU A 298 5.79 -36.84 -1.35
N LEU A 299 5.57 -36.74 -0.05
CA LEU A 299 4.61 -35.77 0.47
C LEU A 299 5.02 -34.35 0.13
N LEU A 300 6.30 -34.02 0.31
CA LEU A 300 6.78 -32.68 0.00
C LEU A 300 6.53 -32.40 -1.49
N ALA A 301 6.94 -33.36 -2.32
CA ALA A 301 6.81 -33.28 -3.77
C ALA A 301 5.37 -33.13 -4.21
N TRP A 302 4.51 -33.95 -3.62
CA TRP A 302 3.09 -33.91 -3.92
C TRP A 302 2.51 -32.55 -3.55
N ARG A 303 2.79 -32.11 -2.33
CA ARG A 303 2.27 -30.82 -1.84
C ARG A 303 2.67 -29.66 -2.72
N LEU A 304 3.92 -29.67 -3.14
CA LEU A 304 4.49 -28.64 -3.98
C LEU A 304 3.86 -28.67 -5.36
N ALA A 305 3.50 -29.86 -5.85
CA ALA A 305 2.90 -30.00 -7.16
C ALA A 305 1.54 -29.33 -7.19
N ARG A 306 0.77 -29.50 -6.12
CA ARG A 306 -0.55 -28.88 -6.06
C ARG A 306 -0.41 -27.37 -5.92
N LEU A 307 0.44 -26.92 -5.01
CA LEU A 307 0.65 -25.49 -4.84
C LEU A 307 1.06 -24.88 -6.18
N LYS A 308 1.89 -25.59 -6.93
CA LYS A 308 2.39 -25.10 -8.20
C LYS A 308 1.28 -24.84 -9.21
N ASP A 309 0.37 -25.78 -9.37
CA ASP A 309 -0.72 -25.59 -10.32
C ASP A 309 -1.74 -24.55 -9.87
N GLU A 310 -1.83 -24.30 -8.57
CA GLU A 310 -2.78 -23.29 -8.10
C GLU A 310 -2.13 -21.92 -7.98
N GLY A 311 -0.91 -21.82 -8.51
CA GLY A 311 -0.17 -20.58 -8.50
C GLY A 311 0.30 -20.06 -7.17
N LYS A 312 0.48 -20.94 -6.19
CA LYS A 312 0.91 -20.52 -4.85
C LYS A 312 2.27 -21.03 -4.45
N LEU A 313 2.99 -21.60 -5.40
CA LEU A 313 4.31 -22.13 -5.08
C LEU A 313 5.36 -21.02 -5.03
N THR A 314 6.16 -20.99 -3.97
CA THR A 314 7.22 -19.98 -3.86
C THR A 314 8.56 -20.65 -4.01
N PRO A 315 9.60 -19.88 -4.37
CA PRO A 315 10.93 -20.48 -4.54
C PRO A 315 11.50 -21.10 -3.27
N ALA A 316 11.26 -20.45 -2.13
CA ALA A 316 11.77 -20.95 -0.87
C ALA A 316 11.19 -22.32 -0.60
N GLN A 317 9.92 -22.51 -0.93
CA GLN A 317 9.27 -23.80 -0.73
C GLN A 317 9.97 -24.85 -1.58
N VAL A 318 10.25 -24.50 -2.83
CA VAL A 318 10.94 -25.40 -3.75
C VAL A 318 12.34 -25.70 -3.24
N SER A 319 13.03 -24.69 -2.73
CA SER A 319 14.37 -24.92 -2.20
C SER A 319 14.35 -25.97 -1.08
N LEU A 320 13.32 -25.91 -0.23
CA LEU A 320 13.20 -26.86 0.87
C LEU A 320 13.11 -28.28 0.34
N ALA A 321 12.23 -28.51 -0.62
CA ALA A 321 12.03 -29.83 -1.20
C ALA A 321 13.25 -30.38 -1.96
N LYS A 322 13.93 -29.53 -2.71
CA LYS A 322 15.11 -29.98 -3.44
C LYS A 322 16.21 -30.37 -2.46
N ARG A 323 16.47 -29.48 -1.50
CA ARG A 323 17.49 -29.67 -0.48
C ARG A 323 17.25 -30.96 0.29
N GLN A 324 16.06 -31.10 0.86
CA GLN A 324 15.72 -32.29 1.65
C GLN A 324 15.74 -33.60 0.86
N ASN A 325 15.02 -33.64 -0.26
CA ASN A 325 14.94 -34.87 -1.04
C ASN A 325 16.24 -35.36 -1.63
N VAL A 326 17.04 -34.45 -2.19
CA VAL A 326 18.30 -34.88 -2.79
C VAL A 326 19.26 -35.37 -1.71
N TRP A 327 19.32 -34.66 -0.59
CA TRP A 327 20.19 -35.03 0.51
C TRP A 327 19.87 -36.44 0.96
N LYS A 328 18.58 -36.68 1.15
CA LYS A 328 18.09 -37.99 1.60
C LYS A 328 18.43 -39.08 0.59
N ALA A 329 18.22 -38.81 -0.69
CA ALA A 329 18.53 -39.78 -1.72
C ALA A 329 20.03 -40.04 -1.77
N LEU A 330 20.85 -39.00 -1.58
CA LEU A 330 22.28 -39.21 -1.59
C LEU A 330 22.65 -40.05 -0.37
N GLN A 331 22.12 -39.71 0.78
CA GLN A 331 22.43 -40.48 1.98
C GLN A 331 21.98 -41.94 1.81
N ALA A 332 20.81 -42.15 1.22
CA ALA A 332 20.28 -43.49 1.03
C ALA A 332 21.09 -44.30 0.04
N ALA A 333 21.66 -43.64 -0.95
CA ALA A 333 22.45 -44.34 -1.95
C ALA A 333 23.73 -44.86 -1.31
N ARG A 334 24.30 -44.05 -0.43
CA ARG A 334 25.52 -44.43 0.29
C ARG A 334 25.23 -45.60 1.25
N MET A 335 24.11 -45.51 1.96
CA MET A 335 23.70 -46.54 2.90
C MET A 335 23.50 -47.87 2.18
N ALA A 336 22.93 -47.81 0.99
CA ALA A 336 22.67 -49.01 0.18
C ALA A 336 23.98 -49.64 -0.30
N ARG A 337 24.94 -48.80 -0.70
CA ARG A 337 26.23 -49.30 -1.16
C ARG A 337 26.86 -50.01 0.04
N ASP A 338 26.72 -49.40 1.21
CA ASP A 338 27.25 -49.98 2.43
C ASP A 338 26.61 -51.34 2.68
N ILE A 339 25.32 -51.43 2.43
CA ILE A 339 24.58 -52.67 2.63
C ILE A 339 25.00 -53.76 1.64
N LEU A 340 25.33 -53.36 0.41
CA LEU A 340 25.73 -54.31 -0.62
C LEU A 340 27.14 -54.89 -0.41
N GLY A 341 27.93 -54.23 0.43
CA GLY A 341 29.28 -54.68 0.68
C GLY A 341 30.12 -54.61 -0.59
N GLY A 342 30.99 -55.60 -0.77
CA GLY A 342 31.85 -55.65 -1.95
C GLY A 342 31.06 -55.59 -3.24
N SER A 343 29.90 -56.25 -3.26
CA SER A 343 29.06 -56.27 -4.44
C SER A 343 28.61 -54.87 -4.87
N GLY A 344 28.64 -53.91 -3.97
CA GLY A 344 28.21 -52.59 -4.33
C GLY A 344 29.20 -51.68 -5.04
N ILE A 345 30.45 -52.09 -5.16
CA ILE A 345 31.46 -51.25 -5.80
C ILE A 345 31.53 -51.47 -7.29
N THR A 346 30.67 -52.32 -7.79
CA THR A 346 30.63 -52.64 -9.20
C THR A 346 29.31 -52.19 -9.80
N LEU A 347 29.35 -51.77 -11.05
CA LEU A 347 28.15 -51.31 -11.74
C LEU A 347 27.15 -52.42 -11.99
N GLU A 348 27.38 -53.55 -11.33
CA GLU A 348 26.48 -54.67 -11.45
C GLU A 348 25.24 -54.37 -10.61
N TYR A 349 25.33 -53.38 -9.72
CA TYR A 349 24.22 -53.06 -8.82
C TYR A 349 23.47 -51.72 -8.80
N HIS A 350 23.75 -50.77 -9.67
CA HIS A 350 22.99 -49.50 -9.62
C HIS A 350 23.25 -48.62 -8.40
N ALA A 351 23.27 -49.22 -7.21
CA ALA A 351 23.47 -48.46 -5.99
C ALA A 351 24.55 -47.39 -6.11
N ILE A 352 25.73 -47.82 -6.58
CA ILE A 352 26.86 -46.91 -6.73
C ILE A 352 26.75 -45.95 -7.91
N ARG A 353 26.01 -46.32 -8.95
CA ARG A 353 25.81 -45.44 -10.09
C ARG A 353 24.90 -44.29 -9.64
N HIS A 354 23.84 -44.61 -8.89
CA HIS A 354 22.95 -43.60 -8.35
C HIS A 354 23.72 -42.76 -7.30
N MET A 355 24.53 -43.44 -6.48
CA MET A 355 25.34 -42.76 -5.48
C MET A 355 26.15 -41.64 -6.11
N LEU A 356 26.89 -41.98 -7.16
CA LEU A 356 27.73 -41.02 -7.88
C LEU A 356 26.90 -39.92 -8.57
N ASN A 357 25.87 -40.33 -9.30
CA ASN A 357 24.99 -39.38 -9.97
C ASN A 357 24.43 -38.36 -8.98
N LEU A 358 23.93 -38.85 -7.85
CA LEU A 358 23.33 -37.99 -6.83
C LEU A 358 24.29 -36.98 -6.23
N GLU A 359 25.58 -37.22 -6.38
CA GLU A 359 26.58 -36.30 -5.87
C GLU A 359 26.44 -35.02 -6.71
N THR A 360 26.17 -35.17 -8.01
CA THR A 360 25.98 -34.03 -8.92
C THR A 360 24.67 -33.30 -8.61
N VAL A 361 23.58 -34.06 -8.57
CA VAL A 361 22.27 -33.50 -8.28
C VAL A 361 22.33 -32.74 -6.96
N TYR A 362 23.14 -33.25 -6.05
CA TYR A 362 23.34 -32.66 -4.75
C TYR A 362 24.06 -31.30 -4.87
N THR A 363 24.75 -31.12 -5.99
CA THR A 363 25.50 -29.90 -6.26
C THR A 363 24.83 -28.86 -7.17
N TYR A 364 24.39 -29.27 -8.35
CA TYR A 364 23.79 -28.32 -9.27
C TYR A 364 22.38 -27.89 -8.90
N GLU A 365 21.88 -26.88 -9.59
CA GLU A 365 20.53 -26.37 -9.30
C GLU A 365 20.48 -25.92 -7.85
N GLY A 366 21.57 -25.30 -7.40
CA GLY A 366 21.66 -24.82 -6.03
C GLY A 366 22.20 -25.89 -5.11
N THR A 367 23.39 -25.71 -4.56
CA THR A 367 23.96 -26.71 -3.65
C THR A 367 23.16 -26.81 -2.34
N HIS A 368 23.47 -27.83 -1.54
CA HIS A 368 22.78 -28.02 -0.27
C HIS A 368 22.84 -26.76 0.56
N ASP A 369 24.02 -26.17 0.65
CA ASP A 369 24.20 -24.95 1.42
C ASP A 369 23.50 -23.69 0.87
N VAL A 370 23.39 -23.51 -0.44
CA VAL A 370 22.70 -22.32 -0.89
C VAL A 370 21.22 -22.39 -0.50
N HIS A 371 20.64 -23.58 -0.58
CA HIS A 371 19.23 -23.74 -0.26
C HIS A 371 19.04 -23.48 1.23
N THR A 372 20.01 -23.91 2.03
CA THR A 372 19.97 -23.68 3.47
C THR A 372 19.90 -22.17 3.69
N LEU A 373 20.70 -21.43 2.93
CA LEU A 373 20.74 -19.97 3.03
C LEU A 373 19.45 -19.36 2.51
N VAL A 374 18.87 -19.98 1.49
CA VAL A 374 17.62 -19.47 0.97
C VAL A 374 16.63 -19.51 2.12
N LEU A 375 16.47 -20.69 2.71
CA LEU A 375 15.56 -20.88 3.83
C LEU A 375 15.93 -19.94 4.97
N GLY A 376 17.23 -19.89 5.30
CA GLY A 376 17.68 -19.03 6.39
C GLY A 376 17.25 -17.60 6.19
N ARG A 377 17.49 -17.08 5.00
CA ARG A 377 17.12 -15.72 4.70
C ARG A 377 15.60 -15.57 4.80
N GLU A 378 14.89 -16.62 4.44
CA GLU A 378 13.45 -16.61 4.47
C GLU A 378 12.93 -16.47 5.87
N ILE A 379 13.54 -17.27 6.72
CA ILE A 379 13.14 -17.31 8.10
C ILE A 379 13.49 -16.06 8.89
N THR A 380 14.71 -15.56 8.69
CA THR A 380 15.17 -14.41 9.45
C THR A 380 15.04 -13.06 8.77
N GLY A 381 14.90 -13.08 7.45
CA GLY A 381 14.79 -11.83 6.72
C GLY A 381 16.19 -11.27 6.52
N LEU A 382 17.21 -11.99 7.01
CA LEU A 382 18.59 -11.54 6.89
C LEU A 382 19.37 -12.36 5.86
N ASN A 383 20.15 -11.67 5.04
CA ASN A 383 20.94 -12.31 4.01
C ASN A 383 22.29 -12.73 4.56
N ALA A 384 22.56 -14.04 4.54
CA ALA A 384 23.82 -14.55 5.06
C ALA A 384 24.73 -15.20 4.02
N PHE A 385 24.36 -15.07 2.74
CA PHE A 385 25.18 -15.64 1.67
C PHE A 385 26.56 -14.97 1.71
N MET B 1 -1.25 -21.32 13.08
CA MET B 1 -0.13 -22.24 13.38
C MET B 1 1.03 -22.03 12.41
N LEU B 2 2.17 -22.65 12.71
CA LEU B 2 3.36 -22.55 11.85
C LEU B 2 2.97 -23.49 10.68
N ASP B 3 3.09 -23.03 9.44
CA ASP B 3 2.65 -23.86 8.31
C ASP B 3 3.28 -23.38 7.01
N PHE B 4 4.54 -23.76 6.79
CA PHE B 4 5.29 -23.37 5.61
C PHE B 4 4.73 -24.02 4.30
N TYR B 5 4.07 -25.18 4.35
CA TYR B 5 3.53 -25.76 3.10
C TYR B 5 2.02 -25.56 2.98
N ALA B 6 1.48 -24.62 3.75
CA ALA B 6 0.05 -24.29 3.75
C ALA B 6 -0.88 -25.50 3.83
N LEU B 7 -0.65 -26.36 4.81
CA LEU B 7 -1.47 -27.55 4.98
C LEU B 7 -2.85 -27.18 5.54
N GLU B 8 -2.94 -25.99 6.12
CA GLU B 8 -4.21 -25.52 6.67
C GLU B 8 -5.23 -25.47 5.55
N ASP B 9 -4.72 -25.48 4.32
CA ASP B 9 -5.55 -25.46 3.13
C ASP B 9 -6.22 -26.81 2.95
N LEU B 10 -5.64 -27.83 3.56
CA LEU B 10 -6.19 -29.18 3.43
C LEU B 10 -7.14 -29.49 4.57
N LEU B 11 -7.44 -28.49 5.39
CA LEU B 11 -8.32 -28.67 6.54
C LEU B 11 -9.72 -28.11 6.35
N THR B 12 -10.70 -28.80 6.93
CA THR B 12 -12.08 -28.36 6.85
C THR B 12 -12.21 -27.15 7.76
N PRO B 13 -13.30 -26.41 7.65
CA PRO B 13 -13.54 -25.23 8.49
C PRO B 13 -13.65 -25.62 9.95
N GLU B 14 -14.32 -26.74 10.22
CA GLU B 14 -14.50 -27.24 11.58
C GLU B 14 -13.15 -27.60 12.21
N GLU B 15 -12.30 -28.26 11.44
CA GLU B 15 -11.00 -28.69 11.94
C GLU B 15 -10.13 -27.49 12.18
N LYS B 16 -10.37 -26.43 11.41
CA LYS B 16 -9.59 -25.22 11.59
C LYS B 16 -10.07 -24.40 12.75
N GLU B 17 -11.34 -24.56 13.12
CA GLU B 17 -11.86 -23.81 14.23
C GLU B 17 -11.49 -24.47 15.54
N VAL B 18 -11.46 -25.79 15.58
CA VAL B 18 -11.10 -26.46 16.83
C VAL B 18 -9.67 -26.04 17.17
N GLN B 19 -8.87 -25.78 16.14
CA GLN B 19 -7.48 -25.37 16.33
C GLN B 19 -7.38 -23.96 16.86
N LYS B 20 -8.13 -23.04 16.26
CA LYS B 20 -8.10 -21.67 16.72
C LYS B 20 -8.58 -21.61 18.16
N ALA B 21 -9.71 -22.24 18.45
CA ALA B 21 -10.27 -22.27 19.80
C ALA B 21 -9.30 -22.88 20.80
N ALA B 22 -8.71 -24.00 20.43
CA ALA B 22 -7.78 -24.68 21.32
C ALA B 22 -6.63 -23.74 21.71
N ARG B 23 -6.06 -23.04 20.74
CA ARG B 23 -4.96 -22.13 21.03
C ARG B 23 -5.40 -20.97 21.89
N ARG B 24 -6.56 -20.41 21.60
CA ARG B 24 -7.04 -19.28 22.40
C ARG B 24 -7.21 -19.68 23.86
N PHE B 25 -7.80 -20.85 24.08
CA PHE B 25 -8.02 -21.36 25.43
C PHE B 25 -6.68 -21.54 26.14
N LEU B 26 -5.81 -22.38 25.58
CA LEU B 26 -4.51 -22.70 26.16
C LEU B 26 -3.62 -21.50 26.38
N GLU B 27 -3.71 -20.52 25.50
CA GLU B 27 -2.88 -19.33 25.58
C GLU B 27 -3.25 -18.47 26.79
N LYS B 28 -4.55 -18.35 27.02
CA LYS B 28 -5.07 -17.56 28.11
C LYS B 28 -5.02 -18.30 29.42
N GLU B 29 -5.30 -19.60 29.36
CA GLU B 29 -5.41 -20.41 30.55
C GLU B 29 -4.33 -21.39 30.99
N ALA B 30 -3.34 -21.67 30.14
CA ALA B 30 -2.33 -22.62 30.54
C ALA B 30 -0.90 -22.11 30.37
N LEU B 31 -0.64 -21.51 29.22
CA LEU B 31 0.69 -21.01 28.94
C LEU B 31 1.23 -20.09 30.03
N PRO B 32 0.41 -19.15 30.53
CA PRO B 32 0.87 -18.25 31.59
C PRO B 32 1.35 -18.91 32.87
N HIS B 33 1.06 -20.19 33.07
CA HIS B 33 1.45 -20.89 34.30
C HIS B 33 2.28 -22.14 34.14
N ILE B 34 2.37 -22.65 32.92
CA ILE B 34 3.09 -23.89 32.68
C ILE B 34 4.46 -23.93 33.34
N ARG B 35 5.13 -22.79 33.37
CA ARG B 35 6.46 -22.70 33.95
C ARG B 35 6.47 -23.06 35.44
N ASP B 36 5.53 -22.50 36.19
CA ASP B 36 5.45 -22.75 37.62
C ASP B 36 4.94 -24.16 37.91
N TRP B 37 3.98 -24.61 37.13
CA TRP B 37 3.45 -25.95 37.30
C TRP B 37 4.50 -27.04 37.03
N TRP B 38 5.25 -26.89 35.93
CA TRP B 38 6.29 -27.86 35.59
C TRP B 38 7.39 -27.79 36.64
N GLU B 39 7.61 -26.58 37.14
CA GLU B 39 8.60 -26.34 38.15
C GLU B 39 8.28 -27.08 39.43
N GLU B 40 7.13 -26.78 40.01
CA GLU B 40 6.77 -27.45 41.24
C GLU B 40 6.30 -28.87 40.96
N GLY B 41 6.40 -29.26 39.70
CA GLY B 41 6.03 -30.60 39.30
C GLY B 41 4.62 -31.01 39.63
N VAL B 42 3.68 -30.19 39.21
CA VAL B 42 2.29 -30.52 39.47
C VAL B 42 1.43 -30.47 38.21
N PHE B 43 0.41 -31.31 38.16
CA PHE B 43 -0.48 -31.31 37.03
C PHE B 43 -1.73 -30.54 37.41
N PRO B 44 -2.11 -29.53 36.61
CA PRO B 44 -3.28 -28.69 36.86
C PRO B 44 -4.65 -29.37 36.68
N THR B 45 -5.11 -30.08 37.71
CA THR B 45 -6.39 -30.77 37.66
C THR B 45 -7.57 -29.88 37.29
N HIS B 46 -7.56 -28.64 37.75
CA HIS B 46 -8.66 -27.72 37.47
C HIS B 46 -8.84 -27.55 35.97
N LEU B 47 -7.84 -27.93 35.20
CA LEU B 47 -7.92 -27.80 33.76
C LEU B 47 -8.66 -28.95 33.11
N ILE B 48 -8.80 -30.06 33.84
CA ILE B 48 -9.48 -31.23 33.33
C ILE B 48 -10.92 -30.92 32.94
N PRO B 49 -11.67 -30.21 33.80
CA PRO B 49 -13.06 -29.89 33.47
C PRO B 49 -13.10 -28.95 32.26
N ARG B 50 -12.07 -28.15 32.13
CA ARG B 50 -11.97 -27.20 31.02
C ARG B 50 -11.73 -27.94 29.72
N PHE B 51 -10.86 -28.94 29.74
CA PHE B 51 -10.61 -29.73 28.54
C PHE B 51 -11.93 -30.36 28.13
N ALA B 52 -12.64 -30.91 29.11
CA ALA B 52 -13.92 -31.54 28.86
C ALA B 52 -14.87 -30.60 28.14
N GLU B 53 -14.96 -29.37 28.65
CA GLU B 53 -15.83 -28.33 28.09
C GLU B 53 -15.53 -28.06 26.62
N LEU B 54 -14.24 -28.05 26.33
CA LEU B 54 -13.80 -27.79 24.97
C LEU B 54 -13.92 -29.00 24.06
N GLY B 55 -14.19 -30.16 24.65
CA GLY B 55 -14.34 -31.37 23.85
C GLY B 55 -13.03 -32.06 23.52
N PHE B 56 -12.02 -31.89 24.38
CA PHE B 56 -10.69 -32.50 24.18
C PHE B 56 -10.68 -33.96 24.58
N LEU B 57 -11.60 -34.31 25.47
CA LEU B 57 -11.69 -35.68 25.96
C LEU B 57 -12.50 -36.57 25.03
N GLY B 58 -11.80 -37.48 24.35
CA GLY B 58 -12.43 -38.41 23.42
C GLY B 58 -13.13 -37.65 22.30
N PRO B 59 -12.43 -36.70 21.68
CA PRO B 59 -12.95 -35.87 20.59
C PRO B 59 -13.58 -36.56 19.38
N THR B 60 -13.00 -37.67 18.92
CA THR B 60 -13.57 -38.38 17.78
C THR B 60 -14.73 -39.33 18.13
N LEU B 61 -14.88 -39.70 19.40
CA LEU B 61 -15.95 -40.60 19.77
C LEU B 61 -17.34 -40.01 19.48
N PRO B 62 -18.34 -40.88 19.24
CA PRO B 62 -19.73 -40.53 18.95
C PRO B 62 -20.45 -39.77 20.08
N PRO B 63 -21.17 -38.70 19.70
CA PRO B 63 -21.89 -37.88 20.67
C PRO B 63 -22.79 -38.69 21.60
N GLU B 64 -23.29 -39.84 21.13
CA GLU B 64 -24.15 -40.71 21.93
C GLU B 64 -23.45 -41.01 23.23
N TYR B 65 -22.13 -41.07 23.15
CA TYR B 65 -21.28 -41.43 24.24
C TYR B 65 -20.70 -40.27 24.99
N GLY B 66 -21.15 -39.07 24.63
CA GLY B 66 -20.63 -37.89 25.27
C GLY B 66 -19.46 -37.36 24.48
N GLY B 67 -19.21 -37.96 23.34
CA GLY B 67 -18.09 -37.56 22.49
C GLY B 67 -18.40 -36.40 21.56
N ALA B 68 -17.35 -35.69 21.13
CA ALA B 68 -17.50 -34.55 20.23
C ALA B 68 -17.70 -34.98 18.78
N GLY B 69 -17.44 -36.25 18.50
CA GLY B 69 -17.62 -36.76 17.16
C GLY B 69 -16.97 -35.98 16.02
N VAL B 70 -15.81 -35.38 16.29
CA VAL B 70 -15.10 -34.63 15.25
C VAL B 70 -14.10 -35.57 14.57
N SER B 71 -13.37 -35.06 13.59
CA SER B 71 -12.41 -35.88 12.85
C SER B 71 -11.11 -36.19 13.58
N SER B 72 -10.31 -37.05 12.96
CA SER B 72 -9.02 -37.46 13.51
C SER B 72 -8.07 -36.30 13.40
N ALA B 73 -8.18 -35.57 12.30
CA ALA B 73 -7.35 -34.40 12.05
C ALA B 73 -7.58 -33.41 13.19
N ALA B 74 -8.84 -33.22 13.56
CA ALA B 74 -9.19 -32.34 14.66
C ALA B 74 -8.56 -32.79 15.98
N TYR B 75 -8.54 -34.11 16.23
CA TYR B 75 -7.95 -34.67 17.46
C TYR B 75 -6.48 -34.35 17.36
N GLY B 76 -5.90 -34.63 16.18
CA GLY B 76 -4.48 -34.35 15.97
C GLY B 76 -4.16 -32.89 16.22
N LEU B 77 -5.10 -32.02 15.84
CA LEU B 77 -4.94 -30.58 16.00
C LEU B 77 -5.02 -30.11 17.44
N ILE B 78 -5.85 -30.74 18.27
CA ILE B 78 -5.92 -30.33 19.64
C ILE B 78 -4.63 -30.83 20.31
N CYS B 79 -4.20 -32.02 19.94
CA CYS B 79 -2.97 -32.57 20.50
C CYS B 79 -1.84 -31.60 20.21
N TYR B 80 -1.84 -31.13 18.97
CA TYR B 80 -0.84 -30.19 18.48
C TYR B 80 -0.74 -28.99 19.38
N GLU B 81 -1.87 -28.32 19.60
CA GLU B 81 -1.90 -27.13 20.44
C GLU B 81 -1.56 -27.41 21.90
N LEU B 82 -2.01 -28.56 22.40
CA LEU B 82 -1.74 -28.95 23.77
C LEU B 82 -0.23 -29.12 24.00
N GLU B 83 0.42 -29.88 23.12
CA GLU B 83 1.86 -30.14 23.23
C GLU B 83 2.67 -28.88 23.02
N ARG B 84 2.12 -27.98 22.23
CA ARG B 84 2.78 -26.72 21.95
C ARG B 84 2.96 -25.94 23.25
N VAL B 85 2.13 -26.24 24.25
CA VAL B 85 2.24 -25.60 25.55
C VAL B 85 3.13 -26.48 26.40
N ASP B 86 2.75 -27.75 26.56
CA ASP B 86 3.53 -28.71 27.33
C ASP B 86 3.06 -30.14 27.07
N SER B 87 4.00 -31.04 26.87
CA SER B 87 3.69 -32.44 26.62
C SER B 87 2.83 -33.06 27.72
N GLY B 88 2.98 -32.58 28.95
CA GLY B 88 2.20 -33.10 30.06
C GLY B 88 0.71 -32.89 29.91
N LEU B 89 0.35 -31.73 29.35
CA LEU B 89 -1.06 -31.41 29.12
C LEU B 89 -1.60 -32.26 27.97
N ARG B 90 -0.76 -32.54 26.99
CA ARG B 90 -1.16 -33.38 25.87
C ARG B 90 -1.28 -34.84 26.34
N SER B 91 -0.38 -35.26 27.22
CA SER B 91 -0.39 -36.62 27.76
C SER B 91 -1.73 -36.94 28.40
N PHE B 92 -2.25 -36.04 29.22
CA PHE B 92 -3.53 -36.29 29.87
C PHE B 92 -4.63 -36.60 28.84
N VAL B 93 -4.68 -35.79 27.79
CA VAL B 93 -5.69 -36.02 26.79
C VAL B 93 -5.49 -37.30 25.98
N SER B 94 -4.25 -37.70 25.74
CA SER B 94 -3.97 -38.93 25.01
C SER B 94 -4.41 -40.12 25.85
N VAL B 95 -4.04 -40.10 27.12
CA VAL B 95 -4.41 -41.18 28.02
C VAL B 95 -5.93 -41.32 28.09
N GLN B 96 -6.60 -40.23 28.45
CA GLN B 96 -8.06 -40.22 28.58
C GLN B 96 -8.78 -40.59 27.29
N SER B 97 -8.29 -40.09 26.17
CA SER B 97 -8.92 -40.36 24.89
C SER B 97 -8.53 -41.65 24.17
N SER B 98 -7.24 -41.92 24.07
CA SER B 98 -6.82 -43.10 23.34
C SER B 98 -6.39 -44.31 24.12
N LEU B 99 -6.19 -44.15 25.43
CA LEU B 99 -5.77 -45.29 26.24
C LEU B 99 -6.82 -45.70 27.26
N VAL B 100 -7.87 -44.90 27.37
CA VAL B 100 -8.93 -45.20 28.30
C VAL B 100 -10.24 -45.17 27.54
N MET B 101 -10.62 -44.00 27.05
CA MET B 101 -11.85 -43.86 26.27
C MET B 101 -11.93 -44.92 25.17
N TYR B 102 -10.88 -44.97 24.35
CA TYR B 102 -10.83 -45.86 23.20
C TYR B 102 -11.06 -47.33 23.47
N PRO B 103 -10.24 -47.95 24.34
CA PRO B 103 -10.49 -49.37 24.59
C PRO B 103 -11.92 -49.69 25.11
N ILE B 104 -12.50 -48.82 25.93
CA ILE B 104 -13.84 -49.05 26.45
C ILE B 104 -14.82 -49.07 25.27
N TYR B 105 -14.62 -48.13 24.37
CA TYR B 105 -15.45 -47.97 23.19
C TYR B 105 -15.28 -49.12 22.16
N ALA B 106 -14.03 -49.47 21.91
CA ALA B 106 -13.67 -50.51 20.97
C ALA B 106 -13.91 -51.91 21.52
N TYR B 107 -13.66 -52.13 22.80
CA TYR B 107 -13.83 -53.49 23.28
C TYR B 107 -14.72 -53.64 24.50
N GLY B 108 -15.43 -52.57 24.86
CA GLY B 108 -16.25 -52.67 26.06
C GLY B 108 -17.66 -53.17 25.87
N SER B 109 -18.26 -53.62 26.97
CA SER B 109 -19.64 -54.10 26.92
C SER B 109 -20.45 -52.84 26.72
N GLU B 110 -21.71 -53.00 26.39
CA GLU B 110 -22.56 -51.85 26.19
C GLU B 110 -22.79 -51.18 27.55
N GLU B 111 -22.77 -51.99 28.61
CA GLU B 111 -22.97 -51.49 29.96
C GLU B 111 -21.79 -50.62 30.36
N GLN B 112 -20.58 -51.11 30.06
CA GLN B 112 -19.36 -50.38 30.39
C GLN B 112 -19.31 -49.07 29.62
N LYS B 113 -19.68 -49.14 28.36
CA LYS B 113 -19.72 -48.02 27.47
C LYS B 113 -20.66 -46.84 27.78
N ARG B 114 -21.91 -47.14 28.10
CA ARG B 114 -22.82 -46.07 28.39
C ARG B 114 -22.48 -45.50 29.73
N GLU B 115 -21.86 -46.37 30.52
CA GLU B 115 -21.51 -46.00 31.87
C GLU B 115 -20.34 -45.05 31.94
N PHE B 116 -19.23 -45.55 31.42
CA PHE B 116 -17.98 -44.86 31.48
C PHE B 116 -17.69 -43.73 30.51
N LEU B 117 -17.95 -43.93 29.22
CA LEU B 117 -17.62 -42.88 28.24
C LEU B 117 -18.07 -41.43 28.42
N PRO B 118 -19.31 -41.20 28.86
CA PRO B 118 -19.75 -39.81 29.03
C PRO B 118 -19.11 -39.10 30.23
N LYS B 119 -18.85 -39.86 31.30
CA LYS B 119 -18.23 -39.29 32.50
C LYS B 119 -16.79 -38.98 32.20
N LEU B 120 -16.15 -39.91 31.50
CA LEU B 120 -14.78 -39.72 31.12
C LEU B 120 -14.74 -38.54 30.17
N ALA B 121 -15.74 -38.42 29.30
CA ALA B 121 -15.70 -37.33 28.38
C ALA B 121 -16.08 -35.95 28.91
N ARG B 122 -16.76 -35.86 30.05
CA ARG B 122 -17.06 -34.51 30.58
C ARG B 122 -15.98 -34.20 31.63
N GLY B 123 -14.92 -35.03 31.67
CA GLY B 123 -13.81 -34.85 32.60
C GLY B 123 -14.27 -35.05 34.01
N GLU B 124 -15.16 -36.02 34.16
CA GLU B 124 -15.76 -36.30 35.43
C GLU B 124 -15.20 -37.54 36.14
N MET B 125 -14.60 -38.45 35.38
CA MET B 125 -13.98 -39.63 35.99
C MET B 125 -12.75 -40.10 35.22
N VAL B 126 -11.56 -39.77 35.72
CA VAL B 126 -10.38 -39.74 34.87
C VAL B 126 -9.72 -41.09 34.88
N GLY B 127 -9.24 -41.54 33.73
CA GLY B 127 -8.67 -42.87 33.67
C GLY B 127 -7.17 -43.01 33.38
N CYS B 128 -6.70 -44.26 33.39
CA CYS B 128 -5.30 -44.50 33.12
C CYS B 128 -5.16 -45.82 32.38
N PHE B 129 -3.94 -46.10 31.96
CA PHE B 129 -3.67 -47.27 31.15
C PHE B 129 -2.42 -47.95 31.72
N GLY B 130 -2.64 -49.11 32.34
CA GLY B 130 -1.54 -49.85 32.94
C GLY B 130 -1.07 -51.05 32.14
N LEU B 131 -0.05 -50.83 31.32
CA LEU B 131 0.51 -51.88 30.50
C LEU B 131 1.96 -52.18 30.88
N THR B 132 2.77 -51.14 30.97
CA THR B 132 4.17 -51.30 31.29
C THR B 132 4.46 -51.86 32.67
N GLU B 133 5.48 -52.70 32.75
CA GLU B 133 5.90 -53.32 34.01
C GLU B 133 7.39 -53.07 34.26
N PRO B 134 7.83 -53.29 35.49
CA PRO B 134 9.23 -53.12 35.90
C PRO B 134 10.31 -53.82 35.07
N ASP B 135 9.98 -54.89 34.36
CA ASP B 135 11.02 -55.59 33.62
C ASP B 135 11.30 -55.11 32.20
N GLY B 136 10.50 -54.15 31.72
CA GLY B 136 10.75 -53.63 30.38
C GLY B 136 9.51 -53.45 29.52
N GLY B 137 9.11 -52.20 29.31
CA GLY B 137 7.92 -51.91 28.52
C GLY B 137 8.01 -52.13 27.02
N SER B 138 9.21 -52.43 26.51
CA SER B 138 9.35 -52.65 25.08
C SER B 138 8.83 -54.01 24.67
N ASP B 139 8.78 -54.94 25.63
CA ASP B 139 8.24 -56.27 25.41
C ASP B 139 6.97 -56.23 26.25
N PRO B 140 5.86 -55.69 25.70
CA PRO B 140 4.65 -55.63 26.52
C PRO B 140 3.99 -56.95 26.80
N TYR B 141 4.29 -57.94 25.97
CA TYR B 141 3.72 -59.24 26.14
C TYR B 141 4.64 -60.10 27.00
N GLY B 142 5.94 -60.01 26.71
CA GLY B 142 6.93 -60.78 27.41
C GLY B 142 7.04 -60.42 28.84
N ASN B 143 7.14 -59.12 29.11
CA ASN B 143 7.30 -58.65 30.46
C ASN B 143 6.00 -58.47 31.28
N MET B 144 4.91 -59.09 30.85
CA MET B 144 3.63 -58.91 31.54
C MET B 144 3.43 -59.96 32.63
N LYS B 145 3.88 -59.66 33.85
CA LYS B 145 3.87 -60.66 34.90
C LYS B 145 2.59 -60.54 35.74
N THR B 146 1.75 -59.55 35.44
CA THR B 146 0.50 -59.36 36.18
C THR B 146 -0.46 -60.47 35.83
N ARG B 147 -0.93 -61.18 36.84
CA ARG B 147 -1.83 -62.29 36.62
C ARG B 147 -3.29 -62.00 36.91
N ALA B 148 -4.15 -62.75 36.22
CA ALA B 148 -5.59 -62.67 36.38
C ALA B 148 -6.19 -64.07 36.37
N ARG B 149 -6.72 -64.52 37.51
CA ARG B 149 -7.31 -65.84 37.66
C ARG B 149 -8.81 -65.73 37.98
N ARG B 150 -9.64 -66.47 37.25
CA ARG B 150 -11.08 -66.45 37.48
C ARG B 150 -11.54 -67.52 38.48
N ASP B 153 -16.91 -66.15 38.92
CA ASP B 153 -17.39 -64.98 38.19
C ASP B 153 -16.69 -63.66 38.55
N THR B 154 -15.59 -63.76 39.27
CA THR B 154 -14.84 -62.57 39.62
C THR B 154 -13.39 -62.96 39.32
N TRP B 155 -12.53 -61.99 39.11
CA TRP B 155 -11.13 -62.29 38.81
C TRP B 155 -10.21 -61.60 39.79
N VAL B 156 -9.25 -62.35 40.32
CA VAL B 156 -8.30 -61.80 41.26
C VAL B 156 -7.05 -61.43 40.46
N LEU B 157 -6.61 -60.19 40.59
CA LEU B 157 -5.44 -59.70 39.87
C LEU B 157 -4.29 -59.43 40.81
N ASN B 158 -3.09 -59.76 40.33
CA ASN B 158 -1.86 -59.58 41.07
C ASN B 158 -0.79 -59.19 40.07
N GLY B 159 -0.12 -58.09 40.37
CA GLY B 159 0.92 -57.63 39.47
C GLY B 159 1.28 -56.21 39.79
N THR B 160 2.28 -55.69 39.09
CA THR B 160 2.73 -54.32 39.28
C THR B 160 2.87 -53.62 37.94
N LYS B 161 2.61 -52.32 37.94
CA LYS B 161 2.73 -51.51 36.74
C LYS B 161 3.59 -50.31 37.06
N MET B 162 4.51 -49.99 36.17
CA MET B 162 5.40 -48.86 36.38
C MET B 162 5.15 -47.74 35.39
N TRP B 163 5.44 -46.52 35.82
CA TRP B 163 5.33 -45.33 34.98
C TRP B 163 3.92 -45.16 34.41
N ILE B 164 2.88 -45.25 35.22
CA ILE B 164 1.53 -45.09 34.69
C ILE B 164 1.00 -43.66 34.84
N THR B 165 0.75 -43.02 33.71
CA THR B 165 0.24 -41.65 33.71
C THR B 165 -1.14 -41.64 34.34
N ASN B 166 -1.45 -40.59 35.09
CA ASN B 166 -2.74 -40.45 35.78
C ASN B 166 -2.92 -41.50 36.87
N GLY B 167 -1.84 -42.20 37.21
CA GLY B 167 -1.90 -43.22 38.24
C GLY B 167 -2.62 -42.80 39.51
N ASN B 168 -2.29 -41.62 40.02
CA ASN B 168 -2.91 -41.15 41.26
C ASN B 168 -4.12 -40.25 41.06
N LEU B 169 -4.50 -40.02 39.82
CA LEU B 169 -5.66 -39.18 39.55
C LEU B 169 -6.85 -40.03 39.16
N ALA B 170 -6.58 -41.23 38.66
CA ALA B 170 -7.61 -42.13 38.16
C ALA B 170 -8.53 -42.85 39.15
N HIS B 171 -9.78 -43.01 38.74
CA HIS B 171 -10.77 -43.73 39.51
C HIS B 171 -10.87 -45.06 38.82
N LEU B 172 -10.56 -45.04 37.53
CA LEU B 172 -10.60 -46.24 36.73
C LEU B 172 -9.23 -46.53 36.13
N ALA B 173 -8.81 -47.78 36.24
CA ALA B 173 -7.50 -48.19 35.75
C ALA B 173 -7.64 -49.36 34.80
N VAL B 174 -7.31 -49.14 33.53
CA VAL B 174 -7.38 -50.20 32.52
C VAL B 174 -6.14 -51.06 32.70
N ILE B 175 -6.26 -52.17 33.42
CA ILE B 175 -5.11 -53.03 33.63
C ILE B 175 -5.08 -54.16 32.60
N TRP B 176 -3.91 -54.40 32.04
CA TRP B 176 -3.71 -55.48 31.07
C TRP B 176 -2.94 -56.56 31.80
N ALA B 177 -3.43 -57.79 31.70
CA ALA B 177 -2.86 -58.94 32.40
C ALA B 177 -3.03 -60.26 31.63
N LYS B 178 -2.51 -61.33 32.21
CA LYS B 178 -2.60 -62.64 31.62
C LYS B 178 -3.29 -63.63 32.56
N ASP B 179 -3.63 -64.80 32.02
CA ASP B 179 -4.28 -65.85 32.78
C ASP B 179 -3.53 -67.16 32.57
N GLU B 183 -2.50 -65.43 27.56
CA GLU B 183 -3.40 -64.59 26.76
C GLU B 183 -3.87 -63.40 27.54
N VAL B 184 -3.59 -62.27 26.89
CA VAL B 184 -3.87 -60.96 27.40
C VAL B 184 -5.34 -60.61 27.49
N LEU B 185 -5.71 -60.08 28.64
CA LEU B 185 -7.07 -59.68 28.90
C LEU B 185 -6.99 -58.24 29.35
N GLY B 186 -8.08 -57.51 29.12
CA GLY B 186 -8.11 -56.11 29.49
C GLY B 186 -9.13 -55.87 30.59
N PHE B 187 -8.74 -55.20 31.67
CA PHE B 187 -9.70 -55.04 32.73
C PHE B 187 -10.39 -53.70 32.83
N LEU B 188 -10.29 -52.95 33.93
CA LEU B 188 -11.01 -51.66 34.12
C LEU B 188 -11.36 -51.85 35.53
N VAL B 189 -10.33 -51.63 36.31
CA VAL B 189 -10.27 -51.75 37.73
C VAL B 189 -10.50 -50.42 38.43
N PRO B 190 -11.50 -50.36 39.33
CA PRO B 190 -11.72 -49.11 40.04
C PRO B 190 -10.48 -48.99 40.91
N THR B 191 -10.01 -47.79 41.14
CA THR B 191 -8.80 -47.62 41.92
C THR B 191 -8.99 -47.72 43.43
N ASP B 192 -10.24 -47.83 43.89
CA ASP B 192 -10.49 -47.93 45.33
C ASP B 192 -10.82 -49.34 45.82
N THR B 193 -10.88 -50.30 44.91
CA THR B 193 -11.18 -51.68 45.29
C THR B 193 -9.98 -52.23 46.07
N PRO B 194 -10.20 -52.63 47.32
CA PRO B 194 -9.11 -53.16 48.16
C PRO B 194 -8.02 -53.98 47.47
N GLY B 195 -6.78 -53.73 47.88
CA GLY B 195 -5.63 -54.45 47.33
C GLY B 195 -4.95 -53.71 46.20
N PHE B 196 -5.51 -52.55 45.85
CA PHE B 196 -5.00 -51.72 44.77
C PHE B 196 -4.34 -50.46 45.32
N GLN B 197 -3.04 -50.31 45.08
CA GLN B 197 -2.32 -49.15 45.57
C GLN B 197 -1.65 -48.41 44.41
N ALA B 198 -1.66 -47.09 44.47
CA ALA B 198 -1.02 -46.25 43.46
C ALA B 198 -0.08 -45.29 44.16
N ARG B 199 1.20 -45.37 43.85
CA ARG B 199 2.17 -44.49 44.45
C ARG B 199 2.85 -43.66 43.36
N GLU B 200 2.93 -42.35 43.58
CA GLU B 200 3.56 -41.46 42.62
C GLU B 200 5.06 -41.63 42.53
N VAL B 201 5.60 -41.34 41.35
CA VAL B 201 7.02 -41.43 41.08
C VAL B 201 7.57 -40.03 41.35
N LYS B 202 8.68 -39.93 42.07
CA LYS B 202 9.22 -38.60 42.36
C LYS B 202 10.64 -38.47 41.81
N ARG B 203 11.24 -37.27 41.92
CA ARG B 203 12.58 -36.99 41.38
C ARG B 203 12.58 -36.97 39.85
N LYS B 204 11.40 -36.73 39.27
CA LYS B 204 11.22 -36.65 37.81
C LYS B 204 11.77 -35.40 37.20
N MET B 205 12.63 -35.56 36.21
CA MET B 205 13.27 -34.45 35.52
C MET B 205 12.48 -34.08 34.29
N SER B 206 11.64 -35.01 33.86
CA SER B 206 10.92 -34.90 32.60
C SER B 206 9.40 -35.09 32.85
N LEU B 207 8.59 -34.41 32.04
CA LEU B 207 7.14 -34.50 32.12
C LEU B 207 6.70 -34.26 33.56
N ARG B 208 7.21 -33.18 34.15
CA ARG B 208 6.91 -32.83 35.53
C ARG B 208 5.47 -32.32 35.71
N ALA B 209 4.90 -31.75 34.65
CA ALA B 209 3.52 -31.26 34.72
C ALA B 209 2.64 -32.44 34.29
N SER B 210 2.61 -33.47 35.13
CA SER B 210 1.85 -34.70 34.87
C SER B 210 2.09 -35.67 36.03
N VAL B 211 1.10 -36.49 36.38
CA VAL B 211 1.32 -37.44 37.48
C VAL B 211 1.62 -38.84 36.93
N THR B 212 2.71 -39.40 37.41
CA THR B 212 3.16 -40.72 36.99
C THR B 212 3.19 -41.57 38.24
N SER B 213 2.58 -42.74 38.18
CA SER B 213 2.56 -43.58 39.35
C SER B 213 2.96 -44.99 39.05
N GLU B 214 3.01 -45.76 40.13
CA GLU B 214 3.31 -47.17 40.04
C GLU B 214 2.03 -47.80 40.54
N LEU B 215 1.62 -48.90 39.94
CA LEU B 215 0.41 -49.53 40.41
C LEU B 215 0.76 -50.88 41.00
N VAL B 216 0.31 -51.11 42.22
CA VAL B 216 0.57 -52.39 42.86
C VAL B 216 -0.78 -53.02 43.12
N LEU B 217 -1.03 -54.13 42.45
CA LEU B 217 -2.27 -54.86 42.63
C LEU B 217 -2.01 -56.09 43.45
N GLU B 218 -2.55 -56.10 44.66
CA GLU B 218 -2.39 -57.22 45.57
C GLU B 218 -3.76 -57.89 45.79
N GLU B 219 -4.00 -59.01 45.08
CA GLU B 219 -5.21 -59.78 45.20
C GLU B 219 -6.48 -59.02 44.87
N VAL B 220 -6.33 -58.04 43.98
CA VAL B 220 -7.44 -57.22 43.59
C VAL B 220 -8.58 -58.00 42.94
N ARG B 221 -9.77 -57.86 43.52
CA ARG B 221 -10.98 -58.54 43.04
C ARG B 221 -11.76 -57.68 42.02
N VAL B 222 -12.02 -58.19 40.81
CA VAL B 222 -12.80 -57.44 39.82
C VAL B 222 -13.78 -58.34 39.07
N PRO B 223 -15.08 -58.02 39.18
CA PRO B 223 -16.15 -58.79 38.53
C PRO B 223 -15.91 -58.94 37.04
N GLU B 224 -16.50 -59.94 36.40
CA GLU B 224 -16.33 -60.12 34.97
C GLU B 224 -17.11 -59.02 34.26
N SER B 225 -18.06 -58.42 34.96
CA SER B 225 -18.84 -57.37 34.34
C SER B 225 -17.89 -56.18 34.15
N LEU B 226 -16.72 -56.24 34.77
CA LEU B 226 -15.76 -55.16 34.65
C LEU B 226 -14.62 -55.51 33.74
N ARG B 227 -14.74 -56.60 33.00
CA ARG B 227 -13.69 -56.98 32.08
C ARG B 227 -14.11 -56.60 30.69
N LEU B 228 -13.14 -56.13 29.91
CA LEU B 228 -13.42 -55.76 28.54
C LEU B 228 -13.65 -57.04 27.77
N PRO B 229 -14.91 -57.30 27.42
CA PRO B 229 -15.34 -58.50 26.68
C PRO B 229 -14.56 -58.73 25.41
N LYS B 230 -14.51 -57.72 24.56
CA LYS B 230 -13.78 -57.87 23.31
C LYS B 230 -12.27 -57.67 23.36
N ALA B 231 -11.73 -57.13 24.45
CA ALA B 231 -10.29 -56.90 24.52
C ALA B 231 -9.52 -58.23 24.63
N LEU B 232 -9.12 -58.72 23.45
CA LEU B 232 -8.45 -59.98 23.30
C LEU B 232 -7.10 -59.98 22.66
N GLY B 233 -6.06 -60.29 23.44
CA GLY B 233 -4.76 -60.36 22.82
C GLY B 233 -3.96 -59.10 22.85
N LEU B 234 -2.69 -59.29 22.49
CA LEU B 234 -1.79 -58.19 22.50
C LEU B 234 -2.29 -57.14 21.58
N LYS B 235 -2.97 -57.57 20.53
CA LYS B 235 -3.51 -56.64 19.56
C LYS B 235 -4.42 -55.57 20.15
N ALA B 236 -5.07 -55.84 21.28
CA ALA B 236 -6.00 -54.85 21.81
C ALA B 236 -5.30 -53.69 22.52
N PRO B 237 -4.40 -54.01 23.47
CA PRO B 237 -3.77 -52.86 24.14
C PRO B 237 -2.90 -52.14 23.09
N LEU B 238 -2.42 -52.89 22.12
CA LEU B 238 -1.60 -52.31 21.07
C LEU B 238 -2.35 -51.31 20.20
N SER B 239 -3.55 -51.65 19.76
CA SER B 239 -4.31 -50.72 18.95
C SER B 239 -4.53 -49.42 19.75
N CYS B 240 -4.54 -49.52 21.08
CA CYS B 240 -4.73 -48.30 21.86
C CYS B 240 -3.46 -47.47 21.72
N LEU B 241 -2.30 -48.12 21.62
CA LEU B 241 -1.09 -47.34 21.47
C LEU B 241 -1.08 -46.68 20.07
N THR B 242 -1.55 -47.38 19.03
CA THR B 242 -1.59 -46.79 17.68
C THR B 242 -2.38 -45.46 17.69
N GLN B 243 -3.55 -45.42 18.36
CA GLN B 243 -4.41 -44.22 18.44
C GLN B 243 -3.68 -43.06 19.09
N ALA B 244 -3.06 -43.36 20.22
CA ALA B 244 -2.33 -42.39 20.98
C ALA B 244 -1.12 -41.87 20.20
N ARG B 245 -0.42 -42.78 19.52
CA ARG B 245 0.77 -42.37 18.79
C ARG B 245 0.43 -41.39 17.66
N PHE B 246 -0.82 -41.43 17.20
CA PHE B 246 -1.27 -40.58 16.12
C PHE B 246 -1.31 -39.13 16.58
N GLY B 247 -1.93 -38.87 17.73
CA GLY B 247 -1.99 -37.53 18.25
C GLY B 247 -0.61 -37.09 18.71
N ILE B 248 0.25 -38.04 19.12
CA ILE B 248 1.58 -37.66 19.54
C ILE B 248 2.34 -37.18 18.32
N ALA B 249 2.17 -37.84 17.18
CA ALA B 249 2.90 -37.38 16.01
C ALA B 249 2.51 -35.96 15.72
N TRP B 250 1.26 -35.60 16.05
CA TRP B 250 0.78 -34.25 15.85
C TRP B 250 1.33 -33.30 16.92
N GLY B 251 1.20 -33.69 18.20
CA GLY B 251 1.68 -32.86 19.28
C GLY B 251 3.15 -32.51 19.17
N ALA B 252 3.95 -33.46 18.67
CA ALA B 252 5.38 -33.22 18.54
C ALA B 252 5.67 -31.96 17.71
N MET B 253 4.91 -31.80 16.63
CA MET B 253 5.09 -30.66 15.75
C MET B 253 4.40 -29.41 16.30
N GLY B 254 4.09 -29.44 17.60
CA GLY B 254 3.42 -28.31 18.21
C GLY B 254 4.48 -27.72 19.12
N ALA B 255 5.23 -28.62 19.77
CA ALA B 255 6.31 -28.21 20.65
C ALA B 255 7.43 -27.76 19.69
N LEU B 256 7.56 -28.36 18.51
CA LEU B 256 8.64 -27.91 17.64
C LEU B 256 8.30 -26.47 17.20
N GLU B 257 7.04 -26.13 16.94
CA GLU B 257 6.70 -24.75 16.57
C GLU B 257 7.08 -23.89 17.77
N ALA B 258 6.83 -24.39 18.97
CA ALA B 258 7.15 -23.62 20.16
C ALA B 258 8.66 -23.34 20.27
N VAL B 259 9.52 -24.36 20.13
CA VAL B 259 10.96 -24.06 20.27
C VAL B 259 11.53 -23.25 19.11
N TYR B 260 11.15 -23.59 17.88
CA TYR B 260 11.63 -22.89 16.69
C TYR B 260 11.31 -21.41 16.79
N GLU B 261 10.08 -21.09 17.18
CA GLU B 261 9.61 -19.72 17.25
C GLU B 261 10.36 -18.89 18.27
N GLU B 262 10.62 -19.49 19.43
CA GLU B 262 11.33 -18.82 20.49
C GLU B 262 12.76 -18.62 20.04
N ALA B 263 13.30 -19.55 19.25
CA ALA B 263 14.68 -19.36 18.86
C ALA B 263 14.87 -18.35 17.74
N VAL B 264 14.00 -18.31 16.72
CA VAL B 264 14.28 -17.32 15.70
C VAL B 264 14.11 -15.93 16.34
N ALA B 265 13.19 -15.78 17.29
CA ALA B 265 13.00 -14.49 17.96
C ALA B 265 14.26 -14.06 18.72
N PHE B 266 14.87 -15.02 19.43
CA PHE B 266 16.07 -14.77 20.19
C PHE B 266 17.17 -14.44 19.16
N ALA B 267 17.33 -15.31 18.17
CA ALA B 267 18.36 -15.09 17.16
C ALA B 267 18.25 -13.68 16.52
N LYS B 268 17.05 -13.21 16.20
CA LYS B 268 16.88 -11.89 15.60
C LYS B 268 17.12 -10.78 16.63
N SER B 269 16.96 -11.07 17.93
CA SER B 269 17.08 -10.04 18.99
C SER B 269 18.43 -9.84 19.64
N ARG B 270 19.34 -10.81 19.48
CA ARG B 270 20.59 -10.79 20.20
C ARG B 270 21.70 -10.73 19.17
N SER B 271 22.95 -10.43 19.55
CA SER B 271 23.87 -10.37 18.42
C SER B 271 25.33 -10.25 18.65
N THR B 272 26.14 -10.73 17.71
CA THR B 272 27.53 -10.67 18.00
C THR B 272 28.51 -9.72 17.40
N PHE B 273 29.49 -10.25 16.64
CA PHE B 273 30.53 -9.48 16.01
C PHE B 273 29.91 -8.55 15.04
N GLY B 274 28.87 -7.89 15.55
CA GLY B 274 28.22 -6.92 14.75
C GLY B 274 27.10 -7.31 13.81
N GLU B 275 26.47 -8.46 13.89
CA GLU B 275 25.34 -8.67 12.98
C GLU B 275 24.30 -9.26 13.90
N PRO B 276 23.44 -10.10 13.41
CA PRO B 276 22.61 -10.53 14.56
C PRO B 276 22.93 -12.01 14.59
N LEU B 277 22.38 -12.71 15.56
CA LEU B 277 22.64 -14.12 15.56
C LEU B 277 22.00 -14.71 14.31
N ALA B 278 20.75 -14.29 14.04
CA ALA B 278 19.97 -14.78 12.91
C ALA B 278 20.63 -14.69 11.55
N LYS B 279 21.69 -13.89 11.45
CA LYS B 279 22.37 -13.72 10.18
C LYS B 279 23.59 -14.60 9.98
N LYS B 280 24.06 -15.30 11.00
CA LYS B 280 25.23 -16.14 10.82
C LYS B 280 24.80 -17.47 10.22
N GLN B 281 25.62 -17.99 9.31
CA GLN B 281 25.34 -19.23 8.63
C GLN B 281 25.06 -20.40 9.58
N LEU B 282 25.80 -20.51 10.67
CA LEU B 282 25.58 -21.66 11.53
C LEU B 282 24.29 -21.56 12.37
N VAL B 283 23.76 -20.35 12.61
CA VAL B 283 22.49 -20.32 13.35
C VAL B 283 21.42 -20.47 12.27
N GLN B 284 21.57 -19.81 11.12
CA GLN B 284 20.58 -19.97 10.05
C GLN B 284 20.32 -21.44 9.75
N ALA B 285 21.37 -22.25 9.68
CA ALA B 285 21.23 -23.67 9.38
C ALA B 285 20.39 -24.46 10.40
N LYS B 286 20.53 -24.15 11.69
CA LYS B 286 19.78 -24.87 12.73
C LYS B 286 18.30 -24.59 12.57
N LEU B 287 18.00 -23.34 12.20
CA LEU B 287 16.62 -22.91 12.03
C LEU B 287 16.01 -23.51 10.76
N ALA B 288 16.78 -23.58 9.67
CA ALA B 288 16.29 -24.14 8.41
C ALA B 288 15.87 -25.57 8.68
N GLU B 289 16.68 -26.26 9.45
CA GLU B 289 16.43 -27.65 9.76
C GLU B 289 15.17 -27.85 10.63
N MET B 290 14.90 -26.91 11.53
CA MET B 290 13.72 -26.98 12.38
C MET B 290 12.47 -26.57 11.60
N LEU B 291 12.66 -25.82 10.52
CA LEU B 291 11.58 -25.50 9.62
C LEU B 291 11.35 -26.73 8.71
N ALA B 292 12.40 -27.32 8.14
CA ALA B 292 12.20 -28.48 7.25
C ALA B 292 11.50 -29.63 7.94
N TRP B 293 11.91 -29.94 9.16
CA TRP B 293 11.30 -31.04 9.87
C TRP B 293 9.84 -30.72 10.20
N HIS B 294 9.54 -29.48 10.62
CA HIS B 294 8.16 -29.10 10.94
C HIS B 294 7.23 -29.42 9.76
N THR B 295 7.68 -29.06 8.56
CA THR B 295 6.91 -29.29 7.34
C THR B 295 6.73 -30.77 7.02
N GLU B 296 7.79 -31.55 7.17
CA GLU B 296 7.72 -33.00 6.92
C GLU B 296 6.73 -33.65 7.90
N GLY B 297 6.84 -33.25 9.17
CA GLY B 297 6.00 -33.79 10.21
C GLY B 297 4.53 -33.54 10.03
N LEU B 298 4.14 -32.33 9.66
CA LEU B 298 2.72 -32.03 9.45
C LEU B 298 2.10 -32.86 8.33
N LEU B 299 2.88 -33.10 7.27
CA LEU B 299 2.39 -33.88 6.16
C LEU B 299 2.16 -35.31 6.57
N LEU B 300 3.10 -35.88 7.32
CA LEU B 300 2.94 -37.25 7.80
C LEU B 300 1.66 -37.33 8.64
N ALA B 301 1.56 -36.40 9.61
CA ALA B 301 0.43 -36.32 10.54
C ALA B 301 -0.91 -36.12 9.83
N TRP B 302 -0.91 -35.23 8.84
CA TRP B 302 -2.11 -34.94 8.05
C TRP B 302 -2.56 -36.15 7.25
N ARG B 303 -1.61 -36.77 6.54
CA ARG B 303 -1.88 -37.95 5.73
C ARG B 303 -2.43 -39.09 6.60
N LEU B 304 -1.83 -39.27 7.77
CA LEU B 304 -2.25 -40.31 8.68
C LEU B 304 -3.67 -40.03 9.17
N ALA B 305 -4.00 -38.75 9.35
CA ALA B 305 -5.33 -38.39 9.83
C ALA B 305 -6.42 -38.79 8.85
N ARG B 306 -6.16 -38.60 7.57
CA ARG B 306 -7.11 -38.95 6.54
C ARG B 306 -7.22 -40.47 6.38
N LEU B 307 -6.09 -41.16 6.36
CA LEU B 307 -6.12 -42.61 6.25
C LEU B 307 -6.88 -43.19 7.43
N LYS B 308 -6.74 -42.55 8.58
CA LYS B 308 -7.38 -43.01 9.81
C LYS B 308 -8.90 -42.98 9.66
N ASP B 309 -9.45 -41.82 9.29
CA ASP B 309 -10.90 -41.71 9.16
C ASP B 309 -11.49 -42.56 8.05
N GLU B 310 -10.68 -42.89 7.04
CA GLU B 310 -11.19 -43.74 5.97
C GLU B 310 -10.89 -45.23 6.22
N GLY B 311 -10.40 -45.54 7.42
CA GLY B 311 -10.14 -46.92 7.77
C GLY B 311 -9.01 -47.57 7.03
N LYS B 312 -8.05 -46.77 6.55
CA LYS B 312 -6.92 -47.33 5.81
C LYS B 312 -5.60 -47.26 6.58
N LEU B 313 -5.61 -46.60 7.73
CA LEU B 313 -4.38 -46.44 8.54
C LEU B 313 -3.91 -47.80 9.11
N THR B 314 -2.60 -48.06 9.05
CA THR B 314 -2.04 -49.31 9.58
C THR B 314 -1.13 -48.97 10.75
N PRO B 315 -0.90 -49.91 11.68
CA PRO B 315 -0.01 -49.59 12.82
C PRO B 315 1.41 -49.23 12.40
N ALA B 316 1.92 -49.91 11.39
CA ALA B 316 3.28 -49.60 10.94
C ALA B 316 3.33 -48.15 10.45
N GLN B 317 2.25 -47.70 9.80
CA GLN B 317 2.20 -46.33 9.32
C GLN B 317 2.28 -45.35 10.49
N VAL B 318 1.54 -45.64 11.56
CA VAL B 318 1.53 -44.82 12.76
C VAL B 318 2.94 -44.82 13.38
N SER B 319 3.58 -45.98 13.44
CA SER B 319 4.93 -46.09 14.01
C SER B 319 5.93 -45.15 13.35
N LEU B 320 5.79 -44.98 12.04
CA LEU B 320 6.69 -44.12 11.26
C LEU B 320 6.61 -42.65 11.65
N ALA B 321 5.40 -42.08 11.72
CA ALA B 321 5.24 -40.68 12.05
C ALA B 321 5.53 -40.38 13.52
N LYS B 322 5.26 -41.32 14.41
CA LYS B 322 5.56 -41.06 15.80
C LYS B 322 7.10 -41.04 15.85
N ARG B 323 7.73 -42.09 15.35
CA ARG B 323 9.19 -42.16 15.37
C ARG B 323 9.87 -40.92 14.81
N GLN B 324 9.54 -40.55 13.58
CA GLN B 324 10.15 -39.38 12.91
C GLN B 324 9.86 -38.06 13.57
N ASN B 325 8.60 -37.80 13.86
CA ASN B 325 8.23 -36.53 14.45
C ASN B 325 8.79 -36.27 15.84
N VAL B 326 8.81 -37.28 16.71
CA VAL B 326 9.33 -37.07 18.05
C VAL B 326 10.86 -36.88 18.00
N TRP B 327 11.56 -37.68 17.20
CA TRP B 327 13.01 -37.55 17.11
C TRP B 327 13.28 -36.13 16.62
N LYS B 328 12.58 -35.68 15.59
CA LYS B 328 12.82 -34.32 15.10
C LYS B 328 12.52 -33.26 16.10
N ALA B 329 11.40 -33.39 16.79
CA ALA B 329 11.07 -32.40 17.79
C ALA B 329 12.11 -32.41 18.93
N LEU B 330 12.68 -33.57 19.28
CA LEU B 330 13.63 -33.59 20.37
C LEU B 330 14.95 -32.98 19.91
N GLN B 331 15.41 -33.32 18.71
CA GLN B 331 16.65 -32.77 18.18
C GLN B 331 16.44 -31.25 18.06
N ALA B 332 15.24 -30.84 17.63
CA ALA B 332 14.95 -29.42 17.46
C ALA B 332 15.00 -28.70 18.80
N ALA B 333 14.53 -29.37 19.85
CA ALA B 333 14.51 -28.78 21.19
C ALA B 333 15.95 -28.63 21.69
N ARG B 334 16.77 -29.62 21.42
CA ARG B 334 18.19 -29.57 21.80
C ARG B 334 18.93 -28.48 21.00
N MET B 335 18.65 -28.40 19.70
CA MET B 335 19.27 -27.39 18.86
C MET B 335 18.90 -25.97 19.31
N ALA B 336 17.67 -25.83 19.80
CA ALA B 336 17.16 -24.55 20.26
C ALA B 336 17.80 -24.15 21.58
N ARG B 337 18.00 -25.12 22.47
CA ARG B 337 18.63 -24.82 23.74
C ARG B 337 20.05 -24.37 23.40
N ASP B 338 20.67 -25.05 22.45
CA ASP B 338 22.03 -24.71 22.00
C ASP B 338 22.03 -23.25 21.52
N ILE B 339 21.05 -22.89 20.70
CA ILE B 339 20.92 -21.54 20.16
C ILE B 339 20.69 -20.48 21.25
N LEU B 340 19.98 -20.85 22.31
CA LEU B 340 19.72 -19.88 23.37
C LEU B 340 20.95 -19.62 24.24
N GLY B 341 21.88 -20.56 24.24
CA GLY B 341 23.08 -20.41 25.04
C GLY B 341 22.75 -20.46 26.51
N GLY B 342 23.47 -19.67 27.30
CA GLY B 342 23.25 -19.63 28.75
C GLY B 342 21.79 -19.43 29.14
N SER B 343 21.10 -18.56 28.40
CA SER B 343 19.69 -18.27 28.64
C SER B 343 18.78 -19.48 28.53
N GLY B 344 19.21 -20.49 27.78
CA GLY B 344 18.38 -21.68 27.63
C GLY B 344 18.42 -22.71 28.74
N ILE B 345 19.31 -22.56 29.73
CA ILE B 345 19.36 -23.56 30.80
C ILE B 345 18.41 -23.21 31.93
N THR B 346 17.64 -22.16 31.73
CA THR B 346 16.68 -21.70 32.71
C THR B 346 15.26 -21.83 32.16
N LEU B 347 14.34 -22.17 33.05
CA LEU B 347 12.93 -22.32 32.67
C LEU B 347 12.34 -21.02 32.20
N GLU B 348 13.20 -20.02 32.02
CA GLU B 348 12.75 -18.73 31.54
C GLU B 348 12.44 -18.85 30.05
N TYR B 349 12.91 -19.94 29.43
CA TYR B 349 12.71 -20.10 27.99
C TYR B 349 11.96 -21.27 27.36
N HIS B 350 11.32 -22.14 28.11
CA HIS B 350 10.58 -23.22 27.43
C HIS B 350 11.44 -24.23 26.66
N ALA B 351 12.41 -23.76 25.88
CA ALA B 351 13.23 -24.67 25.08
C ALA B 351 13.69 -25.88 25.86
N ILE B 352 14.18 -25.66 27.07
CA ILE B 352 14.67 -26.78 27.85
C ILE B 352 13.58 -27.62 28.50
N ARG B 353 12.43 -27.00 28.79
CA ARG B 353 11.31 -27.72 29.36
C ARG B 353 10.79 -28.70 28.30
N HIS B 354 10.69 -28.23 27.06
CA HIS B 354 10.24 -29.10 25.98
C HIS B 354 11.31 -30.16 25.72
N MET B 355 12.58 -29.75 25.76
CA MET B 355 13.70 -30.65 25.54
C MET B 355 13.65 -31.83 26.52
N LEU B 356 13.34 -31.54 27.77
CA LEU B 356 13.22 -32.57 28.79
C LEU B 356 11.96 -33.43 28.65
N ASN B 357 10.81 -32.80 28.37
CA ASN B 357 9.57 -33.52 28.16
C ASN B 357 9.65 -34.48 26.96
N LEU B 358 10.14 -33.95 25.84
CA LEU B 358 10.25 -34.74 24.61
C LEU B 358 11.06 -36.01 24.82
N GLU B 359 11.95 -35.98 25.79
CA GLU B 359 12.80 -37.10 26.14
C GLU B 359 11.80 -38.23 26.52
N THR B 360 10.76 -37.93 27.30
CA THR B 360 9.79 -38.94 27.71
C THR B 360 8.96 -39.49 26.53
N VAL B 361 8.43 -38.59 25.69
CA VAL B 361 7.62 -39.04 24.56
C VAL B 361 8.48 -39.71 23.56
N TYR B 362 9.78 -39.47 23.66
CA TYR B 362 10.73 -40.07 22.77
C TYR B 362 10.84 -41.53 23.27
N THR B 363 10.47 -41.77 24.54
CA THR B 363 10.55 -43.11 25.13
C THR B 363 9.20 -43.84 25.26
N TYR B 364 8.13 -43.17 25.68
CA TYR B 364 6.86 -43.90 25.83
C TYR B 364 6.11 -44.15 24.55
N GLU B 365 5.11 -45.03 24.63
CA GLU B 365 4.32 -45.35 23.47
C GLU B 365 5.25 -45.92 22.39
N GLY B 366 6.21 -46.72 22.82
CA GLY B 366 7.15 -47.30 21.89
C GLY B 366 8.38 -46.43 21.72
N THR B 367 9.55 -46.92 22.12
CA THR B 367 10.78 -46.15 21.99
C THR B 367 11.16 -46.02 20.53
N HIS B 368 12.11 -45.13 20.26
CA HIS B 368 12.58 -44.93 18.90
C HIS B 368 12.94 -46.26 18.25
N ASP B 369 13.69 -47.09 18.98
CA ASP B 369 14.10 -48.38 18.47
C ASP B 369 12.99 -49.42 18.21
N VAL B 370 11.99 -49.50 19.06
CA VAL B 370 10.95 -50.49 18.81
C VAL B 370 10.22 -50.13 17.52
N HIS B 371 10.04 -48.83 17.27
CA HIS B 371 9.36 -48.41 16.05
C HIS B 371 10.21 -48.76 14.84
N THR B 372 11.51 -48.59 14.98
CA THR B 372 12.45 -48.93 13.92
C THR B 372 12.25 -50.42 13.62
N LEU B 373 12.16 -51.23 14.67
CA LEU B 373 11.95 -52.66 14.51
C LEU B 373 10.60 -52.97 13.87
N VAL B 374 9.59 -52.17 14.21
CA VAL B 374 8.24 -52.36 13.65
C VAL B 374 8.32 -52.17 12.14
N LEU B 375 8.95 -51.08 11.73
CA LEU B 375 9.12 -50.80 10.32
C LEU B 375 10.02 -51.88 9.70
N GLY B 376 11.06 -52.27 10.42
CA GLY B 376 11.94 -53.29 9.90
C GLY B 376 11.24 -54.60 9.58
N ARG B 377 10.42 -55.08 10.51
CA ARG B 377 9.67 -56.32 10.32
C ARG B 377 8.69 -56.19 9.17
N GLU B 378 8.05 -55.03 9.08
CA GLU B 378 7.08 -54.78 8.04
C GLU B 378 7.72 -54.76 6.65
N ILE B 379 8.96 -54.28 6.60
CA ILE B 379 9.70 -54.21 5.34
C ILE B 379 10.27 -55.55 4.91
N THR B 380 10.86 -56.28 5.85
CA THR B 380 11.50 -57.55 5.54
C THR B 380 10.65 -58.79 5.80
N GLY B 381 9.68 -58.64 6.70
CA GLY B 381 8.83 -59.75 7.06
C GLY B 381 9.51 -60.60 8.12
N LEU B 382 10.66 -60.15 8.58
CA LEU B 382 11.43 -60.88 9.59
C LEU B 382 11.40 -60.15 10.92
N ASN B 383 11.24 -60.90 11.99
CA ASN B 383 11.17 -60.32 13.33
C ASN B 383 12.58 -60.22 13.92
N ALA B 384 13.00 -59.00 14.24
CA ALA B 384 14.33 -58.77 14.81
C ALA B 384 14.33 -58.20 16.23
N PHE B 385 13.17 -58.15 16.85
CA PHE B 385 13.07 -57.66 18.22
C PHE B 385 13.86 -58.61 19.11
N MET C 1 54.15 -33.88 7.12
CA MET C 1 52.78 -34.44 7.20
C MET C 1 51.86 -33.53 8.00
N LEU C 2 50.56 -33.64 7.76
CA LEU C 2 49.57 -32.84 8.47
C LEU C 2 49.69 -33.34 9.92
N ASP C 3 49.84 -32.43 10.89
CA ASP C 3 50.05 -32.84 12.29
C ASP C 3 49.72 -31.74 13.31
N PHE C 4 48.44 -31.58 13.62
CA PHE C 4 48.01 -30.51 14.52
C PHE C 4 48.45 -30.60 16.01
N TYR C 5 48.51 -31.81 16.56
CA TYR C 5 48.90 -32.04 17.96
C TYR C 5 50.33 -32.57 18.02
N ALA C 6 51.18 -32.13 17.09
CA ALA C 6 52.57 -32.56 17.00
C ALA C 6 52.87 -33.98 17.47
N LEU C 7 52.20 -34.99 16.91
CA LEU C 7 52.52 -36.34 17.36
C LEU C 7 53.85 -36.74 16.78
N GLU C 8 54.41 -35.93 15.90
CA GLU C 8 55.68 -36.37 15.37
C GLU C 8 56.68 -36.25 16.46
N ASP C 9 56.50 -35.28 17.33
CA ASP C 9 57.39 -35.10 18.44
C ASP C 9 57.51 -36.38 19.20
N LEU C 10 56.65 -37.35 18.90
CA LEU C 10 56.70 -38.62 19.64
C LEU C 10 57.28 -39.71 18.77
N LEU C 11 57.79 -39.34 17.59
CA LEU C 11 58.35 -40.37 16.74
C LEU C 11 59.87 -40.31 16.84
N THR C 12 60.49 -41.44 16.53
CA THR C 12 61.94 -41.52 16.57
C THR C 12 62.44 -40.98 15.23
N PRO C 13 63.73 -40.67 15.22
CA PRO C 13 64.39 -40.15 14.02
C PRO C 13 64.25 -41.23 12.92
N GLU C 14 64.25 -42.50 13.31
CA GLU C 14 64.11 -43.57 12.32
C GLU C 14 62.72 -43.54 11.74
N GLU C 15 61.74 -43.30 12.59
CA GLU C 15 60.39 -43.30 12.09
C GLU C 15 60.15 -42.15 11.15
N LYS C 16 60.65 -40.97 11.51
CA LYS C 16 60.44 -39.82 10.63
C LYS C 16 61.20 -39.86 9.31
N GLU C 17 62.25 -40.66 9.21
CA GLU C 17 62.94 -40.66 7.93
C GLU C 17 62.20 -41.54 6.93
N VAL C 18 61.68 -42.68 7.39
CA VAL C 18 60.93 -43.58 6.51
C VAL C 18 59.73 -42.81 5.98
N GLN C 19 59.21 -41.89 6.79
CA GLN C 19 58.06 -41.08 6.40
C GLN C 19 58.56 -40.12 5.33
N LYS C 20 59.59 -39.35 5.64
CA LYS C 20 60.11 -38.40 4.66
C LYS C 20 60.43 -39.22 3.41
N ALA C 21 61.15 -40.32 3.54
CA ALA C 21 61.54 -41.14 2.39
C ALA C 21 60.34 -41.64 1.58
N ALA C 22 59.34 -42.20 2.26
CA ALA C 22 58.16 -42.74 1.60
C ALA C 22 57.53 -41.63 0.77
N ARG C 23 57.46 -40.42 1.34
CA ARG C 23 56.80 -39.34 0.62
C ARG C 23 57.52 -38.86 -0.64
N ARG C 24 58.83 -38.66 -0.57
CA ARG C 24 59.60 -38.19 -1.72
C ARG C 24 59.45 -39.22 -2.83
N PHE C 25 59.58 -40.47 -2.43
CA PHE C 25 59.44 -41.56 -3.36
C PHE C 25 58.11 -41.48 -4.07
N LEU C 26 57.04 -41.75 -3.33
CA LEU C 26 55.70 -41.76 -3.90
C LEU C 26 55.36 -40.48 -4.64
N GLU C 27 55.98 -39.39 -4.21
CA GLU C 27 55.69 -38.12 -4.83
C GLU C 27 56.42 -37.97 -6.15
N LYS C 28 57.46 -38.78 -6.34
CA LYS C 28 58.23 -38.71 -7.56
C LYS C 28 57.71 -39.73 -8.52
N GLU C 29 57.39 -40.88 -7.93
CA GLU C 29 57.01 -42.04 -8.66
C GLU C 29 55.60 -42.48 -8.83
N ALA C 30 54.69 -42.02 -8.00
CA ALA C 30 53.36 -42.57 -8.18
C ALA C 30 52.35 -41.49 -8.36
N LEU C 31 52.44 -40.48 -7.53
CA LEU C 31 51.45 -39.44 -7.59
C LEU C 31 51.19 -38.83 -8.96
N PRO C 32 52.24 -38.65 -9.78
CA PRO C 32 51.98 -38.06 -11.10
C PRO C 32 51.21 -38.99 -12.04
N HIS C 33 51.05 -40.25 -11.65
CA HIS C 33 50.39 -41.20 -12.50
C HIS C 33 49.15 -41.79 -11.88
N ILE C 34 48.84 -41.38 -10.66
CA ILE C 34 47.71 -42.01 -10.00
C ILE C 34 46.37 -41.87 -10.73
N ARG C 35 46.13 -40.70 -11.33
CA ARG C 35 44.87 -40.47 -12.03
C ARG C 35 44.69 -41.39 -13.21
N ASP C 36 45.77 -41.58 -13.96
CA ASP C 36 45.69 -42.41 -15.12
C ASP C 36 45.65 -43.87 -14.81
N TRP C 37 46.36 -44.30 -13.77
CA TRP C 37 46.30 -45.71 -13.42
C TRP C 37 44.89 -46.02 -12.86
N TRP C 38 44.28 -45.10 -12.10
CA TRP C 38 42.96 -45.40 -11.55
C TRP C 38 41.96 -45.45 -12.70
N GLU C 39 41.96 -44.41 -13.53
CA GLU C 39 41.05 -44.35 -14.65
C GLU C 39 41.03 -45.61 -15.48
N GLU C 40 42.21 -46.06 -15.90
CA GLU C 40 42.30 -47.25 -16.74
C GLU C 40 42.10 -48.52 -15.92
N GLY C 41 42.00 -48.39 -14.59
CA GLY C 41 41.77 -49.57 -13.76
C GLY C 41 42.97 -50.49 -13.77
N VAL C 42 44.18 -49.95 -13.66
CA VAL C 42 45.29 -50.87 -13.66
C VAL C 42 46.24 -50.64 -12.49
N PHE C 43 46.77 -51.74 -11.97
CA PHE C 43 47.71 -51.64 -10.87
C PHE C 43 49.09 -51.59 -11.46
N PRO C 44 49.91 -50.60 -11.04
CA PRO C 44 51.29 -50.39 -11.54
C PRO C 44 52.29 -51.39 -11.03
N THR C 45 52.42 -52.54 -11.70
CA THR C 45 53.34 -53.56 -11.24
C THR C 45 54.85 -53.21 -11.27
N HIS C 46 55.28 -52.15 -11.98
CA HIS C 46 56.72 -51.81 -12.01
C HIS C 46 57.02 -51.13 -10.71
N LEU C 47 56.01 -50.98 -9.86
CA LEU C 47 56.25 -50.29 -8.62
C LEU C 47 56.48 -51.28 -7.48
N ILE C 48 56.17 -52.54 -7.72
CA ILE C 48 56.33 -53.53 -6.68
C ILE C 48 57.81 -53.68 -6.32
N PRO C 49 58.65 -53.80 -7.36
CA PRO C 49 60.09 -53.91 -7.09
C PRO C 49 60.62 -52.67 -6.36
N ARG C 50 60.05 -51.49 -6.63
CA ARG C 50 60.49 -50.24 -5.94
C ARG C 50 60.07 -50.25 -4.48
N PHE C 51 58.81 -50.59 -4.22
CA PHE C 51 58.30 -50.63 -2.86
C PHE C 51 59.33 -51.46 -2.15
N ALA C 52 59.58 -52.62 -2.75
CA ALA C 52 60.49 -53.57 -2.21
C ALA C 52 61.84 -52.86 -2.06
N GLU C 53 62.46 -52.31 -3.08
CA GLU C 53 63.71 -51.70 -2.78
C GLU C 53 63.60 -50.72 -1.61
N LEU C 54 62.47 -50.07 -1.36
CA LEU C 54 62.41 -49.15 -0.22
C LEU C 54 62.05 -49.83 1.12
N GLY C 55 61.80 -51.15 1.09
CA GLY C 55 61.46 -51.83 2.34
C GLY C 55 60.02 -51.74 2.81
N PHE C 56 59.13 -51.52 1.86
CA PHE C 56 57.70 -51.42 2.14
C PHE C 56 57.08 -52.78 2.35
N LEU C 57 57.72 -53.81 1.80
CA LEU C 57 57.22 -55.18 1.91
C LEU C 57 57.68 -55.90 3.18
N GLY C 58 56.74 -56.09 4.11
CA GLY C 58 57.04 -56.74 5.38
C GLY C 58 58.06 -55.93 6.15
N PRO C 59 57.85 -54.61 6.28
CA PRO C 59 58.77 -53.72 6.98
C PRO C 59 59.19 -54.10 8.40
N THR C 60 58.23 -54.55 9.21
CA THR C 60 58.55 -54.92 10.58
C THR C 60 59.20 -56.28 10.73
N LEU C 61 59.16 -57.11 9.69
CA LEU C 61 59.78 -58.43 9.79
C LEU C 61 61.29 -58.37 9.94
N PRO C 62 61.87 -59.41 10.58
CA PRO C 62 63.31 -59.54 10.83
C PRO C 62 64.17 -59.57 9.59
N PRO C 63 65.27 -58.81 9.59
CA PRO C 63 66.17 -58.77 8.43
C PRO C 63 66.62 -60.18 8.02
N GLU C 64 66.57 -61.12 8.98
CA GLU C 64 66.98 -62.50 8.70
C GLU C 64 66.17 -63.07 7.55
N TYR C 65 64.89 -62.70 7.50
CA TYR C 65 64.02 -63.21 6.45
C TYR C 65 63.87 -62.21 5.32
N GLY C 66 64.71 -61.18 5.36
CA GLY C 66 64.67 -60.16 4.32
C GLY C 66 63.80 -58.98 4.65
N GLY C 67 63.44 -58.87 5.93
CA GLY C 67 62.59 -57.77 6.38
C GLY C 67 63.40 -56.56 6.81
N ALA C 68 62.75 -55.40 6.83
CA ALA C 68 63.42 -54.17 7.20
C ALA C 68 63.59 -54.03 8.72
N GLY C 69 62.92 -54.90 9.45
CA GLY C 69 63.00 -54.86 10.90
C GLY C 69 62.76 -53.51 11.57
N VAL C 70 61.92 -52.65 10.96
CA VAL C 70 61.62 -51.35 11.56
C VAL C 70 60.38 -51.46 12.44
N SER C 71 60.04 -50.38 13.14
CA SER C 71 58.88 -50.38 14.03
C SER C 71 57.51 -50.46 13.36
N SER C 72 56.49 -50.66 14.19
CA SER C 72 55.13 -50.71 13.70
C SER C 72 54.73 -49.30 13.31
N ALA C 73 55.21 -48.30 14.06
CA ALA C 73 54.90 -46.92 13.74
C ALA C 73 55.37 -46.63 12.31
N ALA C 74 56.57 -47.13 11.99
CA ALA C 74 57.13 -46.94 10.66
C ALA C 74 56.26 -47.61 9.60
N TYR C 75 55.74 -48.81 9.89
CA TYR C 75 54.87 -49.51 8.96
C TYR C 75 53.62 -48.68 8.78
N GLY C 76 53.11 -48.17 9.90
CA GLY C 76 51.92 -47.34 9.86
C GLY C 76 52.17 -46.10 9.03
N LEU C 77 53.38 -45.54 9.15
CA LEU C 77 53.78 -44.35 8.42
C LEU C 77 53.93 -44.58 6.93
N ILE C 78 54.34 -45.76 6.51
CA ILE C 78 54.47 -45.97 5.07
C ILE C 78 53.06 -46.16 4.52
N CYS C 79 52.19 -46.81 5.29
CA CYS C 79 50.80 -47.02 4.90
C CYS C 79 50.13 -45.66 4.72
N TYR C 80 50.48 -44.77 5.63
CA TYR C 80 49.95 -43.41 5.64
C TYR C 80 50.26 -42.74 4.31
N GLU C 81 51.55 -42.73 3.95
CA GLU C 81 51.98 -42.10 2.71
C GLU C 81 51.44 -42.82 1.49
N LEU C 82 51.39 -44.14 1.54
CA LEU C 82 50.88 -44.89 0.40
C LEU C 82 49.41 -44.51 0.12
N GLU C 83 48.58 -44.59 1.15
CA GLU C 83 47.16 -44.31 1.04
C GLU C 83 46.92 -42.85 0.68
N ARG C 84 47.80 -41.98 1.15
CA ARG C 84 47.70 -40.55 0.86
C ARG C 84 47.70 -40.33 -0.67
N VAL C 85 48.29 -41.28 -1.40
CA VAL C 85 48.32 -41.24 -2.87
C VAL C 85 47.05 -41.95 -3.35
N ASP C 86 46.95 -43.23 -3.01
CA ASP C 86 45.79 -44.04 -3.39
C ASP C 86 45.74 -45.31 -2.56
N SER C 87 44.54 -45.63 -2.07
CA SER C 87 44.31 -46.82 -1.26
C SER C 87 44.71 -48.12 -1.95
N GLY C 88 44.67 -48.15 -3.28
CA GLY C 88 45.05 -49.36 -4.00
C GLY C 88 46.54 -49.65 -3.85
N LEU C 89 47.33 -48.59 -3.77
CA LEU C 89 48.77 -48.78 -3.63
C LEU C 89 49.04 -49.29 -2.22
N ARG C 90 48.27 -48.79 -1.26
CA ARG C 90 48.43 -49.19 0.13
C ARG C 90 47.94 -50.62 0.30
N SER C 91 46.87 -50.97 -0.42
CA SER C 91 46.32 -52.33 -0.35
C SER C 91 47.36 -53.38 -0.71
N PHE C 92 48.14 -53.13 -1.76
CA PHE C 92 49.13 -54.10 -2.16
C PHE C 92 50.09 -54.41 -1.01
N VAL C 93 50.62 -53.37 -0.40
CA VAL C 93 51.54 -53.52 0.72
C VAL C 93 50.91 -54.20 1.93
N SER C 94 49.64 -53.90 2.20
CA SER C 94 48.94 -54.49 3.33
C SER C 94 48.86 -55.99 3.12
N VAL C 95 48.34 -56.41 1.96
CA VAL C 95 48.21 -57.82 1.59
C VAL C 95 49.54 -58.56 1.67
N GLN C 96 50.55 -58.03 0.98
CA GLN C 96 51.87 -58.62 0.95
C GLN C 96 52.52 -58.71 2.33
N SER C 97 52.37 -57.65 3.12
CA SER C 97 52.98 -57.60 4.44
C SER C 97 52.21 -58.29 5.55
N SER C 98 50.95 -57.89 5.72
CA SER C 98 50.16 -58.45 6.82
C SER C 98 49.23 -59.61 6.50
N LEU C 99 48.99 -59.87 5.22
CA LEU C 99 48.10 -60.96 4.87
C LEU C 99 48.81 -62.11 4.19
N VAL C 100 50.10 -61.91 3.87
CA VAL C 100 50.87 -62.95 3.24
C VAL C 100 52.19 -63.23 3.97
N MET C 101 53.03 -62.20 4.07
CA MET C 101 54.30 -62.37 4.76
C MET C 101 54.07 -62.71 6.23
N TYR C 102 53.12 -62.02 6.85
CA TYR C 102 52.82 -62.21 8.26
C TYR C 102 52.41 -63.65 8.66
N PRO C 103 51.37 -64.23 8.01
CA PRO C 103 50.97 -65.59 8.37
C PRO C 103 52.08 -66.63 8.19
N ILE C 104 52.93 -66.42 7.18
CA ILE C 104 54.02 -67.33 6.91
C ILE C 104 55.02 -67.25 8.03
N TYR C 105 55.28 -66.02 8.47
CA TYR C 105 56.23 -65.79 9.54
C TYR C 105 55.71 -66.31 10.87
N ALA C 106 54.42 -66.07 11.13
CA ALA C 106 53.78 -66.46 12.39
C ALA C 106 53.33 -67.91 12.46
N TYR C 107 52.91 -68.47 11.34
CA TYR C 107 52.42 -69.84 11.36
C TYR C 107 53.12 -70.81 10.43
N GLY C 108 54.11 -70.34 9.69
CA GLY C 108 54.78 -71.22 8.76
C GLY C 108 55.90 -72.05 9.34
N SER C 109 56.33 -73.04 8.56
CA SER C 109 57.43 -73.91 8.96
C SER C 109 58.70 -73.12 8.67
N GLU C 110 59.83 -73.57 9.23
CA GLU C 110 61.08 -72.87 9.02
C GLU C 110 61.44 -72.96 7.54
N GLU C 111 60.96 -74.01 6.90
CA GLU C 111 61.19 -74.25 5.49
C GLU C 111 60.39 -73.22 4.68
N GLN C 112 59.12 -73.07 5.03
CA GLN C 112 58.24 -72.13 4.35
C GLN C 112 58.77 -70.71 4.51
N LYS C 113 59.24 -70.38 5.72
CA LYS C 113 59.78 -69.05 6.02
C LYS C 113 61.03 -68.69 5.24
N ARG C 114 62.01 -69.60 5.21
CA ARG C 114 63.25 -69.35 4.47
C ARG C 114 62.99 -69.34 2.98
N GLU C 115 62.05 -70.18 2.57
CA GLU C 115 61.68 -70.33 1.16
C GLU C 115 60.94 -69.16 0.52
N PHE C 116 59.94 -68.62 1.23
CA PHE C 116 59.14 -67.54 0.67
C PHE C 116 59.40 -66.12 1.14
N LEU C 117 59.54 -65.92 2.45
CA LEU C 117 59.72 -64.59 3.00
C LEU C 117 60.71 -63.67 2.28
N PRO C 118 61.90 -64.18 1.92
CA PRO C 118 62.86 -63.30 1.22
C PRO C 118 62.39 -62.87 -0.18
N LYS C 119 61.78 -63.79 -0.93
CA LYS C 119 61.31 -63.46 -2.26
C LYS C 119 60.12 -62.50 -2.20
N LEU C 120 59.31 -62.63 -1.15
CA LEU C 120 58.14 -61.77 -0.95
C LEU C 120 58.63 -60.40 -0.52
N ALA C 121 59.63 -60.39 0.34
CA ALA C 121 60.22 -59.17 0.85
C ALA C 121 60.87 -58.35 -0.26
N ARG C 122 61.36 -59.03 -1.29
CA ARG C 122 62.01 -58.35 -2.41
C ARG C 122 61.08 -58.17 -3.60
N GLY C 123 59.78 -58.26 -3.35
CA GLY C 123 58.81 -58.10 -4.41
C GLY C 123 59.10 -59.00 -5.61
N GLU C 124 59.75 -60.11 -5.35
CA GLU C 124 60.11 -61.05 -6.39
C GLU C 124 59.01 -62.09 -6.61
N MET C 125 58.15 -62.26 -5.61
CA MET C 125 57.03 -63.20 -5.69
C MET C 125 55.84 -62.59 -4.94
N VAL C 126 54.77 -62.27 -5.65
CA VAL C 126 53.58 -61.67 -5.05
C VAL C 126 52.53 -62.67 -4.56
N GLY C 127 51.93 -62.36 -3.41
CA GLY C 127 50.92 -63.23 -2.85
C GLY C 127 49.55 -62.60 -2.67
N CYS C 128 48.58 -63.42 -2.28
CA CYS C 128 47.22 -62.95 -2.05
C CYS C 128 46.58 -63.78 -0.93
N PHE C 129 45.64 -63.16 -0.22
CA PHE C 129 44.97 -63.79 0.92
C PHE C 129 43.51 -64.12 0.55
N GLY C 130 43.20 -65.42 0.51
CA GLY C 130 41.85 -65.84 0.18
C GLY C 130 41.01 -66.34 1.35
N LEU C 131 40.25 -65.44 1.98
CA LEU C 131 39.40 -65.78 3.11
C LEU C 131 37.93 -65.61 2.74
N THR C 132 37.58 -64.42 2.25
CA THR C 132 36.20 -64.11 1.88
C THR C 132 35.70 -65.01 0.73
N GLU C 133 34.47 -65.50 0.87
CA GLU C 133 33.81 -66.36 -0.11
C GLU C 133 32.46 -65.66 -0.43
N PRO C 134 31.80 -66.04 -1.54
CA PRO C 134 30.51 -65.51 -2.04
C PRO C 134 29.31 -65.33 -1.12
N ASP C 135 29.19 -66.17 -0.09
CA ASP C 135 28.05 -66.01 0.79
C ASP C 135 28.25 -64.87 1.74
N GLY C 136 29.42 -64.26 1.70
CA GLY C 136 29.59 -63.14 2.58
C GLY C 136 30.68 -63.20 3.62
N GLY C 137 31.63 -62.28 3.43
CA GLY C 137 32.78 -62.19 4.31
C GLY C 137 32.61 -61.75 5.74
N SER C 138 31.45 -61.25 6.17
CA SER C 138 31.35 -60.82 7.56
C SER C 138 31.32 -62.02 8.50
N ASP C 139 30.93 -63.17 7.96
CA ASP C 139 30.93 -64.39 8.74
C ASP C 139 32.12 -65.16 8.16
N PRO C 140 33.32 -64.90 8.68
CA PRO C 140 34.51 -65.60 8.17
C PRO C 140 34.45 -67.14 8.27
N TYR C 141 34.00 -67.66 9.41
CA TYR C 141 33.92 -69.11 9.64
C TYR C 141 32.63 -69.76 9.10
N GLY C 142 31.51 -69.08 9.32
CA GLY C 142 30.22 -69.59 8.89
C GLY C 142 30.01 -69.77 7.41
N ASN C 143 30.62 -68.91 6.61
CA ASN C 143 30.48 -69.01 5.16
C ASN C 143 31.67 -69.63 4.44
N MET C 144 32.64 -70.14 5.21
CA MET C 144 33.82 -70.77 4.63
C MET C 144 33.43 -72.18 4.13
N LYS C 145 33.02 -72.26 2.86
CA LYS C 145 32.61 -73.52 2.25
C LYS C 145 33.73 -74.23 1.47
N THR C 146 34.92 -73.66 1.51
CA THR C 146 36.07 -74.26 0.86
C THR C 146 36.54 -75.41 1.72
N ARG C 147 36.62 -76.61 1.15
CA ARG C 147 37.04 -77.77 1.92
C ARG C 147 38.49 -78.17 1.68
N ALA C 148 39.00 -79.00 2.59
CA ALA C 148 40.35 -79.50 2.50
C ALA C 148 40.34 -80.90 3.09
N ARG C 149 40.61 -81.89 2.27
CA ARG C 149 40.63 -83.28 2.72
C ARG C 149 42.01 -83.90 2.52
N ARG C 150 42.55 -84.48 3.59
CA ARG C 150 43.87 -85.12 3.54
C ARG C 150 43.77 -86.56 3.08
N ASP C 153 49.31 -87.74 2.56
CA ASP C 153 50.24 -86.65 2.85
C ASP C 153 50.10 -85.43 1.95
N THR C 154 48.99 -85.38 1.22
CA THR C 154 48.72 -84.24 0.37
C THR C 154 47.27 -83.93 0.61
N TRP C 155 46.89 -82.71 0.28
CA TRP C 155 45.54 -82.28 0.51
C TRP C 155 44.81 -81.99 -0.77
N VAL C 156 43.50 -82.12 -0.74
CA VAL C 156 42.74 -81.72 -1.91
C VAL C 156 41.64 -80.77 -1.50
N LEU C 157 41.88 -79.58 -2.03
CA LEU C 157 41.16 -78.32 -1.88
C LEU C 157 40.07 -78.14 -2.91
N ASN C 158 38.93 -77.59 -2.48
CA ASN C 158 37.79 -77.36 -3.35
C ASN C 158 36.90 -76.25 -2.78
N GLY C 159 36.79 -75.13 -3.49
CA GLY C 159 35.97 -74.04 -3.00
C GLY C 159 36.14 -72.79 -3.82
N THR C 160 35.59 -71.68 -3.36
CA THR C 160 35.71 -70.43 -4.10
C THR C 160 35.96 -69.26 -3.16
N LYS C 161 36.74 -68.30 -3.63
CA LYS C 161 37.02 -67.09 -2.87
C LYS C 161 36.62 -65.90 -3.75
N MET C 162 36.04 -64.89 -3.13
CA MET C 162 35.60 -63.71 -3.86
C MET C 162 36.24 -62.43 -3.34
N TRP C 163 36.55 -61.54 -4.28
CA TRP C 163 37.15 -60.24 -3.98
C TRP C 163 38.56 -60.39 -3.40
N ILE C 164 39.39 -61.23 -3.98
CA ILE C 164 40.73 -61.41 -3.43
C ILE C 164 41.76 -60.48 -4.09
N THR C 165 42.31 -59.54 -3.32
CA THR C 165 43.32 -58.62 -3.85
C THR C 165 44.56 -59.42 -4.31
N ASN C 166 45.20 -58.95 -5.39
CA ASN C 166 46.38 -59.58 -5.99
C ASN C 166 46.06 -60.96 -6.55
N GLY C 167 44.77 -61.23 -6.70
CA GLY C 167 44.33 -62.53 -7.20
C GLY C 167 45.02 -62.97 -8.46
N ASN C 168 45.19 -62.05 -9.39
CA ASN C 168 45.84 -62.42 -10.65
C ASN C 168 47.31 -62.08 -10.75
N LEU C 169 47.87 -61.49 -9.70
CA LEU C 169 49.28 -61.12 -9.73
C LEU C 169 50.08 -62.12 -8.97
N ALA C 170 49.40 -62.83 -8.09
CA ALA C 170 50.09 -63.73 -7.21
C ALA C 170 50.46 -65.13 -7.66
N HIS C 171 51.59 -65.62 -7.13
CA HIS C 171 52.06 -66.97 -7.43
C HIS C 171 51.65 -67.76 -6.21
N LEU C 172 51.49 -67.03 -5.14
CA LEU C 172 51.18 -67.68 -3.93
C LEU C 172 49.90 -67.12 -3.38
N ALA C 173 49.05 -68.06 -3.00
CA ALA C 173 47.74 -67.79 -2.48
C ALA C 173 47.51 -68.45 -1.13
N VAL C 174 47.42 -67.64 -0.06
CA VAL C 174 47.16 -68.19 1.26
C VAL C 174 45.66 -68.50 1.31
N ILE C 175 45.29 -69.77 1.16
CA ILE C 175 43.90 -70.14 1.21
C ILE C 175 43.51 -70.73 2.57
N TRP C 176 42.29 -70.38 3.01
CA TRP C 176 41.75 -70.87 4.26
C TRP C 176 40.52 -71.70 3.93
N ALA C 177 40.56 -72.95 4.37
CA ALA C 177 39.47 -73.88 4.14
C ALA C 177 39.26 -74.66 5.43
N LYS C 178 38.24 -75.52 5.43
CA LYS C 178 37.92 -76.35 6.59
C LYS C 178 38.05 -77.83 6.22
N ASP C 179 38.13 -78.67 7.24
CA ASP C 179 38.25 -80.12 7.07
C ASP C 179 37.04 -80.82 7.72
N GLU C 183 37.08 -77.31 11.17
CA GLU C 183 38.36 -76.81 11.67
C GLU C 183 39.07 -75.99 10.60
N VAL C 184 39.48 -74.77 10.95
CA VAL C 184 40.16 -73.90 9.99
C VAL C 184 41.66 -74.13 9.86
N LEU C 185 42.08 -74.30 8.61
CA LEU C 185 43.49 -74.53 8.27
C LEU C 185 43.93 -73.53 7.19
N GLY C 186 45.25 -73.32 7.10
CA GLY C 186 45.79 -72.39 6.12
C GLY C 186 46.84 -73.00 5.21
N PHE C 187 46.62 -72.89 3.90
CA PHE C 187 47.55 -73.44 2.92
C PHE C 187 48.24 -72.40 2.04
N LEU C 188 49.49 -72.69 1.68
CA LEU C 188 50.28 -71.84 0.82
C LEU C 188 50.18 -72.52 -0.55
N VAL C 189 49.11 -72.16 -1.27
CA VAL C 189 48.78 -72.71 -2.57
C VAL C 189 49.39 -71.99 -3.76
N PRO C 190 50.30 -72.66 -4.47
CA PRO C 190 50.90 -72.00 -5.64
C PRO C 190 49.73 -71.76 -6.60
N THR C 191 49.77 -70.66 -7.34
CA THR C 191 48.66 -70.38 -8.23
C THR C 191 48.69 -71.13 -9.55
N ASP C 192 49.78 -71.85 -9.82
CA ASP C 192 49.85 -72.58 -11.08
C ASP C 192 49.56 -74.07 -10.92
N THR C 193 49.33 -74.53 -9.69
CA THR C 193 49.01 -75.94 -9.49
C THR C 193 47.68 -76.17 -10.20
N PRO C 194 47.57 -77.25 -10.99
CA PRO C 194 46.32 -77.52 -11.71
C PRO C 194 45.06 -77.51 -10.85
N GLY C 195 43.97 -77.03 -11.45
CA GLY C 195 42.70 -76.96 -10.75
C GLY C 195 42.44 -75.62 -10.06
N PHE C 196 43.42 -74.74 -10.13
CA PHE C 196 43.35 -73.42 -9.50
C PHE C 196 43.19 -72.35 -10.58
N GLN C 197 42.08 -71.63 -10.53
CA GLN C 197 41.82 -70.57 -11.49
C GLN C 197 41.57 -69.24 -10.79
N ALA C 198 42.12 -68.18 -11.36
CA ALA C 198 41.95 -66.82 -10.83
C ALA C 198 41.38 -65.94 -11.93
N ARG C 199 40.20 -65.40 -11.71
CA ARG C 199 39.59 -64.53 -12.70
C ARG C 199 39.35 -63.16 -12.07
N GLU C 200 39.78 -62.11 -12.78
CA GLU C 200 39.63 -60.74 -12.32
C GLU C 200 38.20 -60.26 -12.33
N VAL C 201 37.91 -59.35 -11.40
CA VAL C 201 36.59 -58.76 -11.26
C VAL C 201 36.54 -57.50 -12.12
N LYS C 202 35.51 -57.39 -12.94
CA LYS C 202 35.37 -56.24 -13.83
C LYS C 202 34.25 -55.33 -13.37
N ARG C 203 34.19 -54.15 -13.99
CA ARG C 203 33.18 -53.14 -13.66
C ARG C 203 33.31 -52.61 -12.23
N LYS C 204 34.54 -52.35 -11.80
CA LYS C 204 34.81 -51.84 -10.44
C LYS C 204 34.81 -50.33 -10.47
N MET C 205 34.01 -49.74 -9.59
CA MET C 205 33.97 -48.28 -9.53
C MET C 205 34.68 -47.81 -8.27
N SER C 206 35.45 -48.71 -7.66
CA SER C 206 36.21 -48.43 -6.43
C SER C 206 37.50 -49.27 -6.40
N LEU C 207 38.59 -48.71 -5.88
CA LEU C 207 39.88 -49.40 -5.80
C LEU C 207 40.29 -49.96 -7.18
N ARG C 208 40.17 -49.12 -8.20
CA ARG C 208 40.50 -49.49 -9.58
C ARG C 208 41.99 -49.74 -9.77
N ALA C 209 42.81 -48.97 -9.07
CA ALA C 209 44.27 -49.11 -9.12
C ALA C 209 44.64 -50.28 -8.21
N SER C 210 44.20 -51.48 -8.60
CA SER C 210 44.43 -52.69 -7.82
C SER C 210 43.77 -53.85 -8.54
N VAL C 211 44.30 -55.06 -8.43
CA VAL C 211 43.65 -56.19 -9.08
C VAL C 211 42.88 -56.99 -8.04
N THR C 212 41.61 -57.25 -8.36
CA THR C 212 40.72 -58.00 -7.49
C THR C 212 40.26 -59.19 -8.32
N SER C 213 40.37 -60.38 -7.74
CA SER C 213 40.01 -61.59 -8.46
C SER C 213 39.05 -62.53 -7.74
N GLU C 214 38.59 -63.53 -8.48
CA GLU C 214 37.72 -64.53 -7.91
C GLU C 214 38.60 -65.76 -8.02
N LEU C 215 38.73 -66.49 -6.92
CA LEU C 215 39.55 -67.68 -6.94
C LEU C 215 38.64 -68.90 -6.98
N VAL C 216 38.96 -69.83 -7.86
CA VAL C 216 38.20 -71.07 -7.97
C VAL C 216 39.16 -72.23 -7.86
N LEU C 217 39.03 -73.00 -6.78
CA LEU C 217 39.89 -74.16 -6.57
C LEU C 217 39.06 -75.41 -6.81
N GLU C 218 39.41 -76.10 -7.88
CA GLU C 218 38.73 -77.30 -8.28
C GLU C 218 39.69 -78.48 -8.11
N GLU C 219 39.49 -79.28 -7.08
CA GLU C 219 40.34 -80.43 -6.82
C GLU C 219 41.84 -80.07 -6.84
N VAL C 220 42.20 -78.97 -6.18
CA VAL C 220 43.58 -78.51 -6.12
C VAL C 220 44.40 -79.33 -5.10
N ARG C 221 45.50 -79.91 -5.58
CA ARG C 221 46.40 -80.74 -4.77
C ARG C 221 47.50 -79.93 -4.07
N VAL C 222 47.63 -80.09 -2.77
CA VAL C 222 48.66 -79.36 -2.02
C VAL C 222 49.30 -80.27 -0.98
N PRO C 223 50.64 -80.34 -0.99
CA PRO C 223 51.38 -81.18 -0.03
C PRO C 223 51.21 -80.66 1.40
N GLU C 224 51.47 -81.52 2.36
CA GLU C 224 51.36 -81.14 3.76
C GLU C 224 52.47 -80.15 4.08
N SER C 225 53.53 -80.19 3.26
CA SER C 225 54.69 -79.31 3.44
C SER C 225 54.32 -77.89 3.04
N LEU C 226 53.12 -77.75 2.48
CA LEU C 226 52.67 -76.44 2.06
C LEU C 226 51.50 -75.95 2.90
N ARG C 227 51.20 -76.65 3.98
CA ARG C 227 50.12 -76.22 4.85
C ARG C 227 50.82 -75.52 6.00
N LEU C 228 50.23 -74.43 6.46
CA LEU C 228 50.80 -73.68 7.57
C LEU C 228 50.63 -74.51 8.85
N PRO C 229 51.75 -75.06 9.38
CA PRO C 229 51.73 -75.89 10.59
C PRO C 229 51.05 -75.27 11.81
N LYS C 230 51.48 -74.10 12.24
CA LYS C 230 50.86 -73.46 13.40
C LYS C 230 49.51 -72.82 13.14
N ALA C 231 49.11 -72.73 11.87
CA ALA C 231 47.82 -72.12 11.52
C ALA C 231 46.66 -73.02 11.94
N LEU C 232 46.05 -72.69 13.07
CA LEU C 232 44.93 -73.48 13.61
C LEU C 232 43.76 -72.61 14.07
N GLY C 233 42.61 -72.78 13.41
CA GLY C 233 41.41 -72.04 13.78
C GLY C 233 41.18 -70.67 13.16
N LEU C 234 39.97 -70.14 13.36
CA LEU C 234 39.60 -68.83 12.83
C LEU C 234 40.61 -67.79 13.27
N LYS C 235 41.16 -67.99 14.46
CA LYS C 235 42.12 -67.07 15.02
C LYS C 235 43.35 -66.80 14.16
N ALA C 236 43.77 -67.77 13.36
CA ALA C 236 44.95 -67.57 12.52
C ALA C 236 44.68 -66.50 11.42
N PRO C 237 43.65 -66.68 10.59
CA PRO C 237 43.41 -65.67 9.58
C PRO C 237 43.02 -64.33 10.21
N LEU C 238 42.30 -64.39 11.33
CA LEU C 238 41.88 -63.17 12.01
C LEU C 238 43.08 -62.35 12.48
N SER C 239 44.10 -63.02 13.01
CA SER C 239 45.28 -62.32 13.47
C SER C 239 45.88 -61.60 12.25
N CYS C 240 45.70 -62.20 11.09
CA CYS C 240 46.20 -61.60 9.86
C CYS C 240 45.42 -60.32 9.56
N LEU C 241 44.12 -60.31 9.87
CA LEU C 241 43.32 -59.13 9.62
C LEU C 241 43.64 -58.03 10.62
N THR C 242 43.93 -58.42 11.86
CA THR C 242 44.29 -57.45 12.87
C THR C 242 45.54 -56.71 12.41
N GLN C 243 46.50 -57.45 11.86
CA GLN C 243 47.76 -56.86 11.37
C GLN C 243 47.45 -55.84 10.26
N ALA C 244 46.73 -56.32 9.26
CA ALA C 244 46.34 -55.51 8.11
C ALA C 244 45.52 -54.28 8.56
N ARG C 245 44.59 -54.51 9.47
CA ARG C 245 43.77 -53.42 9.96
C ARG C 245 44.58 -52.31 10.62
N PHE C 246 45.72 -52.67 11.19
CA PHE C 246 46.58 -51.71 11.85
C PHE C 246 47.10 -50.69 10.84
N GLY C 247 47.65 -51.21 9.74
CA GLY C 247 48.18 -50.32 8.71
C GLY C 247 47.10 -49.45 8.13
N ILE C 248 45.92 -50.04 7.96
CA ILE C 248 44.79 -49.34 7.38
C ILE C 248 44.33 -48.15 8.23
N ALA C 249 44.37 -48.30 9.54
CA ALA C 249 43.96 -47.21 10.43
C ALA C 249 44.90 -46.05 10.18
N TRP C 250 46.14 -46.37 9.80
CA TRP C 250 47.15 -45.36 9.50
C TRP C 250 46.96 -44.74 8.11
N GLY C 251 46.79 -45.60 7.11
CA GLY C 251 46.59 -45.13 5.75
C GLY C 251 45.39 -44.22 5.65
N ALA C 252 44.30 -44.60 6.33
CA ALA C 252 43.08 -43.80 6.30
C ALA C 252 43.37 -42.34 6.60
N MET C 253 44.23 -42.11 7.60
CA MET C 253 44.62 -40.75 7.97
C MET C 253 45.34 -40.04 6.83
N GLY C 254 46.08 -40.80 6.04
CA GLY C 254 46.83 -40.26 4.92
C GLY C 254 45.92 -39.78 3.81
N ALA C 255 44.91 -40.56 3.48
CA ALA C 255 44.00 -40.16 2.43
C ALA C 255 43.21 -38.95 2.93
N LEU C 256 43.06 -38.86 4.25
CA LEU C 256 42.34 -37.75 4.85
C LEU C 256 43.14 -36.45 4.69
N GLU C 257 44.46 -36.54 4.87
CA GLU C 257 45.30 -35.37 4.69
C GLU C 257 45.14 -34.85 3.26
N ALA C 258 45.16 -35.80 2.32
CA ALA C 258 45.04 -35.51 0.91
C ALA C 258 43.77 -34.75 0.54
N VAL C 259 42.60 -35.26 0.92
CA VAL C 259 41.36 -34.58 0.55
C VAL C 259 41.20 -33.26 1.32
N TYR C 260 41.73 -33.22 2.52
CA TYR C 260 41.66 -32.04 3.37
C TYR C 260 42.51 -30.93 2.79
N GLU C 261 43.76 -31.27 2.49
CA GLU C 261 44.69 -30.32 1.92
C GLU C 261 44.13 -29.71 0.64
N GLU C 262 43.57 -30.55 -0.21
CA GLU C 262 42.99 -30.11 -1.46
C GLU C 262 41.76 -29.25 -1.26
N ALA C 263 40.97 -29.59 -0.25
CA ALA C 263 39.76 -28.84 0.05
C ALA C 263 40.01 -27.41 0.50
N VAL C 264 40.98 -27.20 1.39
CA VAL C 264 41.25 -25.85 1.87
C VAL C 264 41.90 -25.00 0.79
N ALA C 265 42.72 -25.62 -0.04
CA ALA C 265 43.38 -24.89 -1.13
C ALA C 265 42.29 -24.39 -2.06
N PHE C 266 41.36 -25.28 -2.39
CA PHE C 266 40.25 -24.93 -3.26
C PHE C 266 39.39 -23.86 -2.60
N ALA C 267 39.08 -24.07 -1.32
CA ALA C 267 38.24 -23.13 -0.57
C ALA C 267 38.88 -21.76 -0.54
N LYS C 268 40.19 -21.74 -0.50
CA LYS C 268 40.90 -20.49 -0.44
C LYS C 268 41.10 -19.78 -1.76
N SER C 269 41.01 -20.50 -2.87
CA SER C 269 41.21 -19.92 -4.18
C SER C 269 39.92 -19.58 -4.91
N ARG C 270 38.78 -20.01 -4.38
CA ARG C 270 37.51 -19.75 -5.03
C ARG C 270 36.77 -18.77 -4.14
N SER C 271 35.88 -17.97 -4.72
CA SER C 271 35.21 -16.93 -3.96
C SER C 271 33.72 -16.87 -4.24
N THR C 272 32.94 -16.26 -3.34
CA THR C 272 31.52 -16.20 -3.62
C THR C 272 30.79 -14.87 -3.50
N PHE C 273 30.06 -14.61 -2.42
CA PHE C 273 29.39 -13.33 -2.41
C PHE C 273 30.36 -12.38 -1.88
N GLY C 274 31.50 -12.40 -2.56
CA GLY C 274 32.53 -11.49 -2.19
C GLY C 274 33.46 -11.81 -1.06
N GLU C 275 33.72 -13.06 -0.70
CA GLU C 275 34.78 -13.19 0.26
C GLU C 275 35.54 -14.33 -0.36
N PRO C 276 35.85 -15.40 0.29
CA PRO C 276 36.54 -16.48 -0.47
C PRO C 276 35.68 -17.60 0.02
N LEU C 277 35.76 -18.76 -0.59
CA LEU C 277 34.92 -19.85 -0.10
C LEU C 277 35.36 -20.15 1.31
N ALA C 278 36.66 -20.11 1.53
CA ALA C 278 37.26 -20.39 2.83
C ALA C 278 36.81 -19.49 3.96
N LYS C 279 36.13 -18.39 3.66
CA LYS C 279 35.69 -17.48 4.72
C LYS C 279 34.27 -17.73 5.21
N LYS C 280 33.55 -18.63 4.52
CA LYS C 280 32.17 -18.94 4.89
C LYS C 280 32.12 -19.91 6.09
N GLN C 281 31.17 -19.67 7.00
CA GLN C 281 31.01 -20.50 8.18
C GLN C 281 30.73 -21.96 7.87
N LEU C 282 29.87 -22.22 6.89
CA LEU C 282 29.53 -23.60 6.55
C LEU C 282 30.68 -24.40 5.93
N VAL C 283 31.57 -23.74 5.20
CA VAL C 283 32.71 -24.44 4.62
C VAL C 283 33.77 -24.59 5.71
N GLN C 284 33.92 -23.57 6.54
CA GLN C 284 34.90 -23.64 7.62
C GLN C 284 34.59 -24.79 8.57
N ALA C 285 33.30 -24.98 8.85
CA ALA C 285 32.90 -26.04 9.75
C ALA C 285 33.31 -27.40 9.21
N LYS C 286 33.17 -27.62 7.89
CA LYS C 286 33.54 -28.89 7.27
C LYS C 286 35.05 -29.16 7.40
N LEU C 287 35.86 -28.12 7.20
CA LEU C 287 37.31 -28.25 7.28
C LEU C 287 37.71 -28.50 8.73
N ALA C 288 37.06 -27.77 9.65
CA ALA C 288 37.34 -27.90 11.08
C ALA C 288 37.10 -29.34 11.51
N GLU C 289 36.03 -29.92 11.00
CA GLU C 289 35.70 -31.31 11.29
C GLU C 289 36.77 -32.24 10.71
N MET C 290 37.22 -31.96 9.49
CA MET C 290 38.25 -32.75 8.84
C MET C 290 39.55 -32.72 9.63
N LEU C 291 39.93 -31.53 10.12
CA LEU C 291 41.11 -31.41 10.92
C LEU C 291 40.98 -32.13 12.26
N ALA C 292 39.83 -31.98 12.88
CA ALA C 292 39.58 -32.61 14.17
C ALA C 292 39.67 -34.12 14.06
N TRP C 293 39.08 -34.68 13.01
CA TRP C 293 39.10 -36.12 12.80
C TRP C 293 40.50 -36.62 12.57
N HIS C 294 41.27 -35.85 11.80
CA HIS C 294 42.64 -36.26 11.48
C HIS C 294 43.47 -36.36 12.74
N THR C 295 43.33 -35.36 13.58
CA THR C 295 44.08 -35.30 14.82
C THR C 295 43.73 -36.46 15.74
N GLU C 296 42.44 -36.75 15.81
CA GLU C 296 41.96 -37.85 16.62
C GLU C 296 42.51 -39.16 16.07
N GLY C 297 42.45 -39.29 14.74
CA GLY C 297 42.92 -40.49 14.08
C GLY C 297 44.41 -40.78 14.23
N LEU C 298 45.25 -39.76 14.18
CA LEU C 298 46.69 -39.98 14.30
C LEU C 298 47.05 -40.49 15.70
N LEU C 299 46.36 -39.97 16.71
CA LEU C 299 46.61 -40.37 18.09
C LEU C 299 46.23 -41.82 18.32
N LEU C 300 45.10 -42.24 17.75
CA LEU C 300 44.68 -43.62 17.89
C LEU C 300 45.73 -44.51 17.24
N ALA C 301 46.13 -44.13 16.03
CA ALA C 301 47.11 -44.89 15.25
C ALA C 301 48.47 -44.96 15.94
N TRP C 302 48.90 -43.82 16.47
CA TRP C 302 50.18 -43.74 17.15
C TRP C 302 50.15 -44.63 18.39
N ARG C 303 49.12 -44.44 19.20
CA ARG C 303 48.97 -45.20 20.44
C ARG C 303 48.95 -46.69 20.17
N LEU C 304 48.29 -47.08 19.08
CA LEU C 304 48.19 -48.48 18.72
C LEU C 304 49.52 -49.03 18.24
N ALA C 305 50.34 -48.16 17.65
CA ALA C 305 51.64 -48.57 17.14
C ALA C 305 52.55 -48.92 18.31
N ARG C 306 52.51 -48.13 19.37
CA ARG C 306 53.34 -48.38 20.54
C ARG C 306 52.88 -49.65 21.27
N LEU C 307 51.57 -49.76 21.52
CA LEU C 307 51.05 -50.95 22.19
C LEU C 307 51.44 -52.20 21.40
N LYS C 308 51.41 -52.08 20.08
CA LYS C 308 51.73 -53.20 19.20
C LYS C 308 53.16 -53.71 19.41
N ASP C 309 54.13 -52.81 19.39
CA ASP C 309 55.53 -53.21 19.57
C ASP C 309 55.83 -53.73 20.98
N GLU C 310 55.07 -53.27 21.98
CA GLU C 310 55.30 -53.72 23.34
C GLU C 310 54.49 -54.97 23.65
N GLY C 311 53.89 -55.53 22.60
CA GLY C 311 53.10 -56.75 22.70
C GLY C 311 51.82 -56.70 23.51
N LYS C 312 51.23 -55.52 23.66
CA LYS C 312 50.00 -55.39 24.44
C LYS C 312 48.79 -55.00 23.60
N LEU C 313 48.95 -54.94 22.28
CA LEU C 313 47.84 -54.58 21.42
C LEU C 313 46.82 -55.71 21.34
N THR C 314 45.54 -55.38 21.42
CA THR C 314 44.48 -56.40 21.31
C THR C 314 43.68 -56.15 20.02
N PRO C 315 42.99 -57.18 19.51
CA PRO C 315 42.20 -57.03 18.28
C PRO C 315 41.08 -55.99 18.39
N ALA C 316 40.39 -55.97 19.54
CA ALA C 316 39.31 -55.04 19.75
C ALA C 316 39.86 -53.62 19.63
N GLN C 317 41.03 -53.39 20.21
CA GLN C 317 41.65 -52.07 20.13
C GLN C 317 41.85 -51.70 18.65
N VAL C 318 42.33 -52.66 17.87
CA VAL C 318 42.56 -52.45 16.44
C VAL C 318 41.23 -52.20 15.76
N SER C 319 40.21 -52.96 16.15
CA SER C 319 38.89 -52.77 15.55
C SER C 319 38.42 -51.35 15.72
N LEU C 320 38.68 -50.77 16.89
CA LEU C 320 38.25 -49.41 17.19
C LEU C 320 38.89 -48.40 16.24
N ALA C 321 40.20 -48.49 16.10
CA ALA C 321 40.94 -47.57 15.25
C ALA C 321 40.58 -47.69 13.77
N LYS C 322 40.36 -48.91 13.29
CA LYS C 322 40.01 -49.10 11.87
C LYS C 322 38.63 -48.51 11.60
N ARG C 323 37.69 -48.89 12.45
CA ARG C 323 36.31 -48.43 12.33
C ARG C 323 36.26 -46.91 12.30
N GLN C 324 36.77 -46.28 13.36
CA GLN C 324 36.76 -44.84 13.50
C GLN C 324 37.48 -44.09 12.38
N ASN C 325 38.73 -44.46 12.10
CA ASN C 325 39.53 -43.79 11.10
C ASN C 325 39.03 -43.88 9.68
N VAL C 326 38.62 -45.07 9.27
CA VAL C 326 38.11 -45.24 7.92
C VAL C 326 36.78 -44.50 7.76
N TRP C 327 35.93 -44.56 8.78
CA TRP C 327 34.64 -43.88 8.72
C TRP C 327 34.86 -42.37 8.55
N LYS C 328 35.80 -41.84 9.32
CA LYS C 328 36.12 -40.42 9.28
C LYS C 328 36.67 -40.02 7.91
N ALA C 329 37.57 -40.84 7.38
CA ALA C 329 38.16 -40.58 6.09
C ALA C 329 37.10 -40.64 4.99
N LEU C 330 36.17 -41.59 5.10
CA LEU C 330 35.13 -41.69 4.10
C LEU C 330 34.27 -40.44 4.20
N GLN C 331 33.90 -40.04 5.42
CA GLN C 331 33.05 -38.86 5.59
C GLN C 331 33.77 -37.62 5.06
N ALA C 332 35.05 -37.51 5.37
CA ALA C 332 35.83 -36.36 4.93
C ALA C 332 35.95 -36.27 3.42
N ALA C 333 36.08 -37.41 2.75
CA ALA C 333 36.19 -37.45 1.30
C ALA C 333 34.90 -36.93 0.67
N ARG C 334 33.78 -37.31 1.23
CA ARG C 334 32.49 -36.88 0.73
C ARG C 334 32.31 -35.38 0.96
N MET C 335 32.68 -34.91 2.14
CA MET C 335 32.57 -33.49 2.46
C MET C 335 33.43 -32.65 1.52
N ALA C 336 34.59 -33.19 1.16
CA ALA C 336 35.52 -32.52 0.24
C ALA C 336 34.94 -32.46 -1.17
N ARG C 337 34.34 -33.55 -1.63
CA ARG C 337 33.74 -33.58 -2.95
C ARG C 337 32.64 -32.52 -2.96
N ASP C 338 31.89 -32.43 -1.85
CA ASP C 338 30.82 -31.45 -1.71
C ASP C 338 31.39 -30.05 -1.83
N ILE C 339 32.50 -29.82 -1.14
CA ILE C 339 33.17 -28.54 -1.17
C ILE C 339 33.69 -28.16 -2.57
N LEU C 340 34.13 -29.15 -3.33
CA LEU C 340 34.67 -28.89 -4.66
C LEU C 340 33.59 -28.55 -5.69
N GLY C 341 32.35 -28.94 -5.40
CA GLY C 341 31.26 -28.67 -6.31
C GLY C 341 31.39 -29.48 -7.59
N GLY C 342 31.06 -28.85 -8.71
CA GLY C 342 31.11 -29.50 -10.00
C GLY C 342 32.51 -30.00 -10.32
N SER C 343 33.49 -29.24 -9.88
CA SER C 343 34.87 -29.63 -10.14
C SER C 343 35.23 -30.94 -9.47
N GLY C 344 34.48 -31.34 -8.45
CA GLY C 344 34.79 -32.57 -7.75
C GLY C 344 34.29 -33.88 -8.35
N ILE C 345 33.49 -33.82 -9.40
CA ILE C 345 32.97 -35.04 -10.00
C ILE C 345 33.90 -35.58 -11.05
N THR C 346 35.02 -34.90 -11.24
CA THR C 346 35.99 -35.31 -12.24
C THR C 346 37.29 -35.74 -11.58
N LEU C 347 37.97 -36.71 -12.19
CA LEU C 347 39.23 -37.21 -11.65
C LEU C 347 40.32 -36.17 -11.67
N GLU C 348 39.93 -34.93 -11.95
CA GLU C 348 40.86 -33.84 -11.96
C GLU C 348 41.22 -33.47 -10.53
N TYR C 349 40.41 -33.88 -9.54
CA TYR C 349 40.74 -33.53 -8.17
C TYR C 349 41.14 -34.58 -7.15
N HIS C 350 41.00 -35.88 -7.36
CA HIS C 350 41.42 -36.79 -6.26
C HIS C 350 40.34 -37.02 -5.20
N ALA C 351 39.71 -35.94 -4.74
CA ALA C 351 38.69 -36.05 -3.72
C ALA C 351 37.73 -37.20 -3.99
N ILE C 352 37.22 -37.29 -5.21
CA ILE C 352 36.27 -38.34 -5.55
C ILE C 352 36.96 -39.72 -5.73
N ARG C 353 38.24 -39.73 -6.12
CA ARG C 353 38.96 -41.01 -6.27
C ARG C 353 39.12 -41.63 -4.87
N HIS C 354 39.51 -40.79 -3.93
CA HIS C 354 39.64 -41.22 -2.56
C HIS C 354 38.27 -41.56 -1.97
N MET C 355 37.25 -40.79 -2.35
CA MET C 355 35.89 -41.01 -1.86
C MET C 355 35.38 -42.39 -2.25
N LEU C 356 35.65 -42.79 -3.49
CA LEU C 356 35.26 -44.10 -3.98
C LEU C 356 36.11 -45.23 -3.38
N ASN C 357 37.43 -45.01 -3.37
CA ASN C 357 38.38 -46.00 -2.83
C ASN C 357 38.04 -46.31 -1.37
N LEU C 358 37.76 -45.27 -0.58
CA LEU C 358 37.43 -45.45 0.81
C LEU C 358 36.14 -46.22 1.05
N GLU C 359 35.31 -46.34 0.00
CA GLU C 359 34.05 -47.07 0.13
C GLU C 359 34.42 -48.54 0.31
N THR C 360 35.49 -48.96 -0.35
CA THR C 360 35.99 -50.33 -0.26
C THR C 360 36.67 -50.56 1.09
N VAL C 361 37.56 -49.64 1.45
CA VAL C 361 38.28 -49.74 2.70
C VAL C 361 37.28 -49.81 3.86
N TYR C 362 36.18 -49.09 3.67
CA TYR C 362 35.10 -49.01 4.64
C TYR C 362 34.40 -50.36 4.76
N THR C 363 34.53 -51.17 3.71
CA THR C 363 33.90 -52.46 3.66
C THR C 363 34.80 -53.65 4.01
N TYR C 364 35.96 -53.78 3.36
CA TYR C 364 36.82 -54.93 3.66
C TYR C 364 37.59 -54.87 4.96
N GLU C 365 38.24 -55.97 5.32
CA GLU C 365 38.98 -56.03 6.58
C GLU C 365 38.01 -55.72 7.73
N GLY C 366 36.79 -56.22 7.60
CA GLY C 366 35.76 -56.00 8.59
C GLY C 366 34.98 -54.73 8.31
N THR C 367 33.69 -54.85 8.06
CA THR C 367 32.85 -53.68 7.80
C THR C 367 32.68 -52.84 9.04
N HIS C 368 32.17 -51.63 8.85
CA HIS C 368 31.95 -50.73 9.96
C HIS C 368 31.14 -51.44 11.04
N ASP C 369 30.09 -52.12 10.61
CA ASP C 369 29.23 -52.84 11.54
C ASP C 369 29.84 -54.02 12.26
N VAL C 370 30.71 -54.80 11.62
CA VAL C 370 31.29 -55.91 12.34
C VAL C 370 32.19 -55.40 13.45
N HIS C 371 32.89 -54.30 13.20
CA HIS C 371 33.78 -53.74 14.21
C HIS C 371 32.93 -53.21 15.36
N THR C 372 31.77 -52.66 15.03
CA THR C 372 30.87 -52.16 16.06
C THR C 372 30.52 -53.35 16.97
N LEU C 373 30.22 -54.49 16.36
CA LEU C 373 29.89 -55.70 17.11
C LEU C 373 31.08 -56.22 17.93
N VAL C 374 32.28 -56.11 17.36
CA VAL C 374 33.48 -56.54 18.06
C VAL C 374 33.56 -55.75 19.35
N LEU C 375 33.50 -54.42 19.23
CA LEU C 375 33.55 -53.55 20.40
C LEU C 375 32.37 -53.89 21.31
N GLY C 376 31.19 -54.06 20.71
CA GLY C 376 30.01 -54.37 21.49
C GLY C 376 30.15 -55.59 22.36
N ARG C 377 30.67 -56.66 21.78
CA ARG C 377 30.87 -57.90 22.50
C ARG C 377 31.95 -57.72 23.57
N GLU C 378 32.99 -56.94 23.26
CA GLU C 378 34.06 -56.73 24.21
C GLU C 378 33.58 -55.92 25.40
N ILE C 379 32.61 -55.05 25.17
CA ILE C 379 32.06 -54.18 26.22
C ILE C 379 31.06 -54.89 27.12
N THR C 380 30.18 -55.68 26.50
CA THR C 380 29.13 -56.37 27.23
C THR C 380 29.39 -57.84 27.52
N GLY C 381 30.31 -58.44 26.77
CA GLY C 381 30.60 -59.83 26.99
C GLY C 381 29.56 -60.67 26.29
N LEU C 382 28.64 -59.99 25.60
CA LEU C 382 27.58 -60.67 24.88
C LEU C 382 27.77 -60.62 23.36
N ASN C 383 27.56 -61.76 22.72
CA ASN C 383 27.74 -61.87 21.28
C ASN C 383 26.46 -61.50 20.55
N ALA C 384 26.52 -60.43 19.77
CA ALA C 384 25.33 -59.97 19.04
C ALA C 384 25.43 -60.09 17.52
N PHE C 385 26.48 -60.74 17.01
CA PHE C 385 26.64 -60.93 15.55
C PHE C 385 25.49 -61.78 15.04
N MET D 1 39.41 -45.32 36.66
CA MET D 1 39.70 -45.01 35.23
C MET D 1 39.15 -46.04 34.26
N LEU D 2 38.21 -45.60 33.44
CA LEU D 2 37.69 -46.42 32.37
C LEU D 2 38.89 -46.12 31.44
N ASP D 3 39.50 -47.13 30.81
CA ASP D 3 40.68 -46.84 30.01
C ASP D 3 40.96 -47.94 29.00
N PHE D 4 40.22 -47.90 27.90
CA PHE D 4 40.33 -48.92 26.86
C PHE D 4 41.68 -49.03 26.14
N TYR D 5 42.38 -47.92 26.00
CA TYR D 5 43.67 -47.93 25.31
C TYR D 5 44.87 -47.89 26.25
N ALA D 6 44.62 -48.21 27.51
CA ALA D 6 45.64 -48.24 28.55
C ALA D 6 46.50 -46.99 28.61
N LEU D 7 45.85 -45.83 28.67
CA LEU D 7 46.58 -44.57 28.73
C LEU D 7 47.19 -44.34 30.12
N GLU D 8 46.68 -45.05 31.11
CA GLU D 8 47.22 -44.90 32.46
C GLU D 8 48.69 -45.31 32.40
N ASP D 9 49.06 -46.04 31.35
CA ASP D 9 50.43 -46.48 31.14
C ASP D 9 51.32 -45.29 30.84
N LEU D 10 50.70 -44.23 30.34
CA LEU D 10 51.42 -43.02 29.96
C LEU D 10 51.49 -42.02 31.09
N LEU D 11 51.07 -42.46 32.27
CA LEU D 11 51.05 -41.58 33.44
C LEU D 11 52.14 -41.90 34.45
N THR D 12 52.63 -40.86 35.11
CA THR D 12 53.64 -41.01 36.14
C THR D 12 52.94 -41.56 37.38
N PRO D 13 53.72 -42.09 38.33
CA PRO D 13 53.15 -42.64 39.57
C PRO D 13 52.41 -41.55 40.35
N GLU D 14 53.00 -40.36 40.36
CA GLU D 14 52.41 -39.24 41.08
C GLU D 14 51.03 -38.92 40.51
N GLU D 15 50.95 -38.81 39.20
CA GLU D 15 49.69 -38.49 38.53
C GLU D 15 48.66 -39.58 38.83
N LYS D 16 49.11 -40.82 38.73
CA LYS D 16 48.25 -41.96 38.98
C LYS D 16 47.67 -41.89 40.39
N GLU D 17 48.49 -41.48 41.34
CA GLU D 17 48.03 -41.42 42.72
C GLU D 17 47.05 -40.28 42.97
N VAL D 18 47.27 -39.13 42.36
CA VAL D 18 46.35 -38.03 42.58
C VAL D 18 44.97 -38.46 42.10
N GLN D 19 44.94 -39.35 41.12
CA GLN D 19 43.68 -39.85 40.57
C GLN D 19 43.00 -40.82 41.53
N LYS D 20 43.77 -41.79 42.02
CA LYS D 20 43.22 -42.77 42.97
C LYS D 20 42.66 -42.02 44.18
N ALA D 21 43.45 -41.10 44.73
CA ALA D 21 43.05 -40.32 45.90
C ALA D 21 41.80 -39.50 45.63
N ALA D 22 41.78 -38.81 44.49
CA ALA D 22 40.64 -37.98 44.12
C ALA D 22 39.38 -38.81 44.10
N ARG D 23 39.42 -39.98 43.46
CA ARG D 23 38.23 -40.82 43.40
C ARG D 23 37.81 -41.33 44.77
N ARG D 24 38.76 -41.80 45.59
CA ARG D 24 38.43 -42.29 46.91
C ARG D 24 37.70 -41.19 47.73
N PHE D 25 38.23 -39.99 47.78
CA PHE D 25 37.58 -38.97 48.58
C PHE D 25 36.26 -38.45 47.99
N LEU D 26 36.18 -38.15 46.71
CA LEU D 26 34.89 -37.69 46.23
C LEU D 26 33.89 -38.86 46.33
N GLU D 27 34.37 -40.10 46.22
CA GLU D 27 33.48 -41.24 46.34
C GLU D 27 32.85 -41.31 47.70
N LYS D 28 33.57 -40.92 48.76
CA LYS D 28 33.02 -40.99 50.12
C LYS D 28 32.37 -39.70 50.55
N GLU D 29 32.90 -38.57 50.09
CA GLU D 29 32.33 -37.31 50.54
C GLU D 29 31.34 -36.62 49.60
N ALA D 30 31.31 -37.01 48.32
CA ALA D 30 30.42 -36.30 47.42
C ALA D 30 29.38 -37.09 46.69
N LEU D 31 29.77 -38.21 46.11
CA LEU D 31 28.84 -39.02 45.35
C LEU D 31 27.55 -39.34 46.08
N PRO D 32 27.66 -39.78 47.34
CA PRO D 32 26.42 -40.09 48.06
C PRO D 32 25.45 -38.96 48.31
N HIS D 33 25.86 -37.71 48.06
CA HIS D 33 24.95 -36.60 48.29
C HIS D 33 24.58 -35.87 47.01
N ILE D 34 25.42 -35.99 45.96
CA ILE D 34 25.21 -35.24 44.73
C ILE D 34 23.79 -35.15 44.19
N ARG D 35 23.09 -36.26 44.26
CA ARG D 35 21.72 -36.36 43.82
C ARG D 35 20.86 -35.34 44.54
N ASP D 36 21.03 -35.29 45.85
CA ASP D 36 20.27 -34.40 46.69
C ASP D 36 20.65 -32.96 46.54
N TRP D 37 21.95 -32.67 46.52
CA TRP D 37 22.45 -31.29 46.37
C TRP D 37 22.00 -30.67 45.05
N TRP D 38 22.07 -31.47 43.99
CA TRP D 38 21.65 -31.02 42.67
C TRP D 38 20.17 -30.69 42.71
N GLU D 39 19.43 -31.58 43.35
CA GLU D 39 18.00 -31.47 43.52
C GLU D 39 17.57 -30.17 44.15
N GLU D 40 18.08 -29.89 45.34
CA GLU D 40 17.73 -28.67 46.02
C GLU D 40 18.52 -27.49 45.46
N GLY D 41 19.31 -27.77 44.43
CA GLY D 41 20.09 -26.74 43.78
C GLY D 41 21.02 -25.98 44.70
N VAL D 42 21.89 -26.71 45.39
CA VAL D 42 22.84 -26.09 46.29
C VAL D 42 24.28 -26.55 46.03
N PHE D 43 25.24 -25.66 46.26
CA PHE D 43 26.63 -26.02 46.09
C PHE D 43 27.14 -26.31 47.50
N PRO D 44 27.76 -27.48 47.71
CA PRO D 44 28.30 -27.87 49.01
C PRO D 44 29.56 -27.10 49.38
N THR D 45 29.39 -25.92 49.97
CA THR D 45 30.54 -25.10 50.35
C THR D 45 31.47 -25.86 51.27
N HIS D 46 30.90 -26.73 52.10
CA HIS D 46 31.74 -27.46 53.03
C HIS D 46 32.82 -28.29 52.38
N LEU D 47 32.69 -28.54 51.08
CA LEU D 47 33.66 -29.32 50.35
C LEU D 47 34.85 -28.50 49.90
N ILE D 48 34.70 -27.18 49.93
CA ILE D 48 35.74 -26.27 49.51
C ILE D 48 37.02 -26.41 50.30
N PRO D 49 36.91 -26.53 51.65
CA PRO D 49 38.12 -26.69 52.46
C PRO D 49 38.71 -28.07 52.18
N ARG D 50 37.83 -29.02 51.86
CA ARG D 50 38.26 -30.38 51.57
C ARG D 50 39.06 -30.42 50.28
N PHE D 51 38.59 -29.69 49.27
CA PHE D 51 39.29 -29.64 48.00
C PHE D 51 40.66 -29.05 48.22
N ALA D 52 40.70 -27.95 48.98
CA ALA D 52 41.94 -27.28 49.29
C ALA D 52 42.91 -28.27 49.93
N GLU D 53 42.43 -29.03 50.90
CA GLU D 53 43.25 -30.00 51.59
C GLU D 53 43.79 -31.09 50.69
N LEU D 54 43.06 -31.39 49.62
CA LEU D 54 43.53 -32.41 48.69
C LEU D 54 44.42 -31.81 47.62
N GLY D 55 44.50 -30.49 47.62
CA GLY D 55 45.33 -29.78 46.66
C GLY D 55 44.68 -29.56 45.31
N PHE D 56 43.34 -29.55 45.29
CA PHE D 56 42.57 -29.35 44.06
C PHE D 56 42.58 -27.90 43.58
N LEU D 57 42.85 -26.98 44.52
CA LEU D 57 42.83 -25.57 44.19
C LEU D 57 44.17 -25.05 43.66
N GLY D 58 44.20 -24.81 42.36
CA GLY D 58 45.42 -24.32 41.74
C GLY D 58 46.49 -25.37 41.89
N PRO D 59 46.20 -26.63 41.54
CA PRO D 59 47.14 -27.75 41.62
C PRO D 59 48.51 -27.60 40.92
N THR D 60 48.56 -27.01 39.73
CA THR D 60 49.84 -26.85 39.03
C THR D 60 50.67 -25.67 39.50
N LEU D 61 50.08 -24.77 40.29
CA LEU D 61 50.81 -23.60 40.76
C LEU D 61 51.93 -23.98 41.72
N PRO D 62 53.00 -23.16 41.76
CA PRO D 62 54.19 -23.33 42.60
C PRO D 62 53.89 -23.36 44.09
N PRO D 63 54.47 -24.33 44.80
CA PRO D 63 54.26 -24.44 46.25
C PRO D 63 54.55 -23.12 46.99
N GLU D 64 55.38 -22.27 46.38
CA GLU D 64 55.74 -20.98 46.97
C GLU D 64 54.50 -20.17 47.26
N TYR D 65 53.53 -20.25 46.36
CA TYR D 65 52.29 -19.52 46.52
C TYR D 65 51.19 -20.35 47.15
N GLY D 66 51.54 -21.53 47.64
CA GLY D 66 50.57 -22.40 48.26
C GLY D 66 50.01 -23.41 47.29
N GLY D 67 50.70 -23.59 46.16
CA GLY D 67 50.23 -24.53 45.16
C GLY D 67 50.83 -25.92 45.32
N ALA D 68 50.17 -26.91 44.76
CA ALA D 68 50.63 -28.29 44.84
C ALA D 68 51.77 -28.59 43.86
N GLY D 69 52.01 -27.66 42.94
CA GLY D 69 53.06 -27.83 41.95
C GLY D 69 53.08 -29.16 41.21
N VAL D 70 51.91 -29.74 40.94
CA VAL D 70 51.87 -31.01 40.22
C VAL D 70 51.67 -30.72 38.74
N SER D 71 51.68 -31.77 37.91
CA SER D 71 51.55 -31.63 36.44
C SER D 71 50.17 -31.25 35.93
N SER D 72 50.12 -30.90 34.64
CA SER D 72 48.87 -30.54 34.02
C SER D 72 48.04 -31.80 33.92
N ALA D 73 48.69 -32.93 33.64
CA ALA D 73 47.98 -34.21 33.55
C ALA D 73 47.22 -34.43 34.86
N ALA D 74 47.90 -34.18 35.97
CA ALA D 74 47.31 -34.35 37.29
C ALA D 74 46.10 -33.42 37.51
N TYR D 75 46.18 -32.18 37.03
CA TYR D 75 45.08 -31.23 37.14
C TYR D 75 43.94 -31.77 36.31
N GLY D 76 44.27 -32.24 35.11
CA GLY D 76 43.28 -32.82 34.23
C GLY D 76 42.63 -34.03 34.87
N LEU D 77 43.44 -34.81 35.59
CA LEU D 77 42.95 -36.01 36.26
C LEU D 77 42.02 -35.69 37.44
N ILE D 78 42.23 -34.57 38.12
CA ILE D 78 41.35 -34.28 39.23
C ILE D 78 40.05 -33.78 38.61
N CYS D 79 40.15 -32.98 37.56
CA CYS D 79 38.97 -32.48 36.89
C CYS D 79 38.13 -33.67 36.42
N TYR D 80 38.82 -34.69 35.93
CA TYR D 80 38.19 -35.90 35.45
C TYR D 80 37.32 -36.51 36.53
N GLU D 81 37.93 -36.77 37.69
CA GLU D 81 37.21 -37.37 38.81
C GLU D 81 36.09 -36.47 39.36
N LEU D 82 36.32 -35.16 39.40
CA LEU D 82 35.34 -34.20 39.88
C LEU D 82 34.08 -34.21 39.02
N GLU D 83 34.25 -34.14 37.70
CA GLU D 83 33.15 -34.12 36.75
C GLU D 83 32.43 -35.47 36.72
N ARG D 84 33.19 -36.52 36.93
CA ARG D 84 32.64 -37.86 36.95
C ARG D 84 31.54 -37.95 38.01
N VAL D 85 31.61 -37.09 39.01
CA VAL D 85 30.61 -37.01 40.08
C VAL D 85 29.57 -36.00 39.61
N ASP D 86 30.02 -34.79 39.34
CA ASP D 86 29.15 -33.73 38.87
C ASP D 86 29.93 -32.53 38.34
N SER D 87 29.50 -32.01 37.20
CA SER D 87 30.11 -30.86 36.55
C SER D 87 30.19 -29.61 37.44
N GLY D 88 29.27 -29.48 38.37
CA GLY D 88 29.26 -28.32 39.23
C GLY D 88 30.41 -28.32 40.23
N LEU D 89 30.82 -29.51 40.65
CA LEU D 89 31.93 -29.66 41.57
C LEU D 89 33.23 -29.35 40.82
N ARG D 90 33.27 -29.74 39.55
CA ARG D 90 34.46 -29.50 38.72
C ARG D 90 34.52 -28.01 38.37
N SER D 91 33.37 -27.40 38.15
CA SER D 91 33.30 -25.98 37.81
C SER D 91 33.93 -25.10 38.88
N PHE D 92 33.68 -25.43 40.15
CA PHE D 92 34.25 -24.63 41.21
C PHE D 92 35.77 -24.64 41.14
N VAL D 93 36.34 -25.82 40.93
CA VAL D 93 37.79 -25.96 40.84
C VAL D 93 38.41 -25.27 39.61
N SER D 94 37.68 -25.29 38.48
CA SER D 94 38.14 -24.65 37.24
C SER D 94 38.21 -23.15 37.45
N VAL D 95 37.14 -22.60 37.99
CA VAL D 95 37.06 -21.16 38.25
C VAL D 95 38.20 -20.73 39.19
N GLN D 96 38.29 -21.39 40.34
CA GLN D 96 39.28 -21.08 41.36
C GLN D 96 40.71 -21.22 40.88
N SER D 97 40.98 -22.30 40.15
CA SER D 97 42.31 -22.58 39.64
C SER D 97 42.72 -21.88 38.33
N SER D 98 41.88 -21.97 37.30
CA SER D 98 42.23 -21.38 36.01
C SER D 98 41.62 -20.03 35.70
N LEU D 99 40.57 -19.64 36.42
CA LEU D 99 39.93 -18.36 36.16
C LEU D 99 40.18 -17.32 37.24
N VAL D 100 40.74 -17.76 38.36
CA VAL D 100 41.04 -16.85 39.45
C VAL D 100 42.50 -16.95 39.85
N MET D 101 42.92 -18.12 40.31
CA MET D 101 44.31 -18.35 40.67
C MET D 101 45.24 -17.96 39.52
N TYR D 102 45.00 -18.54 38.35
CA TYR D 102 45.85 -18.32 37.17
C TYR D 102 46.12 -16.87 36.79
N PRO D 103 45.07 -16.08 36.53
CA PRO D 103 45.31 -14.69 36.16
C PRO D 103 46.10 -13.88 37.16
N ILE D 104 45.92 -14.16 38.45
CA ILE D 104 46.67 -13.44 39.48
C ILE D 104 48.14 -13.86 39.39
N TYR D 105 48.37 -15.13 39.16
CA TYR D 105 49.73 -15.68 39.03
C TYR D 105 50.42 -15.19 37.76
N ALA D 106 49.68 -15.17 36.66
CA ALA D 106 50.20 -14.75 35.35
C ALA D 106 50.25 -13.25 35.09
N TYR D 107 49.32 -12.51 35.66
CA TYR D 107 49.28 -11.08 35.41
C TYR D 107 49.30 -10.21 36.64
N GLY D 108 49.32 -10.81 37.82
CA GLY D 108 49.29 -10.03 39.04
C GLY D 108 50.62 -9.48 39.48
N SER D 109 50.57 -8.52 40.40
CA SER D 109 51.78 -7.93 40.96
C SER D 109 52.28 -8.91 42.01
N GLU D 110 53.53 -8.74 42.43
CA GLU D 110 54.09 -9.63 43.43
C GLU D 110 53.32 -9.46 44.75
N GLU D 111 52.70 -8.31 44.93
CA GLU D 111 51.93 -8.03 46.13
C GLU D 111 50.60 -8.78 46.05
N GLN D 112 49.99 -8.77 44.86
CA GLN D 112 48.71 -9.46 44.66
C GLN D 112 48.91 -10.97 44.77
N LYS D 113 50.03 -11.46 44.26
CA LYS D 113 50.31 -12.89 44.28
C LYS D 113 50.52 -13.42 45.70
N ARG D 114 51.32 -12.72 46.50
CA ARG D 114 51.60 -13.12 47.88
C ARG D 114 50.38 -12.98 48.77
N GLU D 115 49.59 -11.98 48.45
CA GLU D 115 48.38 -11.64 49.20
C GLU D 115 47.20 -12.58 48.99
N PHE D 116 46.92 -12.94 47.74
CA PHE D 116 45.76 -13.79 47.43
C PHE D 116 45.96 -15.28 47.16
N LEU D 117 46.95 -15.61 46.34
CA LEU D 117 47.18 -17.00 45.96
C LEU D 117 47.19 -18.06 47.09
N PRO D 118 47.82 -17.76 48.25
CA PRO D 118 47.83 -18.77 49.32
C PRO D 118 46.47 -18.99 49.99
N LYS D 119 45.66 -17.93 50.09
CA LYS D 119 44.33 -18.02 50.70
C LYS D 119 43.38 -18.72 49.74
N LEU D 120 43.56 -18.48 48.45
CA LEU D 120 42.73 -19.10 47.43
C LEU D 120 43.08 -20.60 47.37
N ALA D 121 44.37 -20.88 47.42
CA ALA D 121 44.89 -22.23 47.38
C ALA D 121 44.37 -23.05 48.54
N ARG D 122 44.16 -22.38 49.66
CA ARG D 122 43.69 -23.05 50.85
C ARG D 122 42.18 -22.92 50.99
N GLY D 123 41.50 -22.59 49.90
CA GLY D 123 40.06 -22.44 49.95
C GLY D 123 39.58 -21.59 51.11
N GLU D 124 40.40 -20.62 51.47
CA GLU D 124 40.11 -19.72 52.56
C GLU D 124 39.45 -18.46 52.02
N MET D 125 39.60 -18.24 50.72
CA MET D 125 39.01 -17.10 50.04
C MET D 125 38.62 -17.53 48.62
N VAL D 126 37.32 -17.54 48.33
CA VAL D 126 36.81 -17.94 47.01
C VAL D 126 36.65 -16.82 45.98
N GLY D 127 36.97 -17.11 44.74
CA GLY D 127 36.87 -16.11 43.70
C GLY D 127 35.94 -16.45 42.56
N CYS D 128 35.71 -15.47 41.69
CA CYS D 128 34.85 -15.67 40.54
C CYS D 128 35.39 -14.82 39.37
N PHE D 129 35.10 -15.27 38.17
CA PHE D 129 35.57 -14.63 36.95
C PHE D 129 34.42 -13.96 36.22
N GLY D 130 34.50 -12.63 36.08
CA GLY D 130 33.45 -11.88 35.42
C GLY D 130 33.80 -11.33 34.05
N LEU D 131 33.52 -12.11 33.01
CA LEU D 131 33.81 -11.70 31.65
C LEU D 131 32.52 -11.54 30.84
N THR D 132 31.64 -12.54 30.91
CA THR D 132 30.39 -12.54 30.15
C THR D 132 29.42 -11.43 30.51
N GLU D 133 28.80 -10.87 29.49
CA GLU D 133 27.83 -9.81 29.69
C GLU D 133 26.50 -10.13 29.03
N PRO D 134 25.45 -9.44 29.47
CA PRO D 134 24.09 -9.61 28.96
C PRO D 134 23.89 -9.63 27.43
N ASP D 135 24.78 -8.99 26.68
CA ASP D 135 24.59 -8.95 25.22
C ASP D 135 25.16 -10.10 24.43
N GLY D 136 25.95 -10.95 25.09
CA GLY D 136 26.53 -12.09 24.42
C GLY D 136 27.96 -12.44 24.74
N GLY D 137 28.18 -13.53 25.48
CA GLY D 137 29.53 -13.94 25.82
C GLY D 137 30.43 -14.39 24.68
N SER D 138 29.89 -14.63 23.47
CA SER D 138 30.71 -15.08 22.34
C SER D 138 31.53 -13.95 21.73
N ASP D 139 31.08 -12.72 21.95
CA ASP D 139 31.82 -11.57 21.45
C ASP D 139 32.20 -10.95 22.80
N PRO D 140 33.25 -11.48 23.46
CA PRO D 140 33.55 -10.84 24.74
C PRO D 140 34.20 -9.47 24.66
N TYR D 141 34.86 -9.16 23.54
CA TYR D 141 35.44 -7.84 23.46
C TYR D 141 34.31 -6.91 23.00
N GLY D 142 33.54 -7.35 22.00
CA GLY D 142 32.44 -6.56 21.46
C GLY D 142 31.28 -6.28 22.40
N ASN D 143 30.93 -7.19 23.27
CA ASN D 143 29.82 -6.94 24.17
C ASN D 143 30.24 -6.52 25.59
N MET D 144 31.52 -6.25 25.81
CA MET D 144 32.03 -5.81 27.11
C MET D 144 31.70 -4.33 27.32
N LYS D 145 30.54 -4.05 27.90
CA LYS D 145 30.08 -2.71 28.13
C LYS D 145 30.51 -2.16 29.50
N THR D 146 31.19 -3.00 30.30
CA THR D 146 31.65 -2.57 31.62
C THR D 146 32.84 -1.63 31.48
N ARG D 147 32.71 -0.43 32.05
CA ARG D 147 33.78 0.57 31.95
C ARG D 147 34.53 0.87 33.23
N ALA D 148 35.81 1.18 33.03
CA ALA D 148 36.68 1.53 34.12
C ALA D 148 37.36 2.87 33.77
N ARG D 149 37.24 3.83 34.69
CA ARG D 149 37.84 5.16 34.52
C ARG D 149 38.92 5.32 35.58
N ARG D 150 39.79 6.31 35.36
CA ARG D 150 40.90 6.58 36.26
C ARG D 150 40.84 7.99 36.86
N ASP D 153 44.85 7.61 41.63
CA ASP D 153 44.66 6.20 41.43
C ASP D 153 43.45 5.51 41.92
N THR D 154 42.28 6.09 41.81
CA THR D 154 41.35 5.05 41.96
C THR D 154 40.81 5.04 40.60
N TRP D 155 40.07 3.98 40.34
CA TRP D 155 39.43 3.66 39.09
C TRP D 155 38.04 3.36 39.57
N VAL D 156 37.07 3.81 38.80
CA VAL D 156 35.68 3.57 39.13
C VAL D 156 35.13 2.67 37.99
N LEU D 157 34.52 1.54 38.37
CA LEU D 157 33.95 0.58 37.42
C LEU D 157 32.42 0.59 37.40
N ASN D 158 31.82 0.45 36.22
CA ASN D 158 30.36 0.40 36.04
C ASN D 158 30.00 -0.40 34.83
N GLY D 159 29.23 -1.46 35.03
CA GLY D 159 28.81 -2.27 33.92
C GLY D 159 28.22 -3.48 34.60
N THR D 160 27.77 -4.45 33.81
CA THR D 160 27.19 -5.65 34.40
C THR D 160 27.67 -6.94 33.78
N LYS D 161 27.79 -7.96 34.62
CA LYS D 161 28.23 -9.25 34.16
C LYS D 161 27.18 -10.34 34.46
N MET D 162 27.02 -11.26 33.53
CA MET D 162 26.02 -12.34 33.61
C MET D 162 26.61 -13.68 33.89
N TRP D 163 25.74 -14.62 34.27
CA TRP D 163 26.12 -16.01 34.44
C TRP D 163 27.54 -16.08 35.03
N ILE D 164 27.75 -15.66 36.28
CA ILE D 164 29.11 -15.74 36.83
C ILE D 164 29.15 -16.78 37.94
N THR D 165 29.79 -17.92 37.70
CA THR D 165 29.92 -18.98 38.69
C THR D 165 30.60 -18.36 39.95
N ASN D 166 30.22 -18.88 41.13
CA ASN D 166 30.73 -18.42 42.44
C ASN D 166 30.36 -17.00 42.74
N GLY D 167 29.67 -16.35 41.83
CA GLY D 167 29.30 -14.97 42.04
C GLY D 167 28.78 -14.62 43.42
N ASN D 168 28.09 -15.55 44.10
CA ASN D 168 27.59 -15.20 45.41
C ASN D 168 28.47 -15.77 46.50
N LEU D 169 29.45 -16.55 46.10
CA LEU D 169 30.31 -17.17 47.07
C LEU D 169 31.59 -16.42 47.22
N ALA D 170 31.80 -15.42 46.38
CA ALA D 170 33.10 -14.75 46.37
C ALA D 170 33.41 -13.43 47.07
N HIS D 171 34.70 -13.34 47.45
CA HIS D 171 35.30 -12.20 48.13
C HIS D 171 36.01 -11.29 47.14
N LEU D 172 36.57 -11.92 46.12
CA LEU D 172 37.31 -11.22 45.08
C LEU D 172 36.65 -11.63 43.76
N ALA D 173 36.46 -10.65 42.89
CA ALA D 173 35.85 -10.90 41.61
C ALA D 173 36.76 -10.36 40.53
N VAL D 174 37.27 -11.23 39.66
CA VAL D 174 38.05 -10.72 38.57
C VAL D 174 37.14 -10.24 37.49
N ILE D 175 37.13 -8.91 37.33
CA ILE D 175 36.29 -8.19 36.40
C ILE D 175 37.11 -7.68 35.23
N TRP D 176 36.62 -7.97 34.03
CA TRP D 176 37.30 -7.52 32.84
C TRP D 176 36.43 -6.37 32.32
N ALA D 177 37.05 -5.20 32.12
CA ALA D 177 36.38 -3.98 31.68
C ALA D 177 37.18 -3.26 30.60
N LYS D 178 36.63 -2.17 30.06
CA LYS D 178 37.33 -1.38 29.06
C LYS D 178 37.45 0.06 29.56
N ASP D 179 38.40 0.79 29.00
CA ASP D 179 38.62 2.19 29.37
C ASP D 179 38.38 3.11 28.17
N GLU D 183 40.47 -0.17 26.03
CA GLU D 183 41.19 -1.44 26.12
C GLU D 183 40.93 -2.36 27.31
N VAL D 184 41.05 -3.66 27.06
CA VAL D 184 40.75 -4.59 28.11
C VAL D 184 41.74 -4.65 29.24
N LEU D 185 41.19 -4.40 30.44
CA LEU D 185 41.97 -4.43 31.67
C LEU D 185 41.30 -5.38 32.65
N GLY D 186 42.09 -5.87 33.61
CA GLY D 186 41.58 -6.79 34.62
C GLY D 186 41.78 -6.29 36.05
N PHE D 187 40.68 -6.31 36.83
CA PHE D 187 40.70 -5.83 38.22
C PHE D 187 40.39 -6.86 39.30
N LEU D 188 40.99 -6.73 40.46
CA LEU D 188 40.66 -7.69 41.50
C LEU D 188 39.75 -6.98 42.49
N VAL D 189 38.47 -7.00 42.14
CA VAL D 189 37.44 -6.35 42.88
C VAL D 189 36.92 -7.11 44.08
N PRO D 190 37.14 -6.57 45.29
CA PRO D 190 36.63 -7.28 46.46
C PRO D 190 35.11 -7.19 46.29
N THR D 191 34.39 -8.20 46.75
CA THR D 191 32.94 -8.18 46.54
C THR D 191 32.14 -7.34 47.55
N ASP D 192 32.82 -6.83 48.58
CA ASP D 192 32.14 -6.03 49.58
C ASP D 192 32.36 -4.54 49.38
N THR D 193 33.14 -4.17 48.37
CA THR D 193 33.37 -2.75 48.12
C THR D 193 32.02 -2.16 47.71
N PRO D 194 31.63 -1.03 48.30
CA PRO D 194 30.34 -0.43 47.94
C PRO D 194 30.09 -0.23 46.44
N GLY D 195 28.84 -0.46 46.04
CA GLY D 195 28.44 -0.31 44.65
C GLY D 195 28.46 -1.58 43.83
N PHE D 196 28.81 -2.70 44.45
CA PHE D 196 28.93 -3.99 43.78
C PHE D 196 27.86 -4.92 44.35
N GLN D 197 27.04 -5.56 43.50
CA GLN D 197 26.01 -6.50 44.01
C GLN D 197 25.96 -7.77 43.21
N ALA D 198 25.64 -8.88 43.87
CA ALA D 198 25.54 -10.14 43.16
C ALA D 198 24.31 -10.91 43.64
N ARG D 199 23.34 -11.07 42.74
CA ARG D 199 22.16 -11.82 43.14
C ARG D 199 22.23 -13.10 42.32
N GLU D 200 21.67 -14.17 42.84
CA GLU D 200 21.73 -15.37 42.09
C GLU D 200 20.76 -15.47 40.97
N VAL D 201 21.03 -16.48 40.16
CA VAL D 201 20.21 -16.80 39.05
C VAL D 201 19.38 -17.98 39.54
N LYS D 202 18.06 -17.86 39.46
CA LYS D 202 17.27 -19.01 39.88
C LYS D 202 16.60 -19.63 38.67
N ARG D 203 15.82 -20.68 38.92
CA ARG D 203 15.13 -21.42 37.89
C ARG D 203 16.12 -22.09 36.94
N LYS D 204 17.23 -22.57 37.49
CA LYS D 204 18.27 -23.24 36.71
C LYS D 204 17.93 -24.73 36.60
N MET D 205 17.93 -25.24 35.36
CA MET D 205 17.64 -26.65 35.16
C MET D 205 18.92 -27.36 34.67
N SER D 206 20.06 -26.72 34.96
CA SER D 206 21.38 -27.23 34.59
C SER D 206 22.44 -26.64 35.53
N LEU D 207 23.39 -27.48 35.93
CA LEU D 207 24.47 -27.06 36.83
C LEU D 207 23.84 -26.48 38.10
N ARG D 208 22.92 -27.24 38.68
CA ARG D 208 22.23 -26.80 39.88
C ARG D 208 23.11 -26.92 41.12
N ALA D 209 24.10 -27.80 41.08
CA ALA D 209 25.02 -27.96 42.19
C ALA D 209 26.16 -26.98 41.92
N SER D 210 25.83 -25.70 41.99
CA SER D 210 26.79 -24.63 41.71
C SER D 210 26.07 -23.29 41.84
N VAL D 211 26.77 -22.24 42.28
CA VAL D 211 26.11 -20.94 42.38
C VAL D 211 26.46 -20.07 41.16
N THR D 212 25.44 -19.55 40.50
CA THR D 212 25.63 -18.70 39.33
C THR D 212 25.02 -17.35 39.66
N SER D 213 25.75 -16.27 39.45
CA SER D 213 25.21 -14.97 39.80
C SER D 213 25.24 -13.91 38.73
N GLU D 214 24.59 -12.80 39.03
CA GLU D 214 24.60 -11.66 38.13
C GLU D 214 25.43 -10.64 38.91
N LEU D 215 26.41 -10.02 38.26
CA LEU D 215 27.20 -9.03 38.96
C LEU D 215 26.81 -7.66 38.46
N VAL D 216 26.52 -6.77 39.40
CA VAL D 216 26.14 -5.40 39.06
C VAL D 216 27.11 -4.47 39.76
N LEU D 217 27.88 -3.76 38.96
CA LEU D 217 28.83 -2.82 39.51
C LEU D 217 28.34 -1.42 39.23
N GLU D 218 28.05 -0.71 40.32
CA GLU D 218 27.56 0.62 40.20
C GLU D 218 28.58 1.52 40.86
N GLU D 219 29.32 2.24 40.02
CA GLU D 219 30.31 3.20 40.49
C GLU D 219 31.23 2.56 41.56
N VAL D 220 31.75 1.37 41.26
CA VAL D 220 32.63 0.65 42.17
C VAL D 220 34.07 1.17 42.13
N ARG D 221 34.62 1.49 43.30
CA ARG D 221 35.97 2.02 43.35
C ARG D 221 37.01 0.96 43.65
N VAL D 222 38.05 0.97 42.83
CA VAL D 222 39.13 0.02 42.96
C VAL D 222 40.47 0.72 42.78
N PRO D 223 41.39 0.53 43.74
CA PRO D 223 42.71 1.14 43.66
C PRO D 223 43.51 0.56 42.50
N GLU D 224 44.53 1.28 42.06
CA GLU D 224 45.37 0.80 40.96
C GLU D 224 46.19 -0.41 41.46
N SER D 225 46.35 -0.52 42.77
CA SER D 225 47.09 -1.61 43.39
C SER D 225 46.28 -2.89 43.30
N LEU D 226 45.04 -2.75 42.84
CA LEU D 226 44.16 -3.90 42.70
C LEU D 226 43.87 -4.24 41.24
N ARG D 227 44.57 -3.56 40.33
CA ARG D 227 44.41 -3.83 38.90
C ARG D 227 45.56 -4.73 38.54
N LEU D 228 45.27 -5.76 37.74
CA LEU D 228 46.29 -6.70 37.30
C LEU D 228 47.22 -5.96 36.35
N PRO D 229 48.47 -5.70 36.79
CA PRO D 229 49.50 -5.00 36.01
C PRO D 229 49.76 -5.53 34.61
N LYS D 230 50.09 -6.82 34.50
CA LYS D 230 50.37 -7.42 33.19
C LYS D 230 49.13 -7.73 32.34
N ALA D 231 47.95 -7.67 32.95
CA ALA D 231 46.70 -7.96 32.24
C ALA D 231 46.40 -6.90 31.19
N LEU D 232 46.70 -7.21 29.94
CA LEU D 232 46.44 -6.25 28.87
C LEU D 232 45.75 -6.91 27.68
N GLY D 233 44.60 -6.34 27.27
CA GLY D 233 43.87 -6.87 26.13
C GLY D 233 43.03 -8.12 26.30
N LEU D 234 42.26 -8.42 25.25
CA LEU D 234 41.37 -9.56 25.23
C LEU D 234 42.13 -10.82 25.56
N LYS D 235 43.38 -10.87 25.10
CA LYS D 235 44.25 -12.01 25.32
C LYS D 235 44.30 -12.48 26.78
N ALA D 236 44.50 -11.53 27.71
CA ALA D 236 44.56 -11.85 29.13
C ALA D 236 43.42 -12.75 29.62
N PRO D 237 42.16 -12.30 29.46
CA PRO D 237 41.06 -13.15 29.93
C PRO D 237 40.95 -14.46 29.11
N LEU D 238 41.30 -14.39 27.83
CA LEU D 238 41.24 -15.57 26.95
C LEU D 238 42.24 -16.65 27.38
N SER D 239 43.42 -16.24 27.82
CA SER D 239 44.43 -17.20 28.28
C SER D 239 43.85 -17.93 29.48
N CYS D 240 43.01 -17.22 30.23
CA CYS D 240 42.34 -17.79 31.40
C CYS D 240 41.36 -18.88 30.94
N LEU D 241 40.59 -18.61 29.90
CA LEU D 241 39.65 -19.59 29.38
C LEU D 241 40.41 -20.80 28.82
N THR D 242 41.53 -20.56 28.15
CA THR D 242 42.30 -21.67 27.58
C THR D 242 42.67 -22.64 28.69
N GLN D 243 43.13 -22.08 29.82
CA GLN D 243 43.51 -22.85 30.98
C GLN D 243 42.31 -23.66 31.47
N ALA D 244 41.20 -22.96 31.67
CA ALA D 244 39.95 -23.57 32.13
C ALA D 244 39.50 -24.64 31.16
N ARG D 245 39.48 -24.31 29.88
CA ARG D 245 39.06 -25.26 28.86
C ARG D 245 39.89 -26.55 28.88
N PHE D 246 41.14 -26.45 29.31
CA PHE D 246 42.00 -27.62 29.38
C PHE D 246 41.44 -28.63 30.37
N GLY D 247 41.16 -28.17 31.59
CA GLY D 247 40.62 -29.06 32.60
C GLY D 247 39.27 -29.63 32.22
N ILE D 248 38.46 -28.83 31.54
CA ILE D 248 37.14 -29.23 31.09
C ILE D 248 37.21 -30.35 30.07
N ALA D 249 38.18 -30.31 29.16
CA ALA D 249 38.30 -31.37 28.15
C ALA D 249 38.52 -32.70 28.85
N TRP D 250 39.14 -32.62 30.03
CA TRP D 250 39.40 -33.79 30.85
C TRP D 250 38.14 -34.24 31.61
N GLY D 251 37.52 -33.29 32.29
CA GLY D 251 36.32 -33.57 33.07
C GLY D 251 35.23 -34.20 32.23
N ALA D 252 35.05 -33.68 31.02
CA ALA D 252 34.05 -34.20 30.10
C ALA D 252 34.19 -35.73 30.01
N MET D 253 35.42 -36.18 29.86
CA MET D 253 35.70 -37.61 29.81
C MET D 253 35.18 -38.33 31.04
N GLY D 254 35.28 -37.66 32.19
CA GLY D 254 34.88 -38.25 33.45
C GLY D 254 33.38 -38.50 33.54
N ALA D 255 32.61 -37.49 33.19
CA ALA D 255 31.16 -37.62 33.20
C ALA D 255 30.78 -38.69 32.18
N LEU D 256 31.60 -38.82 31.13
CA LEU D 256 31.31 -39.81 30.10
C LEU D 256 31.43 -41.21 30.71
N GLU D 257 32.51 -41.44 31.44
CA GLU D 257 32.70 -42.72 32.08
C GLU D 257 31.50 -43.03 32.98
N ALA D 258 31.03 -42.01 33.68
CA ALA D 258 29.91 -42.18 34.59
C ALA D 258 28.61 -42.60 33.91
N VAL D 259 28.23 -41.96 32.80
CA VAL D 259 26.98 -42.34 32.15
C VAL D 259 27.13 -43.65 31.40
N TYR D 260 28.32 -43.88 30.87
CA TYR D 260 28.62 -45.10 30.14
C TYR D 260 28.57 -46.30 31.08
N GLU D 261 29.27 -46.18 32.20
CA GLU D 261 29.32 -47.26 33.15
C GLU D 261 27.92 -47.67 33.60
N GLU D 262 27.10 -46.66 33.87
CA GLU D 262 25.73 -46.88 34.31
C GLU D 262 24.86 -47.47 33.22
N ALA D 263 25.14 -47.11 31.98
CA ALA D 263 24.38 -47.61 30.85
C ALA D 263 24.59 -49.11 30.59
N VAL D 264 25.84 -49.57 30.60
CA VAL D 264 26.08 -50.99 30.35
C VAL D 264 25.57 -51.82 31.51
N ALA D 265 25.70 -51.31 32.73
CA ALA D 265 25.20 -52.03 33.90
C ALA D 265 23.69 -52.25 33.71
N PHE D 266 22.97 -51.17 33.39
CA PHE D 266 21.54 -51.24 33.18
C PHE D 266 21.24 -52.17 31.98
N ALA D 267 21.98 -51.99 30.89
CA ALA D 267 21.78 -52.81 29.69
C ALA D 267 21.97 -54.29 29.97
N LYS D 268 22.87 -54.61 30.89
CA LYS D 268 23.17 -55.99 31.28
C LYS D 268 22.10 -56.60 32.20
N SER D 269 21.54 -55.77 33.09
CA SER D 269 20.56 -56.22 34.08
C SER D 269 19.10 -56.21 33.66
N ARG D 270 18.80 -55.64 32.49
CA ARG D 270 17.41 -55.58 32.03
C ARG D 270 17.29 -56.37 30.75
N SER D 271 16.16 -57.04 30.55
CA SER D 271 15.99 -57.89 29.37
C SER D 271 14.66 -57.77 28.59
N THR D 272 14.64 -58.08 27.30
CA THR D 272 13.40 -57.97 26.57
C THR D 272 12.78 -59.23 25.94
N PHE D 273 12.77 -59.32 24.60
CA PHE D 273 12.18 -60.45 23.90
C PHE D 273 13.08 -61.63 24.16
N GLY D 274 13.41 -61.80 25.44
CA GLY D 274 14.22 -62.90 25.89
C GLY D 274 15.70 -62.81 25.65
N GLU D 275 16.29 -61.63 25.74
CA GLU D 275 17.72 -61.51 25.56
C GLU D 275 18.04 -60.42 26.54
N PRO D 276 19.32 -60.08 26.68
CA PRO D 276 19.35 -58.99 27.67
C PRO D 276 19.37 -57.77 26.75
N LEU D 277 18.99 -56.62 27.26
CA LEU D 277 19.05 -55.42 26.43
C LEU D 277 20.45 -55.35 25.82
N ALA D 278 21.45 -55.71 26.62
CA ALA D 278 22.84 -55.65 26.20
C ALA D 278 23.22 -56.54 25.03
N LYS D 279 22.32 -57.42 24.65
CA LYS D 279 22.65 -58.26 23.54
C LYS D 279 22.01 -57.76 22.23
N LYS D 280 21.43 -56.56 22.26
CA LYS D 280 20.81 -56.07 21.04
C LYS D 280 21.79 -55.27 20.25
N GLN D 281 21.68 -55.39 18.93
CA GLN D 281 22.56 -54.66 18.05
C GLN D 281 22.39 -53.15 18.25
N LEU D 282 21.17 -52.66 18.39
CA LEU D 282 20.98 -51.21 18.55
C LEU D 282 21.49 -50.62 19.85
N VAL D 283 21.44 -51.38 20.94
CA VAL D 283 21.95 -50.87 22.23
C VAL D 283 23.48 -51.05 22.28
N GLN D 284 23.97 -52.13 21.68
CA GLN D 284 25.42 -52.34 21.66
C GLN D 284 26.12 -51.21 20.87
N ALA D 285 25.49 -50.79 19.78
CA ALA D 285 26.02 -49.74 18.94
C ALA D 285 26.20 -48.45 19.72
N LYS D 286 25.21 -48.10 20.55
CA LYS D 286 25.28 -46.89 21.37
C LYS D 286 26.44 -46.93 22.38
N LEU D 287 26.65 -48.09 22.99
CA LEU D 287 27.72 -48.26 23.97
C LEU D 287 29.07 -48.23 23.24
N ALA D 288 29.13 -48.91 22.10
CA ALA D 288 30.35 -48.95 21.30
C ALA D 288 30.77 -47.52 21.02
N GLU D 289 29.81 -46.70 20.63
CA GLU D 289 30.08 -45.31 20.30
C GLU D 289 30.59 -44.56 21.53
N MET D 290 29.97 -44.81 22.67
CA MET D 290 30.37 -44.16 23.92
C MET D 290 31.83 -44.55 24.25
N LEU D 291 32.16 -45.83 24.09
CA LEU D 291 33.51 -46.28 24.39
C LEU D 291 34.52 -45.68 23.41
N ALA D 292 34.15 -45.63 22.12
CA ALA D 292 35.03 -45.07 21.11
C ALA D 292 35.31 -43.60 21.42
N TRP D 293 34.26 -42.85 21.74
CA TRP D 293 34.40 -41.43 22.07
C TRP D 293 35.28 -41.20 23.29
N HIS D 294 35.10 -42.03 24.32
CA HIS D 294 35.88 -41.90 25.53
C HIS D 294 37.36 -42.15 25.29
N THR D 295 37.65 -43.14 24.45
CA THR D 295 39.03 -43.45 24.12
C THR D 295 39.67 -42.31 23.33
N GLU D 296 38.90 -41.73 22.41
CA GLU D 296 39.40 -40.63 21.61
C GLU D 296 39.63 -39.41 22.52
N GLY D 297 38.69 -39.16 23.42
CA GLY D 297 38.79 -38.03 24.33
C GLY D 297 39.94 -38.06 25.32
N LEU D 298 40.29 -39.24 25.82
CA LEU D 298 41.41 -39.33 26.74
C LEU D 298 42.72 -39.00 26.04
N LEU D 299 42.91 -39.53 24.83
CA LEU D 299 44.13 -39.26 24.09
C LEU D 299 44.30 -37.78 23.79
N LEU D 300 43.23 -37.09 23.43
CA LEU D 300 43.31 -35.67 23.14
C LEU D 300 43.74 -34.97 24.41
N ALA D 301 43.05 -35.29 25.49
CA ALA D 301 43.30 -34.72 26.80
C ALA D 301 44.72 -34.96 27.28
N TRP D 302 45.20 -36.17 27.03
CA TRP D 302 46.54 -36.56 27.42
C TRP D 302 47.62 -35.80 26.67
N ARG D 303 47.52 -35.79 25.36
CA ARG D 303 48.47 -35.12 24.52
C ARG D 303 48.53 -33.64 24.87
N LEU D 304 47.35 -33.03 25.05
CA LEU D 304 47.27 -31.63 25.40
C LEU D 304 47.98 -31.35 26.74
N ALA D 305 47.89 -32.30 27.67
CA ALA D 305 48.53 -32.15 28.97
C ALA D 305 50.04 -32.08 28.83
N ARG D 306 50.61 -32.98 28.01
CA ARG D 306 52.04 -33.00 27.82
C ARG D 306 52.49 -31.73 27.08
N LEU D 307 51.82 -31.38 25.99
CA LEU D 307 52.17 -30.17 25.25
C LEU D 307 52.12 -28.96 26.18
N LYS D 308 51.16 -28.99 27.10
CA LYS D 308 50.98 -27.89 28.01
C LYS D 308 52.17 -27.68 28.91
N ASP D 309 52.67 -28.77 29.51
CA ASP D 309 53.81 -28.67 30.41
C ASP D 309 55.12 -28.36 29.69
N GLU D 310 55.21 -28.70 28.41
CA GLU D 310 56.43 -28.43 27.69
C GLU D 310 56.37 -27.07 27.00
N GLY D 311 55.35 -26.29 27.36
CA GLY D 311 55.17 -24.95 26.80
C GLY D 311 54.84 -24.88 25.33
N LYS D 312 54.29 -25.96 24.79
CA LYS D 312 53.95 -26.01 23.37
C LYS D 312 52.47 -25.97 23.06
N LEU D 313 51.63 -25.89 24.08
CA LEU D 313 50.19 -25.87 23.85
C LEU D 313 49.65 -24.55 23.30
N THR D 314 48.84 -24.63 22.24
CA THR D 314 48.24 -23.43 21.67
C THR D 314 46.75 -23.40 22.00
N PRO D 315 46.12 -22.22 21.89
CA PRO D 315 44.69 -22.12 22.20
C PRO D 315 43.83 -22.94 21.24
N ALA D 316 44.17 -22.88 19.96
CA ALA D 316 43.39 -23.61 18.96
C ALA D 316 43.39 -25.10 19.30
N GLN D 317 44.51 -25.59 19.80
CA GLN D 317 44.62 -27.01 20.16
C GLN D 317 43.64 -27.30 21.30
N VAL D 318 43.56 -26.37 22.24
CA VAL D 318 42.66 -26.50 23.39
C VAL D 318 41.23 -26.42 22.91
N SER D 319 40.95 -25.52 21.97
CA SER D 319 39.59 -25.39 21.45
C SER D 319 39.13 -26.72 20.89
N LEU D 320 40.02 -27.38 20.15
CA LEU D 320 39.69 -28.67 19.55
C LEU D 320 39.24 -29.68 20.59
N ALA D 321 40.02 -29.82 21.65
CA ALA D 321 39.72 -30.80 22.69
C ALA D 321 38.47 -30.49 23.52
N LYS D 322 38.20 -29.21 23.76
CA LYS D 322 37.03 -28.85 24.54
C LYS D 322 35.81 -29.09 23.67
N ARG D 323 35.84 -28.59 22.44
CA ARG D 323 34.70 -28.79 21.58
C ARG D 323 34.42 -30.29 21.36
N GLN D 324 35.42 -31.07 20.94
CA GLN D 324 35.19 -32.49 20.71
C GLN D 324 34.71 -33.29 21.92
N ASN D 325 35.45 -33.20 23.02
CA ASN D 325 35.09 -33.95 24.21
C ASN D 325 33.75 -33.56 24.85
N VAL D 326 33.47 -32.28 24.97
CA VAL D 326 32.18 -31.89 25.57
C VAL D 326 31.01 -32.36 24.69
N TRP D 327 31.15 -32.18 23.38
CA TRP D 327 30.11 -32.60 22.44
C TRP D 327 29.85 -34.09 22.55
N LYS D 328 30.92 -34.87 22.65
CA LYS D 328 30.78 -36.33 22.77
C LYS D 328 30.16 -36.74 24.09
N ALA D 329 30.50 -36.04 25.16
CA ALA D 329 29.96 -36.35 26.47
C ALA D 329 28.47 -35.97 26.51
N LEU D 330 28.10 -34.85 25.88
CA LEU D 330 26.71 -34.45 25.85
C LEU D 330 25.93 -35.50 25.05
N GLN D 331 26.47 -35.89 23.90
CA GLN D 331 25.84 -36.89 23.07
C GLN D 331 25.67 -38.21 23.82
N ALA D 332 26.71 -38.64 24.51
CA ALA D 332 26.68 -39.90 25.24
C ALA D 332 25.70 -39.91 26.40
N ALA D 333 25.52 -38.76 27.03
CA ALA D 333 24.60 -38.64 28.16
C ALA D 333 23.17 -38.82 27.65
N ARG D 334 22.89 -38.25 26.48
CA ARG D 334 21.58 -38.36 25.86
C ARG D 334 21.34 -39.79 25.42
N MET D 335 22.38 -40.43 24.87
CA MET D 335 22.26 -41.80 24.39
C MET D 335 22.08 -42.77 25.55
N ALA D 336 22.54 -42.36 26.72
CA ALA D 336 22.39 -43.16 27.94
C ALA D 336 20.99 -43.02 28.51
N ARG D 337 20.48 -41.78 28.57
CA ARG D 337 19.14 -41.54 29.08
C ARG D 337 18.20 -42.36 28.19
N ASP D 338 18.47 -42.35 26.89
CA ASP D 338 17.66 -43.10 25.92
C ASP D 338 17.66 -44.57 26.28
N ILE D 339 18.84 -45.07 26.63
CA ILE D 339 19.02 -46.46 27.02
C ILE D 339 18.30 -46.80 28.33
N LEU D 340 18.25 -45.85 29.26
CA LEU D 340 17.58 -46.09 30.56
C LEU D 340 16.06 -46.14 30.45
N GLY D 341 15.53 -45.55 29.39
CA GLY D 341 14.09 -45.52 29.20
C GLY D 341 13.42 -44.66 30.25
N GLY D 342 12.27 -45.13 30.74
CA GLY D 342 11.55 -44.41 31.77
C GLY D 342 12.40 -44.15 33.00
N SER D 343 13.21 -45.13 33.38
CA SER D 343 14.07 -44.99 34.56
C SER D 343 15.05 -43.84 34.47
N GLY D 344 15.33 -43.39 33.24
CA GLY D 344 16.27 -42.30 33.05
C GLY D 344 15.78 -40.87 33.28
N ILE D 345 14.46 -40.67 33.41
CA ILE D 345 13.94 -39.33 33.60
C ILE D 345 13.90 -38.90 35.06
N THR D 346 14.39 -39.76 35.94
CA THR D 346 14.40 -39.48 37.36
C THR D 346 15.84 -39.39 37.86
N LEU D 347 16.06 -38.52 38.85
CA LEU D 347 17.39 -38.33 39.41
C LEU D 347 17.93 -39.56 40.13
N GLU D 348 17.25 -40.67 39.94
CA GLU D 348 17.65 -41.93 40.51
C GLU D 348 18.83 -42.44 39.69
N TYR D 349 18.99 -41.92 38.48
CA TYR D 349 20.06 -42.42 37.62
C TYR D 349 21.27 -41.61 37.16
N HIS D 350 21.48 -40.38 37.62
CA HIS D 350 22.67 -39.63 37.17
C HIS D 350 22.68 -39.29 35.66
N ALA D 351 22.39 -40.27 34.82
CA ALA D 351 22.41 -40.06 33.37
C ALA D 351 21.80 -38.72 32.98
N ILE D 352 20.59 -38.43 33.45
CA ILE D 352 19.93 -37.17 33.13
C ILE D 352 20.52 -35.93 33.82
N ARG D 353 21.11 -36.10 35.01
CA ARG D 353 21.74 -34.99 35.72
C ARG D 353 22.96 -34.58 34.89
N HIS D 354 23.73 -35.56 34.44
CA HIS D 354 24.92 -35.29 33.64
C HIS D 354 24.51 -34.68 32.31
N MET D 355 23.44 -35.20 31.72
CA MET D 355 22.93 -34.68 30.45
C MET D 355 22.60 -33.20 30.56
N LEU D 356 21.88 -32.82 31.60
CA LEU D 356 21.56 -31.42 31.84
C LEU D 356 22.79 -30.58 32.17
N ASN D 357 23.69 -31.11 33.02
CA ASN D 357 24.89 -30.36 33.37
C ASN D 357 25.72 -30.06 32.14
N LEU D 358 25.92 -31.09 31.31
CA LEU D 358 26.71 -30.97 30.10
C LEU D 358 26.17 -29.98 29.08
N GLU D 359 24.89 -29.64 29.20
CA GLU D 359 24.29 -28.69 28.28
C GLU D 359 24.96 -27.34 28.59
N THR D 360 25.26 -27.10 29.87
CA THR D 360 25.94 -25.86 30.28
C THR D 360 27.41 -25.87 29.84
N VAL D 361 28.09 -26.96 30.13
CA VAL D 361 29.48 -27.10 29.76
C VAL D 361 29.61 -26.95 28.25
N TYR D 362 28.61 -27.44 27.52
CA TYR D 362 28.59 -27.38 26.06
C TYR D 362 28.52 -25.89 25.66
N THR D 363 27.91 -25.07 26.52
CA THR D 363 27.74 -23.64 26.24
C THR D 363 28.84 -22.69 26.75
N TYR D 364 29.21 -22.77 28.02
CA TYR D 364 30.22 -21.82 28.50
C TYR D 364 31.65 -22.13 28.09
N GLU D 365 32.55 -21.17 28.33
CA GLU D 365 33.96 -21.32 27.95
C GLU D 365 33.98 -21.58 26.47
N GLY D 366 33.28 -20.75 25.72
CA GLY D 366 33.24 -20.94 24.28
C GLY D 366 32.26 -22.02 23.88
N THR D 367 31.27 -21.63 23.10
CA THR D 367 30.26 -22.57 22.65
C THR D 367 30.84 -23.49 21.59
N HIS D 368 30.09 -24.53 21.25
CA HIS D 368 30.55 -25.47 20.24
C HIS D 368 30.92 -24.71 19.00
N ASP D 369 30.04 -23.79 18.59
CA ASP D 369 30.28 -23.01 17.40
C ASP D 369 31.45 -22.04 17.46
N VAL D 370 31.72 -21.40 18.59
CA VAL D 370 32.85 -20.48 18.60
C VAL D 370 34.16 -21.24 18.45
N HIS D 371 34.21 -22.46 19.00
CA HIS D 371 35.41 -23.25 18.88
C HIS D 371 35.56 -23.66 17.42
N THR D 372 34.44 -24.02 16.79
CA THR D 372 34.46 -24.39 15.38
C THR D 372 35.08 -23.25 14.58
N LEU D 373 34.67 -22.01 14.90
CA LEU D 373 35.21 -20.82 14.23
C LEU D 373 36.69 -20.63 14.56
N VAL D 374 37.10 -20.98 15.77
CA VAL D 374 38.49 -20.85 16.17
C VAL D 374 39.31 -21.75 15.25
N LEU D 375 38.93 -23.02 15.18
CA LEU D 375 39.62 -23.96 14.32
C LEU D 375 39.52 -23.47 12.89
N GLY D 376 38.34 -23.02 12.48
CA GLY D 376 38.18 -22.53 11.13
C GLY D 376 39.16 -21.42 10.77
N ARG D 377 39.24 -20.42 11.64
CA ARG D 377 40.15 -19.29 11.40
C ARG D 377 41.60 -19.76 11.36
N GLU D 378 41.93 -20.72 12.20
CA GLU D 378 43.28 -21.25 12.27
C GLU D 378 43.64 -22.06 11.04
N ILE D 379 42.65 -22.71 10.44
CA ILE D 379 42.90 -23.53 9.26
C ILE D 379 43.00 -22.70 7.97
N THR D 380 42.13 -21.71 7.84
CA THR D 380 42.08 -20.89 6.63
C THR D 380 42.77 -19.55 6.75
N GLY D 381 42.94 -19.09 7.98
CA GLY D 381 43.56 -17.79 8.20
C GLY D 381 42.54 -16.68 8.04
N LEU D 382 41.28 -17.07 7.80
CA LEU D 382 40.20 -16.11 7.61
C LEU D 382 39.27 -16.10 8.82
N ASN D 383 38.83 -14.91 9.22
CA ASN D 383 37.94 -14.77 10.36
C ASN D 383 36.48 -14.80 9.91
N ALA D 384 35.72 -15.79 10.39
CA ALA D 384 34.30 -15.93 10.03
C ALA D 384 33.32 -15.69 11.18
N PHE D 385 33.82 -15.23 12.32
CA PHE D 385 32.96 -14.93 13.46
C PHE D 385 32.03 -13.80 13.06
N MET E 1 -43.83 35.27 -35.27
CA MET E 1 -43.21 36.18 -34.32
C MET E 1 -43.43 35.72 -32.88
N LEU E 2 -42.33 35.56 -32.14
CA LEU E 2 -42.41 35.13 -30.74
C LEU E 2 -43.00 36.36 -30.07
N ASP E 3 -44.08 36.20 -29.32
CA ASP E 3 -44.71 37.38 -28.71
C ASP E 3 -45.56 36.96 -27.52
N PHE E 4 -44.89 36.76 -26.38
CA PHE E 4 -45.53 36.33 -25.15
C PHE E 4 -46.51 37.36 -24.56
N TYR E 5 -46.28 38.66 -24.77
CA TYR E 5 -47.20 39.69 -24.23
C TYR E 5 -48.13 40.29 -25.30
N ALA E 6 -48.28 39.59 -26.43
CA ALA E 6 -49.12 39.99 -27.57
C ALA E 6 -48.93 41.44 -27.97
N LEU E 7 -47.69 41.84 -28.16
CA LEU E 7 -47.39 43.21 -28.55
C LEU E 7 -47.84 43.42 -29.99
N GLU E 8 -47.97 42.30 -30.70
CA GLU E 8 -48.42 42.32 -32.09
C GLU E 8 -49.79 43.03 -32.11
N ASP E 9 -50.43 43.11 -30.93
CA ASP E 9 -51.75 43.78 -30.83
C ASP E 9 -51.58 45.29 -30.87
N LEU E 10 -50.37 45.72 -30.55
CA LEU E 10 -50.05 47.14 -30.54
C LEU E 10 -49.56 47.54 -31.91
N LEU E 11 -49.68 46.64 -32.88
CA LEU E 11 -49.20 46.95 -34.20
C LEU E 11 -50.29 47.19 -35.24
N THR E 12 -50.00 48.20 -36.10
CA THR E 12 -50.90 48.58 -37.21
C THR E 12 -50.78 47.42 -38.22
N PRO E 13 -51.74 47.36 -39.16
CA PRO E 13 -51.85 46.34 -40.23
C PRO E 13 -50.62 46.36 -41.18
N GLU E 14 -50.21 47.56 -41.57
CA GLU E 14 -49.08 47.75 -42.48
C GLU E 14 -47.81 47.27 -41.79
N GLU E 15 -47.66 47.61 -40.52
CA GLU E 15 -46.48 47.19 -39.79
C GLU E 15 -46.46 45.68 -39.70
N LYS E 16 -47.58 45.06 -39.38
CA LYS E 16 -47.56 43.60 -39.29
C LYS E 16 -47.40 42.93 -40.63
N GLU E 17 -47.71 43.62 -41.72
CA GLU E 17 -47.58 42.97 -43.01
C GLU E 17 -46.12 43.06 -43.45
N VAL E 18 -45.44 44.17 -43.14
CA VAL E 18 -44.05 44.29 -43.51
C VAL E 18 -43.27 43.17 -42.79
N GLN E 19 -43.77 42.77 -41.62
CA GLN E 19 -43.14 41.72 -40.85
C GLN E 19 -43.38 40.35 -41.48
N LYS E 20 -44.63 40.07 -41.84
CA LYS E 20 -44.98 38.78 -42.46
C LYS E 20 -44.18 38.62 -43.74
N ALA E 21 -44.20 39.67 -44.57
CA ALA E 21 -43.49 39.65 -45.84
C ALA E 21 -42.00 39.47 -45.63
N ALA E 22 -41.43 40.25 -44.71
CA ALA E 22 -40.00 40.16 -44.42
C ALA E 22 -39.60 38.73 -44.10
N ARG E 23 -40.36 38.08 -43.21
CA ARG E 23 -40.05 36.71 -42.82
C ARG E 23 -40.22 35.73 -43.98
N ARG E 24 -41.25 35.92 -44.81
CA ARG E 24 -41.46 35.00 -45.94
C ARG E 24 -40.27 35.07 -46.92
N PHE E 25 -39.85 36.29 -47.24
CA PHE E 25 -38.74 36.52 -48.13
C PHE E 25 -37.44 35.89 -47.63
N LEU E 26 -37.03 36.26 -46.42
CA LEU E 26 -35.80 35.76 -45.80
C LEU E 26 -35.79 34.24 -45.55
N GLU E 27 -36.95 33.68 -45.25
CA GLU E 27 -37.06 32.25 -44.97
C GLU E 27 -36.75 31.45 -46.22
N LYS E 28 -37.26 31.93 -47.34
CA LYS E 28 -37.08 31.31 -48.64
C LYS E 28 -35.75 31.62 -49.31
N GLU E 29 -35.28 32.87 -49.20
CA GLU E 29 -34.05 33.26 -49.89
C GLU E 29 -32.76 33.45 -49.08
N ALA E 30 -32.80 33.46 -47.75
CA ALA E 30 -31.58 33.67 -46.99
C ALA E 30 -31.27 32.60 -45.97
N LEU E 31 -32.29 32.18 -45.24
CA LEU E 31 -32.09 31.17 -44.22
C LEU E 31 -31.43 29.90 -44.74
N PRO E 32 -31.82 29.42 -45.94
CA PRO E 32 -31.18 28.18 -46.43
C PRO E 32 -29.69 28.27 -46.67
N HIS E 33 -29.19 29.47 -46.87
CA HIS E 33 -27.78 29.57 -47.19
C HIS E 33 -26.92 30.19 -46.11
N ILE E 34 -27.54 30.88 -45.17
CA ILE E 34 -26.79 31.57 -44.13
C ILE E 34 -25.60 30.80 -43.55
N ARG E 35 -25.75 29.51 -43.28
CA ARG E 35 -24.64 28.74 -42.71
C ARG E 35 -23.43 28.64 -43.68
N ASP E 36 -23.67 28.40 -44.97
CA ASP E 36 -22.55 28.33 -45.90
C ASP E 36 -21.94 29.71 -46.10
N TRP E 37 -22.77 30.74 -46.19
CA TRP E 37 -22.26 32.09 -46.38
C TRP E 37 -21.41 32.51 -45.19
N TRP E 38 -21.89 32.25 -43.98
CA TRP E 38 -21.16 32.63 -42.78
C TRP E 38 -19.88 31.80 -42.68
N GLU E 39 -19.95 30.52 -43.05
CA GLU E 39 -18.80 29.65 -42.97
C GLU E 39 -17.76 30.07 -43.98
N GLU E 40 -18.16 30.33 -45.22
CA GLU E 40 -17.15 30.74 -46.18
C GLU E 40 -16.82 32.23 -45.94
N GLY E 41 -17.57 32.88 -45.05
CA GLY E 41 -17.28 34.28 -44.73
C GLY E 41 -17.54 35.24 -45.86
N VAL E 42 -18.72 35.14 -46.45
CA VAL E 42 -19.09 36.02 -47.55
C VAL E 42 -20.45 36.70 -47.36
N PHE E 43 -20.54 37.94 -47.82
CA PHE E 43 -21.81 38.64 -47.75
C PHE E 43 -22.51 38.44 -49.10
N PRO E 44 -23.77 37.97 -49.08
CA PRO E 44 -24.54 37.73 -50.30
C PRO E 44 -25.00 39.02 -51.00
N THR E 45 -24.15 39.56 -51.86
CA THR E 45 -24.48 40.81 -52.55
C THR E 45 -25.76 40.70 -53.35
N HIS E 46 -26.01 39.54 -53.92
CA HIS E 46 -27.23 39.37 -54.71
C HIS E 46 -28.51 39.68 -53.95
N LEU E 47 -28.41 39.75 -52.64
CA LEU E 47 -29.57 40.02 -51.80
C LEU E 47 -29.82 41.52 -51.65
N ILE E 48 -28.82 42.33 -51.99
CA ILE E 48 -28.96 43.77 -51.89
C ILE E 48 -30.08 44.31 -52.77
N PRO E 49 -30.17 43.85 -54.03
CA PRO E 49 -31.23 44.36 -54.90
C PRO E 49 -32.57 43.83 -54.38
N ARG E 50 -32.54 42.67 -53.74
CA ARG E 50 -33.76 42.10 -53.22
C ARG E 50 -34.22 42.88 -51.99
N PHE E 51 -33.28 43.38 -51.18
CA PHE E 51 -33.67 44.14 -50.01
C PHE E 51 -34.33 45.41 -50.51
N ALA E 52 -33.67 46.03 -51.48
CA ALA E 52 -34.17 47.26 -52.09
C ALA E 52 -35.60 47.05 -52.56
N GLU E 53 -35.85 45.95 -53.28
CA GLU E 53 -37.19 45.64 -53.78
C GLU E 53 -38.21 45.47 -52.67
N LEU E 54 -37.79 45.03 -51.50
CA LEU E 54 -38.73 44.84 -50.41
C LEU E 54 -38.90 46.12 -49.60
N GLY E 55 -38.11 47.13 -49.93
CA GLY E 55 -38.18 48.39 -49.22
C GLY E 55 -37.44 48.41 -47.91
N PHE E 56 -36.44 47.55 -47.80
CA PHE E 56 -35.63 47.45 -46.59
C PHE E 56 -34.64 48.59 -46.46
N LEU E 57 -34.31 49.24 -47.57
CA LEU E 57 -33.36 50.33 -47.54
C LEU E 57 -33.91 51.72 -47.34
N GLY E 58 -33.65 52.25 -46.14
CA GLY E 58 -34.14 53.57 -45.81
C GLY E 58 -35.66 53.48 -45.84
N PRO E 59 -36.23 52.45 -45.18
CA PRO E 59 -37.68 52.25 -45.14
C PRO E 59 -38.52 53.44 -44.64
N THR E 60 -38.04 54.17 -43.63
CA THR E 60 -38.81 55.31 -43.10
C THR E 60 -38.69 56.60 -43.91
N LEU E 61 -37.71 56.66 -44.81
CA LEU E 61 -37.52 57.88 -45.58
C LEU E 61 -38.70 58.13 -46.51
N PRO E 62 -38.92 59.39 -46.89
CA PRO E 62 -39.98 59.86 -47.78
C PRO E 62 -39.91 59.29 -49.18
N PRO E 63 -41.04 58.80 -49.71
CA PRO E 63 -41.07 58.22 -51.06
C PRO E 63 -40.45 59.16 -52.10
N GLU E 64 -40.46 60.46 -51.81
CA GLU E 64 -39.90 61.46 -52.73
C GLU E 64 -38.47 61.12 -53.08
N TYR E 65 -37.74 60.64 -52.08
CA TYR E 65 -36.35 60.31 -52.28
C TYR E 65 -36.15 58.82 -52.56
N GLY E 66 -37.24 58.13 -52.85
CA GLY E 66 -37.17 56.70 -53.13
C GLY E 66 -37.38 55.86 -51.89
N GLY E 67 -37.87 56.47 -50.83
CA GLY E 67 -38.09 55.75 -49.59
C GLY E 67 -39.47 55.13 -49.47
N ALA E 68 -39.58 54.11 -48.63
CA ALA E 68 -40.85 53.42 -48.41
C ALA E 68 -41.81 54.23 -47.51
N GLY E 69 -41.27 55.23 -46.83
CA GLY E 69 -42.08 56.07 -45.95
C GLY E 69 -42.94 55.36 -44.90
N VAL E 70 -42.49 54.20 -44.45
CA VAL E 70 -43.24 53.47 -43.42
C VAL E 70 -42.75 53.92 -42.05
N SER E 71 -43.39 53.41 -40.99
CA SER E 71 -43.07 53.76 -39.61
C SER E 71 -41.73 53.24 -39.04
N SER E 72 -41.36 53.75 -37.88
CA SER E 72 -40.13 53.32 -37.24
C SER E 72 -40.35 51.90 -36.75
N ALA E 73 -41.57 51.60 -36.31
CA ALA E 73 -41.88 50.26 -35.83
C ALA E 73 -41.59 49.28 -36.96
N ALA E 74 -42.04 49.62 -38.17
CA ALA E 74 -41.82 48.77 -39.34
C ALA E 74 -40.32 48.57 -39.62
N TYR E 75 -39.53 49.63 -39.50
CA TYR E 75 -38.09 49.55 -39.74
C TYR E 75 -37.49 48.68 -38.65
N GLY E 76 -38.14 48.68 -37.49
CA GLY E 76 -37.69 47.87 -36.38
C GLY E 76 -37.97 46.41 -36.65
N LEU E 77 -39.12 46.13 -37.23
CA LEU E 77 -39.51 44.76 -37.53
C LEU E 77 -38.74 44.17 -38.70
N ILE E 78 -38.28 45.00 -39.62
CA ILE E 78 -37.55 44.39 -40.71
C ILE E 78 -36.20 44.01 -40.10
N CYS E 79 -35.64 44.87 -39.25
CA CYS E 79 -34.36 44.56 -38.61
C CYS E 79 -34.53 43.30 -37.78
N TYR E 80 -35.68 43.19 -37.12
CA TYR E 80 -36.01 42.04 -36.28
C TYR E 80 -35.85 40.76 -37.08
N GLU E 81 -36.57 40.69 -38.19
CA GLU E 81 -36.56 39.53 -39.06
C GLU E 81 -35.19 39.26 -39.69
N LEU E 82 -34.49 40.32 -40.09
CA LEU E 82 -33.17 40.22 -40.69
C LEU E 82 -32.16 39.58 -39.72
N GLU E 83 -32.11 40.11 -38.49
CA GLU E 83 -31.21 39.61 -37.46
C GLU E 83 -31.57 38.19 -37.06
N ARG E 84 -32.87 37.91 -37.06
CA ARG E 84 -33.37 36.61 -36.71
C ARG E 84 -32.67 35.56 -37.58
N VAL E 85 -32.28 35.96 -38.80
CA VAL E 85 -31.57 35.09 -39.74
C VAL E 85 -30.07 35.20 -39.44
N ASP E 86 -29.55 36.42 -39.52
CA ASP E 86 -28.14 36.67 -39.22
C ASP E 86 -27.86 38.17 -39.09
N SER E 87 -27.12 38.53 -38.04
CA SER E 87 -26.76 39.92 -37.76
C SER E 87 -26.08 40.63 -38.92
N GLY E 88 -25.38 39.85 -39.75
CA GLY E 88 -24.67 40.43 -40.88
C GLY E 88 -25.61 41.01 -41.92
N LEU E 89 -26.72 40.32 -42.14
CA LEU E 89 -27.73 40.76 -43.08
C LEU E 89 -28.38 42.03 -42.54
N ARG E 90 -28.62 42.06 -41.23
CA ARG E 90 -29.25 43.22 -40.59
C ARG E 90 -28.26 44.39 -40.58
N SER E 91 -26.97 44.09 -40.45
CA SER E 91 -25.93 45.11 -40.44
C SER E 91 -25.92 45.91 -41.73
N PHE E 92 -26.08 45.22 -42.86
CA PHE E 92 -26.06 45.91 -44.13
C PHE E 92 -27.17 46.95 -44.19
N VAL E 93 -28.39 46.55 -43.80
CA VAL E 93 -29.52 47.45 -43.83
C VAL E 93 -29.39 48.63 -42.85
N SER E 94 -28.76 48.41 -41.69
CA SER E 94 -28.58 49.47 -40.70
C SER E 94 -27.62 50.52 -41.24
N VAL E 95 -26.51 50.06 -41.83
CA VAL E 95 -25.51 50.96 -42.40
C VAL E 95 -26.15 51.79 -43.53
N GLN E 96 -26.73 51.11 -44.52
CA GLN E 96 -27.36 51.77 -45.66
C GLN E 96 -28.47 52.73 -45.27
N SER E 97 -29.30 52.33 -44.31
CA SER E 97 -30.44 53.12 -43.86
C SER E 97 -30.16 54.19 -42.83
N SER E 98 -29.51 53.83 -41.73
CA SER E 98 -29.25 54.79 -40.67
C SER E 98 -27.87 55.43 -40.65
N LEU E 99 -26.89 54.81 -41.31
CA LEU E 99 -25.56 55.39 -41.30
C LEU E 99 -25.13 56.02 -42.60
N VAL E 100 -25.95 55.85 -43.63
CA VAL E 100 -25.65 56.41 -44.93
C VAL E 100 -26.85 57.20 -45.44
N MET E 101 -27.96 56.52 -45.69
CA MET E 101 -29.19 57.19 -46.12
C MET E 101 -29.53 58.37 -45.20
N TYR E 102 -29.61 58.08 -43.90
CA TYR E 102 -29.98 59.08 -42.89
C TYR E 102 -29.17 60.37 -42.89
N PRO E 103 -27.85 60.27 -42.72
CA PRO E 103 -27.07 61.51 -42.71
C PRO E 103 -27.21 62.38 -43.97
N ILE E 104 -27.33 61.75 -45.13
CA ILE E 104 -27.50 62.48 -46.38
C ILE E 104 -28.83 63.23 -46.33
N TYR E 105 -29.86 62.54 -45.85
CA TYR E 105 -31.20 63.11 -45.73
C TYR E 105 -31.28 64.23 -44.68
N ALA E 106 -30.67 63.98 -43.52
CA ALA E 106 -30.67 64.94 -42.42
C ALA E 106 -29.67 66.08 -42.54
N TYR E 107 -28.52 65.83 -43.17
CA TYR E 107 -27.51 66.88 -43.27
C TYR E 107 -27.04 67.21 -44.68
N GLY E 108 -27.55 66.52 -45.69
CA GLY E 108 -27.10 66.77 -47.04
C GLY E 108 -27.74 67.96 -47.74
N SER E 109 -27.14 68.35 -48.86
CA SER E 109 -27.67 69.45 -49.65
C SER E 109 -28.81 68.83 -50.44
N GLU E 110 -29.65 69.66 -51.05
CA GLU E 110 -30.75 69.15 -51.84
C GLU E 110 -30.19 68.40 -53.05
N GLU E 111 -28.99 68.81 -53.47
CA GLU E 111 -28.34 68.18 -54.61
C GLU E 111 -27.81 66.81 -54.22
N GLN E 112 -27.33 66.69 -52.99
CA GLN E 112 -26.80 65.42 -52.51
C GLN E 112 -27.97 64.47 -52.30
N LYS E 113 -29.07 64.99 -51.77
CA LYS E 113 -30.25 64.18 -51.51
C LYS E 113 -30.87 63.60 -52.77
N ARG E 114 -31.09 64.44 -53.78
CA ARG E 114 -31.67 63.98 -55.06
C ARG E 114 -30.73 63.04 -55.82
N GLU E 115 -29.45 63.31 -55.69
CA GLU E 115 -28.41 62.57 -56.37
C GLU E 115 -28.15 61.15 -55.83
N PHE E 116 -28.07 61.02 -54.50
CA PHE E 116 -27.78 59.71 -53.89
C PHE E 116 -28.91 58.86 -53.30
N LEU E 117 -29.78 59.48 -52.50
CA LEU E 117 -30.86 58.74 -51.85
C LEU E 117 -31.64 57.73 -52.70
N PRO E 118 -32.05 58.11 -53.94
CA PRO E 118 -32.81 57.15 -54.78
C PRO E 118 -31.99 55.92 -55.23
N LYS E 119 -30.72 56.12 -55.51
CA LYS E 119 -29.83 55.01 -55.92
C LYS E 119 -29.52 54.13 -54.71
N LEU E 120 -29.40 54.75 -53.53
CA LEU E 120 -29.14 54.02 -52.29
C LEU E 120 -30.37 53.23 -51.92
N ALA E 121 -31.53 53.88 -52.06
CA ALA E 121 -32.81 53.27 -51.73
C ALA E 121 -33.10 52.06 -52.62
N ARG E 122 -32.57 52.09 -53.83
CA ARG E 122 -32.78 51.01 -54.78
C ARG E 122 -31.60 50.04 -54.79
N GLY E 123 -30.76 50.11 -53.77
CA GLY E 123 -29.62 49.22 -53.67
C GLY E 123 -28.82 49.21 -54.94
N GLU E 124 -28.79 50.36 -55.59
CA GLU E 124 -28.06 50.55 -56.84
C GLU E 124 -26.71 51.13 -56.50
N MET E 125 -26.60 51.75 -55.33
CA MET E 125 -25.36 52.36 -54.89
C MET E 125 -25.15 52.16 -53.39
N VAL E 126 -24.20 51.31 -53.03
CA VAL E 126 -23.97 50.97 -51.66
C VAL E 126 -23.00 51.85 -50.89
N GLY E 127 -23.37 52.18 -49.65
CA GLY E 127 -22.50 53.02 -48.86
C GLY E 127 -21.94 52.48 -47.55
N CYS E 128 -21.00 53.21 -46.95
CA CYS E 128 -20.43 52.80 -45.68
C CYS E 128 -20.29 54.04 -44.80
N PHE E 129 -20.03 53.83 -43.52
CA PHE E 129 -19.92 54.93 -42.56
C PHE E 129 -18.57 54.80 -41.87
N GLY E 130 -17.72 55.80 -42.08
CA GLY E 130 -16.39 55.75 -41.50
C GLY E 130 -16.15 56.69 -40.35
N LEU E 131 -16.37 56.20 -39.13
CA LEU E 131 -16.18 56.99 -37.93
C LEU E 131 -15.05 56.45 -37.06
N THR E 132 -15.12 55.15 -36.76
CA THR E 132 -14.14 54.50 -35.90
C THR E 132 -12.72 54.52 -36.45
N GLU E 133 -11.77 54.79 -35.56
CA GLU E 133 -10.37 54.83 -35.92
C GLU E 133 -9.55 53.88 -35.05
N PRO E 134 -8.35 53.50 -35.53
CA PRO E 134 -7.42 52.59 -34.84
C PRO E 134 -7.12 52.84 -33.36
N ASP E 135 -7.32 54.05 -32.85
CA ASP E 135 -7.01 54.31 -31.45
C ASP E 135 -8.15 54.07 -30.46
N GLY E 136 -9.35 53.78 -30.97
CA GLY E 136 -10.46 53.51 -30.09
C GLY E 136 -11.77 54.18 -30.46
N GLY E 137 -12.73 53.37 -30.91
CA GLY E 137 -14.02 53.88 -31.31
C GLY E 137 -14.93 54.36 -30.19
N SER E 138 -14.58 54.10 -28.93
CA SER E 138 -15.41 54.55 -27.80
C SER E 138 -15.26 56.03 -27.54
N ASP E 139 -14.16 56.61 -28.01
CA ASP E 139 -13.97 58.06 -27.89
C ASP E 139 -14.02 58.48 -29.36
N PRO E 140 -15.21 58.65 -29.92
CA PRO E 140 -15.18 59.04 -31.34
C PRO E 140 -14.64 60.44 -31.66
N TYR E 141 -14.66 61.39 -30.72
CA TYR E 141 -14.11 62.71 -31.03
C TYR E 141 -12.61 62.76 -30.71
N GLY E 142 -12.23 62.18 -29.57
CA GLY E 142 -10.85 62.17 -29.13
C GLY E 142 -9.86 61.40 -29.99
N ASN E 143 -10.30 60.28 -30.58
CA ASN E 143 -9.40 59.50 -31.42
C ASN E 143 -9.58 59.73 -32.92
N MET E 144 -10.34 60.76 -33.29
CA MET E 144 -10.57 61.10 -34.71
C MET E 144 -9.35 61.87 -35.22
N LYS E 145 -8.37 61.13 -35.73
CA LYS E 145 -7.15 61.71 -36.24
C LYS E 145 -7.22 62.01 -37.73
N THR E 146 -8.36 61.73 -38.34
CA THR E 146 -8.51 62.00 -39.78
C THR E 146 -8.73 63.51 -39.99
N ARG E 147 -7.88 64.11 -40.80
CA ARG E 147 -7.95 65.54 -41.07
C ARG E 147 -8.55 65.93 -42.40
N ALA E 148 -9.12 67.13 -42.41
CA ALA E 148 -9.73 67.69 -43.59
C ALA E 148 -9.31 69.16 -43.64
N ARG E 149 -8.63 69.55 -44.72
CA ARG E 149 -8.16 70.93 -44.89
C ARG E 149 -8.67 71.53 -46.21
N ARG E 150 -9.22 72.74 -46.15
CA ARG E 150 -9.71 73.42 -47.35
C ARG E 150 -8.62 74.23 -48.08
N ASP E 153 -11.86 75.53 -52.56
CA ASP E 153 -13.19 74.96 -52.69
C ASP E 153 -13.23 73.43 -52.73
N THR E 154 -12.09 72.82 -52.43
CA THR E 154 -12.04 71.36 -52.37
C THR E 154 -11.31 71.09 -51.08
N TRP E 155 -11.54 69.91 -50.51
CA TRP E 155 -10.89 69.53 -49.25
C TRP E 155 -9.99 68.33 -49.49
N VAL E 156 -8.88 68.28 -48.76
CA VAL E 156 -7.96 67.16 -48.86
C VAL E 156 -8.09 66.42 -47.54
N LEU E 157 -8.42 65.13 -47.62
CA LEU E 157 -8.58 64.30 -46.43
C LEU E 157 -7.42 63.32 -46.26
N ASN E 158 -7.00 63.15 -45.01
CA ASN E 158 -5.93 62.23 -44.66
C ASN E 158 -6.27 61.58 -43.33
N GLY E 159 -6.31 60.26 -43.30
CA GLY E 159 -6.62 59.56 -42.08
C GLY E 159 -6.91 58.11 -42.36
N THR E 160 -7.27 57.37 -41.31
CA THR E 160 -7.57 55.96 -41.45
C THR E 160 -8.77 55.67 -40.58
N LYS E 161 -9.63 54.79 -41.04
CA LYS E 161 -10.78 54.40 -40.22
C LYS E 161 -10.66 52.86 -40.16
N MET E 162 -11.10 52.25 -39.07
CA MET E 162 -11.02 50.80 -38.92
C MET E 162 -12.40 50.19 -39.00
N TRP E 163 -12.43 48.86 -38.94
CA TRP E 163 -13.69 48.12 -38.86
C TRP E 163 -14.89 48.79 -39.57
N ILE E 164 -14.77 49.17 -40.83
CA ILE E 164 -15.91 49.83 -41.49
C ILE E 164 -16.74 48.85 -42.30
N THR E 165 -18.00 48.65 -41.91
CA THR E 165 -18.89 47.75 -42.62
C THR E 165 -19.12 48.30 -44.04
N ASN E 166 -19.26 47.40 -45.01
CA ASN E 166 -19.46 47.74 -46.42
C ASN E 166 -18.26 48.46 -47.01
N GLY E 167 -17.15 48.43 -46.27
CA GLY E 167 -15.94 49.09 -46.73
C GLY E 167 -15.60 48.79 -48.17
N ASN E 168 -15.63 47.50 -48.55
CA ASN E 168 -15.28 47.11 -49.90
C ASN E 168 -16.43 46.99 -50.90
N LEU E 169 -17.65 47.21 -50.45
CA LEU E 169 -18.78 47.13 -51.38
C LEU E 169 -19.25 48.53 -51.67
N ALA E 170 -18.57 49.52 -51.10
CA ALA E 170 -19.05 50.91 -51.23
C ALA E 170 -18.49 51.91 -52.27
N HIS E 171 -19.43 52.71 -52.81
CA HIS E 171 -19.16 53.73 -53.81
C HIS E 171 -19.01 55.10 -53.14
N LEU E 172 -19.73 55.29 -52.03
CA LEU E 172 -19.64 56.57 -51.31
C LEU E 172 -19.31 56.21 -49.87
N ALA E 173 -18.43 57.00 -49.28
CA ALA E 173 -17.99 56.73 -47.93
C ALA E 173 -18.25 57.96 -47.05
N VAL E 174 -19.19 57.84 -46.12
CA VAL E 174 -19.46 58.96 -45.24
C VAL E 174 -18.28 59.01 -44.27
N ILE E 175 -17.30 59.84 -44.57
CA ILE E 175 -16.14 59.97 -43.73
C ILE E 175 -16.24 61.16 -42.79
N TRP E 176 -15.85 60.94 -41.53
CA TRP E 176 -15.87 61.99 -40.52
C TRP E 176 -14.45 62.34 -40.12
N ALA E 177 -14.08 63.62 -40.30
CA ALA E 177 -12.75 64.10 -39.97
C ALA E 177 -12.87 65.44 -39.26
N LYS E 178 -11.74 65.98 -38.79
CA LYS E 178 -11.69 67.26 -38.11
C LYS E 178 -10.92 68.22 -39.03
N ASP E 179 -11.02 69.52 -38.72
CA ASP E 179 -10.30 70.55 -39.47
C ASP E 179 -9.44 71.34 -38.48
N GLU E 183 -12.90 70.54 -35.18
CA GLU E 183 -14.31 70.64 -35.56
C GLU E 183 -14.72 69.47 -36.45
N VAL E 184 -15.74 68.72 -36.05
CA VAL E 184 -16.17 67.58 -36.85
C VAL E 184 -17.05 67.91 -38.05
N LEU E 185 -16.64 67.39 -39.21
CA LEU E 185 -17.33 67.58 -40.48
C LEU E 185 -17.57 66.21 -41.14
N GLY E 186 -18.55 66.16 -42.05
CA GLY E 186 -18.85 64.92 -42.75
C GLY E 186 -18.79 65.05 -44.27
N PHE E 187 -18.07 64.14 -44.92
CA PHE E 187 -17.91 64.14 -46.38
C PHE E 187 -18.43 62.88 -47.08
N LEU E 188 -19.08 63.09 -48.23
CA LEU E 188 -19.60 61.98 -49.02
C LEU E 188 -18.47 61.68 -49.99
N VAL E 189 -17.55 60.83 -49.57
CA VAL E 189 -16.39 60.50 -50.35
C VAL E 189 -16.56 59.31 -51.30
N PRO E 190 -16.46 59.53 -52.62
CA PRO E 190 -16.60 58.41 -53.55
C PRO E 190 -15.43 57.49 -53.26
N THR E 191 -15.62 56.18 -53.40
CA THR E 191 -14.52 55.29 -53.08
C THR E 191 -13.48 55.11 -54.18
N ASP E 192 -13.72 55.68 -55.36
CA ASP E 192 -12.75 55.54 -56.44
C ASP E 192 -11.88 56.78 -56.60
N THR E 193 -12.15 57.83 -55.83
CA THR E 193 -11.31 59.02 -55.94
C THR E 193 -9.89 58.65 -55.51
N PRO E 194 -8.89 59.05 -56.32
CA PRO E 194 -7.51 58.71 -55.97
C PRO E 194 -7.07 59.03 -54.54
N GLY E 195 -6.28 58.12 -53.97
CA GLY E 195 -5.79 58.28 -52.62
C GLY E 195 -6.65 57.58 -51.57
N PHE E 196 -7.73 56.96 -52.02
CA PHE E 196 -8.67 56.27 -51.15
C PHE E 196 -8.52 54.75 -51.32
N GLN E 197 -8.13 54.04 -50.26
CA GLN E 197 -7.95 52.58 -50.32
C GLN E 197 -8.80 51.87 -49.26
N ALA E 198 -9.45 50.78 -49.66
CA ALA E 198 -10.26 49.98 -48.76
C ALA E 198 -9.75 48.55 -48.76
N ARG E 199 -9.30 48.07 -47.62
CA ARG E 199 -8.80 46.71 -47.54
C ARG E 199 -9.63 45.94 -46.52
N GLU E 200 -10.09 44.75 -46.93
CA GLU E 200 -10.90 43.93 -46.06
C GLU E 200 -10.12 43.37 -44.88
N VAL E 201 -10.86 43.12 -43.80
CA VAL E 201 -10.31 42.58 -42.58
C VAL E 201 -10.45 41.06 -42.68
N LYS E 202 -9.39 40.33 -42.36
CA LYS E 202 -9.41 38.88 -42.45
C LYS E 202 -9.34 38.22 -41.07
N ARG E 203 -9.58 36.91 -41.03
CA ARG E 203 -9.54 36.15 -39.77
C ARG E 203 -10.62 36.61 -38.79
N LYS E 204 -11.82 36.86 -39.31
CA LYS E 204 -12.95 37.29 -38.49
C LYS E 204 -13.69 36.06 -37.99
N MET E 205 -13.94 36.01 -36.68
CA MET E 205 -14.67 34.89 -36.08
C MET E 205 -16.04 35.32 -35.60
N SER E 206 -16.52 36.43 -36.17
CA SER E 206 -17.79 37.04 -35.80
C SER E 206 -18.24 37.91 -36.95
N LEU E 207 -19.54 37.92 -37.22
CA LEU E 207 -20.11 38.71 -38.31
C LEU E 207 -19.38 38.40 -39.62
N ARG E 208 -19.24 37.12 -39.91
CA ARG E 208 -18.56 36.67 -41.11
C ARG E 208 -19.38 36.90 -42.38
N ALA E 209 -20.70 36.90 -42.25
CA ALA E 209 -21.57 37.17 -43.39
C ALA E 209 -21.74 38.69 -43.43
N SER E 210 -20.67 39.37 -43.79
CA SER E 210 -20.64 40.83 -43.86
C SER E 210 -19.22 41.26 -44.24
N VAL E 211 -19.06 42.35 -44.98
CA VAL E 211 -17.71 42.78 -45.30
C VAL E 211 -17.29 43.92 -44.39
N THR E 212 -16.11 43.77 -43.78
CA THR E 212 -15.55 44.76 -42.86
C THR E 212 -14.21 45.20 -43.44
N SER E 213 -14.02 46.51 -43.56
CA SER E 213 -12.78 47.00 -44.15
C SER E 213 -12.04 48.05 -43.35
N GLU E 214 -10.84 48.33 -43.81
CA GLU E 214 -10.01 49.34 -43.21
C GLU E 214 -9.93 50.38 -44.31
N LEU E 215 -10.26 51.62 -43.98
CA LEU E 215 -10.22 52.70 -44.95
C LEU E 215 -8.96 53.53 -44.72
N VAL E 216 -8.22 53.75 -45.80
CA VAL E 216 -7.01 54.54 -45.76
C VAL E 216 -7.16 55.68 -46.77
N LEU E 217 -7.24 56.90 -46.25
CA LEU E 217 -7.37 58.08 -47.09
C LEU E 217 -6.05 58.81 -47.12
N GLU E 218 -5.42 58.80 -48.28
CA GLU E 218 -4.13 59.43 -48.46
C GLU E 218 -4.29 60.60 -49.42
N GLU E 219 -4.30 61.81 -48.88
CA GLU E 219 -4.43 63.02 -49.68
C GLU E 219 -5.62 62.94 -50.65
N VAL E 220 -6.75 62.47 -50.13
CA VAL E 220 -7.98 62.33 -50.91
C VAL E 220 -8.65 63.69 -51.15
N ARG E 221 -8.91 64.00 -52.42
CA ARG E 221 -9.52 65.26 -52.79
C ARG E 221 -11.05 65.15 -52.86
N VAL E 222 -11.74 66.06 -52.17
CA VAL E 222 -13.21 66.07 -52.16
C VAL E 222 -13.75 67.51 -52.29
N PRO E 223 -14.62 67.75 -53.28
CA PRO E 223 -15.20 69.08 -53.47
C PRO E 223 -16.07 69.47 -52.30
N GLU E 224 -16.31 70.77 -52.14
CA GLU E 224 -17.15 71.27 -51.06
C GLU E 224 -18.61 70.92 -51.36
N SER E 225 -18.87 70.53 -52.60
CA SER E 225 -20.22 70.15 -53.02
C SER E 225 -20.47 68.71 -52.56
N LEU E 226 -19.43 68.10 -51.99
CA LEU E 226 -19.57 66.73 -51.51
C LEU E 226 -19.44 66.65 -50.00
N ARG E 227 -19.42 67.81 -49.33
CA ARG E 227 -19.31 67.88 -47.88
C ARG E 227 -20.67 68.21 -47.31
N LEU E 228 -21.21 67.32 -46.47
CA LEU E 228 -22.51 67.51 -45.84
C LEU E 228 -22.63 68.89 -45.19
N PRO E 229 -23.43 69.78 -45.82
CA PRO E 229 -23.64 71.14 -45.33
C PRO E 229 -24.04 71.28 -43.86
N LYS E 230 -25.15 70.66 -43.48
CA LYS E 230 -25.63 70.69 -42.10
C LYS E 230 -24.70 70.02 -41.09
N ALA E 231 -24.11 68.89 -41.48
CA ALA E 231 -23.21 68.11 -40.64
C ALA E 231 -22.18 68.92 -39.87
N LEU E 232 -22.50 69.26 -38.62
CA LEU E 232 -21.61 70.05 -37.79
C LEU E 232 -21.43 69.45 -36.40
N GLY E 233 -20.20 69.07 -36.06
CA GLY E 233 -19.91 68.52 -34.74
C GLY E 233 -20.11 67.03 -34.52
N LEU E 234 -19.71 66.56 -33.34
CA LEU E 234 -19.81 65.15 -32.97
C LEU E 234 -21.26 64.68 -33.02
N LYS E 235 -22.17 65.62 -32.75
CA LYS E 235 -23.59 65.35 -32.75
C LYS E 235 -24.16 64.82 -34.09
N ALA E 236 -23.53 65.16 -35.21
CA ALA E 236 -23.99 64.71 -36.54
C ALA E 236 -23.79 63.19 -36.69
N PRO E 237 -22.55 62.71 -36.48
CA PRO E 237 -22.34 61.27 -36.61
C PRO E 237 -23.06 60.50 -35.47
N LEU E 238 -23.19 61.11 -34.29
CA LEU E 238 -23.88 60.43 -33.18
C LEU E 238 -25.36 60.21 -33.51
N SER E 239 -26.01 61.22 -34.09
CA SER E 239 -27.43 61.09 -34.44
C SER E 239 -27.59 59.90 -35.35
N CYS E 240 -26.56 59.62 -36.16
CA CYS E 240 -26.59 58.47 -37.07
C CYS E 240 -26.56 57.17 -36.26
N LEU E 241 -25.72 57.14 -35.23
CA LEU E 241 -25.62 55.96 -34.38
C LEU E 241 -26.95 55.75 -33.65
N THR E 242 -27.53 56.81 -33.10
CA THR E 242 -28.82 56.69 -32.43
C THR E 242 -29.82 56.02 -33.35
N GLN E 243 -29.85 56.42 -34.63
CA GLN E 243 -30.76 55.83 -35.62
C GLN E 243 -30.46 54.35 -35.78
N ALA E 244 -29.19 54.06 -36.04
CA ALA E 244 -28.72 52.70 -36.22
C ALA E 244 -29.02 51.85 -34.98
N ARG E 245 -28.72 52.40 -33.80
CA ARG E 245 -28.94 51.68 -32.54
C ARG E 245 -30.40 51.31 -32.30
N PHE E 246 -31.33 52.10 -32.85
CA PHE E 246 -32.74 51.80 -32.68
C PHE E 246 -33.10 50.50 -33.43
N GLY E 247 -32.64 50.35 -34.67
CA GLY E 247 -32.94 49.13 -35.39
C GLY E 247 -32.30 47.92 -34.71
N ILE E 248 -31.10 48.13 -34.19
CA ILE E 248 -30.37 47.06 -33.51
C ILE E 248 -31.09 46.57 -32.26
N ALA E 249 -31.71 47.47 -31.50
CA ALA E 249 -32.41 47.04 -30.30
C ALA E 249 -33.49 46.08 -30.73
N TRP E 250 -34.01 46.30 -31.95
CA TRP E 250 -35.07 45.46 -32.52
C TRP E 250 -34.49 44.13 -33.02
N GLY E 251 -33.45 44.22 -33.84
CA GLY E 251 -32.80 43.03 -34.38
C GLY E 251 -32.36 42.08 -33.31
N ALA E 252 -31.81 42.60 -32.22
CA ALA E 252 -31.35 41.79 -31.10
C ALA E 252 -32.46 40.84 -30.65
N MET E 253 -33.67 41.36 -30.57
CA MET E 253 -34.83 40.55 -30.19
C MET E 253 -35.03 39.39 -31.16
N GLY E 254 -34.80 39.65 -32.44
CA GLY E 254 -35.01 38.64 -33.46
C GLY E 254 -34.03 37.48 -33.39
N ALA E 255 -32.78 37.77 -33.09
CA ALA E 255 -31.80 36.70 -32.97
C ALA E 255 -32.14 35.91 -31.70
N LEU E 256 -32.69 36.61 -30.71
CA LEU E 256 -33.06 35.95 -29.46
C LEU E 256 -34.16 34.92 -29.75
N GLU E 257 -35.16 35.31 -30.54
CA GLU E 257 -36.24 34.38 -30.89
C GLU E 257 -35.61 33.15 -31.52
N ALA E 258 -34.67 33.38 -32.42
CA ALA E 258 -34.03 32.28 -33.13
C ALA E 258 -33.30 31.28 -32.24
N VAL E 259 -32.49 31.75 -31.30
CA VAL E 259 -31.77 30.81 -30.47
C VAL E 259 -32.69 30.18 -29.46
N TYR E 260 -33.67 30.94 -29.00
CA TYR E 260 -34.65 30.45 -28.03
C TYR E 260 -35.46 29.34 -28.66
N GLU E 261 -36.02 29.62 -29.83
CA GLU E 261 -36.88 28.66 -30.52
C GLU E 261 -36.19 27.32 -30.73
N GLU E 262 -34.92 27.41 -31.10
CA GLU E 262 -34.10 26.25 -31.34
C GLU E 262 -33.74 25.51 -30.07
N ALA E 263 -33.59 26.25 -28.98
CA ALA E 263 -33.25 25.67 -27.69
C ALA E 263 -34.40 24.82 -27.12
N VAL E 264 -35.62 25.35 -27.09
CA VAL E 264 -36.73 24.57 -26.55
C VAL E 264 -36.98 23.35 -27.43
N ALA E 265 -36.84 23.49 -28.74
CA ALA E 265 -37.06 22.35 -29.62
C ALA E 265 -36.08 21.23 -29.27
N PHE E 266 -34.79 21.55 -29.14
CA PHE E 266 -33.74 20.59 -28.81
C PHE E 266 -34.01 20.07 -27.38
N ALA E 267 -34.43 20.95 -26.49
CA ALA E 267 -34.71 20.57 -25.12
C ALA E 267 -35.85 19.55 -25.08
N LYS E 268 -36.86 19.77 -25.93
CA LYS E 268 -38.03 18.90 -26.02
C LYS E 268 -37.75 17.53 -26.66
N SER E 269 -36.84 17.50 -27.62
CA SER E 269 -36.53 16.28 -28.37
C SER E 269 -35.39 15.42 -27.88
N ARG E 270 -34.75 15.85 -26.80
CA ARG E 270 -33.60 15.09 -26.33
C ARG E 270 -33.82 14.61 -24.93
N SER E 271 -33.35 13.44 -24.57
CA SER E 271 -33.59 13.23 -23.17
C SER E 271 -32.51 12.61 -22.35
N THR E 272 -32.46 12.98 -21.07
CA THR E 272 -31.36 12.48 -20.32
C THR E 272 -31.48 11.47 -19.21
N PHE E 273 -31.87 11.72 -17.98
CA PHE E 273 -31.90 10.49 -17.21
C PHE E 273 -33.29 9.96 -17.22
N GLY E 274 -33.83 9.82 -18.43
CA GLY E 274 -35.16 9.27 -18.54
C GLY E 274 -36.32 10.23 -18.52
N GLU E 275 -36.13 11.45 -19.01
CA GLU E 275 -37.22 12.41 -19.09
C GLU E 275 -36.73 13.39 -20.13
N PRO E 276 -37.58 14.34 -20.54
CA PRO E 276 -36.87 15.13 -21.55
C PRO E 276 -35.97 16.16 -20.95
N LEU E 277 -35.11 16.74 -21.77
CA LEU E 277 -34.24 17.77 -21.29
C LEU E 277 -35.15 18.89 -20.81
N ALA E 278 -36.17 19.18 -21.62
CA ALA E 278 -37.16 20.22 -21.36
C ALA E 278 -37.86 20.14 -20.02
N LYS E 279 -37.83 18.97 -19.38
CA LYS E 279 -38.50 18.79 -18.08
C LYS E 279 -37.60 19.04 -16.86
N LYS E 280 -36.30 19.26 -17.08
CA LYS E 280 -35.38 19.53 -15.97
C LYS E 280 -35.42 20.99 -15.52
N GLN E 281 -35.40 21.21 -14.22
CA GLN E 281 -35.48 22.56 -13.66
C GLN E 281 -34.39 23.48 -14.17
N LEU E 282 -33.16 22.99 -14.20
CA LEU E 282 -32.04 23.80 -14.66
C LEU E 282 -32.12 24.25 -16.10
N VAL E 283 -32.71 23.46 -16.99
CA VAL E 283 -32.86 23.86 -18.38
C VAL E 283 -34.07 24.79 -18.53
N GLN E 284 -35.15 24.48 -17.81
CA GLN E 284 -36.37 25.30 -17.86
C GLN E 284 -36.04 26.72 -17.42
N ALA E 285 -35.18 26.83 -16.41
CA ALA E 285 -34.80 28.13 -15.88
C ALA E 285 -34.17 28.97 -16.95
N LYS E 286 -33.33 28.34 -17.75
CA LYS E 286 -32.63 29.04 -18.84
C LYS E 286 -33.57 29.54 -19.93
N LEU E 287 -34.58 28.75 -20.23
CA LEU E 287 -35.55 29.12 -21.24
C LEU E 287 -36.47 30.21 -20.68
N ALA E 288 -36.83 30.08 -19.42
CA ALA E 288 -37.71 31.05 -18.78
C ALA E 288 -37.05 32.42 -18.86
N GLU E 289 -35.74 32.44 -18.62
CA GLU E 289 -34.99 33.68 -18.65
C GLU E 289 -34.99 34.23 -20.08
N MET E 290 -34.78 33.34 -21.05
CA MET E 290 -34.78 33.73 -22.46
C MET E 290 -36.13 34.37 -22.82
N LEU E 291 -37.23 33.75 -22.42
CA LEU E 291 -38.55 34.29 -22.74
C LEU E 291 -38.77 35.64 -22.05
N ALA E 292 -38.41 35.72 -20.76
CA ALA E 292 -38.58 36.95 -20.01
C ALA E 292 -37.83 38.11 -20.67
N TRP E 293 -36.57 37.85 -21.08
CA TRP E 293 -35.77 38.91 -21.72
C TRP E 293 -36.34 39.33 -23.05
N HIS E 294 -36.85 38.36 -23.81
CA HIS E 294 -37.44 38.67 -25.10
C HIS E 294 -38.65 39.59 -24.95
N THR E 295 -39.50 39.29 -23.96
CA THR E 295 -40.68 40.08 -23.69
C THR E 295 -40.30 41.50 -23.27
N GLU E 296 -39.30 41.61 -22.40
CA GLU E 296 -38.85 42.92 -21.94
C GLU E 296 -38.29 43.71 -23.11
N GLY E 297 -37.51 43.04 -23.95
CA GLY E 297 -36.91 43.67 -25.11
C GLY E 297 -37.90 44.18 -26.14
N LEU E 298 -38.94 43.41 -26.44
CA LEU E 298 -39.94 43.87 -27.40
C LEU E 298 -40.61 45.15 -26.94
N LEU E 299 -40.99 45.21 -25.65
CA LEU E 299 -41.64 46.41 -25.10
C LEU E 299 -40.74 47.65 -25.18
N LEU E 300 -39.46 47.50 -24.87
CA LEU E 300 -38.54 48.63 -24.94
C LEU E 300 -38.50 49.11 -26.37
N ALA E 301 -38.33 48.14 -27.27
CA ALA E 301 -38.25 48.39 -28.71
C ALA E 301 -39.51 49.05 -29.24
N TRP E 302 -40.66 48.49 -28.88
CA TRP E 302 -41.95 49.02 -29.33
C TRP E 302 -42.15 50.45 -28.85
N ARG E 303 -41.93 50.62 -27.55
CA ARG E 303 -42.09 51.92 -26.92
C ARG E 303 -41.19 52.99 -27.55
N LEU E 304 -39.98 52.60 -27.92
CA LEU E 304 -39.02 53.51 -28.52
C LEU E 304 -39.42 53.85 -29.95
N ALA E 305 -40.07 52.92 -30.63
CA ALA E 305 -40.49 53.14 -32.00
C ALA E 305 -41.61 54.16 -31.97
N ARG E 306 -42.51 54.04 -31.00
CA ARG E 306 -43.63 54.96 -30.89
C ARG E 306 -43.11 56.36 -30.52
N LEU E 307 -42.12 56.46 -29.63
CA LEU E 307 -41.58 57.79 -29.23
C LEU E 307 -40.76 58.40 -30.37
N LYS E 308 -40.18 57.55 -31.20
CA LYS E 308 -39.35 58.00 -32.30
C LYS E 308 -40.20 58.76 -33.32
N ASP E 309 -41.33 58.19 -33.72
CA ASP E 309 -42.21 58.81 -34.71
C ASP E 309 -42.89 60.09 -34.25
N GLU E 310 -43.11 60.24 -32.93
CA GLU E 310 -43.76 61.45 -32.44
C GLU E 310 -42.71 62.52 -32.08
N GLY E 311 -41.47 62.26 -32.47
CA GLY E 311 -40.36 63.17 -32.24
C GLY E 311 -39.94 63.42 -30.82
N LYS E 312 -40.15 62.45 -29.93
CA LYS E 312 -39.77 62.62 -28.54
C LYS E 312 -38.65 61.70 -28.05
N LEU E 313 -38.16 60.85 -28.95
CA LEU E 313 -37.10 59.91 -28.62
C LEU E 313 -35.76 60.60 -28.35
N THR E 314 -35.10 60.23 -27.26
CA THR E 314 -33.81 60.82 -26.93
C THR E 314 -32.71 59.76 -27.07
N PRO E 315 -31.46 60.21 -27.27
CA PRO E 315 -30.34 59.26 -27.43
C PRO E 315 -30.19 58.35 -26.21
N ALA E 316 -30.28 58.92 -25.02
CA ALA E 316 -30.12 58.13 -23.80
C ALA E 316 -31.15 57.02 -23.76
N GLN E 317 -32.37 57.33 -24.21
CA GLN E 317 -33.41 56.34 -24.24
C GLN E 317 -32.98 55.19 -25.17
N VAL E 318 -32.42 55.55 -26.32
CA VAL E 318 -31.94 54.58 -27.29
C VAL E 318 -30.77 53.77 -26.72
N SER E 319 -29.87 54.44 -26.01
CA SER E 319 -28.72 53.73 -25.42
C SER E 319 -29.18 52.61 -24.51
N LEU E 320 -30.25 52.87 -23.80
CA LEU E 320 -30.79 51.92 -22.88
C LEU E 320 -31.31 50.67 -23.55
N ALA E 321 -32.07 50.83 -24.64
CA ALA E 321 -32.62 49.67 -25.32
C ALA E 321 -31.54 48.88 -26.06
N LYS E 322 -30.56 49.57 -26.61
CA LYS E 322 -29.50 48.86 -27.31
C LYS E 322 -28.70 48.07 -26.27
N ARG E 323 -28.25 48.75 -25.23
CA ARG E 323 -27.46 48.13 -24.17
C ARG E 323 -28.18 46.89 -23.62
N GLN E 324 -29.41 47.08 -23.15
CA GLN E 324 -30.20 45.99 -22.57
C GLN E 324 -30.47 44.81 -23.51
N ASN E 325 -31.05 45.09 -24.67
CA ASN E 325 -31.40 44.04 -25.61
C ASN E 325 -30.21 43.27 -26.16
N VAL E 326 -29.14 43.94 -26.56
CA VAL E 326 -28.02 43.19 -27.08
C VAL E 326 -27.38 42.29 -26.01
N TRP E 327 -27.24 42.78 -24.76
CA TRP E 327 -26.66 41.98 -23.67
C TRP E 327 -27.53 40.72 -23.46
N LYS E 328 -28.85 40.92 -23.42
CA LYS E 328 -29.76 39.79 -23.21
C LYS E 328 -29.65 38.78 -24.34
N ALA E 329 -29.61 39.26 -25.58
CA ALA E 329 -29.48 38.36 -26.72
C ALA E 329 -28.14 37.63 -26.66
N LEU E 330 -27.06 38.33 -26.29
CA LEU E 330 -25.75 37.68 -26.23
C LEU E 330 -25.80 36.61 -25.14
N GLN E 331 -26.30 36.98 -23.97
CA GLN E 331 -26.41 36.03 -22.87
C GLN E 331 -27.25 34.83 -23.30
N ALA E 332 -28.39 35.08 -23.93
CA ALA E 332 -29.29 34.02 -24.37
C ALA E 332 -28.65 33.08 -25.38
N ALA E 333 -27.82 33.63 -26.26
CA ALA E 333 -27.15 32.82 -27.27
C ALA E 333 -26.16 31.86 -26.61
N ARG E 334 -25.51 32.35 -25.55
CA ARG E 334 -24.55 31.53 -24.81
C ARG E 334 -25.28 30.44 -24.04
N MET E 335 -26.38 30.81 -23.40
CA MET E 335 -27.19 29.85 -22.65
C MET E 335 -27.76 28.77 -23.55
N ALA E 336 -28.01 29.13 -24.81
CA ALA E 336 -28.54 28.19 -25.78
C ALA E 336 -27.46 27.20 -26.24
N ARG E 337 -26.25 27.70 -26.48
CA ARG E 337 -25.15 26.85 -26.91
C ARG E 337 -24.90 25.86 -25.78
N ASP E 338 -24.98 26.36 -24.55
CA ASP E 338 -24.82 25.55 -23.34
C ASP E 338 -25.85 24.42 -23.35
N ILE E 339 -27.10 24.76 -23.65
CA ILE E 339 -28.20 23.80 -23.72
C ILE E 339 -27.98 22.78 -24.84
N LEU E 340 -27.44 23.21 -25.97
CA LEU E 340 -27.22 22.29 -27.11
C LEU E 340 -26.10 21.30 -26.86
N GLY E 341 -25.23 21.60 -25.91
CA GLY E 341 -24.14 20.70 -25.61
C GLY E 341 -23.18 20.57 -26.78
N GLY E 342 -22.64 19.37 -26.98
CA GLY E 342 -21.73 19.15 -28.07
C GLY E 342 -22.28 19.58 -29.43
N SER E 343 -23.57 19.34 -29.67
CA SER E 343 -24.19 19.71 -30.93
C SER E 343 -24.14 21.22 -31.20
N GLY E 344 -23.97 22.01 -30.15
CA GLY E 344 -23.94 23.45 -30.30
C GLY E 344 -22.65 24.07 -30.79
N ILE E 345 -21.57 23.30 -30.85
CA ILE E 345 -20.29 23.84 -31.30
C ILE E 345 -20.10 23.76 -32.82
N THR E 346 -21.11 23.25 -33.49
CA THR E 346 -21.06 23.11 -34.94
C THR E 346 -22.11 24.04 -35.55
N LEU E 347 -21.80 24.54 -36.74
CA LEU E 347 -22.70 25.45 -37.45
C LEU E 347 -23.98 24.77 -37.89
N GLU E 348 -24.19 23.56 -37.40
CA GLU E 348 -25.39 22.81 -37.69
C GLU E 348 -26.46 23.23 -36.71
N TYR E 349 -26.23 24.33 -35.98
CA TYR E 349 -27.25 24.77 -35.05
C TYR E 349 -27.57 26.26 -34.90
N HIS E 350 -26.90 27.15 -35.60
CA HIS E 350 -27.23 28.58 -35.48
C HIS E 350 -26.86 29.20 -34.13
N ALA E 351 -27.22 28.52 -33.04
CA ALA E 351 -26.95 29.07 -31.71
C ALA E 351 -25.58 29.70 -31.61
N ILE E 352 -24.56 28.97 -32.04
CA ILE E 352 -23.20 29.49 -31.95
C ILE E 352 -22.87 30.58 -32.98
N ARG E 353 -23.55 30.58 -34.12
CA ARG E 353 -23.32 31.61 -35.13
C ARG E 353 -23.84 32.93 -34.59
N HIS E 354 -25.03 32.88 -34.00
CA HIS E 354 -25.63 34.06 -33.41
C HIS E 354 -24.77 34.50 -32.22
N MET E 355 -24.33 33.53 -31.42
CA MET E 355 -23.49 33.82 -30.26
C MET E 355 -22.27 34.64 -30.67
N LEU E 356 -21.58 34.20 -31.71
CA LEU E 356 -20.43 34.92 -32.24
C LEU E 356 -20.79 36.25 -32.85
N ASN E 357 -21.86 36.29 -33.64
CA ASN E 357 -22.27 37.55 -34.26
C ASN E 357 -22.60 38.58 -33.20
N LEU E 358 -23.36 38.19 -32.18
CA LEU E 358 -23.77 39.10 -31.13
C LEU E 358 -22.60 39.66 -30.32
N GLU E 359 -21.44 39.03 -30.44
CA GLU E 359 -20.27 39.52 -29.71
C GLU E 359 -19.82 40.82 -30.40
N THR E 360 -20.12 40.95 -31.69
CA THR E 360 -19.79 42.14 -32.46
C THR E 360 -20.82 43.25 -32.18
N VAL E 361 -22.09 42.88 -32.28
CA VAL E 361 -23.19 43.81 -32.02
C VAL E 361 -23.05 44.36 -30.60
N TYR E 362 -22.57 43.51 -29.70
CA TYR E 362 -22.36 43.86 -28.31
C TYR E 362 -21.28 44.94 -28.20
N THR E 363 -20.40 44.98 -29.19
CA THR E 363 -19.30 45.93 -29.24
C THR E 363 -19.48 47.19 -30.08
N TYR E 364 -19.92 47.07 -31.33
CA TYR E 364 -20.08 48.29 -32.12
C TYR E 364 -21.33 49.09 -31.77
N GLU E 365 -21.47 50.27 -32.38
CA GLU E 365 -22.60 51.15 -32.12
C GLU E 365 -22.61 51.46 -30.64
N GLY E 366 -21.42 51.56 -30.05
CA GLY E 366 -21.33 51.85 -28.64
C GLY E 366 -21.29 50.58 -27.83
N THR E 367 -20.19 50.35 -27.13
CA THR E 367 -20.07 49.16 -26.31
C THR E 367 -21.02 49.20 -25.12
N HIS E 368 -21.17 48.05 -24.47
CA HIS E 368 -22.04 47.94 -23.31
C HIS E 368 -21.67 49.03 -22.31
N ASP E 369 -20.38 49.19 -22.09
CA ASP E 369 -19.91 50.18 -21.13
C ASP E 369 -20.14 51.65 -21.50
N VAL E 370 -20.05 52.00 -22.78
CA VAL E 370 -20.26 53.40 -23.15
C VAL E 370 -21.73 53.73 -22.94
N HIS E 371 -22.60 52.75 -23.15
CA HIS E 371 -24.02 52.99 -22.96
C HIS E 371 -24.32 53.12 -21.47
N THR E 372 -23.58 52.36 -20.66
CA THR E 372 -23.75 52.44 -19.22
C THR E 372 -23.37 53.88 -18.84
N LEU E 373 -22.28 54.39 -19.41
CA LEU E 373 -21.83 55.76 -19.11
C LEU E 373 -22.81 56.81 -19.60
N VAL E 374 -23.45 56.55 -20.74
CA VAL E 374 -24.43 57.47 -21.28
C VAL E 374 -25.56 57.62 -20.25
N LEU E 375 -26.08 56.49 -19.82
CA LEU E 375 -27.15 56.47 -18.82
C LEU E 375 -26.67 57.08 -17.51
N GLY E 376 -25.46 56.71 -17.08
CA GLY E 376 -24.93 57.23 -15.85
C GLY E 376 -24.84 58.73 -15.88
N ARG E 377 -24.42 59.27 -17.02
CA ARG E 377 -24.29 60.69 -17.17
C ARG E 377 -25.64 61.38 -17.09
N GLU E 378 -26.61 60.83 -17.81
CA GLU E 378 -27.96 61.38 -17.84
C GLU E 378 -28.57 61.36 -16.44
N ILE E 379 -28.27 60.31 -15.67
CA ILE E 379 -28.85 60.20 -14.35
C ILE E 379 -28.25 61.14 -13.33
N THR E 380 -26.94 61.30 -13.36
CA THR E 380 -26.22 62.14 -12.40
C THR E 380 -25.86 63.51 -12.90
N GLY E 381 -25.77 63.65 -14.21
CA GLY E 381 -25.39 64.92 -14.80
C GLY E 381 -23.89 65.08 -14.75
N LEU E 382 -23.19 64.00 -14.36
CA LEU E 382 -21.73 64.03 -14.28
C LEU E 382 -21.15 63.13 -15.36
N ASN E 383 -20.07 63.58 -15.97
CA ASN E 383 -19.42 62.83 -17.03
C ASN E 383 -18.33 61.94 -16.45
N ALA E 384 -18.48 60.63 -16.62
CA ALA E 384 -17.52 59.66 -16.08
C ALA E 384 -16.70 58.90 -17.13
N PHE E 385 -16.90 59.23 -18.41
CA PHE E 385 -16.15 58.58 -19.49
C PHE E 385 -14.66 58.81 -19.25
N MET F 1 5.20 31.72 -14.24
CA MET F 1 3.76 31.74 -14.48
C MET F 1 3.10 32.88 -13.70
N LEU F 2 1.83 33.12 -13.98
CA LEU F 2 1.06 34.14 -13.28
C LEU F 2 0.84 33.49 -11.92
N ASP F 3 1.14 34.20 -10.84
CA ASP F 3 1.02 33.59 -9.52
C ASP F 3 0.96 34.65 -8.42
N PHE F 4 -0.22 35.24 -8.26
CA PHE F 4 -0.46 36.28 -7.28
C PHE F 4 -0.28 35.84 -5.83
N TYR F 5 -0.60 34.60 -5.52
CA TYR F 5 -0.46 34.10 -4.16
C TYR F 5 0.81 33.26 -3.97
N ALA F 6 1.79 33.46 -4.86
CA ALA F 6 3.08 32.75 -4.79
C ALA F 6 2.93 31.27 -4.51
N LEU F 7 2.12 30.59 -5.31
CA LEU F 7 1.90 29.19 -5.11
C LEU F 7 3.12 28.40 -5.56
N GLU F 8 3.96 29.02 -6.35
CA GLU F 8 5.17 28.39 -6.82
C GLU F 8 5.95 27.93 -5.60
N ASP F 9 5.75 28.66 -4.50
CA ASP F 9 6.44 28.36 -3.24
C ASP F 9 6.05 27.00 -2.70
N LEU F 10 4.91 26.50 -3.14
CA LEU F 10 4.40 25.22 -2.66
C LEU F 10 4.79 24.08 -3.60
N LEU F 11 5.63 24.38 -4.56
CA LEU F 11 6.06 23.37 -5.52
C LEU F 11 7.49 22.89 -5.29
N THR F 12 7.72 21.62 -5.63
CA THR F 12 9.03 21.01 -5.51
C THR F 12 9.86 21.54 -6.67
N PRO F 13 11.19 21.42 -6.59
CA PRO F 13 12.09 21.89 -7.64
C PRO F 13 11.76 21.21 -8.95
N GLU F 14 11.44 19.93 -8.83
CA GLU F 14 11.10 19.06 -9.91
C GLU F 14 9.89 19.57 -10.70
N GLU F 15 8.81 19.82 -9.96
CA GLU F 15 7.59 20.31 -10.55
C GLU F 15 7.84 21.68 -11.19
N LYS F 16 8.62 22.53 -10.53
CA LYS F 16 8.92 23.85 -11.08
C LYS F 16 9.73 23.78 -12.37
N GLU F 17 10.54 22.74 -12.50
CA GLU F 17 11.38 22.55 -13.68
C GLU F 17 10.53 22.09 -14.86
N VAL F 18 9.65 21.13 -14.63
CA VAL F 18 8.79 20.65 -15.70
C VAL F 18 7.98 21.81 -16.24
N GLN F 19 7.66 22.77 -15.37
CA GLN F 19 6.87 23.92 -15.79
C GLN F 19 7.69 24.88 -16.65
N LYS F 20 8.94 25.13 -16.24
CA LYS F 20 9.80 26.03 -16.98
C LYS F 20 10.07 25.42 -18.36
N ALA F 21 10.43 24.14 -18.38
CA ALA F 21 10.75 23.43 -19.61
C ALA F 21 9.56 23.39 -20.56
N ALA F 22 8.40 23.08 -20.01
CA ALA F 22 7.19 23.02 -20.80
C ALA F 22 6.92 24.33 -21.53
N ARG F 23 7.01 25.44 -20.80
CA ARG F 23 6.78 26.74 -21.41
C ARG F 23 7.83 27.07 -22.45
N ARG F 24 9.09 26.76 -22.16
CA ARG F 24 10.15 27.06 -23.13
C ARG F 24 9.89 26.31 -24.43
N PHE F 25 9.57 25.03 -24.32
CA PHE F 25 9.26 24.19 -25.48
C PHE F 25 8.10 24.75 -26.31
N LEU F 26 6.96 24.88 -25.67
CA LEU F 26 5.74 25.37 -26.31
C LEU F 26 5.83 26.77 -26.91
N GLU F 27 6.51 27.66 -26.19
CA GLU F 27 6.66 29.04 -26.60
C GLU F 27 7.38 29.07 -27.91
N LYS F 28 8.30 28.16 -28.04
CA LYS F 28 9.11 28.12 -29.21
C LYS F 28 8.55 27.32 -30.36
N GLU F 29 8.05 26.13 -30.07
CA GLU F 29 7.55 25.25 -31.12
C GLU F 29 6.05 25.21 -31.34
N ALA F 30 5.26 25.89 -30.54
CA ALA F 30 3.81 25.83 -30.72
C ALA F 30 3.09 27.15 -30.82
N LEU F 31 3.40 28.05 -29.91
CA LEU F 31 2.76 29.36 -29.90
C LEU F 31 2.89 30.10 -31.22
N PRO F 32 4.09 30.10 -31.83
CA PRO F 32 4.25 30.80 -33.10
C PRO F 32 3.32 30.37 -34.23
N HIS F 33 2.77 29.16 -34.14
CA HIS F 33 1.91 28.62 -35.21
C HIS F 33 0.46 28.35 -34.85
N ILE F 34 0.15 28.32 -33.56
CA ILE F 34 -1.20 28.01 -33.12
C ILE F 34 -2.31 28.74 -33.87
N ARG F 35 -2.06 29.99 -34.22
CA ARG F 35 -3.03 30.80 -34.95
C ARG F 35 -3.39 30.14 -36.29
N ASP F 36 -2.39 29.81 -37.09
CA ASP F 36 -2.61 29.19 -38.39
C ASP F 36 -3.19 27.80 -38.25
N TRP F 37 -2.71 27.00 -37.29
CA TRP F 37 -3.21 25.64 -37.09
C TRP F 37 -4.70 25.68 -36.72
N TRP F 38 -5.09 26.59 -35.81
CA TRP F 38 -6.48 26.68 -35.43
C TRP F 38 -7.29 27.22 -36.64
N GLU F 39 -6.71 28.17 -37.35
CA GLU F 39 -7.38 28.73 -38.51
C GLU F 39 -7.73 27.61 -39.48
N GLU F 40 -6.69 26.88 -39.91
CA GLU F 40 -6.78 25.78 -40.90
C GLU F 40 -7.53 24.59 -40.31
N GLY F 41 -7.75 24.63 -38.99
CA GLY F 41 -8.45 23.54 -38.35
C GLY F 41 -7.66 22.26 -38.40
N VAL F 42 -6.38 22.32 -38.05
CA VAL F 42 -5.57 21.11 -38.07
C VAL F 42 -4.86 20.88 -36.73
N PHE F 43 -4.58 19.63 -36.43
CA PHE F 43 -3.85 19.30 -35.22
C PHE F 43 -2.43 18.97 -35.67
N PRO F 44 -1.42 19.57 -35.04
CA PRO F 44 -0.01 19.35 -35.38
C PRO F 44 0.57 18.01 -34.90
N THR F 45 0.39 16.96 -35.71
CA THR F 45 0.89 15.64 -35.36
C THR F 45 2.40 15.58 -35.08
N HIS F 46 3.18 16.35 -35.82
CA HIS F 46 4.62 16.36 -35.63
C HIS F 46 4.98 16.71 -34.20
N LEU F 47 4.02 17.30 -33.48
CA LEU F 47 4.25 17.69 -32.09
C LEU F 47 4.09 16.52 -31.11
N ILE F 48 3.40 15.47 -31.55
CA ILE F 48 3.18 14.30 -30.71
C ILE F 48 4.48 13.64 -30.23
N PRO F 49 5.46 13.46 -31.14
CA PRO F 49 6.73 12.85 -30.75
C PRO F 49 7.48 13.79 -29.81
N ARG F 50 7.26 15.09 -29.98
CA ARG F 50 7.91 16.08 -29.14
C ARG F 50 7.34 16.00 -27.73
N PHE F 51 6.02 15.91 -27.63
CA PHE F 51 5.38 15.80 -26.32
C PHE F 51 5.96 14.58 -25.62
N ALA F 52 6.03 13.48 -26.37
CA ALA F 52 6.55 12.23 -25.84
C ALA F 52 7.93 12.45 -25.25
N GLU F 53 8.79 13.12 -26.04
CA GLU F 53 10.16 13.40 -25.62
C GLU F 53 10.26 14.23 -24.37
N LEU F 54 9.28 15.10 -24.13
CA LEU F 54 9.31 15.92 -22.94
C LEU F 54 8.66 15.20 -21.77
N GLY F 55 8.07 14.05 -22.06
CA GLY F 55 7.43 13.27 -21.01
C GLY F 55 6.01 13.71 -20.69
N PHE F 56 5.34 14.35 -21.64
CA PHE F 56 3.96 14.82 -21.47
C PHE F 56 2.93 13.68 -21.50
N LEU F 57 3.31 12.60 -22.18
CA LEU F 57 2.42 11.45 -22.31
C LEU F 57 2.47 10.48 -21.14
N GLY F 58 1.43 10.53 -20.31
CA GLY F 58 1.34 9.66 -19.15
C GLY F 58 2.45 10.03 -18.18
N PRO F 59 2.59 11.32 -17.86
CA PRO F 59 3.63 11.79 -16.96
C PRO F 59 3.71 11.13 -15.60
N THR F 60 2.57 10.88 -14.96
CA THR F 60 2.61 10.27 -13.63
C THR F 60 2.81 8.76 -13.63
N LEU F 61 2.65 8.11 -14.77
CA LEU F 61 2.82 6.67 -14.79
C LEU F 61 4.26 6.21 -14.52
N PRO F 62 4.41 4.98 -14.01
CA PRO F 62 5.69 4.35 -13.67
C PRO F 62 6.68 4.20 -14.82
N PRO F 63 7.94 4.61 -14.59
CA PRO F 63 8.97 4.51 -15.62
C PRO F 63 9.07 3.14 -16.26
N GLU F 64 8.73 2.07 -15.55
CA GLU F 64 8.88 0.80 -16.22
C GLU F 64 7.87 0.59 -17.33
N TYR F 65 6.76 1.34 -17.34
CA TYR F 65 5.85 1.14 -18.45
C TYR F 65 6.11 2.26 -19.47
N GLY F 66 7.18 3.01 -19.22
CA GLY F 66 7.57 4.09 -20.12
C GLY F 66 7.10 5.46 -19.66
N GLY F 67 6.61 5.53 -18.43
CA GLY F 67 6.13 6.81 -17.92
C GLY F 67 7.21 7.62 -17.24
N ALA F 68 6.94 8.91 -17.05
CA ALA F 68 7.88 9.81 -16.41
C ALA F 68 7.87 9.70 -14.89
N GLY F 69 6.85 9.06 -14.34
CA GLY F 69 6.75 8.89 -12.90
C GLY F 69 6.83 10.15 -12.05
N VAL F 70 6.39 11.30 -12.57
CA VAL F 70 6.44 12.56 -11.83
C VAL F 70 5.13 12.74 -11.07
N SER F 71 5.02 13.81 -10.29
CA SER F 71 3.81 14.05 -9.49
C SER F 71 2.58 14.46 -10.27
N SER F 72 1.46 14.57 -9.56
CA SER F 72 0.20 14.99 -10.17
C SER F 72 0.28 16.47 -10.42
N ALA F 73 0.93 17.17 -9.50
CA ALA F 73 1.11 18.62 -9.64
C ALA F 73 1.83 18.88 -10.97
N ALA F 74 2.86 18.09 -11.27
CA ALA F 74 3.63 18.21 -12.50
C ALA F 74 2.76 17.97 -13.74
N TYR F 75 1.89 16.97 -13.66
CA TYR F 75 0.98 16.69 -14.76
C TYR F 75 0.07 17.91 -14.91
N GLY F 76 -0.40 18.43 -13.78
CA GLY F 76 -1.28 19.59 -13.80
C GLY F 76 -0.57 20.79 -14.39
N LEU F 77 0.71 20.91 -14.08
CA LEU F 77 1.52 22.01 -14.57
C LEU F 77 1.75 21.86 -16.08
N ILE F 78 1.93 20.63 -16.58
CA ILE F 78 2.13 20.54 -18.03
C ILE F 78 0.81 20.92 -18.75
N CYS F 79 -0.32 20.50 -18.17
CA CYS F 79 -1.62 20.82 -18.75
C CYS F 79 -1.83 22.32 -18.74
N TYR F 80 -1.39 22.94 -17.66
CA TYR F 80 -1.49 24.38 -17.49
C TYR F 80 -0.83 25.07 -18.65
N GLU F 81 0.43 24.73 -18.89
CA GLU F 81 1.18 25.35 -19.96
C GLU F 81 0.63 24.99 -21.36
N LEU F 82 0.24 23.74 -21.56
CA LEU F 82 -0.33 23.33 -22.85
C LEU F 82 -1.56 24.18 -23.18
N GLU F 83 -2.50 24.26 -22.24
CA GLU F 83 -3.72 25.02 -22.43
C GLU F 83 -3.49 26.51 -22.59
N ARG F 84 -2.41 26.98 -21.97
CA ARG F 84 -2.04 28.39 -22.05
C ARG F 84 -1.80 28.74 -23.53
N VAL F 85 -1.42 27.74 -24.32
CA VAL F 85 -1.19 27.94 -25.75
C VAL F 85 -2.52 27.70 -26.47
N ASP F 86 -3.05 26.50 -26.33
CA ASP F 86 -4.33 26.15 -26.92
C ASP F 86 -4.92 24.87 -26.31
N SER F 87 -6.20 24.93 -25.96
CA SER F 87 -6.93 23.80 -25.36
C SER F 87 -6.82 22.52 -26.16
N GLY F 88 -6.69 22.66 -27.48
CA GLY F 88 -6.58 21.48 -28.34
C GLY F 88 -5.29 20.71 -28.13
N LEU F 89 -4.21 21.40 -27.80
CA LEU F 89 -2.93 20.74 -27.57
C LEU F 89 -3.02 20.02 -26.21
N ARG F 90 -3.70 20.64 -25.25
CA ARG F 90 -3.86 20.06 -23.93
C ARG F 90 -4.77 18.84 -24.05
N SER F 91 -5.79 18.94 -24.90
CA SER F 91 -6.73 17.85 -25.12
C SER F 91 -6.04 16.55 -25.53
N PHE F 92 -5.10 16.66 -26.48
CA PHE F 92 -4.39 15.48 -26.93
C PHE F 92 -3.74 14.75 -25.77
N VAL F 93 -3.07 15.52 -24.89
CA VAL F 93 -2.36 14.93 -23.76
C VAL F 93 -3.34 14.36 -22.71
N SER F 94 -4.46 15.03 -22.48
CA SER F 94 -5.44 14.52 -21.52
C SER F 94 -5.96 13.16 -21.97
N VAL F 95 -6.34 13.09 -23.24
CA VAL F 95 -6.85 11.86 -23.83
C VAL F 95 -5.82 10.74 -23.74
N GLN F 96 -4.62 10.99 -24.27
CA GLN F 96 -3.55 10.01 -24.26
C GLN F 96 -3.19 9.57 -22.84
N SER F 97 -3.07 10.53 -21.94
CA SER F 97 -2.69 10.23 -20.57
C SER F 97 -3.77 9.70 -19.64
N SER F 98 -4.87 10.45 -19.51
CA SER F 98 -5.91 10.02 -18.59
C SER F 98 -7.08 9.25 -19.17
N LEU F 99 -7.23 9.22 -20.48
CA LEU F 99 -8.35 8.49 -21.06
C LEU F 99 -7.92 7.25 -21.84
N VAL F 100 -6.62 7.09 -22.02
CA VAL F 100 -6.11 5.93 -22.74
C VAL F 100 -5.05 5.24 -21.90
N MET F 101 -3.95 5.94 -21.62
CA MET F 101 -2.89 5.39 -20.78
C MET F 101 -3.44 4.89 -19.45
N TYR F 102 -4.18 5.75 -18.76
CA TYR F 102 -4.72 5.43 -17.44
C TYR F 102 -5.56 4.15 -17.35
N PRO F 103 -6.64 4.06 -18.13
CA PRO F 103 -7.45 2.83 -18.06
C PRO F 103 -6.68 1.53 -18.32
N ILE F 104 -5.71 1.57 -19.23
CA ILE F 104 -4.90 0.39 -19.52
C ILE F 104 -4.04 0.02 -18.31
N TYR F 105 -3.51 1.04 -17.66
CA TYR F 105 -2.69 0.87 -16.47
C TYR F 105 -3.53 0.40 -15.29
N ALA F 106 -4.68 1.06 -15.10
CA ALA F 106 -5.57 0.73 -13.99
C ALA F 106 -6.41 -0.53 -14.20
N TYR F 107 -6.86 -0.78 -15.43
CA TYR F 107 -7.72 -1.92 -15.66
C TYR F 107 -7.22 -2.95 -16.66
N GLY F 108 -6.03 -2.73 -17.19
CA GLY F 108 -5.54 -3.66 -18.19
C GLY F 108 -4.83 -4.89 -17.67
N SER F 109 -4.67 -5.87 -18.55
CA SER F 109 -3.96 -7.07 -18.16
C SER F 109 -2.49 -6.66 -18.17
N GLU F 110 -1.64 -7.53 -17.68
CA GLU F 110 -0.22 -7.21 -17.66
C GLU F 110 0.32 -7.19 -19.08
N GLU F 111 -0.27 -8.02 -19.94
CA GLU F 111 0.08 -8.15 -21.33
C GLU F 111 -0.32 -6.85 -22.06
N GLN F 112 -1.51 -6.34 -21.76
CA GLN F 112 -2.00 -5.11 -22.37
C GLN F 112 -1.08 -3.97 -21.92
N LYS F 113 -0.76 -3.93 -20.64
CA LYS F 113 0.10 -2.89 -20.10
C LYS F 113 1.49 -2.88 -20.72
N ARG F 114 2.13 -4.04 -20.81
CA ARG F 114 3.46 -4.11 -21.38
C ARG F 114 3.48 -3.81 -22.86
N GLU F 115 2.42 -4.15 -23.56
CA GLU F 115 2.50 -3.93 -24.99
C GLU F 115 2.05 -2.56 -25.45
N PHE F 116 1.09 -1.95 -24.78
CA PHE F 116 0.65 -0.65 -25.23
C PHE F 116 1.28 0.54 -24.53
N LEU F 117 1.27 0.55 -23.20
CA LEU F 117 1.80 1.69 -22.45
C LEU F 117 3.10 2.32 -22.94
N PRO F 118 4.13 1.51 -23.25
CA PRO F 118 5.39 2.09 -23.72
C PRO F 118 5.31 2.83 -25.05
N LYS F 119 4.60 2.27 -26.03
CA LYS F 119 4.46 2.94 -27.34
C LYS F 119 3.57 4.17 -27.23
N LEU F 120 2.64 4.14 -26.28
CA LEU F 120 1.73 5.26 -26.07
C LEU F 120 2.53 6.37 -25.41
N ALA F 121 3.35 5.98 -24.43
CA ALA F 121 4.18 6.90 -23.68
C ALA F 121 5.16 7.57 -24.60
N ARG F 122 5.58 6.87 -25.65
CA ARG F 122 6.52 7.43 -26.61
C ARG F 122 5.82 7.91 -27.87
N GLY F 123 4.58 8.40 -27.71
CA GLY F 123 3.80 8.91 -28.83
C GLY F 123 4.00 8.17 -30.13
N GLU F 124 4.20 6.86 -30.02
CA GLU F 124 4.41 5.97 -31.14
C GLU F 124 3.08 5.34 -31.57
N MET F 125 2.09 5.31 -30.70
CA MET F 125 0.77 4.82 -31.06
C MET F 125 -0.26 5.66 -30.36
N VAL F 126 -1.13 6.36 -31.09
CA VAL F 126 -2.07 7.23 -30.45
C VAL F 126 -3.49 6.69 -30.27
N GLY F 127 -4.04 6.90 -29.09
CA GLY F 127 -5.36 6.40 -28.78
C GLY F 127 -6.44 7.44 -28.59
N CYS F 128 -7.68 6.96 -28.45
CA CYS F 128 -8.85 7.80 -28.23
C CYS F 128 -9.74 7.11 -27.21
N PHE F 129 -10.72 7.83 -26.69
CA PHE F 129 -11.62 7.32 -25.67
C PHE F 129 -13.04 7.49 -26.16
N GLY F 130 -13.71 6.37 -26.41
CA GLY F 130 -15.08 6.43 -26.91
C GLY F 130 -16.17 6.09 -25.91
N LEU F 131 -16.70 7.12 -25.25
CA LEU F 131 -17.76 6.94 -24.26
C LEU F 131 -19.07 7.59 -24.74
N THR F 132 -18.97 8.86 -25.12
CA THR F 132 -20.14 9.60 -25.56
C THR F 132 -20.87 9.03 -26.75
N GLU F 133 -22.20 9.08 -26.67
CA GLU F 133 -23.06 8.60 -27.73
C GLU F 133 -24.03 9.67 -28.25
N PRO F 134 -24.54 9.47 -29.47
CA PRO F 134 -25.47 10.45 -30.06
C PRO F 134 -26.69 10.89 -29.24
N ASP F 135 -27.10 10.10 -28.27
CA ASP F 135 -28.28 10.50 -27.50
C ASP F 135 -28.04 11.37 -26.28
N GLY F 136 -26.78 11.67 -25.97
CA GLY F 136 -26.49 12.52 -24.83
C GLY F 136 -25.37 12.02 -23.92
N GLY F 137 -24.22 12.68 -23.98
CA GLY F 137 -23.09 12.26 -23.16
C GLY F 137 -23.22 12.54 -21.69
N SER F 138 -24.23 13.31 -21.27
CA SER F 138 -24.38 13.60 -19.83
C SER F 138 -24.90 12.37 -19.08
N ASP F 139 -25.55 11.46 -19.80
CA ASP F 139 -26.03 10.22 -19.20
C ASP F 139 -25.18 9.16 -19.88
N PRO F 140 -23.98 8.86 -19.35
CA PRO F 140 -23.33 7.83 -20.17
C PRO F 140 -23.75 6.41 -20.00
N TYR F 141 -24.42 6.08 -18.91
CA TYR F 141 -24.84 4.71 -18.77
C TYR F 141 -26.17 4.56 -19.53
N GLY F 142 -27.03 5.55 -19.36
CA GLY F 142 -28.33 5.54 -20.00
C GLY F 142 -28.36 5.61 -21.51
N ASN F 143 -27.42 6.34 -22.11
CA ASN F 143 -27.40 6.47 -23.57
C ASN F 143 -26.36 5.61 -24.27
N MET F 144 -25.72 4.73 -23.51
CA MET F 144 -24.72 3.81 -24.05
C MET F 144 -25.39 2.66 -24.79
N LYS F 145 -25.73 2.89 -26.05
CA LYS F 145 -26.41 1.90 -26.86
C LYS F 145 -25.47 0.93 -27.56
N THR F 146 -24.16 1.14 -27.42
CA THR F 146 -23.17 0.25 -28.06
C THR F 146 -23.18 -1.09 -27.35
N ARG F 147 -23.34 -2.14 -28.13
CA ARG F 147 -23.40 -3.48 -27.58
C ARG F 147 -22.14 -4.29 -27.71
N ALA F 148 -22.01 -5.27 -26.81
CA ALA F 148 -20.88 -6.19 -26.78
C ALA F 148 -21.41 -7.58 -26.41
N ARG F 149 -21.26 -8.52 -27.33
CA ARG F 149 -21.72 -9.90 -27.12
C ARG F 149 -20.58 -10.91 -27.31
N ARG F 150 -20.35 -11.75 -26.31
CA ARG F 150 -19.30 -12.76 -26.33
C ARG F 150 -19.80 -14.16 -26.74
N ASP F 153 -14.84 -16.95 -26.78
CA ASP F 153 -13.68 -16.08 -26.62
C ASP F 153 -13.45 -14.86 -27.49
N THR F 154 -14.47 -14.35 -28.18
CA THR F 154 -14.24 -13.11 -28.90
C THR F 154 -15.52 -12.37 -28.71
N TRP F 155 -15.46 -11.17 -28.32
CA TRP F 155 -16.48 -10.21 -28.40
C TRP F 155 -16.87 -9.54 -29.78
N VAL F 156 -18.15 -9.27 -30.13
CA VAL F 156 -18.36 -8.47 -31.31
C VAL F 156 -19.17 -7.27 -30.80
N LEU F 157 -18.73 -6.11 -31.28
CA LEU F 157 -19.28 -4.81 -30.89
C LEU F 157 -20.04 -4.09 -32.00
N ASN F 158 -21.12 -3.43 -31.57
CA ASN F 158 -21.96 -2.66 -32.46
C ASN F 158 -22.42 -1.42 -31.74
N GLY F 159 -22.20 -0.27 -32.37
CA GLY F 159 -22.60 0.97 -31.75
C GLY F 159 -21.95 2.15 -32.44
N THR F 160 -22.24 3.33 -31.92
CA THR F 160 -21.69 4.57 -32.45
C THR F 160 -21.23 5.49 -31.32
N LYS F 161 -20.17 6.25 -31.58
CA LYS F 161 -19.64 7.18 -30.60
C LYS F 161 -19.51 8.53 -31.31
N MET F 162 -19.91 9.59 -30.63
CA MET F 162 -19.85 10.91 -31.20
C MET F 162 -18.90 11.83 -30.47
N TRP F 163 -18.23 12.70 -31.23
CA TRP F 163 -17.30 13.68 -30.68
C TRP F 163 -16.10 13.04 -29.99
N ILE F 164 -15.48 12.04 -30.62
CA ILE F 164 -14.33 11.40 -29.99
C ILE F 164 -12.99 12.00 -30.44
N THR F 165 -12.28 12.58 -29.48
CA THR F 165 -10.98 13.21 -29.74
C THR F 165 -10.00 12.16 -30.23
N ASN F 166 -9.14 12.53 -31.17
CA ASN F 166 -8.15 11.61 -31.72
C ASN F 166 -8.81 10.48 -32.48
N GLY F 167 -10.09 10.64 -32.79
CA GLY F 167 -10.81 9.61 -33.52
C GLY F 167 -10.10 9.11 -34.76
N ASN F 168 -9.58 10.03 -35.56
CA ASN F 168 -8.90 9.66 -36.81
C ASN F 168 -7.40 9.54 -36.73
N LEU F 169 -6.82 9.79 -35.56
CA LEU F 169 -5.38 9.68 -35.36
C LEU F 169 -5.06 8.36 -34.67
N ALA F 170 -6.01 7.86 -33.90
CA ALA F 170 -5.83 6.64 -33.11
C ALA F 170 -5.70 5.29 -33.79
N HIS F 171 -4.77 4.49 -33.27
CA HIS F 171 -4.56 3.14 -33.76
C HIS F 171 -5.35 2.34 -32.75
N LEU F 172 -5.62 2.92 -31.59
CA LEU F 172 -6.37 2.17 -30.62
C LEU F 172 -7.50 3.02 -30.05
N ALA F 173 -8.64 2.35 -29.87
CA ALA F 173 -9.83 2.99 -29.37
C ALA F 173 -10.40 2.28 -28.13
N VAL F 174 -10.35 2.96 -26.99
CA VAL F 174 -10.91 2.42 -25.74
C VAL F 174 -12.40 2.61 -25.88
N ILE F 175 -13.10 1.55 -26.25
CA ILE F 175 -14.54 1.64 -26.44
C ILE F 175 -15.30 1.07 -25.23
N TRP F 176 -16.37 1.77 -24.84
CA TRP F 176 -17.22 1.34 -23.74
C TRP F 176 -18.58 0.96 -24.29
N ALA F 177 -18.98 -0.29 -24.03
CA ALA F 177 -20.26 -0.82 -24.48
C ALA F 177 -20.85 -1.64 -23.35
N LYS F 178 -22.07 -2.16 -23.55
CA LYS F 178 -22.74 -2.97 -22.55
C LYS F 178 -22.95 -4.37 -23.13
N ASP F 179 -23.38 -5.29 -22.27
CA ASP F 179 -23.66 -6.66 -22.69
C ASP F 179 -25.07 -7.01 -22.23
N GLU F 183 -24.38 -4.01 -18.27
CA GLU F 183 -23.16 -3.79 -17.50
C GLU F 183 -22.00 -3.40 -18.40
N VAL F 184 -21.41 -2.28 -18.01
CA VAL F 184 -20.34 -1.66 -18.73
C VAL F 184 -19.00 -2.39 -18.72
N LEU F 185 -18.47 -2.57 -19.92
CA LEU F 185 -17.20 -3.23 -20.15
C LEU F 185 -16.35 -2.33 -21.02
N GLY F 186 -15.04 -2.54 -21.00
CA GLY F 186 -14.13 -1.71 -21.78
C GLY F 186 -13.23 -2.52 -22.70
N PHE F 187 -13.17 -2.13 -23.96
CA PHE F 187 -12.34 -2.83 -24.93
C PHE F 187 -11.28 -1.96 -25.59
N LEU F 188 -10.12 -2.56 -25.82
CA LEU F 188 -9.00 -1.91 -26.48
C LEU F 188 -9.13 -2.36 -27.93
N VAL F 189 -9.90 -1.58 -28.68
CA VAL F 189 -10.21 -1.86 -30.07
C VAL F 189 -9.25 -1.24 -31.08
N PRO F 190 -8.53 -2.08 -31.84
CA PRO F 190 -7.61 -1.52 -32.84
C PRO F 190 -8.50 -0.80 -33.86
N THR F 191 -8.04 0.31 -34.41
CA THR F 191 -8.89 1.03 -35.33
C THR F 191 -8.93 0.47 -36.74
N ASP F 192 -8.10 -0.52 -37.03
CA ASP F 192 -8.12 -1.10 -38.37
C ASP F 192 -8.85 -2.43 -38.46
N THR F 193 -9.35 -2.92 -37.32
CA THR F 193 -10.09 -4.19 -37.36
C THR F 193 -11.34 -3.93 -38.19
N PRO F 194 -11.63 -4.82 -39.15
CA PRO F 194 -12.82 -4.63 -39.99
C PRO F 194 -14.13 -4.33 -39.25
N GLY F 195 -14.91 -3.42 -39.84
CA GLY F 195 -16.18 -3.03 -39.27
C GLY F 195 -16.10 -1.77 -38.42
N PHE F 196 -14.90 -1.23 -38.31
CA PHE F 196 -14.66 -0.04 -37.50
C PHE F 196 -14.36 1.15 -38.39
N GLN F 197 -15.20 2.17 -38.34
CA GLN F 197 -15.01 3.36 -39.17
C GLN F 197 -14.95 4.63 -38.31
N ALA F 198 -14.03 5.52 -38.66
CA ALA F 198 -13.87 6.79 -37.96
C ALA F 198 -13.99 7.92 -38.97
N ARG F 199 -14.94 8.80 -38.77
CA ARG F 199 -15.09 9.92 -39.68
C ARG F 199 -14.97 11.21 -38.89
N GLU F 200 -14.19 12.15 -39.41
CA GLU F 200 -13.99 13.42 -38.74
C GLU F 200 -15.23 14.31 -38.80
N VAL F 201 -15.35 15.16 -37.78
CA VAL F 201 -16.44 16.11 -37.67
C VAL F 201 -15.96 17.40 -38.32
N LYS F 202 -16.81 17.96 -39.18
CA LYS F 202 -16.47 19.19 -39.88
C LYS F 202 -17.33 20.33 -39.40
N ARG F 203 -16.99 21.56 -39.81
CA ARG F 203 -17.73 22.77 -39.42
C ARG F 203 -17.63 23.07 -37.93
N LYS F 204 -16.45 22.84 -37.36
CA LYS F 204 -16.19 23.08 -35.95
C LYS F 204 -15.75 24.52 -35.73
N MET F 205 -16.46 25.22 -34.86
CA MET F 205 -16.10 26.60 -34.53
C MET F 205 -15.41 26.66 -33.17
N SER F 206 -14.97 25.51 -32.69
CA SER F 206 -14.34 25.38 -31.37
C SER F 206 -13.42 24.17 -31.34
N LEU F 207 -12.28 24.32 -30.67
CA LEU F 207 -11.28 23.25 -30.57
C LEU F 207 -10.93 22.78 -31.98
N ARG F 208 -10.61 23.73 -32.85
CA ARG F 208 -10.23 23.44 -34.23
C ARG F 208 -8.84 22.82 -34.36
N ALA F 209 -7.96 23.12 -33.41
CA ALA F 209 -6.61 22.55 -33.42
C ALA F 209 -6.71 21.22 -32.65
N SER F 210 -7.42 20.26 -33.23
CA SER F 210 -7.66 18.95 -32.61
C SER F 210 -8.56 18.15 -33.54
N VAL F 211 -8.39 16.84 -33.60
CA VAL F 211 -9.27 16.06 -34.47
C VAL F 211 -10.39 15.40 -33.65
N THR F 212 -11.62 15.61 -34.10
CA THR F 212 -12.82 15.07 -33.43
C THR F 212 -13.52 14.18 -34.44
N SER F 213 -13.80 12.94 -34.06
CA SER F 213 -14.42 12.02 -34.99
C SER F 213 -15.69 11.38 -34.48
N GLU F 214 -16.34 10.65 -35.39
CA GLU F 214 -17.54 9.91 -35.08
C GLU F 214 -17.08 8.48 -35.28
N LEU F 215 -17.32 7.61 -34.31
CA LEU F 215 -16.88 6.23 -34.44
C LEU F 215 -18.08 5.36 -34.73
N VAL F 216 -17.96 4.53 -35.76
CA VAL F 216 -19.03 3.63 -36.12
C VAL F 216 -18.50 2.21 -36.09
N LEU F 217 -19.01 1.43 -35.14
CA LEU F 217 -18.59 0.04 -35.03
C LEU F 217 -19.70 -0.86 -35.55
N GLU F 218 -19.40 -1.54 -36.66
CA GLU F 218 -20.35 -2.43 -37.29
C GLU F 218 -19.84 -3.87 -37.23
N GLU F 219 -20.39 -4.64 -36.30
CA GLU F 219 -19.99 -6.04 -36.13
C GLU F 219 -18.48 -6.19 -35.97
N VAL F 220 -17.90 -5.32 -35.13
CA VAL F 220 -16.46 -5.34 -34.89
C VAL F 220 -16.05 -6.47 -33.95
N ARG F 221 -15.13 -7.32 -34.42
CA ARG F 221 -14.63 -8.46 -33.67
C ARG F 221 -13.42 -8.12 -32.78
N VAL F 222 -13.53 -8.40 -31.50
CA VAL F 222 -12.44 -8.12 -30.58
C VAL F 222 -12.20 -9.30 -29.65
N PRO F 223 -10.95 -9.81 -29.61
CA PRO F 223 -10.64 -10.94 -28.75
C PRO F 223 -10.77 -10.56 -27.30
N GLU F 224 -10.95 -11.55 -26.46
CA GLU F 224 -11.09 -11.34 -25.04
C GLU F 224 -9.80 -10.76 -24.49
N SER F 225 -8.70 -11.14 -25.12
CA SER F 225 -7.40 -10.66 -24.70
C SER F 225 -7.26 -9.16 -24.93
N LEU F 226 -8.27 -8.57 -25.55
CA LEU F 226 -8.24 -7.16 -25.79
C LEU F 226 -9.31 -6.42 -24.99
N ARG F 227 -9.96 -7.12 -24.06
CA ARG F 227 -10.96 -6.50 -23.20
C ARG F 227 -10.24 -6.17 -21.91
N LEU F 228 -10.49 -4.98 -21.38
CA LEU F 228 -9.88 -4.56 -20.13
C LEU F 228 -10.51 -5.43 -19.06
N PRO F 229 -9.72 -6.39 -18.55
CA PRO F 229 -10.16 -7.31 -17.51
C PRO F 229 -10.77 -6.69 -16.24
N LYS F 230 -10.07 -5.74 -15.61
CA LYS F 230 -10.59 -5.10 -14.39
C LYS F 230 -11.65 -4.03 -14.63
N ALA F 231 -11.87 -3.67 -15.89
CA ALA F 231 -12.84 -2.64 -16.24
C ALA F 231 -14.27 -3.15 -16.08
N LEU F 232 -14.89 -2.81 -14.95
CA LEU F 232 -16.23 -3.25 -14.66
C LEU F 232 -17.13 -2.13 -14.19
N GLY F 233 -18.20 -1.86 -14.94
CA GLY F 233 -19.15 -0.82 -14.55
C GLY F 233 -18.86 0.60 -14.99
N LEU F 234 -19.87 1.46 -14.81
CA LEU F 234 -19.77 2.86 -15.18
C LEU F 234 -18.57 3.47 -14.48
N LYS F 235 -18.25 2.94 -13.31
CA LYS F 235 -17.14 3.46 -12.53
C LYS F 235 -15.78 3.43 -13.22
N ALA F 236 -15.58 2.49 -14.13
CA ALA F 236 -14.31 2.39 -14.82
C ALA F 236 -14.08 3.57 -15.76
N PRO F 237 -15.06 3.88 -16.63
CA PRO F 237 -14.83 5.02 -17.53
C PRO F 237 -14.90 6.34 -16.75
N LEU F 238 -15.66 6.35 -15.67
CA LEU F 238 -15.79 7.55 -14.86
C LEU F 238 -14.45 7.90 -14.20
N SER F 239 -13.78 6.90 -13.64
CA SER F 239 -12.48 7.14 -13.02
C SER F 239 -11.55 7.75 -14.04
N CYS F 240 -11.73 7.41 -15.30
CA CYS F 240 -10.91 7.96 -16.36
C CYS F 240 -11.22 9.46 -16.50
N LEU F 241 -12.50 9.80 -16.44
CA LEU F 241 -12.90 11.19 -16.55
C LEU F 241 -12.35 12.01 -15.38
N THR F 242 -12.43 11.47 -14.17
CA THR F 242 -11.91 12.16 -13.00
C THR F 242 -10.43 12.51 -13.20
N GLN F 243 -9.67 11.57 -13.77
CA GLN F 243 -8.24 11.78 -14.04
C GLN F 243 -8.10 12.93 -15.02
N ALA F 244 -8.85 12.84 -16.13
CA ALA F 244 -8.83 13.86 -17.15
C ALA F 244 -9.27 15.20 -16.61
N ARG F 245 -10.35 15.20 -15.84
CA ARG F 245 -10.86 16.45 -15.27
C ARG F 245 -9.85 17.13 -14.36
N PHE F 246 -8.97 16.34 -13.74
CA PHE F 246 -7.95 16.88 -12.85
C PHE F 246 -7.03 17.80 -13.69
N GLY F 247 -6.48 17.26 -14.78
CA GLY F 247 -5.59 18.06 -15.62
C GLY F 247 -6.27 19.28 -16.22
N ILE F 248 -7.55 19.14 -16.54
CA ILE F 248 -8.33 20.23 -17.12
C ILE F 248 -8.48 21.40 -16.14
N ALA F 249 -8.69 21.08 -14.88
CA ALA F 249 -8.86 22.15 -13.90
C ALA F 249 -7.61 23.00 -13.93
N TRP F 250 -6.46 22.38 -14.26
CA TRP F 250 -5.18 23.08 -14.35
C TRP F 250 -5.04 23.83 -15.67
N GLY F 251 -5.31 23.12 -16.76
CA GLY F 251 -5.20 23.75 -18.07
C GLY F 251 -6.06 24.99 -18.15
N ALA F 252 -7.25 24.95 -17.56
CA ALA F 252 -8.15 26.08 -17.57
C ALA F 252 -7.50 27.36 -17.05
N MET F 253 -6.71 27.23 -15.98
CA MET F 253 -6.01 28.35 -15.40
C MET F 253 -4.93 28.89 -16.34
N GLY F 254 -4.37 28.01 -17.16
CA GLY F 254 -3.34 28.41 -18.10
C GLY F 254 -3.89 29.30 -19.20
N ALA F 255 -5.05 28.93 -19.72
CA ALA F 255 -5.69 29.72 -20.75
C ALA F 255 -6.16 31.04 -20.14
N LEU F 256 -6.41 31.02 -18.83
CA LEU F 256 -6.84 32.23 -18.14
C LEU F 256 -5.68 33.22 -18.06
N GLU F 257 -4.48 32.73 -17.77
CA GLU F 257 -3.30 33.59 -17.70
C GLU F 257 -3.09 34.23 -19.07
N ALA F 258 -3.27 33.44 -20.11
CA ALA F 258 -3.11 33.90 -21.48
C ALA F 258 -4.01 35.07 -21.86
N VAL F 259 -5.32 34.94 -21.65
CA VAL F 259 -6.24 36.02 -22.00
C VAL F 259 -6.07 37.23 -21.08
N TYR F 260 -5.77 36.97 -19.81
CA TYR F 260 -5.57 38.01 -18.81
C TYR F 260 -4.32 38.81 -19.13
N GLU F 261 -3.25 38.12 -19.45
CA GLU F 261 -1.99 38.77 -19.74
C GLU F 261 -2.13 39.68 -20.94
N GLU F 262 -2.83 39.18 -21.92
CA GLU F 262 -3.07 39.93 -23.13
C GLU F 262 -4.02 41.11 -22.92
N ALA F 263 -4.99 40.94 -22.04
CA ALA F 263 -5.94 42.02 -21.78
C ALA F 263 -5.33 43.21 -21.07
N VAL F 264 -4.46 43.00 -20.08
CA VAL F 264 -3.87 44.14 -19.37
C VAL F 264 -2.87 44.85 -20.27
N ALA F 265 -2.13 44.09 -21.07
CA ALA F 265 -1.16 44.68 -21.99
C ALA F 265 -1.90 45.61 -22.94
N PHE F 266 -3.00 45.11 -23.50
CA PHE F 266 -3.83 45.85 -24.43
C PHE F 266 -4.48 47.04 -23.66
N ALA F 267 -4.94 46.80 -22.44
CA ALA F 267 -5.56 47.86 -21.63
C ALA F 267 -4.58 49.00 -21.34
N LYS F 268 -3.32 48.63 -21.12
CA LYS F 268 -2.24 49.57 -20.82
C LYS F 268 -1.77 50.39 -22.03
N SER F 269 -1.85 49.78 -23.22
CA SER F 269 -1.39 50.42 -24.46
C SER F 269 -2.42 51.21 -25.25
N ARG F 270 -3.69 51.14 -24.86
CA ARG F 270 -4.75 51.84 -25.57
C ARG F 270 -5.31 52.90 -24.64
N SER F 271 -5.76 54.01 -25.20
CA SER F 271 -6.25 55.09 -24.37
C SER F 271 -7.48 55.80 -24.94
N THR F 272 -8.34 56.31 -24.07
CA THR F 272 -9.53 56.98 -24.57
C THR F 272 -9.69 58.46 -24.23
N PHE F 273 -10.64 58.74 -23.33
CA PHE F 273 -10.94 60.10 -22.91
C PHE F 273 -9.74 60.49 -22.14
N GLY F 274 -8.63 60.00 -22.71
CA GLY F 274 -7.30 60.27 -22.25
C GLY F 274 -6.65 59.89 -20.95
N GLU F 275 -6.78 58.66 -20.53
CA GLU F 275 -6.10 58.14 -19.36
C GLU F 275 -5.71 57.01 -20.26
N PRO F 276 -5.53 55.81 -19.74
CA PRO F 276 -5.21 54.75 -20.69
C PRO F 276 -6.47 53.93 -20.45
N LEU F 277 -6.66 52.84 -21.17
CA LEU F 277 -7.85 52.03 -20.93
C LEU F 277 -7.72 51.45 -19.53
N ALA F 278 -6.52 50.99 -19.21
CA ALA F 278 -6.20 50.38 -17.92
C ALA F 278 -6.53 51.25 -16.71
N LYS F 279 -6.73 52.54 -16.91
CA LYS F 279 -7.02 53.40 -15.77
C LYS F 279 -8.51 53.56 -15.47
N LYS F 280 -9.36 53.05 -16.35
CA LYS F 280 -10.81 53.14 -16.17
C LYS F 280 -11.33 52.13 -15.12
N GLN F 281 -12.26 52.55 -14.28
CA GLN F 281 -12.80 51.65 -13.26
C GLN F 281 -13.48 50.41 -13.81
N LEU F 282 -14.22 50.56 -14.89
CA LEU F 282 -14.92 49.42 -15.48
C LEU F 282 -13.99 48.39 -16.09
N VAL F 283 -12.85 48.80 -16.63
CA VAL F 283 -11.90 47.84 -17.19
C VAL F 283 -11.09 47.23 -16.05
N GLN F 284 -10.72 48.05 -15.06
CA GLN F 284 -9.94 47.54 -13.93
C GLN F 284 -10.69 46.43 -13.21
N ALA F 285 -12.00 46.63 -13.05
CA ALA F 285 -12.84 45.65 -12.40
C ALA F 285 -12.81 44.29 -13.09
N LYS F 286 -12.82 44.29 -14.43
CA LYS F 286 -12.80 43.07 -15.21
C LYS F 286 -11.50 42.31 -15.02
N LEU F 287 -10.39 43.05 -14.95
CA LEU F 287 -9.08 42.45 -14.74
C LEU F 287 -8.99 41.95 -13.29
N ALA F 288 -9.44 42.76 -12.34
CA ALA F 288 -9.41 42.36 -10.94
C ALA F 288 -10.11 41.02 -10.77
N GLU F 289 -11.23 40.88 -11.45
CA GLU F 289 -12.00 39.66 -11.38
C GLU F 289 -11.18 38.52 -11.98
N MET F 290 -10.52 38.80 -13.11
CA MET F 290 -9.71 37.79 -13.78
C MET F 290 -8.57 37.31 -12.90
N LEU F 291 -7.97 38.23 -12.16
CA LEU F 291 -6.86 37.88 -11.29
C LEU F 291 -7.40 37.10 -10.11
N ALA F 292 -8.54 37.52 -9.57
CA ALA F 292 -9.12 36.84 -8.43
C ALA F 292 -9.42 35.38 -8.76
N TRP F 293 -10.08 35.17 -9.90
CA TRP F 293 -10.43 33.82 -10.31
C TRP F 293 -9.21 32.94 -10.50
N HIS F 294 -8.18 33.50 -11.13
CA HIS F 294 -6.97 32.71 -11.39
C HIS F 294 -6.34 32.26 -10.08
N THR F 295 -6.28 33.18 -9.12
CA THR F 295 -5.69 32.86 -7.82
C THR F 295 -6.50 31.78 -7.11
N GLU F 296 -7.82 31.86 -7.22
CA GLU F 296 -8.69 30.86 -6.62
C GLU F 296 -8.48 29.51 -7.29
N GLY F 297 -8.41 29.52 -8.62
CA GLY F 297 -8.24 28.30 -9.38
C GLY F 297 -6.94 27.57 -9.15
N LEU F 298 -5.84 28.28 -9.01
CA LEU F 298 -4.56 27.62 -8.78
C LEU F 298 -4.57 26.89 -7.44
N LEU F 299 -5.21 27.48 -6.42
CA LEU F 299 -5.27 26.85 -5.11
C LEU F 299 -6.10 25.57 -5.14
N LEU F 300 -7.24 25.61 -5.82
CA LEU F 300 -8.08 24.41 -5.93
C LEU F 300 -7.24 23.32 -6.60
N ALA F 301 -6.67 23.66 -7.76
CA ALA F 301 -5.84 22.76 -8.54
C ALA F 301 -4.65 22.17 -7.76
N TRP F 302 -3.95 23.04 -7.02
CA TRP F 302 -2.80 22.62 -6.23
C TRP F 302 -3.25 21.68 -5.12
N ARG F 303 -4.28 22.08 -4.38
CA ARG F 303 -4.80 21.28 -3.29
C ARG F 303 -5.22 19.90 -3.77
N LEU F 304 -5.86 19.85 -4.93
CA LEU F 304 -6.32 18.61 -5.52
C LEU F 304 -5.15 17.74 -5.93
N ALA F 305 -4.06 18.38 -6.36
CA ALA F 305 -2.88 17.65 -6.79
C ALA F 305 -2.25 16.89 -5.62
N ARG F 306 -2.19 17.54 -4.46
CA ARG F 306 -1.62 16.89 -3.28
C ARG F 306 -2.56 15.78 -2.81
N LEU F 307 -3.85 16.07 -2.69
CA LEU F 307 -4.80 15.04 -2.26
C LEU F 307 -4.70 13.83 -3.21
N LYS F 308 -4.48 14.11 -4.48
CA LYS F 308 -4.40 13.05 -5.46
C LYS F 308 -3.23 12.10 -5.22
N ASP F 309 -2.05 12.65 -5.01
CA ASP F 309 -0.90 11.79 -4.77
C ASP F 309 -1.02 11.05 -3.46
N GLU F 310 -1.71 11.59 -2.47
CA GLU F 310 -1.80 10.85 -1.21
C GLU F 310 -3.01 9.89 -1.19
N GLY F 311 -3.60 9.68 -2.37
CA GLY F 311 -4.72 8.76 -2.47
C GLY F 311 -5.99 9.16 -1.74
N LYS F 312 -6.23 10.44 -1.49
CA LYS F 312 -7.43 10.87 -0.79
C LYS F 312 -8.38 11.70 -1.66
N LEU F 313 -8.01 11.89 -2.92
CA LEU F 313 -8.85 12.66 -3.83
C LEU F 313 -10.15 11.94 -4.17
N THR F 314 -11.28 12.65 -4.11
CA THR F 314 -12.56 12.04 -4.48
C THR F 314 -13.08 12.70 -5.75
N PRO F 315 -13.95 12.00 -6.50
CA PRO F 315 -14.52 12.53 -7.73
C PRO F 315 -15.29 13.84 -7.56
N ALA F 316 -16.02 13.96 -6.46
CA ALA F 316 -16.78 15.17 -6.21
C ALA F 316 -15.83 16.34 -6.04
N GLN F 317 -14.70 16.09 -5.40
CA GLN F 317 -13.71 17.15 -5.22
C GLN F 317 -13.22 17.62 -6.59
N VAL F 318 -12.96 16.66 -7.49
CA VAL F 318 -12.51 16.96 -8.86
C VAL F 318 -13.58 17.72 -9.62
N SER F 319 -14.84 17.30 -9.48
CA SER F 319 -15.97 17.95 -10.15
C SER F 319 -16.02 19.44 -9.80
N LEU F 320 -15.74 19.75 -8.54
CA LEU F 320 -15.76 21.12 -8.07
C LEU F 320 -14.73 21.98 -8.79
N ALA F 321 -13.51 21.48 -8.84
CA ALA F 321 -12.42 22.22 -9.49
C ALA F 321 -12.62 22.38 -11.00
N LYS F 322 -13.10 21.35 -11.67
CA LYS F 322 -13.31 21.44 -13.11
C LYS F 322 -14.41 22.46 -13.40
N ARG F 323 -15.52 22.33 -12.70
CA ARG F 323 -16.66 23.20 -12.85
C ARG F 323 -16.30 24.66 -12.62
N GLN F 324 -15.71 24.95 -11.46
CA GLN F 324 -15.31 26.31 -11.10
C GLN F 324 -14.26 26.93 -12.02
N ASN F 325 -13.17 26.21 -12.25
CA ASN F 325 -12.09 26.74 -13.07
C ASN F 325 -12.47 26.97 -14.53
N VAL F 326 -13.08 25.99 -15.18
CA VAL F 326 -13.45 26.16 -16.58
C VAL F 326 -14.47 27.28 -16.74
N TRP F 327 -15.38 27.40 -15.79
CA TRP F 327 -16.40 28.43 -15.87
C TRP F 327 -15.74 29.79 -15.78
N LYS F 328 -14.79 29.93 -14.86
CA LYS F 328 -14.08 31.19 -14.69
C LYS F 328 -13.25 31.53 -15.92
N ALA F 329 -12.60 30.53 -16.52
CA ALA F 329 -11.78 30.74 -17.70
C ALA F 329 -12.66 31.12 -18.89
N LEU F 330 -13.83 30.51 -18.99
CA LEU F 330 -14.72 30.85 -20.09
C LEU F 330 -15.21 32.29 -19.91
N GLN F 331 -15.59 32.64 -18.68
CA GLN F 331 -16.05 33.99 -18.38
C GLN F 331 -14.96 35.04 -18.60
N ALA F 332 -13.73 34.69 -18.26
CA ALA F 332 -12.60 35.60 -18.40
C ALA F 332 -12.27 35.81 -19.87
N ALA F 333 -12.39 34.76 -20.66
CA ALA F 333 -12.11 34.86 -22.08
C ALA F 333 -13.12 35.82 -22.73
N ARG F 334 -14.38 35.74 -22.30
CA ARG F 334 -15.39 36.64 -22.85
C ARG F 334 -15.15 38.08 -22.42
N MET F 335 -14.76 38.27 -21.16
CA MET F 335 -14.46 39.60 -20.65
C MET F 335 -13.30 40.24 -21.39
N ALA F 336 -12.31 39.43 -21.73
CA ALA F 336 -11.12 39.89 -22.44
C ALA F 336 -11.46 40.30 -23.86
N ARG F 337 -12.30 39.49 -24.50
CA ARG F 337 -12.74 39.74 -25.86
C ARG F 337 -13.41 41.12 -25.85
N ASP F 338 -14.28 41.31 -24.85
CA ASP F 338 -15.00 42.56 -24.64
C ASP F 338 -14.00 43.71 -24.50
N ILE F 339 -12.95 43.48 -23.72
CA ILE F 339 -11.93 44.49 -23.49
C ILE F 339 -11.16 44.83 -24.77
N LEU F 340 -10.95 43.83 -25.62
CA LEU F 340 -10.20 44.07 -26.86
C LEU F 340 -10.99 44.89 -27.87
N GLY F 341 -12.32 44.82 -27.78
CA GLY F 341 -13.17 45.55 -28.70
C GLY F 341 -13.13 44.92 -30.09
N GLY F 342 -13.13 45.74 -31.13
CA GLY F 342 -13.08 45.23 -32.49
C GLY F 342 -11.88 44.32 -32.70
N SER F 343 -10.73 44.70 -32.15
CA SER F 343 -9.50 43.92 -32.30
C SER F 343 -9.63 42.49 -31.80
N GLY F 344 -10.60 42.28 -30.91
CA GLY F 344 -10.82 40.96 -30.34
C GLY F 344 -11.58 39.95 -31.16
N ILE F 345 -12.18 40.38 -32.26
CA ILE F 345 -12.94 39.44 -33.09
C ILE F 345 -12.09 38.76 -34.15
N THR F 346 -10.80 39.05 -34.12
CA THR F 346 -9.86 38.51 -35.08
C THR F 346 -8.86 37.59 -34.39
N LEU F 347 -8.45 36.54 -35.09
CA LEU F 347 -7.48 35.60 -34.53
C LEU F 347 -6.12 36.24 -34.32
N GLU F 348 -6.09 37.56 -34.44
CA GLU F 348 -4.86 38.31 -34.24
C GLU F 348 -4.61 38.38 -32.73
N TYR F 349 -5.66 38.12 -31.95
CA TYR F 349 -5.52 38.20 -30.50
C TYR F 349 -5.64 37.03 -29.51
N HIS F 350 -5.83 35.80 -29.95
CA HIS F 350 -5.92 34.69 -28.97
C HIS F 350 -7.19 34.72 -28.08
N ALA F 351 -7.51 35.88 -27.52
CA ALA F 351 -8.67 36.00 -26.65
C ALA F 351 -9.89 35.26 -27.18
N ILE F 352 -10.21 35.47 -28.46
CA ILE F 352 -11.38 34.82 -29.02
C ILE F 352 -11.16 33.34 -29.34
N ARG F 353 -9.93 32.94 -29.64
CA ARG F 353 -9.62 31.54 -29.91
C ARG F 353 -9.80 30.76 -28.59
N HIS F 354 -9.31 31.32 -27.48
CA HIS F 354 -9.48 30.67 -26.20
C HIS F 354 -10.96 30.72 -25.83
N MET F 355 -11.60 31.85 -26.08
CA MET F 355 -13.03 31.99 -25.82
C MET F 355 -13.82 30.82 -26.40
N LEU F 356 -13.64 30.59 -27.70
CA LEU F 356 -14.30 29.48 -28.41
C LEU F 356 -13.86 28.10 -27.94
N ASN F 357 -12.55 27.90 -27.75
CA ASN F 357 -12.06 26.60 -27.28
C ASN F 357 -12.70 26.26 -25.92
N LEU F 358 -12.70 27.24 -25.02
CA LEU F 358 -13.25 27.04 -23.69
C LEU F 358 -14.74 26.69 -23.68
N GLU F 359 -15.42 26.97 -24.77
CA GLU F 359 -16.84 26.65 -24.84
C GLU F 359 -16.94 25.10 -24.84
N THR F 360 -16.00 24.43 -25.51
CA THR F 360 -15.96 22.97 -25.58
C THR F 360 -15.57 22.36 -24.23
N VAL F 361 -14.48 22.86 -23.65
CA VAL F 361 -13.98 22.40 -22.38
C VAL F 361 -15.09 22.54 -21.36
N TYR F 362 -15.85 23.61 -21.52
CA TYR F 362 -16.98 23.91 -20.65
C TYR F 362 -18.06 22.84 -20.79
N THR F 363 -18.07 22.15 -21.93
CA THR F 363 -19.06 21.12 -22.20
C THR F 363 -18.62 19.66 -21.98
N TYR F 364 -17.48 19.26 -22.54
CA TYR F 364 -17.07 17.87 -22.37
C TYR F 364 -16.49 17.58 -21.00
N GLU F 365 -16.26 16.30 -20.73
CA GLU F 365 -15.73 15.85 -19.44
C GLU F 365 -16.68 16.32 -18.33
N GLY F 366 -17.98 16.26 -18.64
CA GLY F 366 -18.98 16.68 -17.69
C GLY F 366 -19.33 18.14 -17.86
N THR F 367 -20.57 18.44 -18.23
CA THR F 367 -20.99 19.82 -18.43
C THR F 367 -21.07 20.55 -17.09
N HIS F 368 -21.13 21.87 -17.15
CA HIS F 368 -21.22 22.67 -15.93
C HIS F 368 -22.33 22.12 -15.02
N ASP F 369 -23.49 21.87 -15.61
CA ASP F 369 -24.63 21.35 -14.87
C ASP F 369 -24.48 19.96 -14.28
N VAL F 370 -23.84 19.02 -14.98
CA VAL F 370 -23.68 17.68 -14.40
C VAL F 370 -22.79 17.75 -13.17
N HIS F 371 -21.79 18.65 -13.19
CA HIS F 371 -20.90 18.77 -12.04
C HIS F 371 -21.66 19.43 -10.90
N THR F 372 -22.55 20.35 -11.24
CA THR F 372 -23.36 20.98 -10.21
C THR F 372 -24.17 19.86 -9.56
N LEU F 373 -24.72 18.97 -10.39
CA LEU F 373 -25.51 17.86 -9.87
C LEU F 373 -24.68 16.91 -9.02
N VAL F 374 -23.43 16.69 -9.42
CA VAL F 374 -22.50 15.81 -8.69
C VAL F 374 -22.31 16.38 -7.28
N LEU F 375 -22.03 17.67 -7.20
CA LEU F 375 -21.85 18.31 -5.91
C LEU F 375 -23.19 18.28 -5.16
N GLY F 376 -24.28 18.53 -5.90
CA GLY F 376 -25.57 18.52 -5.26
C GLY F 376 -25.89 17.22 -4.56
N ARG F 377 -25.69 16.12 -5.29
CA ARG F 377 -25.96 14.80 -4.73
C ARG F 377 -25.04 14.49 -3.56
N GLU F 378 -23.82 14.99 -3.65
CA GLU F 378 -22.85 14.74 -2.59
C GLU F 378 -23.23 15.49 -1.32
N ILE F 379 -23.76 16.69 -1.48
CA ILE F 379 -24.15 17.51 -0.36
C ILE F 379 -25.45 17.03 0.31
N THR F 380 -26.45 16.68 -0.50
CA THR F 380 -27.75 16.26 0.01
C THR F 380 -27.94 14.75 0.11
N GLY F 381 -27.18 13.99 -0.66
CA GLY F 381 -27.34 12.55 -0.65
C GLY F 381 -28.50 12.18 -1.56
N LEU F 382 -29.09 13.16 -2.22
CA LEU F 382 -30.22 12.92 -3.13
C LEU F 382 -29.79 13.08 -4.57
N ASN F 383 -30.28 12.18 -5.42
CA ASN F 383 -29.95 12.21 -6.84
C ASN F 383 -30.99 13.06 -7.59
N ALA F 384 -30.54 14.15 -8.23
CA ALA F 384 -31.43 15.04 -8.97
C ALA F 384 -31.17 15.09 -10.47
N PHE F 385 -30.32 14.19 -10.97
CA PHE F 385 -30.03 14.12 -12.41
C PHE F 385 -31.31 13.75 -13.15
N MET G 1 -15.28 21.23 11.95
CA MET G 1 -15.61 22.29 11.00
C MET G 1 -15.94 21.73 9.63
N LEU G 2 -16.58 22.55 8.79
CA LEU G 2 -16.91 22.15 7.43
C LEU G 2 -15.59 22.16 6.66
N ASP G 3 -15.26 21.07 5.97
CA ASP G 3 -13.98 21.02 5.29
C ASP G 3 -13.94 20.02 4.13
N PHE G 4 -14.60 20.38 3.03
CA PHE G 4 -14.71 19.55 1.85
C PHE G 4 -13.37 19.10 1.24
N TYR G 5 -12.35 19.96 1.32
CA TYR G 5 -11.07 19.58 0.75
C TYR G 5 -10.05 19.13 1.79
N ALA G 6 -10.54 18.80 2.99
CA ALA G 6 -9.68 18.32 4.06
C ALA G 6 -8.47 19.22 4.32
N LEU G 7 -8.71 20.50 4.46
CA LEU G 7 -7.63 21.43 4.73
C LEU G 7 -7.11 21.26 6.16
N GLU G 8 -7.95 20.73 7.06
CA GLU G 8 -7.53 20.51 8.45
C GLU G 8 -6.26 19.65 8.44
N ASP G 9 -6.03 18.98 7.31
CA ASP G 9 -4.84 18.12 7.15
C ASP G 9 -3.59 18.99 7.04
N LEU G 10 -3.78 20.24 6.64
CA LEU G 10 -2.67 21.17 6.50
C LEU G 10 -2.46 21.97 7.79
N LEU G 11 -3.17 21.60 8.86
CA LEU G 11 -3.04 22.31 10.13
C LEU G 11 -2.22 21.58 11.16
N THR G 12 -1.52 22.33 11.99
CA THR G 12 -0.71 21.76 13.06
C THR G 12 -1.66 21.32 14.16
N PRO G 13 -1.17 20.49 15.08
CA PRO G 13 -1.99 20.01 16.19
C PRO G 13 -2.46 21.18 17.05
N GLU G 14 -1.57 22.13 17.29
CA GLU G 14 -1.90 23.30 18.10
C GLU G 14 -3.04 24.09 17.45
N GLU G 15 -2.92 24.35 16.15
CA GLU G 15 -3.94 25.12 15.44
C GLU G 15 -5.25 24.39 15.48
N LYS G 16 -5.20 23.08 15.34
CA LYS G 16 -6.41 22.30 15.36
C LYS G 16 -7.06 22.29 16.74
N GLU G 17 -6.26 22.47 17.78
CA GLU G 17 -6.83 22.47 19.12
C GLU G 17 -7.45 23.82 19.44
N VAL G 18 -6.84 24.91 18.99
CA VAL G 18 -7.41 26.23 19.27
C VAL G 18 -8.82 26.29 18.65
N GLN G 19 -8.99 25.56 17.55
CA GLN G 19 -10.26 25.54 16.85
C GLN G 19 -11.31 24.72 17.60
N LYS G 20 -10.92 23.55 18.06
CA LYS G 20 -11.82 22.68 18.81
C LYS G 20 -12.26 23.44 20.07
N ALA G 21 -11.27 23.91 20.82
CA ALA G 21 -11.53 24.65 22.04
C ALA G 21 -12.43 25.89 21.80
N ALA G 22 -12.11 26.65 20.75
CA ALA G 22 -12.88 27.86 20.44
C ALA G 22 -14.36 27.55 20.25
N ARG G 23 -14.66 26.52 19.46
CA ARG G 23 -16.03 26.11 19.20
C ARG G 23 -16.74 25.57 20.45
N ARG G 24 -16.00 24.83 21.28
CA ARG G 24 -16.58 24.30 22.50
C ARG G 24 -17.01 25.45 23.39
N PHE G 25 -16.13 26.43 23.54
CA PHE G 25 -16.41 27.60 24.37
C PHE G 25 -17.63 28.34 23.83
N LEU G 26 -17.53 28.81 22.60
CA LEU G 26 -18.59 29.58 22.00
C LEU G 26 -19.93 28.87 21.94
N GLU G 27 -19.89 27.56 21.73
CA GLU G 27 -21.10 26.78 21.63
C GLU G 27 -21.85 26.74 22.95
N LYS G 28 -21.09 26.64 24.04
CA LYS G 28 -21.67 26.58 25.36
C LYS G 28 -22.02 27.96 25.93
N GLU G 29 -21.18 28.95 25.67
CA GLU G 29 -21.38 30.28 26.23
C GLU G 29 -21.93 31.41 25.38
N ALA G 30 -21.93 31.26 24.06
CA ALA G 30 -22.41 32.36 23.23
C ALA G 30 -23.59 32.02 22.32
N LEU G 31 -23.51 30.90 21.61
CA LEU G 31 -24.58 30.51 20.71
C LEU G 31 -25.96 30.53 21.33
N PRO G 32 -26.10 29.95 22.54
CA PRO G 32 -27.41 29.91 23.19
C PRO G 32 -28.06 31.28 23.42
N HIS G 33 -27.30 32.36 23.33
CA HIS G 33 -27.86 33.68 23.60
C HIS G 33 -27.76 34.67 22.46
N ILE G 34 -26.93 34.38 21.47
CA ILE G 34 -26.73 35.31 20.38
C ILE G 34 -28.01 35.91 19.82
N ARG G 35 -29.05 35.10 19.76
CA ARG G 35 -30.33 35.56 19.25
C ARG G 35 -30.94 36.72 20.05
N ASP G 36 -30.94 36.61 21.37
CA ASP G 36 -31.49 37.66 22.21
C ASP G 36 -30.57 38.89 22.24
N TRP G 37 -29.26 38.66 22.35
CA TRP G 37 -28.30 39.76 22.35
C TRP G 37 -28.43 40.58 21.07
N TRP G 38 -28.45 39.90 19.93
CA TRP G 38 -28.60 40.56 18.64
C TRP G 38 -29.93 41.28 18.60
N GLU G 39 -31.03 40.59 18.90
CA GLU G 39 -32.27 41.31 18.83
C GLU G 39 -32.40 42.41 19.88
N GLU G 40 -31.81 42.29 21.07
CA GLU G 40 -32.00 43.46 21.93
C GLU G 40 -30.84 44.46 21.68
N GLY G 41 -30.01 44.16 20.67
CA GLY G 41 -28.91 45.04 20.29
C GLY G 41 -27.85 45.34 21.33
N VAL G 42 -27.37 44.29 21.98
CA VAL G 42 -26.35 44.47 22.99
C VAL G 42 -25.16 43.55 22.82
N PHE G 43 -23.97 44.06 23.12
CA PHE G 43 -22.78 43.26 23.00
C PHE G 43 -22.48 42.74 24.40
N PRO G 44 -22.25 41.43 24.53
CA PRO G 44 -21.95 40.75 25.79
C PRO G 44 -20.57 41.03 26.37
N THR G 45 -20.44 42.11 27.13
CA THR G 45 -19.17 42.48 27.73
C THR G 45 -18.57 41.42 28.64
N HIS G 46 -19.42 40.69 29.36
CA HIS G 46 -18.94 39.63 30.27
C HIS G 46 -18.11 38.59 29.50
N LEU G 47 -18.27 38.57 28.18
CA LEU G 47 -17.56 37.62 27.35
C LEU G 47 -16.13 38.05 27.06
N ILE G 48 -15.84 39.35 27.24
CA ILE G 48 -14.52 39.89 26.99
C ILE G 48 -13.44 39.25 27.88
N PRO G 49 -13.73 39.06 29.19
CA PRO G 49 -12.72 38.42 30.05
C PRO G 49 -12.52 36.97 29.64
N ARG G 50 -13.59 36.38 29.12
CA ARG G 50 -13.56 35.00 28.65
C ARG G 50 -12.69 34.87 27.40
N PHE G 51 -12.86 35.78 26.46
CA PHE G 51 -12.04 35.75 25.26
C PHE G 51 -10.57 35.86 25.67
N ALA G 52 -10.30 36.78 26.60
CA ALA G 52 -8.95 37.00 27.09
C ALA G 52 -8.39 35.69 27.63
N GLU G 53 -9.17 35.03 28.47
CA GLU G 53 -8.76 33.76 29.06
C GLU G 53 -8.46 32.67 28.04
N LEU G 54 -9.14 32.71 26.91
CA LEU G 54 -8.89 31.71 25.88
C LEU G 54 -7.76 32.11 24.95
N GLY G 55 -7.26 33.33 25.14
CA GLY G 55 -6.17 33.82 24.31
C GLY G 55 -6.60 34.39 22.97
N PHE G 56 -7.86 34.83 22.89
CA PHE G 56 -8.41 35.40 21.65
C PHE G 56 -7.93 36.82 21.38
N LEU G 57 -7.50 37.50 22.42
CA LEU G 57 -7.05 38.88 22.27
C LEU G 57 -5.58 38.97 21.93
N GLY G 58 -5.28 39.34 20.67
CA GLY G 58 -3.90 39.47 20.21
C GLY G 58 -3.22 38.12 20.26
N PRO G 59 -3.89 37.09 19.75
CA PRO G 59 -3.34 35.73 19.74
C PRO G 59 -1.94 35.56 19.19
N THR G 60 -1.64 36.26 18.10
CA THR G 60 -0.31 36.09 17.50
C THR G 60 0.75 36.89 18.17
N LEU G 61 0.38 37.76 19.06
CA LEU G 61 1.48 38.49 19.59
C LEU G 61 2.31 37.62 20.53
N PRO G 62 3.58 37.95 20.60
CA PRO G 62 4.50 37.20 21.43
C PRO G 62 4.44 37.41 22.91
N PRO G 63 4.63 36.32 23.65
CA PRO G 63 4.61 36.23 25.11
C PRO G 63 5.43 37.38 25.68
N GLU G 64 6.50 37.74 24.96
CA GLU G 64 7.42 38.81 25.31
C GLU G 64 6.66 40.07 25.79
N TYR G 65 5.44 40.27 25.27
CA TYR G 65 4.59 41.41 25.65
C TYR G 65 3.28 40.96 26.20
N GLY G 66 3.21 39.73 26.69
CA GLY G 66 1.99 39.23 27.27
C GLY G 66 1.02 38.56 26.31
N GLY G 67 1.49 38.08 25.16
CA GLY G 67 0.58 37.46 24.19
C GLY G 67 0.77 35.97 23.98
N ALA G 68 -0.26 35.33 23.41
CA ALA G 68 -0.30 33.88 23.15
C ALA G 68 0.75 33.31 22.20
N GLY G 69 1.29 34.15 21.31
CA GLY G 69 2.31 33.68 20.38
C GLY G 69 1.92 32.51 19.45
N VAL G 70 0.63 32.35 19.15
CA VAL G 70 0.22 31.27 18.24
C VAL G 70 0.25 31.79 16.81
N SER G 71 0.10 30.88 15.86
CA SER G 71 0.14 31.20 14.43
C SER G 71 -0.96 32.08 13.89
N SER G 72 -0.76 32.55 12.67
CA SER G 72 -1.75 33.38 11.99
C SER G 72 -2.93 32.48 11.67
N ALA G 73 -2.65 31.24 11.28
CA ALA G 73 -3.68 30.27 10.98
C ALA G 73 -4.60 30.14 12.21
N ALA G 74 -3.98 30.05 13.39
CA ALA G 74 -4.72 29.95 14.64
C ALA G 74 -5.59 31.18 14.89
N TYR G 75 -5.09 32.36 14.53
CA TYR G 75 -5.87 33.58 14.70
C TYR G 75 -7.04 33.50 13.73
N GLY G 76 -6.75 33.07 12.50
CA GLY G 76 -7.77 32.93 11.48
C GLY G 76 -8.82 31.94 11.94
N LEU G 77 -8.37 30.84 12.52
CA LEU G 77 -9.27 29.82 13.02
C LEU G 77 -10.10 30.34 14.15
N ILE G 78 -9.54 31.15 15.04
CA ILE G 78 -10.43 31.60 16.08
C ILE G 78 -11.45 32.61 15.52
N CYS G 79 -11.06 33.38 14.50
CA CYS G 79 -12.00 34.32 13.90
C CYS G 79 -13.13 33.55 13.23
N TYR G 80 -12.77 32.42 12.64
CA TYR G 80 -13.69 31.54 11.96
C TYR G 80 -14.82 31.11 12.90
N GLU G 81 -14.43 30.58 14.06
CA GLU G 81 -15.39 30.11 15.04
C GLU G 81 -16.22 31.25 15.64
N LEU G 82 -15.59 32.40 15.85
CA LEU G 82 -16.28 33.55 16.39
C LEU G 82 -17.40 34.00 15.45
N GLU G 83 -17.04 34.23 14.18
CA GLU G 83 -17.99 34.68 13.15
C GLU G 83 -19.07 33.66 12.88
N ARG G 84 -18.73 32.38 12.98
CA ARG G 84 -19.67 31.30 12.78
C ARG G 84 -20.87 31.49 13.74
N VAL G 85 -20.62 32.14 14.87
CA VAL G 85 -21.66 32.43 15.86
C VAL G 85 -22.29 33.77 15.47
N ASP G 86 -21.48 34.83 15.48
CA ASP G 86 -21.93 36.16 15.10
C ASP G 86 -20.77 37.09 14.76
N SER G 87 -20.90 37.80 13.63
CA SER G 87 -19.88 38.73 13.17
C SER G 87 -19.51 39.75 14.23
N GLY G 88 -20.47 40.12 15.07
CA GLY G 88 -20.19 41.10 16.10
C GLY G 88 -19.19 40.62 17.13
N LEU G 89 -19.20 39.32 17.40
CA LEU G 89 -18.29 38.79 18.38
C LEU G 89 -16.91 38.78 17.77
N ARG G 90 -16.85 38.46 16.48
CA ARG G 90 -15.58 38.43 15.76
C ARG G 90 -15.01 39.85 15.67
N SER G 91 -15.89 40.83 15.41
CA SER G 91 -15.50 42.23 15.30
C SER G 91 -14.74 42.73 16.52
N PHE G 92 -15.23 42.38 17.71
CA PHE G 92 -14.57 42.82 18.93
C PHE G 92 -13.11 42.34 18.92
N VAL G 93 -12.90 41.07 18.61
CA VAL G 93 -11.56 40.50 18.59
C VAL G 93 -10.67 41.10 17.50
N SER G 94 -11.24 41.36 16.32
CA SER G 94 -10.48 41.95 15.23
C SER G 94 -9.97 43.31 15.67
N VAL G 95 -10.88 44.13 16.20
CA VAL G 95 -10.56 45.46 16.66
C VAL G 95 -9.45 45.43 17.73
N GLN G 96 -9.69 44.66 18.78
CA GLN G 96 -8.76 44.52 19.89
C GLN G 96 -7.39 43.98 19.48
N SER G 97 -7.40 42.98 18.59
CA SER G 97 -6.17 42.35 18.13
C SER G 97 -5.43 43.03 16.98
N SER G 98 -6.13 43.30 15.88
CA SER G 98 -5.50 43.89 14.71
C SER G 98 -5.62 45.41 14.54
N LEU G 99 -6.54 46.05 15.27
CA LEU G 99 -6.71 47.49 15.11
C LEU G 99 -6.26 48.29 16.33
N VAL G 100 -5.96 47.57 17.40
CA VAL G 100 -5.52 48.22 18.62
C VAL G 100 -4.20 47.63 19.11
N MET G 101 -4.19 46.33 19.39
CA MET G 101 -2.96 45.67 19.84
C MET G 101 -1.85 45.81 18.80
N TYR G 102 -2.16 45.45 17.56
CA TYR G 102 -1.20 45.51 16.46
C TYR G 102 -0.47 46.85 16.25
N PRO G 103 -1.20 47.97 16.13
CA PRO G 103 -0.51 49.24 15.92
C PRO G 103 0.38 49.66 17.10
N ILE G 104 -0.02 49.27 18.31
CA ILE G 104 0.77 49.59 19.48
C ILE G 104 2.05 48.76 19.41
N TYR G 105 1.92 47.50 19.02
CA TYR G 105 3.05 46.60 18.91
C TYR G 105 4.01 46.97 17.78
N ALA G 106 3.44 47.30 16.63
CA ALA G 106 4.21 47.65 15.45
C ALA G 106 4.74 49.08 15.42
N TYR G 107 3.98 50.00 15.99
CA TYR G 107 4.40 51.39 15.96
C TYR G 107 4.58 52.08 17.30
N GLY G 108 4.28 51.39 18.39
CA GLY G 108 4.38 52.01 19.70
C GLY G 108 5.77 52.09 20.31
N SER G 109 5.90 52.92 21.35
CA SER G 109 7.17 53.05 22.05
C SER G 109 7.24 51.84 22.97
N GLU G 110 8.42 51.53 23.49
CA GLU G 110 8.55 50.40 24.39
C GLU G 110 7.70 50.66 25.64
N GLU G 111 7.48 51.94 25.95
CA GLU G 111 6.68 52.34 27.11
C GLU G 111 5.21 52.04 26.86
N GLN G 112 4.74 52.41 25.68
CA GLN G 112 3.35 52.19 25.29
C GLN G 112 3.07 50.69 25.20
N LYS G 113 4.05 49.93 24.73
CA LYS G 113 3.89 48.48 24.60
C LYS G 113 3.80 47.77 25.95
N ARG G 114 4.68 48.12 26.88
CA ARG G 114 4.68 47.51 28.21
C ARG G 114 3.46 47.99 28.99
N GLU G 115 3.07 49.23 28.75
CA GLU G 115 1.96 49.81 29.44
C GLU G 115 0.57 49.30 29.03
N PHE G 116 0.35 49.14 27.72
CA PHE G 116 -0.95 48.72 27.25
C PHE G 116 -1.17 47.28 26.84
N LEU G 117 -0.28 46.74 26.02
CA LEU G 117 -0.43 45.39 25.52
C LEU G 117 -0.87 44.29 26.50
N PRO G 118 -0.30 44.27 27.71
CA PRO G 118 -0.73 43.23 28.64
C PRO G 118 -2.16 43.39 29.11
N LYS G 119 -2.57 44.63 29.36
CA LYS G 119 -3.93 44.89 29.82
C LYS G 119 -4.95 44.67 28.73
N LEU G 120 -4.53 44.86 27.49
CA LEU G 120 -5.41 44.67 26.35
C LEU G 120 -5.53 43.17 26.12
N ALA G 121 -4.40 42.48 26.19
CA ALA G 121 -4.36 41.03 25.99
C ALA G 121 -5.21 40.29 27.03
N ARG G 122 -5.33 40.85 28.22
CA ARG G 122 -6.12 40.24 29.28
C ARG G 122 -7.54 40.79 29.32
N GLY G 123 -7.96 41.42 28.23
CA GLY G 123 -9.30 41.97 28.18
C GLY G 123 -9.57 42.85 29.38
N GLU G 124 -8.52 43.42 29.94
CA GLU G 124 -8.78 44.25 31.08
C GLU G 124 -8.84 45.75 30.73
N MET G 125 -8.42 46.10 29.51
CA MET G 125 -8.67 47.42 28.95
C MET G 125 -8.99 47.34 27.47
N VAL G 126 -10.17 47.85 27.10
CA VAL G 126 -10.67 47.72 25.73
C VAL G 126 -10.38 48.96 24.89
N GLY G 127 -10.00 48.73 23.63
CA GLY G 127 -9.72 49.84 22.76
C GLY G 127 -10.57 49.87 21.50
N CYS G 128 -10.43 50.94 20.73
CA CYS G 128 -11.14 51.10 19.48
C CYS G 128 -10.16 51.72 18.47
N PHE G 129 -10.55 51.73 17.20
CA PHE G 129 -9.72 52.27 16.13
C PHE G 129 -10.56 53.33 15.42
N GLY G 130 -10.10 54.58 15.49
CA GLY G 130 -10.82 55.66 14.85
C GLY G 130 -10.18 56.19 13.58
N LEU G 131 -10.56 55.63 12.44
CA LEU G 131 -10.05 56.06 11.14
C LEU G 131 -11.13 56.76 10.30
N THR G 132 -12.24 56.08 10.09
CA THR G 132 -13.34 56.59 9.29
C THR G 132 -14.00 57.88 9.76
N GLU G 133 -14.25 58.77 8.81
CA GLU G 133 -14.90 60.03 9.15
C GLU G 133 -16.17 60.20 8.34
N PRO G 134 -17.04 61.14 8.75
CA PRO G 134 -18.31 61.45 8.09
C PRO G 134 -18.33 61.68 6.58
N ASP G 135 -17.22 62.07 5.98
CA ASP G 135 -17.25 62.31 4.55
C ASP G 135 -16.99 61.12 3.64
N GLY G 136 -16.63 59.97 4.22
CA GLY G 136 -16.37 58.79 3.40
C GLY G 136 -15.14 58.00 3.79
N GLY G 137 -15.35 56.84 4.38
CA GLY G 137 -14.25 56.00 4.79
C GLY G 137 -13.50 55.32 3.67
N SER G 138 -13.96 55.42 2.43
CA SER G 138 -13.25 54.78 1.32
C SER G 138 -12.02 55.59 0.93
N ASP G 139 -12.04 56.87 1.30
CA ASP G 139 -10.89 57.72 1.05
C ASP G 139 -10.41 58.05 2.45
N PRO G 140 -9.64 57.14 3.09
CA PRO G 140 -9.24 57.59 4.44
C PRO G 140 -8.29 58.77 4.56
N TYR G 141 -7.43 58.99 3.58
CA TYR G 141 -6.50 60.11 3.68
C TYR G 141 -7.24 61.38 3.28
N GLY G 142 -7.94 61.31 2.15
CA GLY G 142 -8.68 62.45 1.65
C GLY G 142 -9.75 63.03 2.56
N ASN G 143 -10.48 62.18 3.27
CA ASN G 143 -11.54 62.69 4.14
C ASN G 143 -11.16 62.78 5.62
N MET G 144 -9.88 62.57 5.92
CA MET G 144 -9.39 62.65 7.29
C MET G 144 -9.25 64.09 7.75
N LYS G 145 -10.37 64.68 8.17
CA LYS G 145 -10.38 66.08 8.58
C LYS G 145 -10.17 66.32 10.08
N THR G 146 -9.60 65.33 10.75
CA THR G 146 -9.29 65.46 12.17
C THR G 146 -7.87 66.00 12.20
N ARG G 147 -7.67 67.10 12.91
CA ARG G 147 -6.35 67.71 13.00
C ARG G 147 -5.62 67.51 14.32
N ALA G 148 -4.30 67.58 14.23
CA ALA G 148 -3.42 67.45 15.38
C ALA G 148 -2.35 68.51 15.28
N ARG G 149 -2.36 69.44 16.23
CA ARG G 149 -1.36 70.49 16.24
C ARG G 149 -0.59 70.45 17.54
N ARG G 150 0.72 70.44 17.40
CA ARG G 150 1.67 70.41 18.50
C ARG G 150 1.88 71.85 18.94
N ASP G 153 5.11 70.09 23.55
CA ASP G 153 5.25 68.66 23.81
C ASP G 153 3.94 67.95 24.04
N THR G 154 2.85 68.61 23.68
CA THR G 154 1.55 67.97 23.79
C THR G 154 0.84 68.32 22.50
N TRP G 155 -0.09 67.47 22.08
CA TRP G 155 -0.84 67.70 20.84
C TRP G 155 -2.31 67.98 21.15
N VAL G 156 -2.92 68.87 20.37
CA VAL G 156 -4.34 69.15 20.56
C VAL G 156 -5.04 68.59 19.32
N LEU G 157 -5.96 67.67 19.55
CA LEU G 157 -6.70 67.02 18.48
C LEU G 157 -8.14 67.52 18.35
N ASN G 158 -8.56 67.73 17.11
CA ASN G 158 -9.90 68.19 16.80
C ASN G 158 -10.41 67.45 15.57
N GLY G 159 -11.56 66.80 15.71
CA GLY G 159 -12.12 66.07 14.60
C GLY G 159 -13.26 65.17 15.02
N THR G 160 -13.74 64.37 14.08
CA THR G 160 -14.84 63.46 14.37
C THR G 160 -14.60 62.14 13.67
N LYS G 161 -15.09 61.06 14.27
CA LYS G 161 -14.94 59.75 13.69
C LYS G 161 -16.31 59.08 13.69
N MET G 162 -16.63 58.40 12.60
CA MET G 162 -17.95 57.78 12.44
C MET G 162 -17.85 56.26 12.45
N TRP G 163 -18.87 55.60 13.00
CA TRP G 163 -18.97 54.16 12.97
C TRP G 163 -17.77 53.48 13.62
N ILE G 164 -17.36 53.93 14.79
CA ILE G 164 -16.20 53.31 15.42
C ILE G 164 -16.59 52.19 16.38
N THR G 165 -16.19 50.96 16.06
CA THR G 165 -16.49 49.80 16.91
C THR G 165 -15.83 49.95 18.27
N ASN G 166 -16.52 49.51 19.32
CA ASN G 166 -16.02 49.62 20.70
C ASN G 166 -15.90 51.06 21.16
N GLY G 167 -16.48 51.99 20.40
CA GLY G 167 -16.40 53.38 20.75
C GLY G 167 -16.79 53.67 22.19
N ASN G 168 -17.88 53.08 22.67
CA ASN G 168 -18.31 53.32 24.03
C ASN G 168 -17.79 52.33 25.08
N LEU G 169 -17.01 51.35 24.65
CA LEU G 169 -16.45 50.38 25.58
C LEU G 169 -14.98 50.71 25.84
N ALA G 170 -14.34 51.34 24.87
CA ALA G 170 -12.91 51.67 24.95
C ALA G 170 -12.44 52.70 25.98
N HIS G 171 -11.25 52.45 26.52
CA HIS G 171 -10.61 53.37 27.46
C HIS G 171 -9.53 54.05 26.62
N LEU G 172 -9.07 53.31 25.61
CA LEU G 172 -8.04 53.80 24.71
C LEU G 172 -8.60 53.83 23.29
N ALA G 173 -8.35 54.96 22.60
CA ALA G 173 -8.82 55.16 21.24
C ALA G 173 -7.65 55.52 20.35
N VAL G 174 -7.39 54.66 19.38
CA VAL G 174 -6.31 54.90 18.44
C VAL G 174 -6.89 55.87 17.43
N ILE G 175 -6.52 57.13 17.54
CA ILE G 175 -7.04 58.11 16.62
C ILE G 175 -6.00 58.50 15.58
N TRP G 176 -6.46 58.64 14.34
CA TRP G 176 -5.60 59.04 13.23
C TRP G 176 -6.05 60.43 12.79
N ALA G 177 -5.11 61.36 12.79
CA ALA G 177 -5.37 62.74 12.39
C ALA G 177 -4.19 63.23 11.55
N LYS G 178 -4.30 64.43 11.02
CA LYS G 178 -3.23 65.00 10.22
C LYS G 178 -2.72 66.27 10.91
N ASP G 179 -1.53 66.71 10.52
CA ASP G 179 -0.90 67.91 11.07
C ASP G 179 -0.73 68.95 9.95
N GLU G 183 -0.02 65.16 6.80
CA GLU G 183 0.79 64.02 7.26
C GLU G 183 0.02 63.22 8.32
N VAL G 184 -0.16 61.93 8.07
CA VAL G 184 -0.88 61.08 9.00
C VAL G 184 -0.09 60.57 10.20
N LEU G 185 -0.64 60.82 11.39
CA LEU G 185 -0.05 60.40 12.67
C LEU G 185 -1.05 59.59 13.46
N GLY G 186 -0.57 58.83 14.44
CA GLY G 186 -1.45 58.00 15.25
C GLY G 186 -1.29 58.25 16.74
N PHE G 187 -2.42 58.49 17.42
CA PHE G 187 -2.37 58.76 18.85
C PHE G 187 -3.15 57.74 19.69
N LEU G 188 -2.63 57.46 20.88
CA LEU G 188 -3.28 56.56 21.83
C LEU G 188 -3.98 57.53 22.77
N VAL G 189 -5.24 57.82 22.43
CA VAL G 189 -6.04 58.76 23.18
C VAL G 189 -6.91 58.12 24.25
N PRO G 190 -6.67 58.46 25.52
CA PRO G 190 -7.50 57.87 26.57
C PRO G 190 -8.90 58.44 26.34
N THR G 191 -9.93 57.66 26.56
CA THR G 191 -11.28 58.16 26.29
C THR G 191 -11.87 59.09 27.34
N ASP G 192 -11.16 59.26 28.46
CA ASP G 192 -11.66 60.15 29.50
C ASP G 192 -10.97 61.52 29.54
N THR G 193 -10.01 61.73 28.65
CA THR G 193 -9.36 63.01 28.64
C THR G 193 -10.41 64.03 28.19
N PRO G 194 -10.52 65.15 28.89
CA PRO G 194 -11.51 66.15 28.52
C PRO G 194 -11.53 66.57 27.04
N GLY G 195 -12.73 66.83 26.55
CA GLY G 195 -12.94 67.23 25.17
C GLY G 195 -13.24 66.04 24.26
N PHE G 196 -13.21 64.83 24.82
CA PHE G 196 -13.43 63.59 24.05
C PHE G 196 -14.78 62.93 24.31
N GLN G 197 -15.63 62.79 23.29
CA GLN G 197 -16.90 62.11 23.58
C GLN G 197 -17.23 61.03 22.56
N ALA G 198 -17.87 59.99 23.08
CA ALA G 198 -18.28 58.85 22.29
C ALA G 198 -19.78 58.68 22.45
N ARG G 199 -20.51 58.77 21.34
CA ARG G 199 -21.95 58.62 21.36
C ARG G 199 -22.33 57.46 20.48
N GLU G 200 -23.01 56.49 21.06
CA GLU G 200 -23.46 55.31 20.34
C GLU G 200 -24.37 55.63 19.16
N VAL G 201 -24.33 54.74 18.17
CA VAL G 201 -25.13 54.86 16.96
C VAL G 201 -26.37 54.01 17.22
N LYS G 202 -27.54 54.55 16.93
CA LYS G 202 -28.80 53.84 17.14
C LYS G 202 -29.51 53.53 15.83
N ARG G 203 -30.53 52.67 15.92
CA ARG G 203 -31.35 52.21 14.80
C ARG G 203 -30.64 51.25 13.84
N LYS G 204 -29.59 50.60 14.33
CA LYS G 204 -28.80 49.65 13.55
C LYS G 204 -29.57 48.38 13.21
N MET G 205 -29.59 48.03 11.93
CA MET G 205 -30.24 46.81 11.46
C MET G 205 -29.21 45.74 11.13
N SER G 206 -27.96 46.04 11.47
CA SER G 206 -26.84 45.14 11.18
C SER G 206 -25.78 45.25 12.26
N LEU G 207 -25.12 44.14 12.54
CA LEU G 207 -24.07 44.07 13.53
C LEU G 207 -24.59 44.68 14.84
N ARG G 208 -25.77 44.23 15.25
CA ARG G 208 -26.41 44.73 16.46
C ARG G 208 -25.74 44.24 17.76
N ALA G 209 -25.09 43.08 17.69
CA ALA G 209 -24.38 42.52 18.85
C ALA G 209 -22.97 43.10 18.81
N SER G 210 -22.90 44.40 19.00
CA SER G 210 -21.64 45.14 18.94
C SER G 210 -21.91 46.60 19.22
N VAL G 211 -20.94 47.32 19.76
CA VAL G 211 -21.20 48.72 19.99
C VAL G 211 -20.48 49.55 18.95
N THR G 212 -21.23 50.48 18.36
CA THR G 212 -20.72 51.37 17.32
C THR G 212 -20.97 52.78 17.81
N SER G 213 -19.96 53.64 17.71
CA SER G 213 -20.09 55.00 18.21
C SER G 213 -19.59 56.06 17.26
N GLU G 214 -19.84 57.31 17.61
CA GLU G 214 -19.39 58.43 16.82
C GLU G 214 -18.52 59.29 17.73
N LEU G 215 -17.20 59.21 17.52
CA LEU G 215 -16.25 59.96 18.33
C LEU G 215 -16.15 61.43 17.94
N VAL G 216 -16.20 62.28 18.96
CA VAL G 216 -16.08 63.71 18.75
C VAL G 216 -14.93 64.17 19.62
N LEU G 217 -13.87 64.65 18.98
CA LEU G 217 -12.71 65.15 19.69
C LEU G 217 -12.70 66.65 19.63
N GLU G 218 -12.89 67.25 20.80
CA GLU G 218 -12.93 68.68 20.93
C GLU G 218 -11.75 69.26 21.72
N GLU G 219 -10.76 69.79 21.01
CA GLU G 219 -9.59 70.36 21.66
C GLU G 219 -9.07 69.37 22.69
N VAL G 220 -8.89 68.12 22.25
CA VAL G 220 -8.40 67.04 23.12
C VAL G 220 -6.89 67.06 23.22
N ARG G 221 -6.37 67.11 24.44
CA ARG G 221 -4.93 67.20 24.61
C ARG G 221 -4.20 65.89 24.90
N VAL G 222 -3.26 65.57 24.02
CA VAL G 222 -2.52 64.33 24.14
C VAL G 222 -1.01 64.54 24.18
N PRO G 223 -0.33 63.97 25.19
CA PRO G 223 1.13 64.12 25.29
C PRO G 223 1.81 63.43 24.11
N GLU G 224 3.04 63.85 23.84
CA GLU G 224 3.81 63.25 22.76
C GLU G 224 4.13 61.82 23.15
N SER G 225 4.11 61.54 24.45
CA SER G 225 4.41 60.20 24.95
C SER G 225 3.28 59.25 24.61
N LEU G 226 2.17 59.81 24.14
CA LEU G 226 1.01 59.02 23.77
C LEU G 226 0.78 58.97 22.25
N ARG G 227 1.73 59.50 21.48
CA ARG G 227 1.64 59.45 20.04
C ARG G 227 2.51 58.29 19.59
N LEU G 228 1.99 57.47 18.69
CA LEU G 228 2.72 56.33 18.16
C LEU G 228 3.95 56.82 17.38
N PRO G 229 5.16 56.63 17.96
CA PRO G 229 6.43 57.04 17.33
C PRO G 229 6.66 56.58 15.90
N LYS G 230 6.59 55.26 15.66
CA LYS G 230 6.81 54.74 14.32
C LYS G 230 5.61 54.91 13.37
N ALA G 231 4.47 55.36 13.89
CA ALA G 231 3.28 55.54 13.06
C ALA G 231 3.41 56.74 12.15
N LEU G 232 3.78 56.49 10.90
CA LEU G 232 3.95 57.57 9.95
C LEU G 232 3.29 57.30 8.61
N GLY G 233 2.33 58.16 8.23
CA GLY G 233 1.64 58.02 6.97
C GLY G 233 0.40 57.15 6.93
N LEU G 234 -0.32 57.18 5.81
CA LEU G 234 -1.53 56.40 5.60
C LEU G 234 -1.20 54.92 5.73
N LYS G 235 0.02 54.56 5.38
CA LYS G 235 0.47 53.17 5.47
C LYS G 235 0.31 52.55 6.85
N ALA G 236 0.42 53.36 7.92
CA ALA G 236 0.30 52.84 9.28
C ALA G 236 -1.10 52.32 9.58
N PRO G 237 -2.13 53.17 9.43
CA PRO G 237 -3.47 52.66 9.72
C PRO G 237 -3.87 51.57 8.72
N LEU G 238 -3.32 51.64 7.51
CA LEU G 238 -3.63 50.66 6.46
C LEU G 238 -3.10 49.29 6.81
N SER G 239 -1.90 49.25 7.38
CA SER G 239 -1.30 47.97 7.76
C SER G 239 -2.20 47.33 8.80
N CYS G 240 -2.89 48.16 9.58
CA CYS G 240 -3.80 47.70 10.61
C CYS G 240 -5.01 47.07 9.95
N LEU G 241 -5.52 47.70 8.91
CA LEU G 241 -6.65 47.13 8.21
C LEU G 241 -6.26 45.79 7.59
N THR G 242 -5.06 45.71 6.99
CA THR G 242 -4.59 44.47 6.37
C THR G 242 -4.65 43.33 7.38
N GLN G 243 -4.14 43.60 8.58
CA GLN G 243 -4.16 42.61 9.68
C GLN G 243 -5.60 42.18 9.93
N ALA G 244 -6.45 43.18 10.15
CA ALA G 244 -7.85 42.95 10.41
C ALA G 244 -8.50 42.22 9.24
N ARG G 245 -8.21 42.64 8.01
CA ARG G 245 -8.81 41.97 6.88
C ARG G 245 -8.47 40.50 6.79
N PHE G 246 -7.30 40.13 7.31
CA PHE G 246 -6.85 38.73 7.29
C PHE G 246 -7.81 37.83 8.09
N GLY G 247 -8.07 38.22 9.34
CA GLY G 247 -8.97 37.46 10.19
C GLY G 247 -10.39 37.44 9.64
N ILE G 248 -10.81 38.54 9.01
CA ILE G 248 -12.15 38.62 8.46
C ILE G 248 -12.32 37.63 7.30
N ALA G 249 -11.28 37.45 6.51
CA ALA G 249 -11.36 36.52 5.39
C ALA G 249 -11.60 35.13 5.94
N TRP G 250 -11.15 34.91 7.17
CA TRP G 250 -11.33 33.62 7.84
C TRP G 250 -12.72 33.52 8.45
N GLY G 251 -13.11 34.56 9.20
CA GLY G 251 -14.41 34.58 9.84
C GLY G 251 -15.55 34.43 8.85
N ALA G 252 -15.42 35.10 7.70
CA ALA G 252 -16.43 35.03 6.64
C ALA G 252 -16.78 33.58 6.34
N MET G 253 -15.75 32.74 6.24
CA MET G 253 -15.94 31.32 5.99
C MET G 253 -16.77 30.66 7.09
N GLY G 254 -16.55 31.09 8.33
CA GLY G 254 -17.27 30.52 9.45
C GLY G 254 -18.76 30.80 9.42
N ALA G 255 -19.16 32.02 9.09
CA ALA G 255 -20.58 32.35 9.02
C ALA G 255 -21.19 31.62 7.83
N LEU G 256 -20.35 31.26 6.86
CA LEU G 256 -20.79 30.57 5.66
C LEU G 256 -21.13 29.15 6.02
N GLU G 257 -20.30 28.54 6.86
CA GLU G 257 -20.57 27.18 7.30
C GLU G 257 -21.90 27.19 8.04
N ALA G 258 -22.11 28.22 8.86
CA ALA G 258 -23.31 28.35 9.66
C ALA G 258 -24.59 28.39 8.86
N VAL G 259 -24.64 29.23 7.83
CA VAL G 259 -25.86 29.35 7.03
C VAL G 259 -26.00 28.17 6.10
N TYR G 260 -24.87 27.59 5.72
CA TYR G 260 -24.89 26.44 4.83
C TYR G 260 -25.43 25.21 5.56
N GLU G 261 -24.87 24.90 6.72
CA GLU G 261 -25.33 23.74 7.48
C GLU G 261 -26.80 23.90 7.84
N GLU G 262 -27.23 25.10 8.21
CA GLU G 262 -28.64 25.27 8.54
C GLU G 262 -29.53 25.09 7.32
N ALA G 263 -29.03 25.49 6.16
CA ALA G 263 -29.80 25.37 4.93
C ALA G 263 -30.02 23.92 4.47
N VAL G 264 -28.99 23.08 4.54
CA VAL G 264 -29.16 21.70 4.10
C VAL G 264 -30.03 20.91 5.06
N ALA G 265 -29.95 21.25 6.35
CA ALA G 265 -30.73 20.58 7.37
C ALA G 265 -32.19 20.91 7.07
N PHE G 266 -32.45 22.18 6.84
CA PHE G 266 -33.80 22.63 6.54
C PHE G 266 -34.28 21.98 5.23
N ALA G 267 -33.41 22.00 4.24
CA ALA G 267 -33.71 21.41 2.92
C ALA G 267 -34.02 19.93 2.98
N LYS G 268 -33.35 19.23 3.86
CA LYS G 268 -33.52 17.81 4.06
C LYS G 268 -34.73 17.46 4.93
N SER G 269 -35.22 18.42 5.73
CA SER G 269 -36.35 18.11 6.61
C SER G 269 -37.71 18.59 6.12
N ARG G 270 -37.74 19.33 5.02
CA ARG G 270 -38.98 19.87 4.47
C ARG G 270 -39.16 19.24 3.09
N SER G 271 -40.39 19.10 2.62
CA SER G 271 -40.65 18.45 1.34
C SER G 271 -41.62 19.21 0.43
N THR G 272 -41.48 19.08 -0.90
CA THR G 272 -42.44 19.79 -1.76
C THR G 272 -43.26 18.98 -2.75
N PHE G 273 -42.92 18.85 -4.03
CA PHE G 273 -43.88 18.10 -4.79
C PHE G 273 -43.67 16.64 -4.62
N GLY G 274 -43.66 16.27 -3.34
CA GLY G 274 -43.50 14.88 -2.99
C GLY G 274 -42.09 14.35 -2.86
N GLU G 275 -41.09 15.22 -2.73
CA GLU G 275 -39.73 14.72 -2.54
C GLU G 275 -39.21 15.85 -1.64
N PRO G 276 -38.16 15.53 -0.85
CA PRO G 276 -37.66 16.61 0.03
C PRO G 276 -37.21 17.84 -0.70
N LEU G 277 -37.10 18.95 0.01
CA LEU G 277 -36.64 20.16 -0.60
C LEU G 277 -35.24 19.86 -1.11
N ALA G 278 -34.46 19.17 -0.29
CA ALA G 278 -33.09 18.81 -0.65
C ALA G 278 -32.93 18.02 -1.94
N LYS G 279 -34.03 17.48 -2.49
CA LYS G 279 -33.92 16.67 -3.70
C LYS G 279 -34.19 17.44 -4.98
N LYS G 280 -34.58 18.70 -4.85
CA LYS G 280 -34.87 19.54 -6.00
C LYS G 280 -33.58 20.11 -6.61
N GLN G 281 -33.52 20.16 -7.94
CA GLN G 281 -32.34 20.68 -8.64
C GLN G 281 -32.00 22.13 -8.35
N LEU G 282 -33.02 22.97 -8.28
CA LEU G 282 -32.76 24.36 -8.01
C LEU G 282 -32.24 24.59 -6.60
N VAL G 283 -32.58 23.73 -5.63
CA VAL G 283 -32.05 23.95 -4.29
C VAL G 283 -30.72 23.25 -4.18
N GLN G 284 -30.55 22.12 -4.86
CA GLN G 284 -29.26 21.48 -4.76
C GLN G 284 -28.21 22.43 -5.33
N ALA G 285 -28.58 23.15 -6.39
CA ALA G 285 -27.65 24.08 -7.01
C ALA G 285 -27.16 25.18 -6.06
N LYS G 286 -28.05 25.70 -5.21
CA LYS G 286 -27.69 26.76 -4.26
C LYS G 286 -26.74 26.24 -3.18
N LEU G 287 -26.95 25.01 -2.75
CA LEU G 287 -26.12 24.41 -1.72
C LEU G 287 -24.75 24.10 -2.33
N ALA G 288 -24.77 23.56 -3.55
CA ALA G 288 -23.53 23.22 -4.27
C ALA G 288 -22.66 24.45 -4.38
N GLU G 289 -23.28 25.57 -4.69
CA GLU G 289 -22.58 26.84 -4.82
C GLU G 289 -21.99 27.20 -3.46
N MET G 290 -22.80 27.12 -2.42
CA MET G 290 -22.36 27.42 -1.06
C MET G 290 -21.12 26.60 -0.71
N LEU G 291 -21.16 25.30 -0.99
CA LEU G 291 -20.05 24.42 -0.69
C LEU G 291 -18.81 24.78 -1.49
N ALA G 292 -19.01 25.11 -2.76
CA ALA G 292 -17.91 25.46 -3.64
C ALA G 292 -17.21 26.72 -3.13
N TRP G 293 -18.02 27.72 -2.76
CA TRP G 293 -17.47 28.98 -2.26
C TRP G 293 -16.70 28.78 -0.97
N HIS G 294 -17.24 27.97 -0.08
CA HIS G 294 -16.59 27.71 1.19
C HIS G 294 -15.23 27.06 1.02
N THR G 295 -15.15 26.11 0.10
CA THR G 295 -13.91 25.41 -0.16
C THR G 295 -12.89 26.38 -0.77
N GLU G 296 -13.34 27.22 -1.69
CA GLU G 296 -12.45 28.18 -2.30
C GLU G 296 -11.94 29.14 -1.26
N GLY G 297 -12.84 29.56 -0.37
CA GLY G 297 -12.49 30.50 0.67
C GLY G 297 -11.49 30.02 1.71
N LEU G 298 -11.65 28.78 2.17
CA LEU G 298 -10.73 28.23 3.16
C LEU G 298 -9.30 28.16 2.59
N LEU G 299 -9.18 27.83 1.31
CA LEU G 299 -7.87 27.72 0.66
C LEU G 299 -7.20 29.09 0.59
N LEU G 300 -7.95 30.12 0.24
CA LEU G 300 -7.38 31.46 0.18
C LEU G 300 -6.88 31.85 1.57
N ALA G 301 -7.75 31.66 2.55
CA ALA G 301 -7.47 31.99 3.94
C ALA G 301 -6.26 31.22 4.46
N TRP G 302 -6.23 29.92 4.19
CA TRP G 302 -5.13 29.08 4.61
C TRP G 302 -3.84 29.55 3.96
N ARG G 303 -3.87 29.73 2.64
CA ARG G 303 -2.69 30.17 1.90
C ARG G 303 -2.13 31.48 2.43
N LEU G 304 -3.02 32.40 2.75
CA LEU G 304 -2.65 33.72 3.25
C LEU G 304 -2.06 33.64 4.65
N ALA G 305 -2.52 32.67 5.43
CA ALA G 305 -2.03 32.50 6.79
C ALA G 305 -0.57 32.10 6.74
N ARG G 306 -0.24 31.17 5.85
CA ARG G 306 1.14 30.72 5.75
C ARG G 306 2.02 31.85 5.24
N LEU G 307 1.62 32.50 4.16
CA LEU G 307 2.39 33.60 3.61
C LEU G 307 2.62 34.64 4.70
N LYS G 308 1.61 34.84 5.54
CA LYS G 308 1.69 35.83 6.59
C LYS G 308 2.78 35.55 7.62
N ASP G 309 2.86 34.30 8.06
CA ASP G 309 3.87 33.93 9.04
C ASP G 309 5.28 33.88 8.44
N GLU G 310 5.40 33.69 7.14
CA GLU G 310 6.74 33.65 6.55
C GLU G 310 7.14 35.05 6.08
N GLY G 311 6.32 36.03 6.46
CA GLY G 311 6.56 37.43 6.11
C GLY G 311 6.52 37.83 4.65
N LYS G 312 5.67 37.19 3.85
CA LYS G 312 5.58 37.47 2.42
C LYS G 312 4.21 38.00 2.01
N LEU G 313 3.28 37.99 2.95
CA LEU G 313 1.93 38.45 2.65
C LEU G 313 1.90 39.92 2.25
N THR G 314 1.20 40.23 1.16
CA THR G 314 1.10 41.61 0.73
C THR G 314 -0.33 42.08 0.93
N PRO G 315 -0.55 43.40 0.97
CA PRO G 315 -1.90 43.94 1.17
C PRO G 315 -2.88 43.58 0.06
N ALA G 316 -2.41 43.61 -1.19
CA ALA G 316 -3.27 43.27 -2.32
C ALA G 316 -3.77 41.84 -2.17
N GLN G 317 -2.90 40.95 -1.72
CA GLN G 317 -3.27 39.54 -1.53
C GLN G 317 -4.41 39.46 -0.52
N VAL G 318 -4.26 40.21 0.56
CA VAL G 318 -5.26 40.26 1.62
C VAL G 318 -6.56 40.83 1.08
N SER G 319 -6.45 41.87 0.27
CA SER G 319 -7.65 42.47 -0.32
C SER G 319 -8.42 41.42 -1.13
N LEU G 320 -7.70 40.61 -1.90
CA LEU G 320 -8.35 39.59 -2.72
C LEU G 320 -9.21 38.68 -1.87
N ALA G 321 -8.62 38.16 -0.79
CA ALA G 321 -9.29 37.24 0.11
C ALA G 321 -10.48 37.84 0.85
N LYS G 322 -10.35 39.09 1.29
CA LYS G 322 -11.43 39.74 2.01
C LYS G 322 -12.59 39.97 1.07
N ARG G 323 -12.26 40.49 -0.10
CA ARG G 323 -13.24 40.78 -1.12
C ARG G 323 -14.02 39.53 -1.50
N GLN G 324 -13.30 38.49 -1.90
CA GLN G 324 -13.93 37.23 -2.33
C GLN G 324 -14.74 36.50 -1.25
N ASN G 325 -14.12 36.26 -0.11
CA ASN G 325 -14.79 35.55 0.96
C ASN G 325 -16.04 36.21 1.53
N VAL G 326 -15.99 37.51 1.80
CA VAL G 326 -17.15 38.21 2.35
C VAL G 326 -18.28 38.30 1.32
N TRP G 327 -17.94 38.51 0.06
CA TRP G 327 -18.93 38.59 -1.01
C TRP G 327 -19.66 37.26 -1.08
N LYS G 328 -18.89 36.18 -1.08
CA LYS G 328 -19.44 34.84 -1.14
C LYS G 328 -20.32 34.54 0.07
N ALA G 329 -19.85 34.92 1.25
CA ALA G 329 -20.61 34.70 2.47
C ALA G 329 -21.91 35.53 2.46
N LEU G 330 -21.84 36.75 1.95
CA LEU G 330 -23.05 37.58 1.88
C LEU G 330 -24.02 36.93 0.90
N GLN G 331 -23.52 36.52 -0.26
CA GLN G 331 -24.38 35.89 -1.24
C GLN G 331 -25.01 34.60 -0.67
N ALA G 332 -24.20 33.79 0.00
CA ALA G 332 -24.69 32.53 0.57
C ALA G 332 -25.72 32.74 1.67
N ALA G 333 -25.61 33.84 2.41
CA ALA G 333 -26.57 34.12 3.47
C ALA G 333 -27.95 34.45 2.85
N ARG G 334 -27.92 35.16 1.73
CA ARG G 334 -29.13 35.54 0.99
C ARG G 334 -29.77 34.30 0.37
N MET G 335 -28.95 33.43 -0.19
CA MET G 335 -29.43 32.19 -0.80
C MET G 335 -30.07 31.28 0.25
N ALA G 336 -29.49 31.28 1.44
CA ALA G 336 -30.01 30.47 2.54
C ALA G 336 -31.36 31.02 2.99
N ARG G 337 -31.46 32.34 3.15
CA ARG G 337 -32.72 32.96 3.58
C ARG G 337 -33.78 32.62 2.53
N ASP G 338 -33.37 32.59 1.27
CA ASP G 338 -34.26 32.26 0.17
C ASP G 338 -34.74 30.83 0.31
N ILE G 339 -33.82 29.96 0.72
CA ILE G 339 -34.12 28.55 0.92
C ILE G 339 -35.04 28.29 2.13
N LEU G 340 -34.94 29.12 3.15
CA LEU G 340 -35.76 28.95 4.35
C LEU G 340 -37.20 29.43 4.15
N GLY G 341 -37.41 30.28 3.14
CA GLY G 341 -38.73 30.81 2.87
C GLY G 341 -39.17 31.69 4.01
N GLY G 342 -40.47 31.67 4.32
CA GLY G 342 -40.99 32.49 5.40
C GLY G 342 -40.25 32.29 6.70
N SER G 343 -39.84 31.05 6.97
CA SER G 343 -39.12 30.72 8.21
C SER G 343 -37.81 31.49 8.33
N GLY G 344 -37.31 31.99 7.21
CA GLY G 344 -36.06 32.73 7.23
C GLY G 344 -36.13 34.21 7.57
N ILE G 345 -37.33 34.78 7.71
CA ILE G 345 -37.43 36.20 8.02
C ILE G 345 -37.49 36.46 9.51
N THR G 346 -37.35 35.40 10.28
CA THR G 346 -37.41 35.49 11.72
C THR G 346 -36.07 35.09 12.31
N LEU G 347 -35.70 35.74 13.41
CA LEU G 347 -34.44 35.45 14.08
C LEU G 347 -34.41 34.04 14.65
N GLU G 348 -35.39 33.23 14.27
CA GLU G 348 -35.48 31.84 14.71
C GLU G 348 -34.43 31.02 13.99
N TYR G 349 -33.94 31.56 12.89
CA TYR G 349 -32.98 30.84 12.07
C TYR G 349 -31.53 31.26 11.83
N HIS G 350 -31.04 32.38 12.35
CA HIS G 350 -29.63 32.73 12.10
C HIS G 350 -29.33 33.25 10.69
N ALA G 351 -29.84 32.54 9.68
CA ALA G 351 -29.59 32.91 8.29
C ALA G 351 -29.70 34.41 8.06
N ILE G 352 -30.81 35.00 8.50
CA ILE G 352 -31.03 36.42 8.30
C ILE G 352 -30.21 37.32 9.23
N ARG G 353 -29.75 36.77 10.37
CA ARG G 353 -28.94 37.55 11.29
C ARG G 353 -27.56 37.64 10.64
N HIS G 354 -27.10 36.52 10.09
CA HIS G 354 -25.82 36.49 9.39
C HIS G 354 -25.89 37.33 8.11
N MET G 355 -27.02 37.26 7.43
CA MET G 355 -27.24 38.02 6.20
C MET G 355 -27.12 39.51 6.44
N LEU G 356 -27.71 39.99 7.53
CA LEU G 356 -27.65 41.39 7.89
C LEU G 356 -26.24 41.80 8.37
N ASN G 357 -25.66 40.99 9.26
CA ASN G 357 -24.32 41.25 9.78
C ASN G 357 -23.32 41.37 8.63
N LEU G 358 -23.40 40.44 7.68
CA LEU G 358 -22.49 40.40 6.54
C LEU G 358 -22.59 41.61 5.61
N GLU G 359 -23.70 42.33 5.71
CA GLU G 359 -23.86 43.52 4.89
C GLU G 359 -22.82 44.55 5.39
N THR G 360 -22.58 44.57 6.71
CA THR G 360 -21.59 45.47 7.34
C THR G 360 -20.16 45.05 6.98
N VAL G 361 -19.86 43.78 7.19
CA VAL G 361 -18.56 43.22 6.91
C VAL G 361 -18.24 43.47 5.43
N TYR G 362 -19.29 43.42 4.62
CA TYR G 362 -19.18 43.64 3.20
C TYR G 362 -18.80 45.10 2.95
N THR G 363 -19.13 45.96 3.91
CA THR G 363 -18.83 47.38 3.78
C THR G 363 -17.56 47.90 4.47
N TYR G 364 -17.36 47.57 5.74
CA TYR G 364 -16.17 48.08 6.43
C TYR G 364 -14.87 47.35 6.10
N GLU G 365 -13.75 47.91 6.55
CA GLU G 365 -12.44 47.32 6.28
C GLU G 365 -12.26 47.26 4.78
N GLY G 366 -12.76 48.30 4.11
CA GLY G 366 -12.66 48.38 2.67
C GLY G 366 -13.85 47.74 1.99
N THR G 367 -14.64 48.52 1.28
CA THR G 367 -15.81 47.99 0.59
C THR G 367 -15.41 47.07 -0.57
N HIS G 368 -16.38 46.34 -1.10
CA HIS G 368 -16.11 45.43 -2.19
C HIS G 368 -15.40 46.16 -3.32
N ASP G 369 -15.87 47.36 -3.64
CA ASP G 369 -15.28 48.15 -4.70
C ASP G 369 -13.89 48.69 -4.44
N VAL G 370 -13.57 49.08 -3.22
CA VAL G 370 -12.23 49.58 -3.00
C VAL G 370 -11.21 48.45 -3.20
N HIS G 371 -11.57 47.24 -2.79
CA HIS G 371 -10.67 46.10 -2.95
C HIS G 371 -10.49 45.80 -4.44
N THR G 372 -11.59 45.93 -5.20
CA THR G 372 -11.53 45.70 -6.65
C THR G 372 -10.50 46.69 -7.23
N LEU G 373 -10.55 47.92 -6.76
CA LEU G 373 -9.62 48.95 -7.21
C LEU G 373 -8.19 48.64 -6.74
N VAL G 374 -8.06 48.04 -5.56
CA VAL G 374 -6.73 47.69 -5.06
C VAL G 374 -6.15 46.69 -6.02
N LEU G 375 -6.89 45.62 -6.29
CA LEU G 375 -6.44 44.61 -7.20
C LEU G 375 -6.21 45.25 -8.57
N GLY G 376 -7.15 46.11 -8.99
CA GLY G 376 -7.04 46.76 -10.29
C GLY G 376 -5.75 47.54 -10.45
N ARG G 377 -5.41 48.32 -9.44
CA ARG G 377 -4.18 49.10 -9.50
C ARG G 377 -2.94 48.21 -9.44
N GLU G 378 -3.02 47.10 -8.73
CA GLU G 378 -1.91 46.18 -8.62
C GLU G 378 -1.67 45.47 -9.95
N ILE G 379 -2.75 45.21 -10.68
CA ILE G 379 -2.67 44.52 -11.97
C ILE G 379 -2.21 45.41 -13.12
N THR G 380 -2.70 46.65 -13.15
CA THR G 380 -2.39 47.57 -14.24
C THR G 380 -1.34 48.59 -13.89
N GLY G 381 -1.14 48.80 -12.61
CA GLY G 381 -0.17 49.80 -12.20
C GLY G 381 -0.82 51.17 -12.29
N LEU G 382 -2.07 51.23 -12.70
CA LEU G 382 -2.76 52.50 -12.82
C LEU G 382 -3.77 52.71 -11.68
N ASN G 383 -3.83 53.93 -11.16
CA ASN G 383 -4.74 54.25 -10.06
C ASN G 383 -6.11 54.73 -10.59
N ALA G 384 -7.17 53.98 -10.29
CA ALA G 384 -8.52 54.31 -10.76
C ALA G 384 -9.50 54.72 -9.67
N PHE G 385 -9.02 54.86 -8.44
CA PHE G 385 -9.88 55.28 -7.33
C PHE G 385 -10.40 56.67 -7.66
N MET H 1 -44.15 60.15 -11.13
CA MET H 1 -43.36 58.96 -10.84
C MET H 1 -42.06 58.96 -11.64
N LEU H 2 -41.20 57.98 -11.35
CA LEU H 2 -39.95 57.83 -12.08
C LEU H 2 -40.50 57.23 -13.36
N ASP H 3 -40.11 57.72 -14.53
CA ASP H 3 -40.68 57.18 -15.74
C ASP H 3 -39.81 57.55 -16.95
N PHE H 4 -38.73 56.80 -17.11
CA PHE H 4 -37.75 57.02 -18.18
C PHE H 4 -38.30 56.88 -19.59
N TYR H 5 -39.26 55.99 -19.80
CA TYR H 5 -39.82 55.79 -21.13
C TYR H 5 -41.18 56.43 -21.30
N ALA H 6 -41.48 57.42 -20.47
CA ALA H 6 -42.75 58.15 -20.52
C ALA H 6 -43.98 57.27 -20.67
N LEU H 7 -44.10 56.25 -19.82
CA LEU H 7 -45.26 55.38 -19.90
C LEU H 7 -46.51 56.08 -19.36
N GLU H 8 -46.32 57.17 -18.61
CA GLU H 8 -47.45 57.91 -18.08
C GLU H 8 -48.27 58.39 -19.28
N ASP H 9 -47.63 58.43 -20.45
CA ASP H 9 -48.28 58.86 -21.68
C ASP H 9 -49.34 57.85 -22.07
N LEU H 10 -49.14 56.61 -21.65
CA LEU H 10 -50.06 55.52 -21.96
C LEU H 10 -51.17 55.39 -20.92
N LEU H 11 -51.26 56.34 -20.02
CA LEU H 11 -52.27 56.29 -18.98
C LEU H 11 -53.39 57.28 -19.20
N THR H 12 -54.59 56.89 -18.79
CA THR H 12 -55.78 57.75 -18.88
C THR H 12 -55.66 58.83 -17.80
N PRO H 13 -56.45 59.91 -17.91
CA PRO H 13 -56.41 60.99 -16.93
C PRO H 13 -56.81 60.48 -15.54
N GLU H 14 -57.79 59.59 -15.51
CA GLU H 14 -58.28 59.03 -14.26
C GLU H 14 -57.18 58.25 -13.56
N GLU H 15 -56.48 57.41 -14.32
CA GLU H 15 -55.39 56.60 -13.75
C GLU H 15 -54.29 57.51 -13.23
N LYS H 16 -53.96 58.53 -14.00
CA LYS H 16 -52.91 59.44 -13.58
C LYS H 16 -53.30 60.23 -12.32
N GLU H 17 -54.60 60.43 -12.10
CA GLU H 17 -55.02 61.16 -10.92
C GLU H 17 -55.00 60.27 -9.67
N VAL H 18 -55.37 59.00 -9.81
CA VAL H 18 -55.35 58.12 -8.65
C VAL H 18 -53.90 58.01 -8.16
N GLN H 19 -52.95 58.10 -9.08
CA GLN H 19 -51.54 58.02 -8.74
C GLN H 19 -51.10 59.27 -8.00
N LYS H 20 -51.41 60.43 -8.56
CA LYS H 20 -51.05 61.69 -7.92
C LYS H 20 -51.65 61.72 -6.52
N ALA H 21 -52.96 61.45 -6.42
CA ALA H 21 -53.66 61.49 -5.14
C ALA H 21 -53.04 60.50 -4.16
N ALA H 22 -52.79 59.28 -4.62
CA ALA H 22 -52.19 58.24 -3.78
C ALA H 22 -50.89 58.75 -3.13
N ARG H 23 -49.99 59.27 -3.96
CA ARG H 23 -48.70 59.77 -3.46
C ARG H 23 -48.85 60.93 -2.49
N ARG H 24 -49.80 61.84 -2.76
CA ARG H 24 -50.02 62.97 -1.88
C ARG H 24 -50.46 62.48 -0.50
N PHE H 25 -51.39 61.55 -0.50
CA PHE H 25 -51.91 60.99 0.74
C PHE H 25 -50.78 60.33 1.55
N LEU H 26 -50.17 59.32 0.95
CA LEU H 26 -49.09 58.56 1.59
C LEU H 26 -47.92 59.41 2.03
N GLU H 27 -47.56 60.41 1.22
CA GLU H 27 -46.44 61.27 1.52
C GLU H 27 -46.68 62.05 2.81
N LYS H 28 -47.91 62.51 2.97
CA LYS H 28 -48.31 63.29 4.13
C LYS H 28 -48.67 62.46 5.34
N GLU H 29 -49.31 61.32 5.13
CA GLU H 29 -49.76 60.49 6.24
C GLU H 29 -49.03 59.19 6.58
N ALA H 30 -48.16 58.70 5.70
CA ALA H 30 -47.49 57.44 6.02
C ALA H 30 -45.97 57.52 6.02
N LEU H 31 -45.39 58.13 4.98
CA LEU H 31 -43.94 58.22 4.89
C LEU H 31 -43.29 58.77 6.16
N PRO H 32 -43.83 59.87 6.74
CA PRO H 32 -43.27 60.46 7.96
C PRO H 32 -43.17 59.53 9.17
N HIS H 33 -43.84 58.39 9.12
CA HIS H 33 -43.84 57.47 10.26
C HIS H 33 -43.40 56.05 9.98
N ILE H 34 -43.33 55.68 8.71
CA ILE H 34 -42.96 54.31 8.36
C ILE H 34 -41.74 53.80 9.14
N ARG H 35 -40.74 54.65 9.33
CA ARG H 35 -39.53 54.25 10.03
C ARG H 35 -39.82 53.73 11.43
N ASP H 36 -40.62 54.46 12.18
CA ASP H 36 -40.93 54.06 13.54
C ASP H 36 -41.88 52.86 13.59
N TRP H 37 -42.82 52.82 12.65
CA TRP H 37 -43.77 51.71 12.58
C TRP H 37 -43.06 50.41 12.27
N TRP H 38 -42.16 50.46 11.28
CA TRP H 38 -41.41 49.27 10.91
C TRP H 38 -40.57 48.87 12.13
N GLU H 39 -39.87 49.85 12.69
CA GLU H 39 -39.01 49.66 13.85
C GLU H 39 -39.69 48.92 14.98
N GLU H 40 -40.79 49.47 15.47
CA GLU H 40 -41.51 48.81 16.55
C GLU H 40 -42.36 47.66 16.04
N GLY H 41 -42.21 47.36 14.75
CA GLY H 41 -42.93 46.26 14.13
C GLY H 41 -44.45 46.32 14.28
N VAL H 42 -45.03 47.45 13.96
CA VAL H 42 -46.46 47.56 14.07
C VAL H 42 -47.11 48.01 12.77
N PHE H 43 -48.34 47.54 12.55
CA PHE H 43 -49.07 47.93 11.34
C PHE H 43 -50.04 49.02 11.75
N PRO H 44 -50.02 50.16 11.04
CA PRO H 44 -50.89 51.31 11.33
C PRO H 44 -52.36 51.12 10.95
N THR H 45 -53.11 50.48 11.85
CA THR H 45 -54.54 50.23 11.61
C THR H 45 -55.35 51.49 11.30
N HIS H 46 -55.02 52.61 11.94
CA HIS H 46 -55.73 53.87 11.70
C HIS H 46 -55.68 54.26 10.24
N LEU H 47 -54.78 53.66 9.50
CA LEU H 47 -54.64 53.96 8.08
C LEU H 47 -55.66 53.20 7.21
N ILE H 48 -56.18 52.10 7.74
CA ILE H 48 -57.15 51.27 7.04
C ILE H 48 -58.41 52.03 6.62
N PRO H 49 -58.98 52.86 7.51
CA PRO H 49 -60.18 53.61 7.12
C PRO H 49 -59.80 54.65 6.06
N ARG H 50 -58.56 55.11 6.12
CA ARG H 50 -58.05 56.10 5.17
C ARG H 50 -57.90 55.47 3.79
N PHE H 51 -57.37 54.26 3.76
CA PHE H 51 -57.22 53.58 2.49
C PHE H 51 -58.60 53.43 1.88
N ALA H 52 -59.56 53.01 2.72
CA ALA H 52 -60.94 52.81 2.31
C ALA H 52 -61.49 54.08 1.68
N GLU H 53 -61.28 55.20 2.37
CA GLU H 53 -61.73 56.50 1.87
C GLU H 53 -61.12 56.89 0.53
N LEU H 54 -59.88 56.47 0.27
CA LEU H 54 -59.25 56.79 -1.01
C LEU H 54 -59.63 55.77 -2.09
N GLY H 55 -60.35 54.72 -1.68
CA GLY H 55 -60.77 53.69 -2.61
C GLY H 55 -59.71 52.65 -2.92
N PHE H 56 -58.77 52.47 -1.99
CA PHE H 56 -57.68 51.51 -2.16
C PHE H 56 -58.14 50.07 -1.96
N LEU H 57 -59.26 49.91 -1.27
CA LEU H 57 -59.78 48.58 -0.99
C LEU H 57 -60.71 48.05 -2.07
N GLY H 58 -60.22 47.08 -2.84
CA GLY H 58 -60.97 46.48 -3.94
C GLY H 58 -61.28 47.52 -4.99
N PRO H 59 -60.27 48.30 -5.40
CA PRO H 59 -60.42 49.37 -6.40
C PRO H 59 -61.09 49.00 -7.71
N THR H 60 -60.81 47.82 -8.24
CA THR H 60 -61.39 47.43 -9.51
C THR H 60 -62.81 46.87 -9.40
N LEU H 61 -63.23 46.53 -8.19
CA LEU H 61 -64.56 45.99 -8.00
C LEU H 61 -65.68 47.00 -8.28
N PRO H 62 -66.84 46.51 -8.76
CA PRO H 62 -68.03 47.28 -9.11
C PRO H 62 -68.59 48.13 -7.98
N PRO H 63 -68.89 49.41 -8.27
CA PRO H 63 -69.44 50.34 -7.26
C PRO H 63 -70.65 49.73 -6.55
N GLU H 64 -71.30 48.79 -7.24
CA GLU H 64 -72.48 48.14 -6.68
C GLU H 64 -72.17 47.53 -5.34
N TYR H 65 -71.01 46.89 -5.27
CA TYR H 65 -70.59 46.24 -4.04
C TYR H 65 -69.70 47.12 -3.18
N GLY H 66 -69.66 48.41 -3.51
CA GLY H 66 -68.86 49.35 -2.74
C GLY H 66 -67.46 49.53 -3.29
N GLY H 67 -67.23 49.07 -4.51
CA GLY H 67 -65.93 49.19 -5.14
C GLY H 67 -65.78 50.47 -5.92
N ALA H 68 -64.54 50.89 -6.17
CA ALA H 68 -64.25 52.11 -6.92
C ALA H 68 -64.41 51.93 -8.43
N GLY H 69 -64.53 50.68 -8.87
CA GLY H 69 -64.69 50.41 -10.29
C GLY H 69 -63.68 51.05 -11.24
N VAL H 70 -62.44 51.24 -10.80
CA VAL H 70 -61.42 51.83 -11.65
C VAL H 70 -60.65 50.71 -12.36
N SER H 71 -59.77 51.08 -13.27
CA SER H 71 -58.99 50.10 -14.04
C SER H 71 -57.97 49.29 -13.25
N SER H 72 -57.41 48.29 -13.91
CA SER H 72 -56.39 47.44 -13.31
C SER H 72 -55.12 48.28 -13.21
N ALA H 73 -54.89 49.12 -14.21
CA ALA H 73 -53.73 50.00 -14.21
C ALA H 73 -53.77 50.85 -12.95
N ALA H 74 -54.96 51.37 -12.63
CA ALA H 74 -55.14 52.20 -11.45
C ALA H 74 -54.83 51.42 -10.18
N TYR H 75 -55.22 50.15 -10.15
CA TYR H 75 -54.95 49.30 -9.00
C TYR H 75 -53.45 49.15 -8.92
N GLY H 76 -52.84 48.86 -10.06
CA GLY H 76 -51.41 48.69 -10.10
C GLY H 76 -50.71 49.95 -9.61
N LEU H 77 -51.24 51.10 -10.03
CA LEU H 77 -50.68 52.39 -9.64
C LEU H 77 -50.79 52.69 -8.16
N ILE H 78 -51.84 52.20 -7.50
CA ILE H 78 -51.93 52.49 -6.08
C ILE H 78 -50.93 51.56 -5.37
N CYS H 79 -50.82 50.33 -5.87
CA CYS H 79 -49.88 49.36 -5.30
C CYS H 79 -48.47 49.91 -5.41
N TYR H 80 -48.21 50.59 -6.53
CA TYR H 80 -46.93 51.21 -6.83
C TYR H 80 -46.59 52.24 -5.75
N GLU H 81 -47.51 53.17 -5.52
CA GLU H 81 -47.30 54.22 -4.53
C GLU H 81 -47.25 53.68 -3.09
N LEU H 82 -48.03 52.63 -2.81
CA LEU H 82 -48.06 52.03 -1.48
C LEU H 82 -46.70 51.39 -1.15
N GLU H 83 -46.21 50.56 -2.06
CA GLU H 83 -44.96 49.84 -1.86
C GLU H 83 -43.79 50.82 -1.86
N ARG H 84 -43.93 51.89 -2.64
CA ARG H 84 -42.90 52.92 -2.71
C ARG H 84 -42.59 53.43 -1.30
N VAL H 85 -43.58 53.34 -0.41
CA VAL H 85 -43.43 53.76 0.97
C VAL H 85 -42.94 52.56 1.77
N ASP H 86 -43.72 51.49 1.72
CA ASP H 86 -43.38 50.25 2.41
C ASP H 86 -44.24 49.07 1.92
N SER H 87 -43.60 47.94 1.69
CA SER H 87 -44.26 46.73 1.20
C SER H 87 -45.39 46.24 2.11
N GLY H 88 -45.28 46.51 3.41
CA GLY H 88 -46.30 46.09 4.36
C GLY H 88 -47.62 46.82 4.19
N LEU H 89 -47.55 48.08 3.75
CA LEU H 89 -48.73 48.89 3.52
C LEU H 89 -49.40 48.37 2.25
N ARG H 90 -48.58 47.95 1.29
CA ARG H 90 -49.09 47.43 0.03
C ARG H 90 -49.66 46.05 0.28
N SER H 91 -49.03 45.27 1.16
CA SER H 91 -49.52 43.92 1.48
C SER H 91 -50.94 43.95 2.01
N PHE H 92 -51.25 44.90 2.89
CA PHE H 92 -52.59 44.98 3.42
C PHE H 92 -53.63 45.14 2.31
N VAL H 93 -53.36 46.03 1.37
CA VAL H 93 -54.27 46.28 0.26
C VAL H 93 -54.38 45.09 -0.71
N SER H 94 -53.28 44.36 -0.92
CA SER H 94 -53.27 43.20 -1.80
C SER H 94 -54.15 42.11 -1.20
N VAL H 95 -53.94 41.83 0.09
CA VAL H 95 -54.72 40.81 0.80
C VAL H 95 -56.22 41.13 0.77
N GLN H 96 -56.57 42.35 1.18
CA GLN H 96 -57.96 42.81 1.25
C GLN H 96 -58.62 42.84 -0.13
N SER H 97 -57.89 43.31 -1.12
CA SER H 97 -58.44 43.42 -2.45
C SER H 97 -58.42 42.15 -3.27
N SER H 98 -57.25 41.54 -3.41
CA SER H 98 -57.14 40.35 -4.25
C SER H 98 -57.17 38.98 -3.58
N LEU H 99 -57.02 38.94 -2.27
CA LEU H 99 -57.05 37.65 -1.59
C LEU H 99 -58.28 37.47 -0.71
N VAL H 100 -59.06 38.55 -0.57
CA VAL H 100 -60.28 38.50 0.23
C VAL H 100 -61.50 39.04 -0.53
N MET H 101 -61.41 40.28 -1.00
CA MET H 101 -62.50 40.87 -1.78
C MET H 101 -62.76 40.09 -3.06
N TYR H 102 -61.68 39.77 -3.78
CA TYR H 102 -61.75 39.04 -5.04
C TYR H 102 -62.45 37.69 -5.00
N PRO H 103 -61.97 36.75 -4.14
CA PRO H 103 -62.61 35.43 -4.07
C PRO H 103 -64.10 35.48 -3.69
N ILE H 104 -64.49 36.46 -2.89
CA ILE H 104 -65.88 36.59 -2.49
C ILE H 104 -66.70 37.02 -3.71
N TYR H 105 -66.15 37.97 -4.46
CA TYR H 105 -66.79 38.49 -5.67
C TYR H 105 -66.84 37.44 -6.78
N ALA H 106 -65.76 36.72 -6.97
CA ALA H 106 -65.65 35.71 -8.02
C ALA H 106 -66.31 34.38 -7.68
N TYR H 107 -66.21 33.96 -6.42
CA TYR H 107 -66.76 32.66 -6.04
C TYR H 107 -67.83 32.66 -4.95
N GLY H 108 -68.20 33.84 -4.48
CA GLY H 108 -69.20 33.92 -3.42
C GLY H 108 -70.64 33.88 -3.87
N SER H 109 -71.53 33.67 -2.90
CA SER H 109 -72.97 33.65 -3.17
C SER H 109 -73.38 35.10 -3.18
N GLU H 110 -74.55 35.41 -3.74
CA GLU H 110 -75.00 36.78 -3.80
C GLU H 110 -75.16 37.33 -2.39
N GLU H 111 -75.44 36.42 -1.47
CA GLU H 111 -75.62 36.77 -0.06
C GLU H 111 -74.28 37.14 0.56
N GLN H 112 -73.25 36.36 0.25
CA GLN H 112 -71.92 36.60 0.76
C GLN H 112 -71.38 37.92 0.20
N LYS H 113 -71.65 38.16 -1.08
CA LYS H 113 -71.19 39.37 -1.74
C LYS H 113 -71.82 40.64 -1.14
N ARG H 114 -73.14 40.65 -1.01
CA ARG H 114 -73.83 41.83 -0.45
C ARG H 114 -73.48 42.03 1.01
N GLU H 115 -73.28 40.92 1.71
CA GLU H 115 -72.97 40.92 3.11
C GLU H 115 -71.57 41.40 3.49
N PHE H 116 -70.55 40.95 2.76
CA PHE H 116 -69.18 41.32 3.08
C PHE H 116 -68.48 42.40 2.26
N LEU H 117 -68.58 42.33 0.95
CA LEU H 117 -67.90 43.28 0.08
C LEU H 117 -67.99 44.76 0.46
N PRO H 118 -69.19 45.25 0.82
CA PRO H 118 -69.27 46.68 1.19
C PRO H 118 -68.50 47.04 2.47
N LYS H 119 -68.54 46.16 3.46
CA LYS H 119 -67.82 46.41 4.71
C LYS H 119 -66.30 46.33 4.50
N LEU H 120 -65.89 45.40 3.64
CA LEU H 120 -64.48 45.20 3.31
C LEU H 120 -63.98 46.41 2.54
N ALA H 121 -64.78 46.81 1.56
CA ALA H 121 -64.46 47.95 0.72
C ALA H 121 -64.30 49.22 1.54
N ARG H 122 -65.06 49.31 2.63
CA ARG H 122 -65.01 50.49 3.49
C ARG H 122 -64.05 50.33 4.66
N GLY H 123 -63.17 49.33 4.57
CA GLY H 123 -62.23 49.09 5.64
C GLY H 123 -62.93 48.97 6.98
N GLU H 124 -64.16 48.48 6.94
CA GLU H 124 -64.96 48.32 8.14
C GLU H 124 -64.84 46.90 8.71
N MET H 125 -64.35 45.98 7.89
CA MET H 125 -64.16 44.59 8.30
C MET H 125 -62.95 44.04 7.55
N VAL H 126 -61.86 43.77 8.27
CA VAL H 126 -60.65 43.26 7.66
C VAL H 126 -60.56 41.73 7.52
N GLY H 127 -60.02 41.27 6.40
CA GLY H 127 -59.90 39.84 6.17
C GLY H 127 -58.49 39.35 5.92
N CYS H 128 -58.34 38.02 5.91
CA CYS H 128 -57.05 37.39 5.66
C CYS H 128 -57.27 36.19 4.75
N PHE H 129 -56.19 35.70 4.15
CA PHE H 129 -56.22 34.59 3.22
C PHE H 129 -55.32 33.49 3.76
N GLY H 130 -55.93 32.37 4.15
CA GLY H 130 -55.16 31.27 4.70
C GLY H 130 -55.00 30.08 3.77
N LEU H 131 -53.90 30.06 3.03
CA LEU H 131 -53.61 28.97 2.09
C LEU H 131 -52.38 28.18 2.53
N THR H 132 -51.27 28.89 2.77
CA THR H 132 -50.02 28.27 3.17
C THR H 132 -50.09 27.51 4.49
N GLU H 133 -49.41 26.36 4.51
CA GLU H 133 -49.37 25.54 5.70
C GLU H 133 -47.91 25.22 6.06
N PRO H 134 -47.66 24.80 7.30
CA PRO H 134 -46.34 24.45 7.84
C PRO H 134 -45.40 23.54 7.03
N ASP H 135 -45.95 22.73 6.12
CA ASP H 135 -45.09 21.83 5.37
C ASP H 135 -44.52 22.41 4.07
N GLY H 136 -45.01 23.57 3.66
CA GLY H 136 -44.48 24.16 2.45
C GLY H 136 -45.50 24.77 1.52
N GLY H 137 -45.51 26.11 1.47
CA GLY H 137 -46.43 26.85 0.63
C GLY H 137 -46.20 26.78 -0.86
N SER H 138 -45.09 26.20 -1.29
CA SER H 138 -44.83 26.10 -2.72
C SER H 138 -45.66 24.98 -3.34
N ASP H 139 -46.08 24.03 -2.52
CA ASP H 139 -46.97 22.96 -2.97
C ASP H 139 -48.23 23.26 -2.16
N PRO H 140 -49.13 24.08 -2.72
CA PRO H 140 -50.32 24.38 -1.93
C PRO H 140 -51.26 23.21 -1.78
N TYR H 141 -51.44 22.44 -2.85
CA TYR H 141 -52.35 21.30 -2.83
C TYR H 141 -51.75 20.13 -2.08
N GLY H 142 -50.48 19.85 -2.35
CA GLY H 142 -49.81 18.74 -1.70
C GLY H 142 -49.64 18.87 -0.20
N ASN H 143 -49.46 20.10 0.29
CA ASN H 143 -49.28 20.30 1.73
C ASN H 143 -50.50 20.85 2.47
N MET H 144 -51.64 20.92 1.79
CA MET H 144 -52.87 21.38 2.41
C MET H 144 -53.42 20.23 3.26
N LYS H 145 -53.10 20.24 4.55
CA LYS H 145 -53.55 19.21 5.48
C LYS H 145 -54.79 19.62 6.25
N THR H 146 -55.26 20.84 6.01
CA THR H 146 -56.47 21.33 6.66
C THR H 146 -57.67 20.58 6.07
N ARG H 147 -58.48 19.98 6.94
CA ARG H 147 -59.65 19.23 6.49
C ARG H 147 -60.99 19.90 6.74
N ALA H 148 -61.97 19.52 5.92
CA ALA H 148 -63.33 20.03 6.02
C ALA H 148 -64.28 18.87 5.82
N ARG H 149 -65.05 18.55 6.85
CA ARG H 149 -66.00 17.45 6.75
C ARG H 149 -67.42 17.95 6.96
N ARG H 150 -68.30 17.65 6.01
CA ARG H 150 -69.70 18.06 6.09
C ARG H 150 -70.53 17.07 6.90
N ASP H 153 -75.38 20.08 7.12
CA ASP H 153 -75.38 21.42 6.52
C ASP H 153 -74.40 22.39 7.16
N THR H 154 -73.44 21.87 7.90
CA THR H 154 -72.40 22.70 8.49
C THR H 154 -71.12 21.90 8.28
N TRP H 155 -70.00 22.59 8.20
CA TRP H 155 -68.73 21.91 8.02
C TRP H 155 -67.85 22.08 9.26
N VAL H 156 -67.04 21.06 9.54
CA VAL H 156 -66.13 21.15 10.67
C VAL H 156 -64.72 21.17 10.08
N LEU H 157 -64.00 22.26 10.35
CA LEU H 157 -62.65 22.44 9.82
C LEU H 157 -61.56 22.21 10.86
N ASN H 158 -60.50 21.52 10.46
CA ASN H 158 -59.35 21.21 11.32
C ASN H 158 -58.07 21.36 10.50
N GLY H 159 -57.16 22.18 11.00
CA GLY H 159 -55.91 22.39 10.30
C GLY H 159 -55.16 23.60 10.82
N THR H 160 -54.02 23.87 10.18
CA THR H 160 -53.20 25.00 10.58
C THR H 160 -52.70 25.76 9.36
N LYS H 161 -52.56 27.08 9.52
CA LYS H 161 -52.05 27.91 8.45
C LYS H 161 -50.91 28.71 9.05
N MET H 162 -49.83 28.89 8.28
CA MET H 162 -48.68 29.64 8.74
C MET H 162 -48.44 30.86 7.83
N TRP H 163 -47.87 31.90 8.42
CA TRP H 163 -47.54 33.14 7.74
C TRP H 163 -48.74 33.84 7.10
N ILE H 164 -49.86 33.93 7.80
CA ILE H 164 -51.04 34.56 7.21
C ILE H 164 -51.12 36.06 7.55
N THR H 165 -51.01 36.89 6.52
CA THR H 165 -51.09 38.34 6.69
C THR H 165 -52.48 38.72 7.22
N ASN H 166 -52.55 39.72 8.09
CA ASN H 166 -53.82 40.17 8.68
C ASN H 166 -54.46 39.09 9.56
N GLY H 167 -53.65 38.10 9.93
CA GLY H 167 -54.16 37.02 10.76
C GLY H 167 -54.83 37.49 12.02
N ASN H 168 -54.24 38.47 12.70
CA ASN H 168 -54.82 38.97 13.94
C ASN H 168 -55.68 40.21 13.80
N LEU H 169 -55.83 40.70 12.58
CA LEU H 169 -56.63 41.90 12.37
C LEU H 169 -57.97 41.49 11.77
N ALA H 170 -57.98 40.35 11.11
CA ALA H 170 -59.16 39.86 10.42
C ALA H 170 -60.33 39.37 11.24
N HIS H 171 -61.53 39.66 10.74
CA HIS H 171 -62.79 39.20 11.34
C HIS H 171 -63.20 38.03 10.47
N LEU H 172 -62.79 38.08 9.21
CA LEU H 172 -63.10 37.04 8.25
C LEU H 172 -61.81 36.42 7.76
N ALA H 173 -61.81 35.10 7.67
CA ALA H 173 -60.65 34.35 7.24
C ALA H 173 -61.02 33.40 6.12
N VAL H 174 -60.53 33.68 4.91
CA VAL H 174 -60.81 32.80 3.78
C VAL H 174 -59.89 31.59 3.95
N ILE H 175 -60.44 30.49 4.43
CA ILE H 175 -59.63 29.30 4.62
C ILE H 175 -59.84 28.29 3.49
N TRP H 176 -58.75 27.63 3.11
CA TRP H 176 -58.78 26.61 2.05
C TRP H 176 -58.41 25.28 2.70
N ALA H 177 -59.30 24.31 2.54
CA ALA H 177 -59.09 23.01 3.12
C ALA H 177 -59.55 22.00 2.10
N LYS H 178 -59.37 20.73 2.40
CA LYS H 178 -59.79 19.65 1.52
C LYS H 178 -60.84 18.79 2.23
N ASP H 179 -61.54 17.96 1.45
CA ASP H 179 -62.57 17.07 1.96
C ASP H 179 -62.20 15.62 1.62
N GLU H 183 -60.26 17.26 -2.50
CA GLU H 183 -60.92 18.33 -3.25
C GLU H 183 -60.82 19.67 -2.51
N VAL H 184 -60.31 20.69 -3.19
CA VAL H 184 -60.15 22.01 -2.57
C VAL H 184 -61.42 22.88 -2.54
N LEU H 185 -61.76 23.34 -1.33
CA LEU H 185 -62.92 24.18 -1.10
C LEU H 185 -62.49 25.43 -0.33
N GLY H 186 -63.32 26.48 -0.39
CA GLY H 186 -63.01 27.72 0.30
C GLY H 186 -64.12 28.19 1.22
N PHE H 187 -63.76 28.50 2.46
CA PHE H 187 -64.72 28.95 3.45
C PHE H 187 -64.48 30.37 3.98
N LEU H 188 -65.57 31.09 4.25
CA LEU H 188 -65.49 32.43 4.82
C LEU H 188 -65.73 32.20 6.32
N VAL H 189 -64.62 31.93 7.00
CA VAL H 189 -64.59 31.63 8.42
C VAL H 189 -64.46 32.86 9.32
N PRO H 190 -65.48 33.12 10.14
CA PRO H 190 -65.40 34.28 11.04
C PRO H 190 -64.28 33.95 12.02
N THR H 191 -63.51 34.94 12.44
CA THR H 191 -62.41 34.64 13.33
C THR H 191 -62.80 34.44 14.78
N ASP H 192 -64.05 34.74 15.13
CA ASP H 192 -64.45 34.55 16.51
C ASP H 192 -65.23 33.27 16.76
N THR H 193 -65.46 32.48 15.72
CA THR H 193 -66.18 31.22 15.89
C THR H 193 -65.28 30.34 16.74
N PRO H 194 -65.84 29.68 17.77
CA PRO H 194 -65.02 28.82 18.62
C PRO H 194 -64.18 27.77 17.90
N GLY H 195 -62.99 27.54 18.43
CA GLY H 195 -62.06 26.58 17.88
C GLY H 195 -61.07 27.19 16.93
N PHE H 196 -61.18 28.50 16.70
CA PHE H 196 -60.30 29.22 15.78
C PHE H 196 -59.36 30.14 16.54
N GLN H 197 -58.06 29.89 16.43
CA GLN H 197 -57.08 30.71 17.13
C GLN H 197 -56.07 31.32 16.18
N ALA H 198 -55.76 32.60 16.39
CA ALA H 198 -54.78 33.31 15.57
C ALA H 198 -53.68 33.84 16.47
N ARG H 199 -52.46 33.39 16.23
CA ARG H 199 -51.33 33.86 17.03
C ARG H 199 -50.31 34.52 16.12
N GLU H 200 -49.89 35.72 16.49
CA GLU H 200 -48.93 36.49 15.70
C GLU H 200 -47.53 35.88 15.72
N VAL H 201 -46.80 36.10 14.63
CA VAL H 201 -45.44 35.62 14.48
C VAL H 201 -44.49 36.69 15.00
N LYS H 202 -43.55 36.30 15.85
CA LYS H 202 -42.61 37.24 16.44
C LYS H 202 -41.21 37.04 15.88
N ARG H 203 -40.34 38.01 16.18
CA ARG H 203 -38.95 37.97 15.74
C ARG H 203 -38.81 38.11 14.22
N LYS H 204 -39.66 38.93 13.62
CA LYS H 204 -39.65 39.19 12.18
C LYS H 204 -38.63 40.28 11.83
N MET H 205 -37.72 39.96 10.91
CA MET H 205 -36.73 40.92 10.44
C MET H 205 -37.09 41.45 9.06
N SER H 206 -38.32 41.15 8.64
CA SER H 206 -38.82 41.54 7.32
C SER H 206 -40.34 41.77 7.36
N LEU H 207 -40.82 42.76 6.62
CA LEU H 207 -42.24 43.08 6.58
C LEU H 207 -42.79 43.28 8.01
N ARG H 208 -42.03 44.06 8.78
CA ARG H 208 -42.37 44.35 10.18
C ARG H 208 -43.59 45.27 10.33
N ALA H 209 -43.84 46.11 9.32
CA ALA H 209 -45.01 47.01 9.33
C ALA H 209 -46.18 46.23 8.72
N SER H 210 -46.58 45.17 9.41
CA SER H 210 -47.63 44.27 8.94
C SER H 210 -47.80 43.15 9.97
N VAL H 211 -49.02 42.63 10.12
CA VAL H 211 -49.23 41.57 11.08
C VAL H 211 -49.29 40.24 10.35
N THR H 212 -48.49 39.30 10.85
CA THR H 212 -48.40 37.97 10.29
C THR H 212 -48.77 37.02 11.41
N SER H 213 -49.66 36.09 11.12
CA SER H 213 -50.11 35.18 12.16
C SER H 213 -50.10 33.70 11.78
N GLU H 214 -50.36 32.87 12.77
CA GLU H 214 -50.44 31.44 12.56
C GLU H 214 -51.89 31.16 12.93
N LEU H 215 -52.60 30.48 12.04
CA LEU H 215 -53.99 30.18 12.28
C LEU H 215 -54.12 28.72 12.70
N VAL H 216 -54.84 28.50 13.77
CA VAL H 216 -55.07 27.15 14.26
C VAL H 216 -56.57 26.93 14.35
N LEU H 217 -57.07 26.02 13.51
CA LEU H 217 -58.49 25.70 13.48
C LEU H 217 -58.71 24.34 14.08
N GLU H 218 -59.31 24.34 15.25
CA GLU H 218 -59.58 23.14 16.00
C GLU H 218 -61.10 22.92 16.05
N GLU H 219 -61.57 21.94 15.29
CA GLU H 219 -62.99 21.62 15.24
C GLU H 219 -63.84 22.88 15.06
N VAL H 220 -63.49 23.70 14.06
CA VAL H 220 -64.21 24.94 13.78
C VAL H 220 -65.47 24.67 12.92
N ARG H 221 -66.61 25.10 13.44
CA ARG H 221 -67.91 24.90 12.78
C ARG H 221 -68.23 26.04 11.83
N VAL H 222 -68.58 25.72 10.59
CA VAL H 222 -68.91 26.73 9.58
C VAL H 222 -70.10 26.27 8.74
N PRO H 223 -71.15 27.09 8.66
CA PRO H 223 -72.35 26.76 7.88
C PRO H 223 -72.03 26.68 6.39
N GLU H 224 -72.86 25.96 5.63
CA GLU H 224 -72.66 25.83 4.20
C GLU H 224 -72.88 27.19 3.56
N SER H 225 -73.63 28.04 4.25
CA SER H 225 -73.94 29.38 3.77
C SER H 225 -72.69 30.23 3.82
N LEU H 226 -71.64 29.69 4.43
CA LEU H 226 -70.39 30.42 4.54
C LEU H 226 -69.27 29.81 3.72
N ARG H 227 -69.61 28.80 2.92
CA ARG H 227 -68.63 28.19 2.04
C ARG H 227 -68.80 28.89 0.71
N LEU H 228 -67.69 29.13 0.02
CA LEU H 228 -67.74 29.80 -1.28
C LEU H 228 -68.29 28.78 -2.30
N PRO H 229 -69.53 29.00 -2.77
CA PRO H 229 -70.18 28.11 -3.74
C PRO H 229 -69.39 27.77 -5.00
N LYS H 230 -68.96 28.79 -5.73
CA LYS H 230 -68.21 28.57 -6.95
C LYS H 230 -66.75 28.19 -6.74
N ALA H 231 -66.24 28.32 -5.52
CA ALA H 231 -64.84 27.98 -5.24
C ALA H 231 -64.61 26.47 -5.27
N LEU H 232 -64.06 26.00 -6.39
CA LEU H 232 -63.81 24.57 -6.60
C LEU H 232 -62.42 24.28 -7.14
N GLY H 233 -61.62 23.55 -6.38
CA GLY H 233 -60.28 23.19 -6.84
C GLY H 233 -59.16 24.18 -6.53
N LEU H 234 -57.92 23.74 -6.80
CA LEU H 234 -56.72 24.55 -6.55
C LEU H 234 -56.80 25.85 -7.32
N LYS H 235 -57.47 25.78 -8.48
CA LYS H 235 -57.64 26.94 -9.36
C LYS H 235 -58.30 28.16 -8.70
N ALA H 236 -59.15 27.94 -7.71
CA ALA H 236 -59.82 29.05 -7.04
C ALA H 236 -58.83 29.90 -6.25
N PRO H 237 -58.07 29.28 -5.32
CA PRO H 237 -57.11 30.09 -4.56
C PRO H 237 -56.02 30.64 -5.45
N LEU H 238 -55.62 29.85 -6.45
CA LEU H 238 -54.58 30.28 -7.39
C LEU H 238 -54.98 31.54 -8.14
N SER H 239 -56.24 31.62 -8.54
CA SER H 239 -56.73 32.80 -9.26
C SER H 239 -56.58 34.00 -8.35
N CYS H 240 -56.68 33.76 -7.05
CA CYS H 240 -56.54 34.82 -6.08
C CYS H 240 -55.09 35.27 -6.07
N LEU H 241 -54.16 34.33 -6.17
CA LEU H 241 -52.76 34.69 -6.16
C LEU H 241 -52.43 35.46 -7.43
N THR H 242 -52.94 35.01 -8.57
CA THR H 242 -52.70 35.73 -9.83
C THR H 242 -53.10 37.20 -9.70
N GLN H 243 -54.25 37.46 -9.05
CA GLN H 243 -54.73 38.83 -8.85
C GLN H 243 -53.77 39.61 -7.98
N ALA H 244 -53.42 39.01 -6.84
CA ALA H 244 -52.49 39.63 -5.89
C ALA H 244 -51.13 39.84 -6.57
N ARG H 245 -50.66 38.84 -7.30
CA ARG H 245 -49.37 38.93 -7.99
C ARG H 245 -49.31 40.10 -8.98
N PHE H 246 -50.46 40.45 -9.56
CA PHE H 246 -50.53 41.56 -10.51
C PHE H 246 -50.14 42.87 -9.79
N GLY H 247 -50.82 43.17 -8.69
CA GLY H 247 -50.52 44.39 -7.95
C GLY H 247 -49.09 44.44 -7.45
N ILE H 248 -48.56 43.28 -7.07
CA ILE H 248 -47.19 43.18 -6.57
C ILE H 248 -46.16 43.50 -7.64
N ALA H 249 -46.41 43.07 -8.87
CA ALA H 249 -45.46 43.35 -9.96
C ALA H 249 -45.34 44.87 -10.12
N TRP H 250 -46.43 45.57 -9.79
CA TRP H 250 -46.49 47.03 -9.86
C TRP H 250 -45.82 47.65 -8.65
N GLY H 251 -46.20 47.21 -7.46
CA GLY H 251 -45.61 47.75 -6.24
C GLY H 251 -44.10 47.60 -6.22
N ALA H 252 -43.60 46.48 -6.71
CA ALA H 252 -42.16 46.21 -6.76
C ALA H 252 -41.42 47.37 -7.43
N MET H 253 -42.00 47.88 -8.51
CA MET H 253 -41.42 49.00 -9.24
C MET H 253 -41.44 50.27 -8.41
N GLY H 254 -42.40 50.36 -7.50
CA GLY H 254 -42.51 51.52 -6.63
C GLY H 254 -41.38 51.59 -5.60
N ALA H 255 -41.09 50.46 -4.98
CA ALA H 255 -40.02 50.40 -3.99
C ALA H 255 -38.69 50.60 -4.72
N LEU H 256 -38.65 50.21 -5.99
CA LEU H 256 -37.43 50.37 -6.78
C LEU H 256 -37.15 51.86 -6.96
N GLU H 257 -38.21 52.62 -7.24
CA GLU H 257 -38.04 54.06 -7.43
C GLU H 257 -37.50 54.69 -6.15
N ALA H 258 -38.03 54.22 -5.02
CA ALA H 258 -37.61 54.72 -3.71
C ALA H 258 -36.13 54.50 -3.41
N VAL H 259 -35.63 53.28 -3.62
CA VAL H 259 -34.23 53.03 -3.32
C VAL H 259 -33.31 53.68 -4.36
N TYR H 260 -33.78 53.71 -5.59
CA TYR H 260 -33.03 54.31 -6.69
C TYR H 260 -32.92 55.81 -6.44
N GLU H 261 -34.05 56.43 -6.17
CA GLU H 261 -34.08 57.87 -5.94
C GLU H 261 -33.16 58.29 -4.80
N GLU H 262 -33.14 57.49 -3.76
CA GLU H 262 -32.31 57.77 -2.61
C GLU H 262 -30.83 57.49 -2.89
N ALA H 263 -30.57 56.50 -3.73
CA ALA H 263 -29.19 56.17 -4.05
C ALA H 263 -28.48 57.26 -4.85
N VAL H 264 -29.13 57.79 -5.89
CA VAL H 264 -28.49 58.84 -6.71
C VAL H 264 -28.32 60.13 -5.90
N ALA H 265 -29.29 60.45 -5.07
CA ALA H 265 -29.21 61.65 -4.26
C ALA H 265 -27.96 61.53 -3.39
N PHE H 266 -27.84 60.38 -2.70
CA PHE H 266 -26.70 60.10 -1.85
C PHE H 266 -25.40 60.12 -2.67
N ALA H 267 -25.42 59.50 -3.85
CA ALA H 267 -24.24 59.42 -4.71
C ALA H 267 -23.82 60.80 -5.16
N LYS H 268 -24.80 61.68 -5.34
CA LYS H 268 -24.51 63.03 -5.79
C LYS H 268 -23.97 63.95 -4.71
N SER H 269 -24.41 63.75 -3.48
CA SER H 269 -24.00 64.61 -2.36
C SER H 269 -22.76 64.18 -1.59
N ARG H 270 -22.11 63.14 -2.07
CA ARG H 270 -21.01 62.59 -1.36
C ARG H 270 -19.81 62.47 -2.27
N SER H 271 -18.62 62.81 -1.80
CA SER H 271 -17.49 62.68 -2.71
C SER H 271 -16.33 61.90 -2.14
N THR H 272 -15.47 61.43 -3.04
CA THR H 272 -14.33 60.65 -2.60
C THR H 272 -13.02 61.23 -3.11
N PHE H 273 -12.21 60.47 -3.84
CA PHE H 273 -10.97 60.96 -4.33
C PHE H 273 -11.24 62.11 -5.26
N GLY H 274 -11.90 63.13 -4.70
CA GLY H 274 -12.20 64.35 -5.40
C GLY H 274 -13.29 64.46 -6.47
N GLU H 275 -14.24 63.53 -6.57
CA GLU H 275 -15.28 63.67 -7.56
C GLU H 275 -16.41 63.38 -6.61
N PRO H 276 -17.59 63.17 -7.13
CA PRO H 276 -18.52 62.85 -6.02
C PRO H 276 -18.83 61.39 -6.37
N LEU H 277 -19.44 60.67 -5.43
CA LEU H 277 -19.72 59.27 -5.73
C LEU H 277 -20.36 59.06 -7.08
N ALA H 278 -21.28 59.95 -7.43
CA ALA H 278 -22.02 59.85 -8.69
C ALA H 278 -21.19 59.90 -9.96
N LYS H 279 -19.93 60.30 -9.86
CA LYS H 279 -19.08 60.38 -11.04
C LYS H 279 -18.22 59.14 -11.26
N LYS H 280 -18.30 58.18 -10.35
CA LYS H 280 -17.50 56.97 -10.48
C LYS H 280 -18.20 55.92 -11.37
N GLN H 281 -17.43 55.29 -12.25
CA GLN H 281 -17.97 54.28 -13.15
C GLN H 281 -18.70 53.16 -12.43
N LEU H 282 -18.09 52.64 -11.38
CA LEU H 282 -18.70 51.53 -10.68
C LEU H 282 -20.02 51.88 -10.00
N VAL H 283 -20.17 53.13 -9.56
CA VAL H 283 -21.44 53.51 -8.94
C VAL H 283 -22.46 53.83 -10.02
N GLN H 284 -22.00 54.46 -11.10
CA GLN H 284 -22.90 54.80 -12.21
C GLN H 284 -23.49 53.54 -12.80
N ALA H 285 -22.68 52.49 -12.91
CA ALA H 285 -23.13 51.22 -13.46
C ALA H 285 -24.31 50.67 -12.67
N LYS H 286 -24.23 50.78 -11.34
CA LYS H 286 -25.27 50.28 -10.45
C LYS H 286 -26.59 51.02 -10.64
N LEU H 287 -26.50 52.34 -10.76
CA LEU H 287 -27.68 53.19 -10.97
C LEU H 287 -28.29 52.90 -12.33
N ALA H 288 -27.43 52.79 -13.36
CA ALA H 288 -27.87 52.52 -14.74
C ALA H 288 -28.69 51.25 -14.74
N GLU H 289 -28.19 50.24 -14.05
CA GLU H 289 -28.89 48.96 -13.96
C GLU H 289 -30.25 49.15 -13.28
N MET H 290 -30.27 49.96 -12.22
CA MET H 290 -31.50 50.23 -11.49
C MET H 290 -32.53 50.94 -12.35
N LEU H 291 -32.06 51.87 -13.20
CA LEU H 291 -32.94 52.57 -14.10
C LEU H 291 -33.44 51.65 -15.20
N ALA H 292 -32.55 50.83 -15.75
CA ALA H 292 -32.93 49.89 -16.81
C ALA H 292 -34.01 48.95 -16.30
N TRP H 293 -33.80 48.37 -15.11
CA TRP H 293 -34.77 47.43 -14.55
C TRP H 293 -36.12 48.07 -14.30
N HIS H 294 -36.10 49.29 -13.80
CA HIS H 294 -37.32 49.98 -13.53
C HIS H 294 -38.15 50.20 -14.79
N THR H 295 -37.47 50.60 -15.87
CA THR H 295 -38.13 50.85 -17.15
C THR H 295 -38.73 49.57 -17.71
N GLU H 296 -37.97 48.48 -17.61
CA GLU H 296 -38.41 47.18 -18.08
C GLU H 296 -39.63 46.75 -17.27
N GLY H 297 -39.54 46.92 -15.95
CA GLY H 297 -40.62 46.54 -15.04
C GLY H 297 -41.92 47.28 -15.25
N LEU H 298 -41.88 48.58 -15.52
CA LEU H 298 -43.10 49.34 -15.74
C LEU H 298 -43.82 48.90 -17.01
N LEU H 299 -43.06 48.58 -18.05
CA LEU H 299 -43.65 48.13 -19.29
C LEU H 299 -44.38 46.79 -19.08
N LEU H 300 -43.75 45.88 -18.35
CA LEU H 300 -44.36 44.58 -18.08
C LEU H 300 -45.66 44.79 -17.31
N ALA H 301 -45.60 45.66 -16.29
CA ALA H 301 -46.76 45.95 -15.44
C ALA H 301 -47.89 46.63 -16.22
N TRP H 302 -47.52 47.59 -17.04
CA TRP H 302 -48.47 48.31 -17.87
C TRP H 302 -49.14 47.36 -18.86
N ARG H 303 -48.33 46.57 -19.58
CA ARG H 303 -48.84 45.63 -20.58
C ARG H 303 -49.77 44.59 -19.97
N LEU H 304 -49.44 44.17 -18.75
CA LEU H 304 -50.24 43.17 -18.06
C LEU H 304 -51.56 43.78 -17.61
N ALA H 305 -51.54 45.07 -17.28
CA ALA H 305 -52.75 45.79 -16.84
C ALA H 305 -53.78 45.86 -17.97
N ARG H 306 -53.31 46.17 -19.18
CA ARG H 306 -54.21 46.26 -20.32
C ARG H 306 -54.75 44.88 -20.68
N LEU H 307 -53.88 43.89 -20.75
CA LEU H 307 -54.32 42.53 -21.06
C LEU H 307 -55.36 42.09 -20.02
N LYS H 308 -55.16 42.53 -18.78
CA LYS H 308 -56.05 42.16 -17.69
C LYS H 308 -57.46 42.67 -17.90
N ASP H 309 -57.57 43.96 -18.22
CA ASP H 309 -58.89 44.55 -18.43
C ASP H 309 -59.62 44.05 -19.66
N GLU H 310 -58.87 43.60 -20.66
CA GLU H 310 -59.49 43.08 -21.86
C GLU H 310 -59.73 41.58 -21.75
N GLY H 311 -59.52 41.05 -20.54
CA GLY H 311 -59.74 39.64 -20.25
C GLY H 311 -58.86 38.62 -20.94
N LYS H 312 -57.64 39.01 -21.31
CA LYS H 312 -56.74 38.10 -22.00
C LYS H 312 -55.49 37.77 -21.21
N LEU H 313 -55.44 38.23 -19.97
CA LEU H 313 -54.29 37.98 -19.10
C LEU H 313 -54.25 36.54 -18.62
N THR H 314 -53.09 35.89 -18.70
CA THR H 314 -52.98 34.52 -18.23
C THR H 314 -52.09 34.47 -16.99
N PRO H 315 -52.19 33.39 -16.19
CA PRO H 315 -51.37 33.27 -14.97
C PRO H 315 -49.87 33.23 -15.26
N ALA H 316 -49.47 32.54 -16.32
CA ALA H 316 -48.06 32.45 -16.67
C ALA H 316 -47.53 33.84 -16.95
N GLN H 317 -48.32 34.64 -17.64
CA GLN H 317 -47.90 36.01 -17.93
C GLN H 317 -47.68 36.77 -16.63
N VAL H 318 -48.58 36.58 -15.66
CA VAL H 318 -48.48 37.23 -14.36
C VAL H 318 -47.27 36.72 -13.61
N SER H 319 -47.03 35.42 -13.68
CA SER H 319 -45.86 34.83 -13.02
C SER H 319 -44.57 35.50 -13.52
N LEU H 320 -44.52 35.76 -14.83
CA LEU H 320 -43.34 36.38 -15.42
C LEU H 320 -43.05 37.73 -14.80
N ALA H 321 -44.07 38.58 -14.76
CA ALA H 321 -43.94 39.93 -14.22
C ALA H 321 -43.61 39.98 -12.72
N LYS H 322 -44.19 39.09 -11.93
CA LYS H 322 -43.92 39.09 -10.51
C LYS H 322 -42.49 38.66 -10.28
N ARG H 323 -42.12 37.53 -10.89
CA ARG H 323 -40.77 36.98 -10.79
C ARG H 323 -39.71 38.03 -11.15
N GLN H 324 -39.80 38.59 -12.35
CA GLN H 324 -38.84 39.58 -12.84
C GLN H 324 -38.78 40.87 -12.04
N ASN H 325 -39.92 41.49 -11.80
CA ASN H 325 -39.96 42.76 -11.08
C ASN H 325 -39.53 42.69 -9.63
N VAL H 326 -39.95 41.65 -8.90
CA VAL H 326 -39.56 41.53 -7.51
C VAL H 326 -38.07 41.22 -7.39
N TRP H 327 -37.56 40.36 -8.29
CA TRP H 327 -36.16 40.00 -8.28
C TRP H 327 -35.33 41.25 -8.52
N LYS H 328 -35.76 42.05 -9.48
CA LYS H 328 -35.06 43.28 -9.81
C LYS H 328 -35.06 44.26 -8.64
N ALA H 329 -36.22 44.40 -8.00
CA ALA H 329 -36.36 45.29 -6.86
C ALA H 329 -35.49 44.81 -5.69
N LEU H 330 -35.45 43.49 -5.47
CA LEU H 330 -34.63 42.97 -4.40
C LEU H 330 -33.15 43.26 -4.71
N GLN H 331 -32.72 42.97 -5.94
CA GLN H 331 -31.33 43.21 -6.32
C GLN H 331 -31.00 44.69 -6.17
N ALA H 332 -31.90 45.56 -6.62
CA ALA H 332 -31.66 47.00 -6.55
C ALA H 332 -31.56 47.53 -5.14
N ALA H 333 -32.32 46.93 -4.22
CA ALA H 333 -32.30 47.36 -2.84
C ALA H 333 -30.95 47.03 -2.22
N ARG H 334 -30.41 45.89 -2.62
CA ARG H 334 -29.13 45.46 -2.12
C ARG H 334 -28.05 46.38 -2.69
N MET H 335 -28.11 46.64 -3.99
CA MET H 335 -27.13 47.51 -4.62
C MET H 335 -27.13 48.88 -3.95
N ALA H 336 -28.33 49.39 -3.65
CA ALA H 336 -28.47 50.68 -3.00
C ALA H 336 -27.90 50.71 -1.58
N ARG H 337 -28.07 49.62 -0.84
CA ARG H 337 -27.52 49.56 0.52
C ARG H 337 -26.01 49.60 0.35
N ASP H 338 -25.50 48.87 -0.64
CA ASP H 338 -24.06 48.82 -0.93
C ASP H 338 -23.59 50.24 -1.20
N ILE H 339 -24.34 50.97 -2.01
CA ILE H 339 -23.99 52.34 -2.37
C ILE H 339 -24.01 53.30 -1.17
N LEU H 340 -24.89 53.05 -0.21
CA LEU H 340 -24.98 53.90 0.95
C LEU H 340 -23.85 53.68 1.94
N GLY H 341 -23.24 52.49 1.88
CA GLY H 341 -22.15 52.18 2.80
C GLY H 341 -22.63 52.04 4.23
N GLY H 342 -21.81 52.50 5.16
CA GLY H 342 -22.16 52.42 6.57
C GLY H 342 -23.50 53.04 6.87
N SER H 343 -23.79 54.15 6.20
CA SER H 343 -25.04 54.83 6.40
C SER H 343 -26.24 53.95 6.05
N GLY H 344 -26.05 52.96 5.18
CA GLY H 344 -27.18 52.13 4.79
C GLY H 344 -27.64 51.04 5.74
N ILE H 345 -26.90 50.80 6.82
CA ILE H 345 -27.27 49.74 7.74
C ILE H 345 -28.22 50.23 8.82
N THR H 346 -28.56 51.51 8.74
CA THR H 346 -29.44 52.09 9.71
C THR H 346 -30.75 52.49 9.05
N LEU H 347 -31.85 52.40 9.80
CA LEU H 347 -33.16 52.74 9.27
C LEU H 347 -33.29 54.23 8.97
N GLU H 348 -32.16 54.92 8.96
CA GLU H 348 -32.15 56.32 8.65
C GLU H 348 -32.34 56.47 7.12
N TYR H 349 -32.11 55.38 6.38
CA TYR H 349 -32.20 55.44 4.93
C TYR H 349 -33.20 54.67 4.09
N HIS H 350 -34.11 53.91 4.65
CA HIS H 350 -35.07 53.21 3.77
C HIS H 350 -34.50 52.05 2.96
N ALA H 351 -33.38 52.29 2.28
CA ALA H 351 -32.78 51.27 1.44
C ALA H 351 -32.81 49.88 2.08
N ILE H 352 -32.39 49.79 3.35
CA ILE H 352 -32.34 48.50 4.01
C ILE H 352 -33.71 47.98 4.46
N ARG H 353 -34.64 48.90 4.75
CA ARG H 353 -35.99 48.51 5.13
C ARG H 353 -36.65 47.86 3.91
N HIS H 354 -36.47 48.48 2.74
CA HIS H 354 -37.02 47.92 1.51
C HIS H 354 -36.28 46.63 1.16
N MET H 355 -34.98 46.60 1.42
CA MET H 355 -34.16 45.44 1.12
C MET H 355 -34.62 44.22 1.91
N LEU H 356 -35.00 44.45 3.16
CA LEU H 356 -35.54 43.37 4.01
C LEU H 356 -36.96 43.00 3.65
N ASN H 357 -37.81 44.01 3.45
CA ASN H 357 -39.20 43.78 3.07
C ASN H 357 -39.28 42.98 1.79
N LEU H 358 -38.47 43.33 0.79
CA LEU H 358 -38.49 42.64 -0.50
C LEU H 358 -38.08 41.18 -0.44
N GLU H 359 -37.41 40.80 0.64
CA GLU H 359 -36.96 39.43 0.81
C GLU H 359 -38.23 38.58 0.97
N THR H 360 -39.24 39.15 1.63
CA THR H 360 -40.53 38.51 1.84
C THR H 360 -41.34 38.45 0.55
N VAL H 361 -41.44 39.59 -0.12
CA VAL H 361 -42.17 39.68 -1.37
C VAL H 361 -41.56 38.68 -2.36
N TYR H 362 -40.25 38.55 -2.29
CA TYR H 362 -39.47 37.65 -3.14
C TYR H 362 -39.86 36.21 -2.85
N THR H 363 -40.40 35.99 -1.66
CA THR H 363 -40.80 34.64 -1.23
C THR H 363 -42.29 34.32 -1.34
N TYR H 364 -43.16 35.16 -0.79
CA TYR H 364 -44.58 34.83 -0.87
C TYR H 364 -45.23 35.07 -2.23
N GLU H 365 -46.47 34.61 -2.38
CA GLU H 365 -47.19 34.75 -3.64
C GLU H 365 -46.39 34.04 -4.73
N GLY H 366 -45.77 32.93 -4.33
CA GLY H 366 -44.98 32.15 -5.26
C GLY H 366 -43.54 32.62 -5.23
N THR H 367 -42.63 31.72 -4.87
CA THR H 367 -41.20 32.07 -4.80
C THR H 367 -40.64 32.26 -6.19
N HIS H 368 -39.44 32.81 -6.26
CA HIS H 368 -38.79 33.03 -7.53
C HIS H 368 -38.79 31.74 -8.32
N ASP H 369 -38.39 30.65 -7.66
CA ASP H 369 -38.32 29.36 -8.32
C ASP H 369 -39.62 28.75 -8.81
N VAL H 370 -40.71 28.89 -8.06
CA VAL H 370 -41.96 28.32 -8.52
C VAL H 370 -42.40 29.02 -9.79
N HIS H 371 -42.15 30.32 -9.89
CA HIS H 371 -42.54 31.06 -11.08
C HIS H 371 -41.69 30.60 -12.24
N THR H 372 -40.42 30.33 -11.94
CA THR H 372 -39.53 29.83 -12.97
C THR H 372 -40.16 28.56 -13.53
N LEU H 373 -40.59 27.68 -12.63
CA LEU H 373 -41.21 26.42 -13.01
C LEU H 373 -42.50 26.64 -13.81
N VAL H 374 -43.28 27.66 -13.42
CA VAL H 374 -44.53 27.99 -14.10
C VAL H 374 -44.19 28.27 -15.55
N LEU H 375 -43.28 29.21 -15.74
CA LEU H 375 -42.86 29.56 -17.09
C LEU H 375 -42.28 28.32 -17.78
N GLY H 376 -41.45 27.56 -17.06
CA GLY H 376 -40.85 26.38 -17.62
C GLY H 376 -41.86 25.38 -18.15
N ARG H 377 -42.91 25.14 -17.37
CA ARG H 377 -43.95 24.20 -17.78
C ARG H 377 -44.73 24.76 -18.96
N GLU H 378 -44.96 26.06 -18.95
CA GLU H 378 -45.70 26.71 -20.03
C GLU H 378 -44.94 26.67 -21.34
N ILE H 379 -43.62 26.72 -21.25
CA ILE H 379 -42.76 26.71 -22.43
C ILE H 379 -42.56 25.32 -23.03
N THR H 380 -42.36 24.33 -22.16
CA THR H 380 -42.11 22.95 -22.58
C THR H 380 -43.31 22.02 -22.54
N GLY H 381 -44.29 22.37 -21.73
CA GLY H 381 -45.45 21.51 -21.62
C GLY H 381 -45.16 20.39 -20.66
N LEU H 382 -43.98 20.45 -20.04
CA LEU H 382 -43.57 19.42 -19.07
C LEU H 382 -43.54 19.98 -17.65
N ASN H 383 -44.06 19.19 -16.72
CA ASN H 383 -44.11 19.61 -15.33
C ASN H 383 -42.83 19.21 -14.62
N ALA H 384 -42.11 20.20 -14.10
CA ALA H 384 -40.86 19.90 -13.42
C ALA H 384 -40.85 20.24 -11.93
N PHE H 385 -42.00 20.60 -11.37
CA PHE H 385 -42.08 20.93 -9.94
C PHE H 385 -41.70 19.70 -9.12
PA FAD I . 31.00 -23.15 -5.94
O1A FAD I . 32.38 -22.55 -5.84
O2A FAD I . 29.80 -22.29 -6.25
O5B FAD I . 30.75 -23.99 -4.57
C5B FAD I . 31.64 -24.78 -3.97
C4B FAD I . 31.40 -25.15 -2.53
O4B FAD I . 31.06 -23.84 -1.69
C3B FAD I . 29.87 -25.65 -2.42
O3B FAD I . 29.85 -26.44 -1.24
C2B FAD I . 28.93 -24.51 -1.97
O2B FAD I . 27.96 -24.92 -1.08
C1B FAD I . 29.89 -23.72 -1.11
N9A FAD I . 29.40 -22.27 -1.18
C8A FAD I . 29.32 -21.52 -2.26
N7A FAD I . 28.87 -20.28 -1.86
C5A FAD I . 28.69 -20.29 -0.51
C6A FAD I . 28.24 -19.33 0.45
N6A FAD I . 27.89 -18.09 0.09
N1A FAD I . 28.19 -19.69 1.78
C2A FAD I . 28.54 -20.95 2.19
N3A FAD I . 28.96 -21.88 1.28
C4A FAD I . 29.05 -21.58 -0.07
N1 FAD I . 24.91 -24.97 -14.47
C2 FAD I . 24.08 -24.39 -15.41
O2 FAD I . 23.88 -23.17 -15.39
N3 FAD I . 23.49 -25.16 -16.38
C4 FAD I . 23.70 -26.52 -16.42
O4 FAD I . 23.16 -27.20 -17.32
C4X FAD I . 24.54 -27.13 -15.47
N5 FAD I . 24.79 -28.49 -15.52
C5X FAD I . 25.64 -29.08 -14.61
C6 FAD I . 25.91 -30.47 -14.71
C7 FAD I . 26.81 -31.10 -13.81
C7M FAD I . 27.06 -32.58 -13.98
C8 FAD I . 27.45 -30.32 -12.79
C8M FAD I . 28.42 -30.90 -11.79
C9 FAD I . 27.17 -28.94 -12.70
C9A FAD I . 26.28 -28.28 -13.60
N10 FAD I . 26.01 -26.91 -13.55
C10 FAD I . 25.16 -26.32 -14.48
C1' FAD I . 26.64 -26.03 -12.56
C2' FAD I . 26.18 -26.24 -11.15
O2' FAD I . 24.96 -25.54 -10.94
C3' FAD I . 27.29 -25.79 -10.26
O3' FAD I . 28.20 -26.87 -10.11
C4' FAD I . 26.84 -25.36 -8.86
O4' FAD I . 26.32 -24.03 -8.88
C5' FAD I . 28.00 -25.40 -7.89
O5' FAD I . 28.86 -24.30 -8.12
P FAD I . 30.43 -24.43 -8.45
O1P FAD I . 30.77 -25.77 -9.01
O2P FAD I . 30.82 -23.23 -9.28
O3P FAD I . 31.10 -24.38 -6.99
PA FAD J . 13.15 -50.90 28.29
O1A FAD J . 14.00 -51.78 29.18
O2A FAD J . 11.96 -51.43 27.56
O5B FAD J . 14.14 -50.16 27.25
C5B FAD J . 15.33 -49.64 27.51
C4B FAD J . 16.26 -49.36 26.36
O4B FAD J . 16.35 -50.64 25.40
C3B FAD J . 15.40 -48.57 25.25
O3B FAD J . 16.37 -47.89 24.47
C2B FAD J . 14.83 -49.52 24.17
O2B FAD J . 14.87 -48.99 22.90
C1B FAD J . 15.91 -50.55 24.17
N9A FAD J . 15.27 -51.88 23.76
C8A FAD J . 14.28 -52.50 24.41
N7A FAD J . 13.99 -53.62 23.71
C5A FAD J . 14.81 -53.68 22.60
C6A FAD J . 14.98 -54.59 21.50
N6A FAD J . 14.23 -55.70 21.40
N1A FAD J . 15.92 -54.33 20.55
C2A FAD J . 16.70 -53.21 20.62
N3A FAD J . 16.57 -52.32 21.65
C4A FAD J . 15.62 -52.54 22.64
N1 FAD J . 3.40 -47.08 30.02
C2 FAD J . 2.07 -47.40 30.01
O2 FAD J . 1.69 -48.56 29.74
N3 FAD J . 1.14 -46.44 30.30
C4 FAD J . 1.52 -45.16 30.61
O4 FAD J . 0.64 -44.31 30.89
C4X FAD J . 2.89 -44.81 30.64
N5 FAD J . 3.31 -43.53 30.97
C5X FAD J . 4.66 -43.21 31.02
C6 FAD J . 5.06 -41.91 31.41
C7 FAD J . 6.42 -41.58 31.49
C7M FAD J . 6.76 -40.18 31.93
C8 FAD J . 7.43 -42.57 31.17
C8M FAD J . 8.91 -42.32 31.23
C9 FAD J . 7.02 -43.86 30.79
C9A FAD J . 5.64 -44.22 30.71
N10 FAD J . 5.20 -45.51 30.35
C10 FAD J . 3.85 -45.81 30.33
C1' FAD J . 6.15 -46.58 30.04
C2' FAD J . 6.92 -46.36 28.77
O2' FAD J . 6.11 -46.78 27.67
C3' FAD J . 8.22 -47.12 28.91
O3' FAD J . 9.19 -46.26 29.54
C4' FAD J . 8.80 -47.60 27.58
O4' FAD J . 8.15 -48.81 27.17
C5' FAD J . 10.27 -47.91 27.71
O5' FAD J . 10.41 -49.14 28.36
P FAD J . 11.21 -49.32 29.72
O1P FAD J . 11.28 -48.01 30.44
O2P FAD J . 10.63 -50.49 30.47
O3P FAD J . 12.70 -49.62 29.17
PA FAD K . 28.28 -59.20 3.63
O1A FAD K . 27.07 -59.91 3.09
O2A FAD K . 29.23 -59.86 4.61
O5B FAD K . 27.79 -57.79 4.22
C5B FAD K . 26.88 -56.96 3.67
C4B FAD K . 26.24 -55.91 4.55
O4B FAD K . 25.73 -56.59 5.89
C3B FAD K . 27.46 -55.17 5.33
O3B FAD K . 26.91 -53.91 5.71
C2B FAD K . 27.68 -55.78 6.75
O2B FAD K . 27.95 -54.84 7.71
C1B FAD K . 26.28 -56.21 7.06
N9A FAD K . 26.36 -57.40 8.01
C8A FAD K . 26.96 -58.58 7.70
N7A FAD K . 26.82 -59.37 8.80
C5A FAD K . 26.12 -58.66 9.80
C6A FAD K . 25.70 -58.95 11.13
N6A FAD K . 25.95 -60.13 11.69
N1A FAD K . 25.03 -57.98 11.83
C2A FAD K . 24.75 -56.75 11.26
N3A FAD K . 25.15 -56.44 10.01
C4A FAD K . 25.84 -57.39 9.24
N1 FAD K . 38.63 -60.51 1.34
C2 FAD K . 39.74 -61.28 1.60
O2 FAD K . 39.65 -62.28 2.35
N3 FAD K . 40.94 -60.96 1.03
C4 FAD K . 41.06 -59.87 0.20
O4 FAD K . 42.16 -59.62 -0.30
C4X FAD K . 39.93 -59.06 -0.07
N5 FAD K . 40.01 -57.97 -0.91
C5X FAD K . 38.89 -57.21 -1.20
C6 FAD K . 39.00 -56.10 -2.08
C7 FAD K . 37.86 -55.32 -2.40
C7M FAD K . 38.05 -54.16 -3.34
C8 FAD K . 36.58 -55.63 -1.81
C8M FAD K . 35.32 -54.84 -2.09
C9 FAD K . 36.48 -56.72 -0.94
C9A FAD K . 37.63 -57.54 -0.60
N10 FAD K . 37.56 -58.65 0.26
C10 FAD K . 38.68 -59.40 0.52
C1' FAD K . 36.30 -59.04 0.88
C2' FAD K . 35.79 -58.09 1.92
O2' FAD K . 36.47 -58.34 3.14
C3' FAD K . 34.30 -58.29 1.99
O3' FAD K . 33.69 -57.50 0.98
C4' FAD K . 33.68 -57.93 3.34
O4' FAD K . 33.80 -59.04 4.23
C5' FAD K . 32.22 -57.62 3.19
O5' FAD K . 31.52 -58.83 3.08
P FAD K . 30.56 -59.21 1.84
O1P FAD K . 30.94 -58.42 0.63
O2P FAD K . 30.57 -60.72 1.68
O3P FAD K . 29.12 -58.69 2.33
PA FAD L . 25.36 -15.92 22.80
O1A FAD L . 24.32 -14.92 22.35
O2A FAD L . 26.82 -15.57 22.84
O5B FAD L . 25.14 -17.24 21.92
C5B FAD L . 23.96 -17.79 21.60
C4B FAD L . 23.92 -18.75 20.45
O4B FAD L . 24.69 -18.12 19.21
C3B FAD L . 25.13 -19.80 20.69
O3B FAD L . 24.76 -20.94 19.92
C2B FAD L . 26.41 -19.39 19.92
O2B FAD L . 27.08 -20.44 19.35
C1B FAD L . 25.78 -18.69 18.74
N9A FAD L . 26.77 -17.63 18.27
C8A FAD L . 27.21 -16.61 19.00
N7A FAD L . 28.06 -15.92 18.21
C5A FAD L . 28.14 -16.54 16.98
C6A FAD L . 28.84 -16.30 15.76
N6A FAD L . 29.67 -15.26 15.65
N1A FAD L . 28.66 -17.15 14.69
C2A FAD L . 27.80 -18.23 14.78
N3A FAD L . 27.13 -18.48 15.93
C4A FAD L . 27.29 -17.65 17.04
N1 FAD L . 30.92 -16.56 31.87
C2 FAD L . 32.01 -16.05 32.54
O2 FAD L . 32.67 -15.11 32.03
N3 FAD L . 32.37 -16.58 33.76
C4 FAD L . 31.64 -17.60 34.34
O4 FAD L . 31.98 -18.05 35.45
C4X FAD L . 30.52 -18.13 33.67
N5 FAD L . 29.76 -19.15 34.21
C5X FAD L . 28.65 -19.64 33.56
C6 FAD L . 27.87 -20.67 34.16
C7 FAD L . 26.72 -21.17 33.49
C7M FAD L . 25.94 -22.26 34.20
C8 FAD L . 26.34 -20.65 32.20
C8M FAD L . 25.12 -21.11 31.39
C9 FAD L . 27.12 -19.63 31.63
C9A FAD L . 28.29 -19.10 32.28
N10 FAD L . 29.06 -18.07 31.73
C10 FAD L . 30.17 -17.59 32.40
C1' FAD L . 28.75 -17.46 30.43
C2' FAD L . 28.96 -18.39 29.24
O2' FAD L . 30.34 -18.39 28.89
C3' FAD L . 28.04 -17.91 28.14
O3' FAD L . 26.74 -18.49 28.36
C4' FAD L . 28.52 -18.28 26.74
O4' FAD L . 29.49 -17.32 26.28
C5' FAD L . 27.35 -18.25 25.77
O5' FAD L . 27.05 -16.91 25.45
P FAD L . 25.61 -16.22 25.68
O1P FAD L . 24.84 -16.98 26.75
O2P FAD L . 25.82 -14.73 25.90
O3P FAD L . 24.89 -16.50 24.25
PA FAD M . -12.01 50.58 -27.54
O1A FAD M . -10.53 50.68 -27.24
O2A FAD M . -12.85 51.79 -27.79
O5B FAD M . -12.66 49.70 -26.35
C5B FAD M . -12.15 48.61 -25.80
C4B FAD M . -12.66 48.17 -24.45
O4B FAD M . -12.69 49.42 -23.46
C3B FAD M . -14.29 48.18 -24.55
O3B FAD M . -14.70 47.32 -23.50
C2B FAD M . -14.87 49.51 -24.04
O2B FAD M . -16.03 49.35 -23.30
C1B FAD M . -13.85 49.85 -22.99
N9A FAD M . -13.81 51.37 -22.89
C8A FAD M . -13.53 52.22 -23.88
N7A FAD M . -13.62 53.47 -23.36
C5A FAD M . -13.98 53.37 -22.04
C6A FAD M . -14.25 54.31 -20.98
N6A FAD M . -14.15 55.62 -21.19
N1A FAD M . -14.59 53.84 -19.75
C2A FAD M . -14.70 52.50 -19.50
N3A FAD M . -14.47 51.59 -20.48
C4A FAD M . -14.12 52.01 -21.75
N1 FAD M . -17.37 51.63 -36.67
C2 FAD M . -17.90 52.55 -37.53
O2 FAD M . -17.71 53.78 -37.34
N3 FAD M . -18.63 52.12 -38.62
C4 FAD M . -18.85 50.78 -38.87
O4 FAD M . -19.51 50.43 -39.88
C4X FAD M . -18.31 49.81 -37.99
N5 FAD M . -18.47 48.45 -38.20
C5X FAD M . -17.92 47.52 -37.35
C6 FAD M . -18.10 46.14 -37.60
C7 FAD M . -17.51 45.18 -36.73
C7M FAD M . -17.73 43.72 -37.07
C8 FAD M . -16.76 45.61 -35.57
C8M FAD M . -16.10 44.66 -34.58
C9 FAD M . -16.60 46.97 -35.34
C9A FAD M . -17.17 47.97 -36.21
N10 FAD M . -17.01 49.35 -35.99
C10 FAD M . -17.55 50.27 -36.86
C1' FAD M . -16.24 49.87 -34.86
C2' FAD M . -16.92 49.69 -33.53
O2' FAD M . -17.88 50.73 -33.36
C3' FAD M . -15.83 49.66 -32.49
O3' FAD M . -15.30 48.32 -32.43
C4' FAD M . -16.29 50.06 -31.09
O4' FAD M . -16.34 51.50 -30.97
C5' FAD M . -15.32 49.54 -30.05
O5' FAD M . -14.17 50.36 -30.04
P FAD M . -12.68 49.81 -30.27
O1P FAD M . -12.71 48.50 -31.02
O2P FAD M . -11.87 50.93 -30.90
O3P FAD M . -12.19 49.51 -28.76
PA FAD N . -26.42 16.51 -23.71
O1A FAD N . -27.72 16.28 -24.44
O2A FAD N . -25.86 15.50 -22.76
O5B FAD N . -26.53 17.94 -22.97
C5B FAD N . -27.07 19.06 -23.47
C4B FAD N . -27.46 20.17 -22.52
O4B FAD N . -28.31 19.56 -21.32
C3B FAD N . -26.20 20.40 -21.54
O3B FAD N . -26.38 21.72 -21.04
C2B FAD N . -26.34 19.61 -20.22
O2B FAD N . -25.90 20.31 -19.12
C1B FAD N . -27.84 19.62 -20.09
N9A FAD N . -28.21 18.36 -19.33
C8A FAD N . -27.97 17.11 -19.71
N7A FAD N . -28.46 16.29 -18.77
C5A FAD N . -29.02 17.06 -17.76
C6A FAD N . -29.69 16.79 -16.51
N6A FAD N . -29.88 15.53 -16.08
N1A FAD N . -30.12 17.84 -15.73
C2A FAD N . -29.93 19.14 -16.15
N3A FAD N . -29.31 19.42 -17.32
C4A FAD N . -28.85 18.40 -18.14
N1 FAD N . -16.69 12.37 -25.31
C2 FAD N . -15.92 11.26 -25.09
O2 FAD N . -16.41 10.27 -24.53
N3 FAD N . -14.62 11.25 -25.51
C4 FAD N . -14.06 12.33 -26.14
O4 FAD N . -12.87 12.27 -26.51
C4X FAD N . -14.85 13.49 -26.37
N5 FAD N . -14.33 14.60 -27.02
C5X FAD N . -15.13 15.71 -27.27
C6 FAD N . -14.58 16.82 -27.96
C7 FAD N . -15.39 17.94 -28.25
C7M FAD N . -14.74 19.08 -29.01
C8 FAD N . -16.76 17.98 -27.82
C8M FAD N . -17.69 19.14 -28.06
C9 FAD N . -17.29 16.88 -27.12
C9A FAD N . -16.49 15.72 -26.83
N10 FAD N . -17.00 14.59 -26.17
C10 FAD N . -16.20 13.49 -25.94
C1' FAD N . -18.39 14.52 -25.71
C2' FAD N . -18.72 15.46 -24.60
O2' FAD N . -18.34 14.84 -23.37
C3' FAD N . -20.20 15.75 -24.70
O3' FAD N . -20.40 16.83 -25.64
C4' FAD N . -20.84 16.14 -23.35
O4' FAD N . -21.13 14.95 -22.59
C5' FAD N . -22.14 16.89 -23.56
O5' FAD N . -23.18 15.98 -23.86
P FAD N . -24.01 16.00 -25.22
O1P FAD N . -23.28 16.79 -26.28
O2P FAD N . -24.38 14.58 -25.58
O3P FAD N . -25.31 16.87 -24.82
PA FAD O . -18.36 55.78 1.31
O1A FAD O . -19.01 57.11 0.95
O2A FAD O . -16.88 55.66 1.50
O5B FAD O . -18.88 54.68 0.21
C5B FAD O . -20.12 54.57 -0.26
C4B FAD O . -20.34 53.80 -1.54
O4B FAD O . -19.30 54.29 -2.66
C3B FAD O . -19.54 52.40 -1.38
O3B FAD O . -20.18 51.53 -2.32
C2B FAD O . -18.13 52.47 -2.02
O2B FAD O . -17.78 51.31 -2.68
C1B FAD O . -18.40 53.44 -3.12
N9A FAD O . -17.11 54.20 -3.40
C8A FAD O . -16.45 54.95 -2.52
N7A FAD O . -15.33 55.41 -3.16
C5A FAD O . -15.32 54.92 -4.46
C6A FAD O . -14.44 55.05 -5.57
N6A FAD O . -13.33 55.78 -5.48
N1A FAD O . -14.75 54.41 -6.73
C2A FAD O . -15.88 53.63 -6.85
N3A FAD O . -16.74 53.49 -5.81
C4A FAD O . -16.47 54.13 -4.60
N1 FAD O . -14.24 52.45 10.50
C2 FAD O . -13.13 52.52 11.32
O2 FAD O . -12.14 53.23 11.00
N3 FAD O . -13.10 51.81 12.50
C4 FAD O . -14.17 51.02 12.87
O4 FAD O . -14.10 50.39 13.93
C4X FAD O . -15.31 50.94 12.05
N5 FAD O . -16.40 50.17 12.41
C5X FAD O . -17.53 50.12 11.62
C6 FAD O . -18.64 49.34 12.04
C7 FAD O . -19.81 49.30 11.24
C7M FAD O . -20.95 48.46 11.75
C8 FAD O . -19.87 50.03 10.01
C8M FAD O . -21.08 50.04 9.09
C9 FAD O . -18.76 50.78 9.61
C9A FAD O . -17.57 50.86 10.40
N10 FAD O . -16.45 51.63 10.03
C10 FAD O . -15.33 51.68 10.84
C1' FAD O . -16.41 52.43 8.80
C2' FAD O . -16.37 51.61 7.54
O2' FAD O . -15.03 51.25 7.28
C3' FAD O . -17.00 52.45 6.48
O3' FAD O . -18.41 52.23 6.54
C4' FAD O . -16.51 52.14 5.08
O4' FAD O . -15.25 52.78 4.84
C5' FAD O . -17.49 52.65 4.05
O5' FAD O . -17.31 54.04 3.94
P FAD O . -18.48 55.10 4.15
O1P FAD O . -19.54 54.55 5.05
O2P FAD O . -17.85 56.39 4.60
O3P FAD O . -19.13 55.25 2.65
PA FAD P . -41.06 26.13 0.97
O1A FAD P . -40.58 24.96 1.79
O2A FAD P . -42.29 26.06 0.09
O5B FAD P . -39.80 26.66 0.11
C5B FAD P . -38.53 26.77 0.52
C4B FAD P . -37.44 26.88 -0.52
O4B FAD P . -37.65 25.74 -1.62
C3B FAD P . -37.92 28.02 -1.57
O3B FAD P . -36.72 28.45 -2.18
C2B FAD P . -38.63 27.40 -2.81
O2B FAD P . -38.30 28.03 -3.98
C1B FAD P . -37.90 26.09 -2.88
N9A FAD P . -38.85 25.09 -3.50
C8A FAD P . -40.05 24.73 -3.01
N7A FAD P . -40.57 23.84 -3.86
C5A FAD P . -39.69 23.63 -4.92
C6A FAD P . -39.68 22.83 -6.10
N6A FAD P . -40.70 22.03 -6.38
N1A FAD P . -38.62 22.90 -6.92
C2A FAD P . -37.54 23.72 -6.65
N3A FAD P . -37.52 24.49 -5.55
C4A FAD P . -38.59 24.46 -4.67
N1 FAD P . -49.36 32.62 2.58
C2 FAD P . -50.72 32.75 2.43
O2 FAD P . -51.40 31.79 1.99
N3 FAD P . -51.36 33.92 2.78
C4 FAD P . -50.65 34.98 3.28
O4 FAD P . -51.25 36.01 3.59
C4X FAD P . -49.23 34.88 3.44
N5 FAD P . -48.47 35.92 3.95
C5X FAD P . -47.11 35.79 4.14
C6 FAD P . -46.37 36.87 4.70
C7 FAD P . -44.97 36.75 4.91
C7M FAD P . -44.27 37.94 5.53
C8 FAD P . -44.28 35.55 4.54
C8M FAD P . -42.79 35.35 4.74
C9 FAD P . -45.02 34.47 3.98
C9A FAD P . -46.45 34.57 3.77
N10 FAD P . -47.21 33.52 3.23
C10 FAD P . -48.59 33.65 3.07
C1' FAD P . -46.62 32.22 2.86
C2' FAD P . -45.72 32.28 1.64
O2' FAD P . -46.52 32.20 0.46
C3' FAD P . -44.73 31.15 1.77
O3' FAD P . -43.65 31.55 2.61
C4' FAD P . -44.17 30.70 0.42
O4' FAD P . -45.08 29.79 -0.19
C5' FAD P . -42.85 30.00 0.62
O5' FAD P . -43.11 28.71 1.09
P FAD P . -42.55 28.11 2.48
O1P FAD P . -42.17 29.24 3.40
O2P FAD P . -43.57 27.11 3.02
O3P FAD P . -41.20 27.38 1.99
#